data_8EYZ
#
_entry.id   8EYZ
#
_cell.length_a   75.125
_cell.length_b   136.091
_cell.length_c   150.980
_cell.angle_alpha   90.000
_cell.angle_beta   90.160
_cell.angle_gamma   90.000
#
_symmetry.space_group_name_H-M   'P 1 21 1'
#
loop_
_entity.id
_entity.type
_entity.pdbx_description
1 polymer 'Amino acid ABC transporter substrate-binding protein'
2 non-polymer 'AZIDOBIS (DIMETHYLGLYOXIMATO) PYRIDINECOBALT'
3 non-polymer 'SULFATE ION'
4 non-polymer GLUTAMINE
5 non-polymer GLYCEROL
6 water water
#
_entity_poly.entity_id   1
_entity_poly.type   'polypeptide(L)'
_entity_poly.pdbx_seq_one_letter_code
;SNAADKKLVVATDTAFVPFEFKQGDIYVGFDVDLWAAIAKELKLDYELKPMDFSGIIPALQTKNVDLALAGITICDERKK
AIDFSDGYYKSGLLVMVKANNNDVKSVKDLDGKVVAVKSGTGSVDYAKANIKTKDLRQFPNIDNAYMELGTNRADAVLHD
TPNILYFIKTAGNGQFKAVGDSLEAQQYGIAFPKGSDELRDKVNGALKTLRENGTYNEIYKKWFGTEPK
;
_entity_poly.pdbx_strand_id   A,B,C,D,E,F,G,H,I,J,K,L
#
# COMPACT_ATOMS: atom_id res chain seq x y z
N ALA A 4 -35.51 13.91 -22.00
CA ALA A 4 -34.75 13.14 -23.00
C ALA A 4 -34.95 13.77 -24.37
N ASP A 5 -34.88 15.10 -24.44
CA ASP A 5 -35.13 15.79 -25.73
C ASP A 5 -34.39 15.04 -26.83
N LYS A 6 -33.07 14.90 -26.71
CA LYS A 6 -32.28 14.15 -27.72
C LYS A 6 -30.79 14.23 -27.38
N LYS A 7 -29.97 13.45 -28.09
CA LYS A 7 -28.52 13.40 -27.81
C LYS A 7 -27.81 14.46 -28.64
N LEU A 8 -27.10 15.38 -27.98
CA LEU A 8 -26.33 16.37 -28.77
C LEU A 8 -25.06 15.71 -29.30
N VAL A 9 -24.69 15.98 -30.55
CA VAL A 9 -23.45 15.45 -31.09
C VAL A 9 -22.34 16.45 -30.85
N VAL A 10 -21.30 16.00 -30.16
CA VAL A 10 -20.17 16.90 -29.80
C VAL A 10 -18.90 16.48 -30.56
N ALA A 11 -18.44 17.32 -31.47
CA ALA A 11 -17.23 17.03 -32.23
C ALA A 11 -16.03 17.27 -31.34
N THR A 12 -15.00 16.43 -31.49
CA THR A 12 -13.85 16.52 -30.63
C THR A 12 -12.61 16.19 -31.47
N ASP A 13 -11.44 16.57 -30.96
CA ASP A 13 -10.19 16.28 -31.66
C ASP A 13 -9.76 14.84 -31.40
N THR A 14 -9.15 14.22 -32.42
CA THR A 14 -8.68 12.86 -32.26
C THR A 14 -7.60 12.76 -31.18
N ALA A 15 -6.69 13.73 -31.14
CA ALA A 15 -5.60 13.72 -30.17
C ALA A 15 -5.11 15.15 -29.99
N PHE A 16 -5.36 15.73 -28.82
CA PHE A 16 -4.91 17.07 -28.48
C PHE A 16 -4.68 17.11 -26.96
N VAL A 17 -3.60 16.46 -26.53
CA VAL A 17 -3.32 16.30 -25.10
C VAL A 17 -3.01 17.66 -24.49
N PRO A 18 -3.51 17.98 -23.29
CA PRO A 18 -4.35 17.13 -22.44
C PRO A 18 -5.83 17.49 -22.50
N PHE A 19 -6.29 18.07 -23.61
CA PHE A 19 -7.70 18.47 -23.69
C PHE A 19 -8.51 17.34 -24.30
N GLU A 20 -7.99 16.63 -25.30
CA GLU A 20 -8.78 15.48 -25.81
C GLU A 20 -7.84 14.37 -26.26
N PHE A 21 -7.89 13.20 -25.62
CA PHE A 21 -7.06 12.05 -26.07
C PHE A 21 -7.73 10.71 -25.81
N LYS A 22 -7.26 9.66 -26.48
CA LYS A 22 -7.83 8.30 -26.32
C LYS A 22 -7.11 7.55 -25.21
N GLN A 23 -7.87 7.12 -24.21
CA GLN A 23 -7.33 6.37 -23.07
C GLN A 23 -8.05 5.03 -23.02
N GLY A 24 -7.44 4.02 -23.64
CA GLY A 24 -8.01 2.70 -23.73
C GLY A 24 -9.20 2.62 -24.68
N ASP A 25 -10.40 2.51 -24.12
CA ASP A 25 -11.62 2.48 -24.93
C ASP A 25 -12.49 3.71 -24.67
N ILE A 26 -11.94 4.76 -24.06
CA ILE A 26 -12.65 5.99 -23.78
C ILE A 26 -11.78 7.20 -24.06
N TYR A 27 -12.40 8.38 -24.10
CA TYR A 27 -11.73 9.64 -24.27
C TYR A 27 -11.74 10.41 -22.96
N VAL A 28 -10.62 11.07 -22.66
CA VAL A 28 -10.44 11.85 -21.44
C VAL A 28 -9.70 13.12 -21.78
N GLY A 29 -9.80 14.10 -20.91
CA GLY A 29 -9.10 15.36 -21.10
C GLY A 29 -9.84 16.49 -20.43
N PHE A 30 -9.26 17.69 -20.56
CA PHE A 30 -9.85 18.89 -19.99
C PHE A 30 -11.22 19.19 -20.58
N ASP A 31 -11.34 19.21 -21.91
CA ASP A 31 -12.63 19.48 -22.54
C ASP A 31 -13.64 18.39 -22.22
N VAL A 32 -13.19 17.14 -22.10
CA VAL A 32 -14.10 16.04 -21.82
C VAL A 32 -14.72 16.23 -20.43
N ASP A 33 -13.90 16.57 -19.44
CA ASP A 33 -14.42 16.80 -18.09
C ASP A 33 -15.24 18.09 -18.07
N LEU A 34 -14.83 19.12 -18.79
CA LEU A 34 -15.57 20.40 -18.69
C LEU A 34 -16.98 20.27 -19.28
N TRP A 35 -17.13 19.68 -20.46
CA TRP A 35 -18.48 19.63 -21.08
C TRP A 35 -19.40 18.74 -20.25
N ALA A 36 -18.87 17.63 -19.77
CA ALA A 36 -19.71 16.68 -19.01
C ALA A 36 -20.34 17.46 -17.87
N ALA A 37 -19.55 18.32 -17.24
CA ALA A 37 -20.06 19.15 -16.13
C ALA A 37 -21.09 20.13 -16.68
N ILE A 38 -20.76 20.76 -17.81
CA ILE A 38 -21.72 21.66 -18.42
C ILE A 38 -22.99 20.90 -18.79
N ALA A 39 -22.83 19.72 -19.38
CA ALA A 39 -24.02 18.96 -19.79
C ALA A 39 -24.82 18.52 -18.57
N LYS A 40 -24.14 18.25 -17.46
CA LYS A 40 -24.84 17.89 -16.19
C LYS A 40 -25.68 19.07 -15.72
N GLU A 41 -25.05 20.23 -15.59
CA GLU A 41 -25.79 21.46 -15.19
C GLU A 41 -26.99 21.63 -16.12
N LEU A 42 -26.81 21.71 -17.43
CA LEU A 42 -27.96 22.02 -18.32
C LEU A 42 -28.77 20.77 -18.63
N LYS A 43 -28.57 19.69 -17.88
CA LYS A 43 -29.36 18.45 -18.09
C LYS A 43 -29.44 18.12 -19.57
N LEU A 44 -28.31 17.81 -20.20
CA LEU A 44 -28.24 17.46 -21.61
C LEU A 44 -27.67 16.05 -21.82
N ASP A 45 -28.21 15.35 -22.82
CA ASP A 45 -27.67 14.09 -23.29
C ASP A 45 -26.79 14.32 -24.51
N TYR A 46 -25.62 13.69 -24.54
CA TYR A 46 -24.66 13.95 -25.59
C TYR A 46 -23.84 12.71 -25.92
N GLU A 47 -23.13 12.78 -27.03
CA GLU A 47 -22.16 11.77 -27.43
C GLU A 47 -20.93 12.45 -27.99
N LEU A 48 -19.76 11.87 -27.73
CA LEU A 48 -18.52 12.39 -28.28
C LEU A 48 -18.27 11.75 -29.63
N LYS A 49 -17.80 12.56 -30.57
CA LYS A 49 -17.51 12.11 -31.94
C LYS A 49 -16.12 12.61 -32.30
N PRO A 50 -15.08 11.88 -31.93
CA PRO A 50 -13.72 12.32 -32.26
C PRO A 50 -13.48 12.28 -33.76
N MET A 51 -12.73 13.26 -34.24
CA MET A 51 -12.40 13.39 -35.65
C MET A 51 -11.19 14.29 -35.76
N ASP A 52 -10.60 14.33 -36.96
CA ASP A 52 -9.47 15.21 -37.19
C ASP A 52 -9.92 16.67 -37.17
N PHE A 53 -9.05 17.54 -36.67
CA PHE A 53 -9.41 18.93 -36.44
C PHE A 53 -9.85 19.63 -37.73
N SER A 54 -9.24 19.27 -38.87
CA SER A 54 -9.53 19.95 -40.12
C SER A 54 -10.98 19.79 -40.56
N GLY A 55 -11.72 18.84 -39.99
CA GLY A 55 -13.11 18.63 -40.32
C GLY A 55 -14.09 19.02 -39.25
N ILE A 56 -13.65 19.61 -38.15
CA ILE A 56 -14.55 19.95 -37.05
C ILE A 56 -15.37 21.18 -37.42
N ILE A 57 -14.72 22.27 -37.83
CA ILE A 57 -15.44 23.45 -38.27
C ILE A 57 -16.30 23.16 -39.51
N PRO A 58 -15.81 22.46 -40.54
CA PRO A 58 -16.72 22.08 -41.64
C PRO A 58 -17.89 21.24 -41.18
N ALA A 59 -17.70 20.38 -40.16
CA ALA A 59 -18.83 19.61 -39.65
C ALA A 59 -19.89 20.52 -39.05
N LEU A 60 -19.46 21.62 -38.42
CA LEU A 60 -20.42 22.59 -37.89
C LEU A 60 -21.09 23.35 -39.02
N GLN A 61 -20.33 23.71 -40.06
CA GLN A 61 -20.89 24.44 -41.19
C GLN A 61 -21.96 23.62 -41.89
N THR A 62 -21.69 22.32 -42.10
CA THR A 62 -22.64 21.42 -42.73
C THR A 62 -23.72 20.93 -41.77
N LYS A 63 -23.66 21.33 -40.50
CA LYS A 63 -24.65 20.97 -39.49
C LYS A 63 -24.79 19.47 -39.26
N ASN A 64 -23.70 18.72 -39.47
CA ASN A 64 -23.67 17.30 -39.12
C ASN A 64 -23.34 17.07 -37.64
N VAL A 65 -22.94 18.12 -36.92
CA VAL A 65 -22.61 18.02 -35.50
C VAL A 65 -23.26 19.21 -34.80
N ASP A 66 -23.66 19.01 -33.54
CA ASP A 66 -24.41 20.03 -32.83
C ASP A 66 -23.52 21.07 -32.18
N LEU A 67 -22.29 20.70 -31.80
CA LEU A 67 -21.31 21.61 -31.21
C LEU A 67 -19.98 20.89 -31.15
N ALA A 68 -18.95 21.63 -30.76
CA ALA A 68 -17.59 21.07 -30.77
C ALA A 68 -16.73 21.60 -29.63
N LEU A 69 -15.95 20.73 -29.00
CA LEU A 69 -15.01 21.20 -27.96
C LEU A 69 -13.65 20.62 -28.31
N ALA A 70 -12.78 21.41 -28.94
CA ALA A 70 -11.44 20.91 -29.33
C ALA A 70 -10.41 22.02 -29.44
N GLY A 71 -10.12 22.72 -28.32
CA GLY A 71 -9.05 23.73 -28.36
C GLY A 71 -9.26 24.71 -29.48
N ILE A 72 -10.50 24.85 -29.94
CA ILE A 72 -10.80 25.75 -31.07
C ILE A 72 -10.57 27.18 -30.60
N THR A 73 -9.66 27.88 -31.26
CA THR A 73 -9.32 29.27 -30.87
C THR A 73 -10.39 30.25 -31.38
N ILE A 74 -10.85 31.13 -30.51
CA ILE A 74 -11.84 32.16 -30.88
C ILE A 74 -11.17 33.12 -31.84
N CYS A 75 -11.65 33.16 -33.07
CA CYS A 75 -11.04 33.96 -34.12
C CYS A 75 -12.13 34.70 -34.88
N ASP A 76 -11.78 35.89 -35.37
CA ASP A 76 -12.75 36.72 -36.07
C ASP A 76 -13.03 36.15 -37.45
N GLU A 77 -12.03 35.54 -38.08
CA GLU A 77 -12.25 34.93 -39.40
C GLU A 77 -13.15 33.71 -39.25
N ARG A 78 -13.02 33.00 -38.12
CA ARG A 78 -13.90 31.87 -37.87
C ARG A 78 -15.32 32.27 -37.45
N LYS A 79 -15.50 33.43 -36.83
CA LYS A 79 -16.84 33.86 -36.44
C LYS A 79 -17.73 34.18 -37.64
N LYS A 80 -17.15 34.42 -38.82
CA LYS A 80 -17.97 34.58 -40.01
C LYS A 80 -18.65 33.27 -40.40
N ALA A 81 -18.12 32.14 -39.94
CA ALA A 81 -18.61 30.83 -40.32
C ALA A 81 -19.30 30.06 -39.19
N ILE A 82 -18.84 30.22 -37.95
CA ILE A 82 -19.38 29.50 -36.80
C ILE A 82 -19.54 30.46 -35.63
N ASP A 83 -20.25 29.99 -34.60
CA ASP A 83 -20.45 30.75 -33.37
C ASP A 83 -19.60 30.18 -32.25
N PHE A 84 -19.12 31.08 -31.39
CA PHE A 84 -18.25 30.73 -30.27
C PHE A 84 -18.96 31.03 -28.94
N SER A 85 -18.44 30.42 -27.90
CA SER A 85 -18.97 30.69 -26.55
C SER A 85 -18.04 31.69 -25.89
N ASP A 86 -18.09 31.78 -24.56
CA ASP A 86 -17.15 32.67 -23.84
C ASP A 86 -15.88 31.85 -23.61
N GLY A 87 -14.72 32.50 -23.63
CA GLY A 87 -13.45 31.76 -23.50
C GLY A 87 -13.48 30.82 -22.32
N TYR A 88 -12.81 29.67 -22.45
CA TYR A 88 -12.72 28.74 -21.29
C TYR A 88 -11.26 28.49 -20.93
N TYR A 89 -10.33 29.06 -21.70
CA TYR A 89 -8.88 28.84 -21.45
C TYR A 89 -8.05 29.84 -22.24
N LYS A 90 -7.18 30.59 -21.57
CA LYS A 90 -6.27 31.47 -22.28
C LYS A 90 -5.03 30.70 -22.72
N SER A 91 -4.80 30.65 -24.03
CA SER A 91 -3.74 29.83 -24.59
C SER A 91 -2.81 30.65 -25.49
N GLY A 92 -1.95 29.96 -26.23
CA GLY A 92 -1.03 30.63 -27.12
C GLY A 92 -0.27 29.64 -27.96
N LEU A 93 0.75 30.14 -28.65
CA LEU A 93 1.62 29.31 -29.46
C LEU A 93 3.03 29.30 -28.86
N LEU A 94 3.75 28.21 -29.08
CA LEU A 94 5.06 28.02 -28.48
C LEU A 94 5.92 27.18 -29.42
N VAL A 95 7.22 27.47 -29.42
CA VAL A 95 8.18 26.78 -30.28
C VAL A 95 8.86 25.68 -29.47
N MET A 96 8.88 24.47 -30.02
CA MET A 96 9.53 23.33 -29.39
C MET A 96 10.58 22.80 -30.35
N VAL A 97 11.77 22.52 -29.83
CA VAL A 97 12.87 21.94 -30.60
C VAL A 97 13.40 20.76 -29.81
N LYS A 98 14.36 20.06 -30.39
CA LYS A 98 14.98 18.93 -29.69
C LYS A 98 15.76 19.45 -28.49
N ALA A 99 15.93 18.57 -27.50
CA ALA A 99 16.55 18.98 -26.24
C ALA A 99 17.99 19.47 -26.36
N ASN A 100 18.77 18.86 -27.25
CA ASN A 100 20.18 19.22 -27.43
C ASN A 100 20.41 20.19 -28.58
N ASN A 101 19.51 21.14 -28.79
CA ASN A 101 19.59 22.05 -29.91
C ASN A 101 19.70 23.43 -29.26
N ASN A 102 20.70 24.21 -29.67
CA ASN A 102 20.99 25.48 -29.02
C ASN A 102 21.05 26.69 -29.95
N ASP A 103 20.84 26.51 -31.25
CA ASP A 103 20.96 27.65 -32.16
C ASP A 103 19.62 28.38 -32.23
N VAL A 104 18.53 27.74 -31.80
CA VAL A 104 17.20 28.35 -31.76
C VAL A 104 16.89 28.70 -30.31
N LYS A 105 16.59 29.97 -30.06
CA LYS A 105 16.19 30.43 -28.74
C LYS A 105 14.85 31.14 -28.73
N SER A 106 14.26 31.40 -29.89
CA SER A 106 12.95 32.04 -29.98
C SER A 106 12.43 31.77 -31.40
N VAL A 107 11.19 32.19 -31.65
CA VAL A 107 10.55 31.95 -32.97
C VAL A 107 11.31 32.69 -34.06
N LYS A 108 12.08 33.71 -33.68
CA LYS A 108 12.75 34.55 -34.70
C LYS A 108 13.88 33.74 -35.33
N ASP A 109 14.51 32.88 -34.53
CA ASP A 109 15.65 32.08 -35.03
C ASP A 109 15.16 31.02 -36.02
N LEU A 110 13.85 30.97 -36.28
CA LEU A 110 13.28 29.90 -37.14
C LEU A 110 13.09 30.40 -38.56
N ASP A 111 13.78 31.48 -38.92
CA ASP A 111 13.69 31.99 -40.31
C ASP A 111 14.59 31.14 -41.20
N GLY A 112 14.12 30.78 -42.39
CA GLY A 112 14.89 29.90 -43.26
C GLY A 112 15.17 28.53 -42.66
N LYS A 113 14.22 27.98 -41.92
CA LYS A 113 14.33 26.65 -41.34
C LYS A 113 13.07 25.87 -41.67
N VAL A 114 13.06 24.59 -41.31
CA VAL A 114 11.93 23.70 -41.56
C VAL A 114 11.09 23.60 -40.29
N VAL A 115 9.83 24.01 -40.38
CA VAL A 115 8.91 24.01 -39.26
C VAL A 115 7.77 23.05 -39.57
N ALA A 116 7.49 22.14 -38.65
CA ALA A 116 6.39 21.20 -38.78
C ALA A 116 5.20 21.71 -37.97
N VAL A 117 4.01 21.65 -38.56
CA VAL A 117 2.79 22.14 -37.93
C VAL A 117 1.66 21.18 -38.25
N LYS A 118 0.52 21.38 -37.59
CA LYS A 118 -0.66 20.55 -37.78
C LYS A 118 -1.60 21.25 -38.76
N SER A 119 -2.04 20.50 -39.77
CA SER A 119 -2.89 21.07 -40.81
C SER A 119 -4.25 21.47 -40.24
N GLY A 120 -4.78 22.58 -40.74
CA GLY A 120 -6.09 23.05 -40.36
C GLY A 120 -6.17 23.81 -39.06
N THR A 121 -5.02 23.97 -38.40
CA THR A 121 -4.96 24.67 -37.11
C THR A 121 -4.45 26.07 -37.35
N GLY A 122 -4.40 26.89 -36.30
CA GLY A 122 -3.96 28.28 -36.47
C GLY A 122 -2.46 28.37 -36.55
N SER A 123 -1.78 27.41 -35.95
CA SER A 123 -0.30 27.45 -35.93
C SER A 123 0.18 27.61 -37.38
N VAL A 124 -0.63 27.18 -38.35
CA VAL A 124 -0.16 27.26 -39.76
C VAL A 124 -0.25 28.67 -40.30
N ASP A 125 -1.30 29.40 -39.93
CA ASP A 125 -1.46 30.80 -40.40
C ASP A 125 -0.42 31.65 -39.68
N TYR A 126 -0.19 31.44 -38.39
CA TYR A 126 0.88 32.20 -37.74
C TYR A 126 2.22 31.95 -38.45
N ALA A 127 2.51 30.69 -38.76
CA ALA A 127 3.75 30.36 -39.45
C ALA A 127 3.78 30.96 -40.85
N LYS A 128 2.65 30.96 -41.54
CA LYS A 128 2.59 31.53 -42.89
C LYS A 128 2.79 33.05 -42.87
N ALA A 129 2.32 33.70 -41.81
CA ALA A 129 2.31 35.15 -41.73
C ALA A 129 3.46 35.74 -40.92
N ASN A 130 4.22 34.93 -40.17
CA ASN A 130 5.25 35.56 -39.32
C ASN A 130 6.60 34.81 -39.38
N ILE A 131 6.68 33.70 -40.13
CA ILE A 131 7.94 33.00 -40.29
C ILE A 131 8.25 32.78 -41.77
N LYS A 132 9.47 33.13 -42.18
CA LYS A 132 9.92 32.89 -43.55
C LYS A 132 10.56 31.50 -43.59
N THR A 133 9.72 30.48 -43.57
CA THR A 133 10.21 29.11 -43.56
C THR A 133 10.80 28.71 -44.90
N LYS A 134 11.92 27.98 -44.86
CA LYS A 134 12.41 27.35 -46.07
C LYS A 134 11.38 26.33 -46.53
N ASP A 135 10.75 25.65 -45.57
CA ASP A 135 9.64 24.74 -45.87
C ASP A 135 8.77 24.62 -44.64
N LEU A 136 7.46 24.72 -44.83
CA LEU A 136 6.47 24.54 -43.77
C LEU A 136 5.76 23.21 -44.02
N ARG A 137 6.06 22.22 -43.19
CA ARG A 137 5.54 20.87 -43.36
C ARG A 137 4.31 20.69 -42.49
N GLN A 138 3.18 20.37 -43.12
CA GLN A 138 1.90 20.18 -42.44
C GLN A 138 1.57 18.70 -42.31
N PHE A 139 0.99 18.35 -41.16
CA PHE A 139 0.60 16.99 -40.83
C PHE A 139 -0.81 16.99 -40.24
N PRO A 140 -1.64 16.01 -40.60
CA PRO A 140 -3.02 16.00 -40.08
C PRO A 140 -3.10 15.90 -38.56
N ASN A 141 -2.18 15.18 -37.93
CA ASN A 141 -2.11 15.08 -36.48
C ASN A 141 -0.73 15.52 -36.00
N ILE A 142 -0.69 16.13 -34.82
CA ILE A 142 0.52 16.79 -34.35
C ILE A 142 1.59 15.76 -33.98
N ASP A 143 1.19 14.54 -33.63
CA ASP A 143 2.16 13.49 -33.33
C ASP A 143 3.11 13.15 -34.48
N ASN A 144 2.64 13.29 -35.73
CA ASN A 144 3.52 13.12 -36.88
C ASN A 144 4.51 14.28 -37.04
N ALA A 145 4.15 15.46 -36.51
CA ALA A 145 5.04 16.60 -36.53
C ALA A 145 6.15 16.33 -35.49
N TYR A 146 5.75 15.82 -34.35
CA TYR A 146 6.75 15.51 -33.30
C TYR A 146 7.85 14.68 -33.93
N MET A 147 7.48 13.57 -34.57
CA MET A 147 8.51 12.68 -35.16
C MET A 147 9.30 13.47 -36.20
N GLU A 148 8.69 14.41 -36.90
CA GLU A 148 9.51 15.10 -37.92
C GLU A 148 10.58 15.90 -37.19
N LEU A 149 10.33 16.20 -35.91
CA LEU A 149 11.32 16.94 -35.10
C LEU A 149 12.30 15.95 -34.50
N GLY A 150 11.79 14.88 -33.92
CA GLY A 150 12.72 13.97 -33.25
C GLY A 150 13.79 13.42 -34.16
N THR A 151 13.43 13.07 -35.39
CA THR A 151 14.39 12.61 -36.39
C THR A 151 15.10 13.73 -37.13
N ASN A 152 14.88 14.98 -36.72
CA ASN A 152 15.62 16.15 -37.21
C ASN A 152 15.39 16.36 -38.70
N ARG A 153 14.29 15.87 -39.25
CA ARG A 153 13.90 16.28 -40.59
C ARG A 153 13.26 17.65 -40.58
N ALA A 154 12.78 18.09 -39.43
CA ALA A 154 12.25 19.43 -39.23
C ALA A 154 13.00 20.06 -38.06
N ASP A 155 13.17 21.38 -38.13
CA ASP A 155 13.94 22.08 -37.11
C ASP A 155 13.12 22.45 -35.88
N ALA A 156 11.82 22.64 -36.01
CA ALA A 156 11.00 22.99 -34.87
C ALA A 156 9.53 22.70 -35.16
N VAL A 157 8.77 22.51 -34.10
CA VAL A 157 7.31 22.43 -34.14
C VAL A 157 6.74 23.65 -33.44
N LEU A 158 5.73 24.26 -34.06
CA LEU A 158 5.01 25.40 -33.50
C LEU A 158 3.55 24.99 -33.29
N HIS A 159 3.14 24.88 -32.04
CA HIS A 159 1.77 24.48 -31.73
C HIS A 159 1.38 25.09 -30.39
N ASP A 160 0.15 24.81 -29.95
CA ASP A 160 -0.39 25.43 -28.76
C ASP A 160 0.43 25.23 -27.49
N THR A 161 0.54 26.28 -26.67
CA THR A 161 1.32 26.20 -25.44
C THR A 161 0.92 25.03 -24.54
N PRO A 162 -0.35 24.87 -24.14
CA PRO A 162 -0.67 23.73 -23.25
C PRO A 162 -0.45 22.34 -23.80
N ASN A 163 -0.65 22.21 -25.12
CA ASN A 163 -0.40 20.91 -25.79
C ASN A 163 1.09 20.62 -25.74
N ILE A 164 1.92 21.63 -26.01
CA ILE A 164 3.40 21.42 -26.07
C ILE A 164 3.96 21.21 -24.67
N LEU A 165 3.48 21.97 -23.68
CA LEU A 165 4.04 21.89 -22.31
C LEU A 165 3.54 20.61 -21.64
N TYR A 166 2.49 19.98 -22.18
CA TYR A 166 2.01 18.70 -21.66
C TYR A 166 2.71 17.55 -22.37
N PHE A 167 2.99 17.71 -23.67
CA PHE A 167 3.71 16.66 -24.40
C PHE A 167 5.12 16.48 -23.86
N ILE A 168 5.81 17.59 -23.58
CA ILE A 168 7.14 17.50 -22.99
C ILE A 168 6.99 16.86 -21.61
N LYS A 169 5.88 17.14 -20.93
CA LYS A 169 5.67 16.66 -19.58
C LYS A 169 5.43 15.16 -19.52
N THR A 170 4.74 14.59 -20.50
CA THR A 170 4.30 13.21 -20.40
C THR A 170 4.97 12.21 -21.35
N ALA A 171 5.09 12.53 -22.63
CA ALA A 171 5.52 11.56 -23.63
C ALA A 171 6.76 12.01 -24.39
N GLY A 172 7.44 13.06 -23.96
CA GLY A 172 8.63 13.53 -24.63
C GLY A 172 9.87 12.83 -24.16
N ASN A 173 9.86 12.42 -22.88
CA ASN A 173 10.97 11.71 -22.26
C ASN A 173 12.27 12.51 -22.35
N GLY A 174 12.17 13.80 -22.06
CA GLY A 174 13.34 14.66 -22.03
C GLY A 174 14.07 14.75 -23.36
N GLN A 175 13.39 14.46 -24.46
CA GLN A 175 13.98 14.55 -25.79
C GLN A 175 13.60 15.84 -26.52
N PHE A 176 12.65 16.60 -25.98
CA PHE A 176 12.22 17.86 -26.56
C PHE A 176 12.16 18.93 -25.47
N LYS A 177 12.28 20.18 -25.88
CA LYS A 177 12.31 21.29 -24.94
C LYS A 177 11.61 22.51 -25.52
N ALA A 178 11.10 23.35 -24.63
CA ALA A 178 10.39 24.58 -24.99
C ALA A 178 11.36 25.76 -24.98
N VAL A 179 11.49 26.43 -26.12
CA VAL A 179 12.32 27.62 -26.26
C VAL A 179 11.43 28.81 -26.64
N GLY A 180 11.72 29.95 -26.04
CA GLY A 180 10.93 31.16 -26.25
C GLY A 180 9.92 31.44 -25.16
N ASP A 181 8.94 32.26 -25.52
CA ASP A 181 7.84 32.61 -24.63
C ASP A 181 6.50 32.35 -25.30
N SER A 182 5.42 32.34 -24.53
CA SER A 182 4.13 32.02 -25.18
C SER A 182 3.83 33.09 -26.22
N LEU A 183 3.27 32.71 -27.35
CA LEU A 183 3.04 33.69 -28.43
C LEU A 183 1.56 33.73 -28.82
N GLU A 184 1.17 34.70 -29.63
CA GLU A 184 -0.25 34.80 -30.09
C GLU A 184 -1.20 34.48 -28.95
N ALA A 185 -1.20 35.30 -27.92
CA ALA A 185 -2.15 35.10 -26.82
C ALA A 185 -3.52 34.87 -27.44
N GLN A 186 -4.21 33.83 -27.00
CA GLN A 186 -5.53 33.49 -27.57
C GLN A 186 -6.43 32.93 -26.47
N GLN A 187 -7.71 32.76 -26.79
CA GLN A 187 -8.65 32.15 -25.82
C GLN A 187 -9.37 31.01 -26.53
N TYR A 188 -9.62 29.92 -25.82
CA TYR A 188 -10.34 28.77 -26.41
C TYR A 188 -11.82 28.93 -26.11
N GLY A 189 -12.67 28.53 -27.05
CA GLY A 189 -14.10 28.67 -26.90
C GLY A 189 -14.83 27.48 -27.50
N ILE A 190 -16.01 27.21 -26.95
CA ILE A 190 -16.86 26.15 -27.48
C ILE A 190 -17.55 26.65 -28.73
N ALA A 191 -17.44 25.90 -29.82
CA ALA A 191 -17.92 26.30 -31.13
C ALA A 191 -19.28 25.71 -31.43
N PHE A 192 -20.14 26.51 -32.04
CA PHE A 192 -21.50 26.06 -32.37
C PHE A 192 -21.81 26.48 -33.80
N PRO A 193 -22.63 25.73 -34.56
CA PRO A 193 -23.06 26.17 -35.89
C PRO A 193 -23.91 27.42 -35.80
N LYS A 194 -23.90 28.20 -36.88
CA LYS A 194 -24.73 29.40 -36.94
C LYS A 194 -26.21 29.04 -36.77
N GLY A 195 -26.86 29.73 -35.84
CA GLY A 195 -28.25 29.46 -35.51
C GLY A 195 -28.47 28.71 -34.22
N SER A 196 -27.41 28.36 -33.50
CA SER A 196 -27.55 27.68 -32.21
C SER A 196 -27.36 28.68 -31.07
N ASP A 197 -28.20 29.71 -31.08
CA ASP A 197 -28.03 30.81 -30.14
C ASP A 197 -28.63 30.50 -28.78
N GLU A 198 -29.75 29.76 -28.74
CA GLU A 198 -30.34 29.38 -27.46
C GLU A 198 -29.41 28.47 -26.68
N LEU A 199 -28.84 27.46 -27.35
CA LEU A 199 -27.89 26.57 -26.70
C LEU A 199 -26.61 27.30 -26.33
N ARG A 200 -26.16 28.22 -27.18
CA ARG A 200 -24.94 28.96 -26.91
C ARG A 200 -25.10 29.81 -25.64
N ASP A 201 -26.23 30.49 -25.49
CA ASP A 201 -26.47 31.27 -24.28
C ASP A 201 -26.59 30.39 -23.05
N LYS A 202 -27.20 29.21 -23.18
CA LYS A 202 -27.32 28.31 -22.04
C LYS A 202 -25.94 27.80 -21.62
N VAL A 203 -25.10 27.45 -22.60
CA VAL A 203 -23.77 26.94 -22.28
C VAL A 203 -22.94 28.03 -21.61
N ASN A 204 -23.08 29.27 -22.07
CA ASN A 204 -22.39 30.39 -21.43
C ASN A 204 -22.85 30.58 -19.98
N GLY A 205 -24.13 30.34 -19.71
CA GLY A 205 -24.61 30.46 -18.34
C GLY A 205 -24.04 29.37 -17.45
N ALA A 206 -24.06 28.13 -17.95
CA ALA A 206 -23.46 27.03 -17.19
C ALA A 206 -21.97 27.25 -17.00
N LEU A 207 -21.31 27.89 -17.96
CA LEU A 207 -19.88 28.16 -17.83
C LEU A 207 -19.61 29.03 -16.60
N LYS A 208 -20.38 30.10 -16.44
CA LYS A 208 -20.18 31.03 -15.29
C LYS A 208 -20.49 30.31 -13.99
N THR A 209 -21.55 29.49 -13.97
CA THR A 209 -21.89 28.73 -12.74
C THR A 209 -20.71 27.91 -12.27
N LEU A 210 -20.01 27.23 -13.19
CA LEU A 210 -18.89 26.33 -12.80
C LEU A 210 -17.63 27.13 -12.50
N ARG A 211 -17.47 28.30 -13.11
CA ARG A 211 -16.30 29.12 -12.81
C ARG A 211 -16.36 29.63 -11.36
N GLU A 212 -17.57 29.87 -10.83
CA GLU A 212 -17.62 30.40 -9.47
C GLU A 212 -17.79 29.35 -8.39
N ASN A 213 -18.48 28.24 -8.67
CA ASN A 213 -18.65 27.24 -7.62
C ASN A 213 -17.43 26.36 -7.44
N GLY A 214 -16.36 26.60 -8.21
CA GLY A 214 -15.12 25.86 -8.05
C GLY A 214 -14.98 24.60 -8.87
N THR A 215 -16.01 24.18 -9.59
CA THR A 215 -15.88 22.95 -10.38
C THR A 215 -14.89 23.14 -11.53
N TYR A 216 -14.86 24.33 -12.12
CA TYR A 216 -13.86 24.61 -13.15
C TYR A 216 -12.46 24.53 -12.57
N ASN A 217 -12.27 25.12 -11.38
CA ASN A 217 -10.95 25.06 -10.74
C ASN A 217 -10.64 23.62 -10.36
N GLU A 218 -11.66 22.83 -10.07
CA GLU A 218 -11.45 21.40 -9.81
C GLU A 218 -10.89 20.72 -11.04
N ILE A 219 -11.54 20.92 -12.20
CA ILE A 219 -11.07 20.32 -13.44
C ILE A 219 -9.74 20.89 -13.91
N TYR A 220 -9.53 22.20 -13.72
CA TYR A 220 -8.26 22.81 -14.10
C TYR A 220 -7.10 22.25 -13.28
N LYS A 221 -7.27 22.18 -11.96
CA LYS A 221 -6.22 21.68 -11.09
C LYS A 221 -5.87 20.23 -11.41
N LYS A 222 -6.85 19.47 -11.91
CA LYS A 222 -6.65 18.06 -12.24
C LYS A 222 -5.64 17.89 -13.38
N TRP A 223 -5.70 18.75 -14.40
CA TRP A 223 -4.90 18.57 -15.60
C TRP A 223 -3.70 19.51 -15.72
N PHE A 224 -3.81 20.73 -15.18
CA PHE A 224 -2.77 21.73 -15.32
C PHE A 224 -2.11 22.08 -13.98
N GLY A 225 -2.22 21.18 -12.99
CA GLY A 225 -1.72 21.40 -11.65
C GLY A 225 -1.94 22.82 -11.14
N THR A 226 -0.87 23.40 -10.59
CA THR A 226 -0.93 24.79 -10.05
C THR A 226 -0.76 25.79 -11.20
N GLU A 227 -1.46 25.57 -12.31
CA GLU A 227 -1.38 26.47 -13.49
C GLU A 227 -1.95 27.85 -13.11
N PRO A 228 -1.38 28.97 -13.61
CA PRO A 228 -1.88 30.30 -13.28
C PRO A 228 -3.30 30.51 -13.80
N LYS A 229 -4.14 31.21 -13.03
CA LYS A 229 -5.55 31.48 -13.43
C LYS A 229 -5.56 32.15 -14.80
N LYS B 6 31.41 20.61 2.21
CA LYS B 6 30.13 21.07 1.69
C LYS B 6 29.35 19.90 1.07
N LYS B 7 30.10 18.92 0.59
CA LYS B 7 29.55 17.75 -0.09
C LYS B 7 28.54 17.00 0.77
N LEU B 8 27.28 17.00 0.34
CA LEU B 8 26.26 16.23 1.04
C LEU B 8 26.54 14.73 0.94
N VAL B 9 26.26 14.00 2.00
CA VAL B 9 26.36 12.54 2.00
C VAL B 9 24.96 11.97 1.85
N VAL B 10 24.77 11.14 0.82
CA VAL B 10 23.49 10.53 0.51
C VAL B 10 23.61 9.03 0.69
N ALA B 11 22.89 8.48 1.66
CA ALA B 11 22.87 7.05 1.91
C ALA B 11 21.86 6.36 1.01
N THR B 12 22.20 5.17 0.55
CA THR B 12 21.32 4.39 -0.31
C THR B 12 21.52 2.91 -0.01
N ASP B 13 20.62 2.09 -0.56
CA ASP B 13 20.71 0.65 -0.37
C ASP B 13 21.77 0.03 -1.26
N THR B 14 22.43 -1.02 -0.74
CA THR B 14 23.44 -1.72 -1.51
C THR B 14 22.87 -2.34 -2.78
N ALA B 15 21.65 -2.86 -2.69
CA ALA B 15 21.02 -3.53 -3.83
C ALA B 15 19.51 -3.45 -3.66
N PHE B 16 18.85 -2.67 -4.52
CA PHE B 16 17.41 -2.52 -4.54
C PHE B 16 17.00 -2.24 -5.99
N VAL B 17 17.13 -3.28 -6.82
CA VAL B 17 16.92 -3.14 -8.27
C VAL B 17 15.44 -2.89 -8.53
N PRO B 18 15.08 -1.95 -9.41
CA PRO B 18 15.95 -1.09 -10.24
C PRO B 18 16.11 0.32 -9.69
N PHE B 19 15.98 0.48 -8.38
CA PHE B 19 16.04 1.84 -7.81
C PHE B 19 17.50 2.14 -7.46
N GLU B 20 18.27 1.16 -6.99
CA GLU B 20 19.71 1.38 -6.68
C GLU B 20 20.45 0.05 -6.84
N PHE B 21 21.52 0.02 -7.62
CA PHE B 21 22.34 -1.19 -7.85
C PHE B 21 23.71 -0.90 -8.47
N LYS B 22 24.70 -1.76 -8.22
CA LYS B 22 26.05 -1.63 -8.75
C LYS B 22 26.16 -2.09 -10.20
N GLN B 23 26.62 -1.19 -11.07
CA GLN B 23 26.86 -1.55 -12.49
C GLN B 23 28.33 -1.26 -12.80
N GLY B 24 29.18 -2.27 -12.70
CA GLY B 24 30.61 -2.12 -12.91
C GLY B 24 31.28 -1.47 -11.72
N ASP B 25 31.59 -0.18 -11.82
CA ASP B 25 32.23 0.55 -10.73
C ASP B 25 31.49 1.84 -10.37
N ILE B 26 30.18 1.88 -10.62
CA ILE B 26 29.32 3.01 -10.30
C ILE B 26 27.96 2.44 -9.92
N TYR B 27 27.13 3.28 -9.30
CA TYR B 27 25.77 2.93 -8.94
C TYR B 27 24.78 3.62 -9.88
N VAL B 28 23.73 2.89 -10.26
CA VAL B 28 22.72 3.37 -11.19
C VAL B 28 21.36 2.89 -10.71
N GLY B 29 20.32 3.57 -11.15
CA GLY B 29 18.96 3.19 -10.83
C GLY B 29 18.04 4.40 -10.84
N PHE B 30 16.77 4.13 -10.53
CA PHE B 30 15.77 5.20 -10.50
C PHE B 30 16.12 6.29 -9.50
N ASP B 31 16.37 5.91 -8.23
CA ASP B 31 16.71 6.90 -7.21
C ASP B 31 18.07 7.54 -7.49
N VAL B 32 18.98 6.79 -8.10
CA VAL B 32 20.30 7.34 -8.41
C VAL B 32 20.12 8.45 -9.45
N ASP B 33 19.32 8.19 -10.49
CA ASP B 33 19.08 9.20 -11.50
C ASP B 33 18.22 10.34 -10.95
N LEU B 34 17.18 10.01 -10.17
CA LEU B 34 16.28 11.03 -9.67
C LEU B 34 17.01 12.01 -8.74
N TRP B 35 17.87 11.50 -7.86
CA TRP B 35 18.60 12.40 -6.96
C TRP B 35 19.61 13.23 -7.72
N ALA B 36 20.31 12.62 -8.69
CA ALA B 36 21.23 13.39 -9.52
C ALA B 36 20.50 14.53 -10.24
N ALA B 37 19.24 14.29 -10.61
CA ALA B 37 18.45 15.35 -11.23
C ALA B 37 18.06 16.41 -10.21
N ILE B 38 17.73 16.00 -8.98
CA ILE B 38 17.44 16.97 -7.93
C ILE B 38 18.67 17.80 -7.62
N ALA B 39 19.82 17.14 -7.44
CA ALA B 39 21.06 17.85 -7.13
C ALA B 39 21.49 18.82 -8.23
N LYS B 40 21.21 18.49 -9.48
CA LYS B 40 21.58 19.40 -10.61
C LYS B 40 20.66 20.61 -10.58
N GLU B 41 19.38 20.39 -10.32
CA GLU B 41 18.44 21.51 -10.26
C GLU B 41 18.84 22.44 -9.12
N LEU B 42 19.20 21.87 -7.95
CA LEU B 42 19.54 22.64 -6.77
C LEU B 42 21.01 23.05 -6.70
N LYS B 43 21.83 22.65 -7.68
CA LYS B 43 23.25 23.00 -7.71
C LYS B 43 23.96 22.52 -6.45
N LEU B 44 23.79 21.23 -6.13
CA LEU B 44 24.36 20.63 -4.94
C LEU B 44 25.41 19.58 -5.30
N ASP B 45 26.47 19.52 -4.49
CA ASP B 45 27.47 18.47 -4.57
C ASP B 45 27.18 17.40 -3.53
N TYR B 46 27.28 16.13 -3.95
CA TYR B 46 26.91 15.03 -3.03
C TYR B 46 27.82 13.81 -3.17
N GLU B 47 27.77 12.92 -2.20
CA GLU B 47 28.58 11.69 -2.27
C GLU B 47 27.63 10.55 -1.88
N LEU B 48 27.74 9.41 -2.54
CA LEU B 48 26.79 8.28 -2.30
C LEU B 48 27.44 7.25 -1.41
N LYS B 49 26.69 6.70 -0.47
CA LYS B 49 27.23 5.74 0.49
C LYS B 49 26.27 4.56 0.57
N PRO B 50 26.43 3.58 -0.31
CA PRO B 50 25.57 2.39 -0.26
C PRO B 50 25.85 1.58 1.00
N MET B 51 24.78 1.01 1.56
CA MET B 51 24.90 0.21 2.79
C MET B 51 23.62 -0.60 2.94
N ASP B 52 23.56 -1.49 3.92
CA ASP B 52 22.32 -2.26 4.15
C ASP B 52 21.20 -1.36 4.63
N PHE B 53 19.95 -1.68 4.28
CA PHE B 53 18.80 -0.82 4.64
C PHE B 53 18.71 -0.76 6.16
N SER B 54 19.25 -1.76 6.83
CA SER B 54 19.12 -1.83 8.31
C SER B 54 20.06 -0.85 8.99
N GLY B 55 20.69 0.03 8.23
CA GLY B 55 21.58 1.03 8.82
C GLY B 55 21.36 2.41 8.28
N ILE B 56 20.36 2.57 7.42
CA ILE B 56 20.12 3.89 6.77
C ILE B 56 19.41 4.81 7.76
N ILE B 57 18.33 4.34 8.36
CA ILE B 57 17.68 5.17 9.37
C ILE B 57 18.60 5.45 10.55
N PRO B 58 19.32 4.47 11.12
CA PRO B 58 20.28 4.81 12.17
C PRO B 58 21.35 5.79 11.69
N ALA B 59 21.76 5.71 10.42
CA ALA B 59 22.72 6.68 9.90
C ALA B 59 22.15 8.09 9.89
N LEU B 60 20.85 8.21 9.61
CA LEU B 60 20.20 9.53 9.67
C LEU B 60 20.03 9.98 11.11
N GLN B 61 19.69 9.06 12.01
CA GLN B 61 19.50 9.42 13.41
C GLN B 61 20.81 9.92 14.01
N THR B 62 21.92 9.26 13.71
CA THR B 62 23.23 9.68 14.19
C THR B 62 23.82 10.82 13.37
N LYS B 63 23.13 11.27 12.32
CA LYS B 63 23.57 12.37 11.47
C LYS B 63 24.91 12.09 10.78
N ASN B 64 25.20 10.81 10.50
CA ASN B 64 26.37 10.48 9.70
C ASN B 64 26.13 10.67 8.22
N VAL B 65 24.87 10.85 7.82
CA VAL B 65 24.50 11.09 6.42
C VAL B 65 23.47 12.21 6.41
N ASP B 66 23.48 13.00 5.34
CA ASP B 66 22.64 14.19 5.28
C ASP B 66 21.23 13.87 4.80
N LEU B 67 21.08 12.82 4.00
CA LEU B 67 19.78 12.38 3.48
C LEU B 67 19.95 10.97 2.92
N ALA B 68 18.84 10.38 2.47
CA ALA B 68 18.86 8.99 2.05
C ALA B 68 17.84 8.74 0.95
N LEU B 69 18.21 7.89 -0.02
CA LEU B 69 17.28 7.55 -1.13
C LEU B 69 17.34 6.04 -1.39
N ALA B 70 16.44 5.27 -0.77
CA ALA B 70 16.49 3.79 -0.92
C ALA B 70 15.07 3.20 -0.81
N GLY B 71 14.17 3.54 -1.73
CA GLY B 71 12.83 2.92 -1.73
C GLY B 71 12.21 2.99 -0.36
N ILE B 72 12.63 3.95 0.46
CA ILE B 72 12.13 4.05 1.85
C ILE B 72 10.65 4.42 1.78
N THR B 73 9.79 3.52 2.26
CA THR B 73 8.34 3.77 2.24
C THR B 73 8.01 4.79 3.32
N ILE B 74 7.21 5.81 2.98
CA ILE B 74 6.78 6.80 4.00
C ILE B 74 5.87 6.09 5.00
N CYS B 75 6.31 6.02 6.26
CA CYS B 75 5.57 5.31 7.29
C CYS B 75 5.48 6.20 8.53
N ASP B 76 4.40 6.05 9.28
CA ASP B 76 4.16 6.95 10.43
C ASP B 76 5.07 6.59 11.61
N GLU B 77 5.39 5.30 11.76
CA GLU B 77 6.32 4.86 12.83
C GLU B 77 7.75 5.32 12.53
N ARG B 78 8.02 5.69 11.28
CA ARG B 78 9.36 6.16 10.88
C ARG B 78 9.40 7.69 10.97
N LYS B 79 8.22 8.31 11.06
CA LYS B 79 8.13 9.79 11.16
C LYS B 79 8.37 10.19 12.62
N LYS B 80 8.55 9.21 13.50
CA LYS B 80 8.85 9.48 14.92
C LYS B 80 10.37 9.49 15.07
N ALA B 81 11.08 9.14 13.99
CA ALA B 81 12.55 9.06 14.04
C ALA B 81 13.17 9.88 12.92
N ILE B 82 12.50 9.96 11.77
CA ILE B 82 13.12 10.65 10.60
C ILE B 82 12.07 11.49 9.87
N ASP B 83 12.52 12.44 9.07
CA ASP B 83 11.60 13.31 8.32
C ASP B 83 11.64 12.85 6.88
N PHE B 84 10.51 12.90 6.19
CA PHE B 84 10.42 12.43 4.79
C PHE B 84 10.12 13.61 3.88
N SER B 85 10.20 13.40 2.57
CA SER B 85 9.87 14.46 1.60
C SER B 85 8.49 14.17 1.02
N ASP B 86 8.06 15.01 0.08
CA ASP B 86 6.78 14.72 -0.62
C ASP B 86 7.02 13.43 -1.41
N GLY B 87 6.03 12.56 -1.48
CA GLY B 87 6.20 11.27 -2.16
C GLY B 87 6.72 11.44 -3.58
N TYR B 88 7.50 10.49 -4.06
CA TYR B 88 8.02 10.53 -5.42
C TYR B 88 7.76 9.24 -6.19
N TYR B 89 7.12 8.25 -5.59
CA TYR B 89 6.84 6.99 -6.29
C TYR B 89 5.72 6.26 -5.56
N LYS B 90 4.67 5.91 -6.29
CA LYS B 90 3.55 5.16 -5.74
C LYS B 90 3.86 3.67 -5.84
N SER B 91 3.95 3.00 -4.68
CA SER B 91 4.38 1.61 -4.66
C SER B 91 3.41 0.71 -3.91
N GLY B 92 3.82 -0.53 -3.67
CA GLY B 92 2.99 -1.48 -2.93
C GLY B 92 3.79 -2.75 -2.71
N LEU B 93 3.09 -3.77 -2.23
CA LEU B 93 3.67 -5.09 -2.02
C LEU B 93 2.94 -6.08 -2.92
N LEU B 94 3.64 -7.15 -3.30
CA LEU B 94 3.08 -8.12 -4.23
C LEU B 94 3.65 -9.49 -3.90
N VAL B 95 2.85 -10.53 -4.14
CA VAL B 95 3.20 -11.92 -3.86
C VAL B 95 3.65 -12.55 -5.17
N MET B 96 4.78 -13.25 -5.14
CA MET B 96 5.32 -13.96 -6.30
C MET B 96 5.50 -15.43 -5.93
N VAL B 97 5.15 -16.33 -6.85
CA VAL B 97 5.35 -17.76 -6.67
C VAL B 97 6.01 -18.32 -7.92
N LYS B 98 6.27 -19.63 -7.92
CA LYS B 98 6.82 -20.28 -9.13
C LYS B 98 5.71 -20.44 -10.16
N ALA B 99 6.06 -20.58 -11.43
CA ALA B 99 5.05 -20.78 -12.50
C ALA B 99 4.47 -22.20 -12.37
N ASN B 100 5.18 -23.08 -11.67
CA ASN B 100 4.65 -24.44 -11.41
C ASN B 100 3.79 -24.37 -10.15
N ASN B 101 3.35 -23.16 -9.78
CA ASN B 101 2.56 -22.99 -8.52
C ASN B 101 1.16 -22.48 -8.83
N ASN B 102 0.13 -23.24 -8.44
CA ASN B 102 -1.25 -22.81 -8.62
C ASN B 102 -2.14 -22.72 -7.38
N ASP B 103 -1.68 -23.14 -6.20
CA ASP B 103 -2.58 -23.04 -5.05
C ASP B 103 -2.50 -21.67 -4.40
N VAL B 104 -1.56 -20.84 -4.83
CA VAL B 104 -1.45 -19.46 -4.36
C VAL B 104 -1.90 -18.59 -5.52
N LYS B 105 -3.02 -17.88 -5.32
CA LYS B 105 -3.50 -16.89 -6.27
C LYS B 105 -3.75 -15.54 -5.61
N SER B 106 -3.58 -15.45 -4.29
CA SER B 106 -3.75 -14.22 -3.53
C SER B 106 -2.99 -14.41 -2.22
N VAL B 107 -2.90 -13.32 -1.44
CA VAL B 107 -2.11 -13.38 -0.22
C VAL B 107 -2.73 -14.31 0.82
N LYS B 108 -4.05 -14.46 0.84
CA LYS B 108 -4.67 -15.40 1.79
C LYS B 108 -4.26 -16.83 1.52
N ASP B 109 -3.91 -17.17 0.28
CA ASP B 109 -3.48 -18.54 0.05
C ASP B 109 -2.08 -18.83 0.58
N LEU B 110 -1.46 -17.91 1.33
CA LEU B 110 -0.14 -18.12 1.90
C LEU B 110 -0.22 -18.40 3.40
N ASP B 111 -1.39 -18.75 3.91
CA ASP B 111 -1.55 -19.05 5.32
C ASP B 111 -1.06 -20.48 5.59
N GLY B 112 -0.27 -20.64 6.64
CA GLY B 112 0.36 -21.92 6.93
C GLY B 112 1.33 -22.34 5.85
N LYS B 113 2.02 -21.38 5.25
CA LYS B 113 3.03 -21.61 4.23
C LYS B 113 4.28 -20.83 4.63
N VAL B 114 5.35 -21.03 3.87
CA VAL B 114 6.63 -20.37 4.10
C VAL B 114 6.75 -19.20 3.13
N VAL B 115 6.92 -18.01 3.66
CA VAL B 115 7.05 -16.79 2.87
C VAL B 115 8.45 -16.22 3.09
N ALA B 116 9.14 -15.90 2.00
CA ALA B 116 10.46 -15.31 2.06
C ALA B 116 10.37 -13.80 1.83
N VAL B 117 11.10 -13.04 2.65
CA VAL B 117 11.08 -11.58 2.61
C VAL B 117 12.49 -11.05 2.83
N LYS B 118 12.64 -9.74 2.66
CA LYS B 118 13.93 -9.07 2.86
C LYS B 118 13.98 -8.52 4.28
N SER B 119 15.10 -8.78 4.96
CA SER B 119 15.24 -8.37 6.36
C SER B 119 15.24 -6.85 6.49
N GLY B 120 14.62 -6.36 7.56
CA GLY B 120 14.62 -4.91 7.84
C GLY B 120 13.59 -4.17 7.04
N THR B 121 12.81 -4.88 6.24
CA THR B 121 11.86 -4.19 5.34
C THR B 121 10.47 -4.20 5.95
N GLY B 122 9.55 -3.44 5.37
CA GLY B 122 8.17 -3.38 5.86
C GLY B 122 7.41 -4.62 5.45
N SER B 123 7.99 -5.39 4.54
CA SER B 123 7.36 -6.65 4.11
C SER B 123 7.35 -7.61 5.30
N VAL B 124 8.42 -7.58 6.09
CA VAL B 124 8.51 -8.45 7.30
C VAL B 124 7.36 -8.10 8.25
N ASP B 125 7.04 -6.81 8.37
CA ASP B 125 5.94 -6.37 9.24
C ASP B 125 4.61 -6.87 8.65
N TYR B 126 4.31 -6.52 7.41
CA TYR B 126 3.05 -6.93 6.80
C TYR B 126 2.83 -8.44 6.91
N ALA B 127 3.87 -9.22 6.62
CA ALA B 127 3.73 -10.67 6.68
C ALA B 127 3.45 -11.15 8.10
N LYS B 128 4.10 -10.52 9.10
CA LYS B 128 3.86 -10.90 10.48
C LYS B 128 2.45 -10.55 10.94
N ALA B 129 1.89 -9.46 10.41
CA ALA B 129 0.61 -8.96 10.89
C ALA B 129 -0.58 -9.37 10.05
N ASN B 130 -0.36 -9.90 8.84
CA ASN B 130 -1.46 -10.24 7.94
C ASN B 130 -1.41 -11.66 7.41
N ILE B 131 -0.30 -12.39 7.58
CA ILE B 131 -0.16 -13.72 7.03
C ILE B 131 0.21 -14.67 8.16
N LYS B 132 -0.50 -15.79 8.23
CA LYS B 132 -0.22 -16.83 9.24
C LYS B 132 0.75 -17.82 8.63
N THR B 133 2.01 -17.41 8.56
CA THR B 133 3.04 -18.23 7.93
C THR B 133 3.43 -19.41 8.81
N LYS B 134 3.66 -20.56 8.18
CA LYS B 134 4.31 -21.67 8.86
C LYS B 134 5.70 -21.29 9.33
N ASP B 135 6.40 -20.49 8.51
CA ASP B 135 7.71 -19.95 8.87
C ASP B 135 7.93 -18.73 7.99
N LEU B 136 8.42 -17.64 8.58
CA LEU B 136 8.76 -16.44 7.84
C LEU B 136 10.28 -16.32 7.84
N ARG B 137 10.84 -16.56 6.64
CA ARG B 137 12.30 -16.54 6.47
C ARG B 137 12.74 -15.18 5.94
N GLN B 138 13.61 -14.52 6.68
CA GLN B 138 14.13 -13.20 6.31
C GLN B 138 15.56 -13.34 5.80
N PHE B 139 15.90 -12.56 4.79
CA PHE B 139 17.24 -12.58 4.25
C PHE B 139 17.77 -11.17 4.03
N PRO B 140 19.04 -10.93 4.38
CA PRO B 140 19.61 -9.60 4.16
C PRO B 140 19.64 -9.30 2.67
N ASN B 141 19.77 -10.33 1.83
CA ASN B 141 19.71 -10.16 0.38
C ASN B 141 18.48 -10.81 -0.24
N ILE B 142 17.84 -10.09 -1.17
CA ILE B 142 16.55 -10.52 -1.66
C ILE B 142 16.78 -11.67 -2.65
N ASP B 143 17.93 -11.68 -3.33
CA ASP B 143 18.23 -12.76 -4.26
C ASP B 143 18.30 -14.11 -3.56
N ASN B 144 18.68 -14.13 -2.28
CA ASN B 144 18.65 -15.37 -1.52
C ASN B 144 17.22 -15.83 -1.28
N ALA B 145 16.28 -14.90 -1.17
CA ALA B 145 14.87 -15.26 -1.05
C ALA B 145 14.34 -15.84 -2.36
N TYR B 146 14.78 -15.28 -3.50
CA TYR B 146 14.41 -15.83 -4.79
C TYR B 146 14.80 -17.29 -4.94
N MET B 147 16.03 -17.63 -4.52
CA MET B 147 16.46 -19.03 -4.53
C MET B 147 15.58 -19.90 -3.64
N GLU B 148 15.21 -19.39 -2.48
CA GLU B 148 14.38 -20.18 -1.56
C GLU B 148 13.05 -20.48 -2.23
N LEU B 149 12.57 -19.58 -3.10
CA LEU B 149 11.37 -19.86 -3.87
C LEU B 149 11.66 -20.86 -4.99
N GLY B 150 12.76 -20.69 -5.71
CA GLY B 150 13.06 -21.57 -6.82
C GLY B 150 13.33 -23.00 -6.39
N THR B 151 14.09 -23.16 -5.30
CA THR B 151 14.35 -24.48 -4.72
C THR B 151 13.24 -24.97 -3.80
N ASN B 152 12.07 -24.33 -3.88
CA ASN B 152 10.85 -24.72 -3.10
C ASN B 152 11.14 -24.90 -1.62
N ARG B 153 12.19 -24.29 -1.10
CA ARG B 153 12.39 -24.35 0.37
C ARG B 153 11.48 -23.25 0.94
N ALA B 154 10.76 -22.56 0.05
CA ALA B 154 9.80 -21.53 0.47
C ALA B 154 8.66 -21.50 -0.55
N ASP B 155 7.48 -21.04 -0.17
CA ASP B 155 6.35 -21.13 -1.08
C ASP B 155 6.09 -19.84 -1.84
N ALA B 156 6.51 -18.70 -1.32
CA ALA B 156 6.29 -17.43 -1.99
C ALA B 156 7.24 -16.38 -1.46
N VAL B 157 7.50 -15.37 -2.29
CA VAL B 157 8.24 -14.18 -1.89
C VAL B 157 7.28 -13.00 -1.82
N LEU B 158 7.40 -12.22 -0.75
CA LEU B 158 6.61 -11.01 -0.54
C LEU B 158 7.59 -9.84 -0.53
N HIS B 159 7.51 -8.98 -1.55
CA HIS B 159 8.42 -7.85 -1.65
C HIS B 159 7.70 -6.74 -2.41
N ASP B 160 8.38 -5.60 -2.54
CA ASP B 160 7.77 -4.43 -3.14
C ASP B 160 7.32 -4.72 -4.57
N THR B 161 6.16 -4.18 -4.93
CA THR B 161 5.60 -4.43 -6.26
C THR B 161 6.53 -4.03 -7.40
N PRO B 162 7.13 -2.83 -7.43
CA PRO B 162 8.00 -2.49 -8.57
C PRO B 162 9.24 -3.36 -8.64
N ASN B 163 9.66 -3.95 -7.53
CA ASN B 163 10.85 -4.79 -7.51
C ASN B 163 10.55 -6.19 -8.04
N ILE B 164 9.45 -6.79 -7.58
CA ILE B 164 9.04 -8.10 -8.05
C ILE B 164 8.72 -8.09 -9.54
N LEU B 165 8.08 -7.02 -10.02
CA LEU B 165 7.73 -6.93 -11.43
C LEU B 165 8.98 -6.78 -12.30
N TYR B 166 9.94 -5.96 -11.86
CA TYR B 166 11.16 -5.78 -12.65
C TYR B 166 11.98 -7.07 -12.70
N PHE B 167 11.96 -7.86 -11.63
CA PHE B 167 12.68 -9.12 -11.63
C PHE B 167 12.10 -10.08 -12.67
N ILE B 168 10.76 -10.14 -12.76
CA ILE B 168 10.12 -11.02 -13.74
C ILE B 168 10.50 -10.64 -15.16
N LYS B 169 10.54 -9.34 -15.46
CA LYS B 169 10.77 -8.92 -16.84
C LYS B 169 12.22 -9.06 -17.25
N THR B 170 13.15 -9.02 -16.29
CA THR B 170 14.58 -8.98 -16.58
C THR B 170 15.29 -10.29 -16.27
N ALA B 171 15.05 -10.89 -15.11
CA ALA B 171 15.83 -12.03 -14.64
C ALA B 171 14.99 -13.26 -14.33
N GLY B 172 13.72 -13.30 -14.73
CA GLY B 172 12.89 -14.44 -14.40
C GLY B 172 12.91 -15.61 -15.37
N ASN B 173 13.05 -15.33 -16.66
CA ASN B 173 13.08 -16.36 -17.71
C ASN B 173 11.85 -17.28 -17.59
N GLY B 174 10.69 -16.66 -17.41
CA GLY B 174 9.45 -17.41 -17.32
C GLY B 174 9.34 -18.41 -16.19
N GLN B 175 10.14 -18.25 -15.14
CA GLN B 175 10.10 -19.15 -13.99
C GLN B 175 9.38 -18.58 -12.77
N PHE B 176 9.01 -17.30 -12.77
CA PHE B 176 8.29 -16.71 -11.65
C PHE B 176 7.19 -15.84 -12.22
N LYS B 177 6.14 -15.62 -11.43
CA LYS B 177 4.97 -14.87 -11.86
C LYS B 177 4.36 -14.14 -10.66
N ALA B 178 3.61 -13.08 -10.96
CA ALA B 178 2.92 -12.27 -9.98
C ALA B 178 1.46 -12.69 -9.82
N VAL B 179 1.06 -13.01 -8.59
CA VAL B 179 -0.31 -13.36 -8.26
C VAL B 179 -0.88 -12.33 -7.29
N GLY B 180 -2.12 -11.93 -7.52
CA GLY B 180 -2.75 -10.93 -6.69
C GLY B 180 -2.70 -9.54 -7.30
N ASP B 181 -2.81 -8.56 -6.41
CA ASP B 181 -2.69 -7.15 -6.86
C ASP B 181 -1.74 -6.44 -5.91
N SER B 182 -1.35 -5.21 -6.23
CA SER B 182 -0.42 -4.46 -5.35
C SER B 182 -1.04 -4.30 -3.98
N LEU B 183 -0.56 -5.06 -2.99
CA LEU B 183 -1.09 -4.96 -1.61
C LEU B 183 -0.33 -3.87 -0.86
N GLU B 184 -0.87 -3.39 0.25
CA GLU B 184 -0.17 -2.37 1.06
C GLU B 184 0.26 -1.21 0.16
N ALA B 185 -0.70 -0.49 -0.43
CA ALA B 185 -0.36 0.70 -1.23
C ALA B 185 0.61 1.56 -0.41
N GLN B 186 1.66 2.11 -1.03
CA GLN B 186 2.67 2.83 -0.24
C GLN B 186 3.15 4.07 -0.98
N GLN B 187 3.99 4.87 -0.35
CA GLN B 187 4.59 6.03 -1.06
C GLN B 187 6.04 6.14 -0.66
N TYR B 188 6.93 6.13 -1.64
CA TYR B 188 8.37 6.23 -1.46
C TYR B 188 8.70 7.70 -1.24
N GLY B 189 9.59 7.96 -0.30
CA GLY B 189 9.98 9.32 0.02
C GLY B 189 11.45 9.41 0.37
N ILE B 190 12.02 10.58 0.11
CA ILE B 190 13.40 10.87 0.47
C ILE B 190 13.46 11.15 1.96
N ALA B 191 14.34 10.43 2.66
CA ALA B 191 14.40 10.49 4.11
C ALA B 191 15.48 11.46 4.57
N PHE B 192 15.16 12.23 5.60
CA PHE B 192 16.12 13.21 6.14
C PHE B 192 16.14 13.06 7.66
N PRO B 193 17.26 13.36 8.33
CA PRO B 193 17.29 13.39 9.79
C PRO B 193 16.42 14.50 10.35
N LYS B 194 15.93 14.30 11.57
CA LYS B 194 15.14 15.33 12.24
C LYS B 194 15.94 16.62 12.39
N GLY B 195 15.35 17.72 11.93
CA GLY B 195 16.00 19.02 11.97
C GLY B 195 16.55 19.50 10.65
N SER B 196 16.43 18.72 9.58
CA SER B 196 16.90 19.12 8.26
C SER B 196 15.71 19.60 7.41
N ASP B 197 15.02 20.63 7.93
CA ASP B 197 13.80 21.08 7.30
C ASP B 197 14.06 22.00 6.11
N GLU B 198 15.11 22.84 6.17
CA GLU B 198 15.42 23.69 5.04
C GLU B 198 15.79 22.85 3.83
N LEU B 199 16.65 21.84 4.03
CA LEU B 199 17.00 20.94 2.94
C LEU B 199 15.79 20.16 2.46
N ARG B 200 14.93 19.77 3.40
CA ARG B 200 13.70 19.00 3.04
C ARG B 200 12.80 19.88 2.17
N ASP B 201 12.63 21.14 2.54
CA ASP B 201 11.85 22.06 1.73
C ASP B 201 12.52 22.30 0.39
N LYS B 202 13.85 22.33 0.36
CA LYS B 202 14.57 22.53 -0.89
C LYS B 202 14.32 21.35 -1.83
N VAL B 203 14.40 20.14 -1.29
CA VAL B 203 14.20 18.94 -2.11
C VAL B 203 12.76 18.86 -2.61
N ASN B 204 11.80 19.26 -1.77
CA ASN B 204 10.40 19.28 -2.19
C ASN B 204 10.17 20.23 -3.35
N GLY B 205 10.90 21.35 -3.39
CA GLY B 205 10.77 22.27 -4.52
C GLY B 205 11.34 21.69 -5.80
N ALA B 206 12.55 21.13 -5.72
CA ALA B 206 13.16 20.50 -6.89
C ALA B 206 12.35 19.31 -7.39
N LEU B 207 11.72 18.58 -6.48
CA LEU B 207 10.90 17.44 -6.88
C LEU B 207 9.74 17.89 -7.76
N LYS B 208 9.07 18.98 -7.39
CA LYS B 208 7.95 19.47 -8.19
C LYS B 208 8.41 19.99 -9.54
N THR B 209 9.54 20.69 -9.58
CA THR B 209 10.12 21.12 -10.86
C THR B 209 10.40 19.92 -11.77
N LEU B 210 11.02 18.87 -11.22
CA LEU B 210 11.38 17.72 -12.05
C LEU B 210 10.19 16.97 -12.60
N ARG B 211 9.07 17.03 -11.90
CA ARG B 211 7.83 16.32 -12.33
C ARG B 211 7.11 17.11 -13.44
N GLU B 212 7.35 18.42 -13.50
CA GLU B 212 6.64 19.26 -14.46
C GLU B 212 7.46 19.49 -15.72
N ASN B 213 8.78 19.58 -15.62
CA ASN B 213 9.62 19.81 -16.80
C ASN B 213 9.84 18.54 -17.63
N GLY B 214 9.26 17.41 -17.23
CA GLY B 214 9.37 16.17 -17.97
C GLY B 214 10.54 15.30 -17.60
N THR B 215 11.42 15.79 -16.72
CA THR B 215 12.58 14.98 -16.34
C THR B 215 12.16 13.76 -15.52
N TYR B 216 11.17 13.92 -14.63
CA TYR B 216 10.69 12.79 -13.84
C TYR B 216 10.12 11.67 -14.70
N ASN B 217 9.27 12.00 -15.66
CA ASN B 217 8.71 10.98 -16.54
C ASN B 217 9.79 10.45 -17.47
N GLU B 218 10.84 11.24 -17.71
CA GLU B 218 11.98 10.75 -18.47
C GLU B 218 12.62 9.61 -17.68
N ILE B 219 12.92 9.87 -16.40
CA ILE B 219 13.53 8.86 -15.55
C ILE B 219 12.61 7.68 -15.27
N TYR B 220 11.31 7.94 -15.11
CA TYR B 220 10.36 6.85 -14.86
C TYR B 220 10.29 5.89 -16.04
N LYS B 221 10.11 6.42 -17.25
CA LYS B 221 10.04 5.56 -18.43
C LYS B 221 11.34 4.82 -18.69
N LYS B 222 12.48 5.41 -18.28
CA LYS B 222 13.76 4.77 -18.52
C LYS B 222 13.85 3.41 -17.83
N TRP B 223 13.30 3.30 -16.63
CA TRP B 223 13.41 2.09 -15.83
C TRP B 223 12.14 1.27 -15.77
N PHE B 224 10.99 1.95 -15.81
CA PHE B 224 9.69 1.26 -15.66
C PHE B 224 8.87 1.43 -16.94
N GLY B 225 9.54 1.39 -18.09
CA GLY B 225 8.83 1.59 -19.36
C GLY B 225 7.70 2.57 -19.18
N THR B 226 6.48 2.20 -19.54
CA THR B 226 5.32 3.08 -19.26
C THR B 226 5.77 4.29 -18.44
N LYS C 7 -9.33 5.55 12.80
CA LYS C 7 -8.94 4.89 14.03
C LYS C 7 -10.03 3.91 14.44
N LEU C 8 -9.64 2.67 14.75
CA LEU C 8 -10.63 1.68 15.15
C LEU C 8 -11.37 2.09 16.41
N VAL C 9 -12.67 1.81 16.44
CA VAL C 9 -13.51 1.99 17.62
C VAL C 9 -13.74 0.63 18.25
N VAL C 10 -13.44 0.50 19.53
CA VAL C 10 -13.60 -0.74 20.27
C VAL C 10 -14.70 -0.53 21.29
N ALA C 11 -15.82 -1.22 21.10
CA ALA C 11 -16.93 -1.14 22.03
C ALA C 11 -16.68 -2.09 23.20
N THR C 12 -17.06 -1.65 24.39
CA THR C 12 -16.85 -2.45 25.58
C THR C 12 -18.01 -2.19 26.54
N ASP C 13 -18.13 -3.04 27.55
CA ASP C 13 -19.19 -2.91 28.53
C ASP C 13 -18.84 -1.83 29.57
N THR C 14 -19.88 -1.12 30.03
CA THR C 14 -19.68 -0.11 31.05
C THR C 14 -19.15 -0.70 32.35
N ALA C 15 -19.62 -1.90 32.70
CA ALA C 15 -19.20 -2.54 33.95
C ALA C 15 -19.39 -4.04 33.81
N PHE C 16 -18.27 -4.78 33.77
CA PHE C 16 -18.21 -6.23 33.70
C PHE C 16 -16.92 -6.67 34.41
N VAL C 17 -16.93 -6.56 35.72
CA VAL C 17 -15.72 -6.82 36.51
C VAL C 17 -15.37 -8.30 36.43
N PRO C 18 -14.10 -8.66 36.27
CA PRO C 18 -12.93 -7.78 36.19
C PRO C 18 -12.48 -7.59 34.74
N PHE C 19 -13.38 -7.72 33.78
CA PHE C 19 -12.98 -7.57 32.38
C PHE C 19 -12.94 -6.11 31.95
N GLU C 20 -13.90 -5.30 32.39
CA GLU C 20 -13.87 -3.85 32.15
C GLU C 20 -14.67 -3.14 33.22
N PHE C 21 -14.10 -2.07 33.77
CA PHE C 21 -14.80 -1.18 34.68
C PHE C 21 -13.98 0.10 34.77
N LYS C 22 -14.66 1.18 35.17
CA LYS C 22 -13.98 2.47 35.31
C LYS C 22 -13.21 2.53 36.61
N GLN C 23 -11.90 2.77 36.52
CA GLN C 23 -11.03 2.98 37.66
C GLN C 23 -10.38 4.35 37.47
N GLY C 24 -10.92 5.36 38.14
CA GLY C 24 -10.45 6.72 37.94
C GLY C 24 -10.98 7.27 36.64
N ASP C 25 -10.12 7.94 35.86
CA ASP C 25 -10.50 8.53 34.59
C ASP C 25 -10.13 7.63 33.41
N ILE C 26 -9.96 6.33 33.65
CA ILE C 26 -9.65 5.36 32.61
C ILE C 26 -10.43 4.08 32.88
N TYR C 27 -10.45 3.20 31.89
CA TYR C 27 -11.05 1.88 32.02
C TYR C 27 -9.95 0.84 32.12
N VAL C 28 -10.17 -0.16 32.98
CA VAL C 28 -9.20 -1.21 33.22
C VAL C 28 -9.94 -2.53 33.28
N GLY C 29 -9.19 -3.61 33.09
CA GLY C 29 -9.74 -4.94 33.18
C GLY C 29 -8.99 -5.91 32.29
N PHE C 30 -9.46 -7.15 32.33
CA PHE C 30 -8.87 -8.21 31.52
C PHE C 30 -8.98 -7.89 30.03
N ASP C 31 -10.19 -7.55 29.58
CA ASP C 31 -10.38 -7.24 28.16
C ASP C 31 -9.61 -6.00 27.74
N VAL C 32 -9.49 -5.01 28.63
CA VAL C 32 -8.74 -3.80 28.29
C VAL C 32 -7.28 -4.12 28.05
N ASP C 33 -6.68 -4.93 28.93
CA ASP C 33 -5.28 -5.31 28.76
C ASP C 33 -5.10 -6.22 27.56
N LEU C 34 -6.02 -7.17 27.36
CA LEU C 34 -5.86 -8.12 26.26
C LEU C 34 -5.91 -7.42 24.91
N TRP C 35 -6.82 -6.46 24.74
CA TRP C 35 -6.90 -5.76 23.46
C TRP C 35 -5.70 -4.85 23.24
N ALA C 36 -5.26 -4.16 24.30
CA ALA C 36 -4.08 -3.31 24.18
C ALA C 36 -2.88 -4.11 23.73
N ALA C 37 -2.78 -5.37 24.16
CA ALA C 37 -1.71 -6.24 23.69
C ALA C 37 -1.93 -6.66 22.24
N ILE C 38 -3.17 -6.95 21.86
CA ILE C 38 -3.46 -7.30 20.46
C ILE C 38 -3.15 -6.12 19.55
N ALA C 39 -3.67 -4.94 19.90
CA ALA C 39 -3.45 -3.76 19.06
C ALA C 39 -1.98 -3.40 18.98
N LYS C 40 -1.23 -3.63 20.05
CA LYS C 40 0.21 -3.35 20.04
C LYS C 40 0.93 -4.32 19.10
N GLU C 41 0.57 -5.61 19.17
CA GLU C 41 1.17 -6.59 18.28
C GLU C 41 0.90 -6.27 16.81
N LEU C 42 -0.33 -5.87 16.49
CA LEU C 42 -0.71 -5.56 15.12
C LEU C 42 -0.41 -4.13 14.75
N LYS C 43 0.10 -3.34 15.69
CA LYS C 43 0.44 -1.92 15.47
C LYS C 43 -0.79 -1.17 14.94
N LEU C 44 -1.89 -1.27 15.69
CA LEU C 44 -3.16 -0.64 15.34
C LEU C 44 -3.49 0.44 16.35
N ASP C 45 -4.06 1.54 15.88
CA ASP C 45 -4.58 2.58 16.74
C ASP C 45 -6.08 2.39 16.95
N TYR C 46 -6.51 2.53 18.21
CA TYR C 46 -7.92 2.24 18.53
C TYR C 46 -8.44 3.23 19.57
N GLU C 47 -9.76 3.23 19.78
CA GLU C 47 -10.35 4.06 20.85
C GLU C 47 -11.41 3.21 21.55
N LEU C 48 -11.54 3.37 22.87
CA LEU C 48 -12.51 2.55 23.63
C LEU C 48 -13.83 3.31 23.74
N LYS C 49 -14.93 2.61 23.49
CA LYS C 49 -16.26 3.25 23.50
C LYS C 49 -17.15 2.43 24.45
N PRO C 50 -17.07 2.67 25.76
CA PRO C 50 -17.88 1.93 26.72
C PRO C 50 -19.38 2.18 26.50
N MET C 51 -20.22 1.17 26.76
CA MET C 51 -21.65 1.30 26.60
C MET C 51 -22.29 0.08 27.24
N ASP C 52 -23.62 0.13 27.39
CA ASP C 52 -24.34 -1.02 27.91
C ASP C 52 -24.33 -2.21 26.97
N PHE C 53 -24.32 -3.42 27.56
CA PHE C 53 -24.16 -4.64 26.78
C PHE C 53 -25.24 -4.79 25.72
N SER C 54 -26.46 -4.36 26.02
CA SER C 54 -27.57 -4.53 25.09
C SER C 54 -27.39 -3.73 23.81
N GLY C 55 -26.45 -2.78 23.77
CA GLY C 55 -26.22 -1.99 22.59
C GLY C 55 -24.91 -2.31 21.91
N ILE C 56 -24.21 -3.32 22.41
CA ILE C 56 -22.92 -3.69 21.83
C ILE C 56 -23.13 -4.43 20.52
N ILE C 57 -23.97 -5.48 20.54
CA ILE C 57 -24.29 -6.20 19.30
C ILE C 57 -24.97 -5.33 18.27
N PRO C 58 -25.99 -4.52 18.61
CA PRO C 58 -26.55 -3.60 17.60
C PRO C 58 -25.54 -2.62 17.04
N ALA C 59 -24.57 -2.17 17.85
CA ALA C 59 -23.57 -1.25 17.34
C ALA C 59 -22.72 -1.88 16.25
N LEU C 60 -22.45 -3.19 16.37
CA LEU C 60 -21.69 -3.88 15.33
C LEU C 60 -22.51 -4.07 14.06
N GLN C 61 -23.79 -4.43 14.21
CA GLN C 61 -24.64 -4.62 13.04
C GLN C 61 -24.81 -3.31 12.27
N THR C 62 -25.00 -2.19 12.98
CA THR C 62 -25.12 -0.90 12.33
C THR C 62 -23.78 -0.33 11.90
N LYS C 63 -22.67 -1.04 12.18
CA LYS C 63 -21.32 -0.63 11.78
C LYS C 63 -20.93 0.72 12.37
N ASN C 64 -21.50 1.07 13.52
CA ASN C 64 -21.07 2.27 14.23
C ASN C 64 -19.79 2.04 15.02
N VAL C 65 -19.39 0.79 15.21
CA VAL C 65 -18.17 0.44 15.92
C VAL C 65 -17.45 -0.65 15.13
N ASP C 66 -16.13 -0.61 15.12
CA ASP C 66 -15.36 -1.54 14.25
C ASP C 66 -15.34 -2.97 14.81
N LEU C 67 -15.39 -3.11 16.13
CA LEU C 67 -15.39 -4.42 16.81
C LEU C 67 -15.69 -4.20 18.27
N ALA C 68 -15.81 -5.29 19.03
CA ALA C 68 -16.17 -5.14 20.46
C ALA C 68 -15.74 -6.39 21.21
N LEU C 69 -15.09 -6.23 22.37
CA LEU C 69 -14.76 -7.40 23.23
C LEU C 69 -15.22 -7.04 24.65
N ALA C 70 -16.33 -7.65 25.08
CA ALA C 70 -16.91 -7.36 26.42
C ALA C 70 -17.40 -8.72 26.89
N GLY C 71 -16.48 -9.63 27.22
CA GLY C 71 -16.86 -10.99 27.68
C GLY C 71 -18.03 -11.54 26.87
N ILE C 72 -18.07 -11.25 25.57
CA ILE C 72 -19.18 -11.74 24.70
C ILE C 72 -19.01 -13.24 24.46
N THR C 73 -20.05 -14.02 24.74
CA THR C 73 -19.97 -15.47 24.57
C THR C 73 -20.17 -15.83 23.11
N ILE C 74 -19.35 -16.75 22.61
CA ILE C 74 -19.52 -17.27 21.27
C ILE C 74 -20.76 -18.15 21.25
N CYS C 75 -21.77 -17.74 20.50
CA CYS C 75 -23.07 -18.41 20.47
C CYS C 75 -23.52 -18.57 19.03
N ASP C 76 -24.27 -19.64 18.77
CA ASP C 76 -24.71 -19.93 17.41
C ASP C 76 -25.75 -18.92 16.92
N GLU C 77 -26.67 -18.52 17.80
CA GLU C 77 -27.67 -17.53 17.42
C GLU C 77 -27.03 -16.18 17.10
N ARG C 78 -25.98 -15.82 17.83
CA ARG C 78 -25.30 -14.55 17.59
C ARG C 78 -24.50 -14.56 16.29
N LYS C 79 -24.05 -15.73 15.85
CA LYS C 79 -23.26 -15.81 14.61
C LYS C 79 -24.07 -15.46 13.37
N LYS C 80 -25.40 -15.54 13.43
CA LYS C 80 -26.20 -15.08 12.30
C LYS C 80 -26.12 -13.57 12.11
N ALA C 81 -25.77 -12.84 13.17
CA ALA C 81 -25.79 -11.39 13.16
C ALA C 81 -24.40 -10.77 13.17
N ILE C 82 -23.44 -11.39 13.85
CA ILE C 82 -22.08 -10.86 13.94
C ILE C 82 -21.10 -12.02 13.75
N ASP C 83 -19.84 -11.66 13.53
CA ASP C 83 -18.76 -12.62 13.39
C ASP C 83 -17.89 -12.58 14.63
N PHE C 84 -17.37 -13.75 15.02
CA PHE C 84 -16.54 -13.88 16.22
C PHE C 84 -15.11 -14.22 15.85
N SER C 85 -14.20 -13.85 16.73
CA SER C 85 -12.81 -14.29 16.62
C SER C 85 -12.71 -15.61 17.37
N ASP C 86 -11.51 -16.16 17.47
CA ASP C 86 -11.32 -17.37 18.26
C ASP C 86 -11.47 -17.04 19.74
N GLY C 87 -11.87 -18.04 20.51
CA GLY C 87 -12.11 -17.83 21.93
C GLY C 87 -10.86 -17.53 22.73
N TYR C 88 -11.02 -16.66 23.74
CA TYR C 88 -9.91 -16.23 24.57
C TYR C 88 -10.12 -16.48 26.06
N TYR C 89 -11.26 -17.04 26.47
CA TYR C 89 -11.51 -17.30 27.87
C TYR C 89 -12.65 -18.31 28.01
N LYS C 90 -12.39 -19.40 28.73
CA LYS C 90 -13.40 -20.41 29.00
C LYS C 90 -14.17 -20.01 30.26
N SER C 91 -15.47 -19.77 30.10
CA SER C 91 -16.29 -19.24 31.18
C SER C 91 -17.52 -20.09 31.44
N GLY C 92 -18.45 -19.57 32.24
CA GLY C 92 -19.68 -20.29 32.53
C GLY C 92 -20.61 -19.41 33.33
N LEU C 93 -21.68 -20.04 33.81
CA LEU C 93 -22.69 -19.35 34.63
C LEU C 93 -22.67 -19.94 36.04
N LEU C 94 -23.02 -19.09 37.02
CA LEU C 94 -22.96 -19.48 38.41
C LEU C 94 -24.07 -18.78 39.19
N VAL C 95 -24.59 -19.48 40.19
CA VAL C 95 -25.68 -18.98 41.03
C VAL C 95 -25.08 -18.37 42.29
N MET C 96 -25.47 -17.13 42.59
CA MET C 96 -25.00 -16.43 43.78
C MET C 96 -26.17 -16.14 44.70
N VAL C 97 -25.99 -16.44 45.99
CA VAL C 97 -26.97 -16.15 47.02
C VAL C 97 -26.31 -15.36 48.14
N LYS C 98 -27.13 -14.92 49.10
CA LYS C 98 -26.59 -14.19 50.23
C LYS C 98 -25.75 -15.14 51.08
N ALA C 99 -24.81 -14.58 51.84
CA ALA C 99 -23.91 -15.41 52.62
C ALA C 99 -24.66 -16.16 53.71
N ASN C 100 -25.71 -15.55 54.27
CA ASN C 100 -26.52 -16.15 55.32
C ASN C 100 -27.68 -16.97 54.78
N ASN C 101 -27.49 -17.56 53.61
CA ASN C 101 -28.51 -18.28 52.88
C ASN C 101 -28.26 -19.78 52.88
N ASN C 102 -29.28 -20.54 53.28
CA ASN C 102 -29.19 -21.98 53.40
C ASN C 102 -30.15 -22.82 52.56
N ASP C 103 -31.12 -22.21 51.89
CA ASP C 103 -32.08 -22.99 51.11
C ASP C 103 -31.74 -23.21 49.62
N VAL C 104 -30.70 -22.52 49.16
CA VAL C 104 -30.24 -22.72 47.76
C VAL C 104 -28.82 -23.25 47.78
N LYS C 105 -28.62 -24.49 47.34
CA LYS C 105 -27.30 -25.10 47.25
C LYS C 105 -26.93 -25.47 45.82
N SER C 106 -27.83 -25.29 44.86
CA SER C 106 -27.55 -25.57 43.46
C SER C 106 -28.59 -24.84 42.62
N VAL C 107 -28.40 -24.90 41.30
CA VAL C 107 -29.35 -24.26 40.40
C VAL C 107 -30.70 -24.97 40.48
N LYS C 108 -30.69 -26.25 40.87
CA LYS C 108 -31.92 -27.00 41.08
C LYS C 108 -32.77 -26.40 42.19
N ASP C 109 -32.13 -25.78 43.18
CA ASP C 109 -32.84 -25.13 44.28
C ASP C 109 -33.41 -23.77 43.91
N LEU C 110 -33.40 -23.41 42.63
CA LEU C 110 -33.95 -22.13 42.19
C LEU C 110 -35.32 -22.28 41.55
N ASP C 111 -35.99 -23.40 41.79
CA ASP C 111 -37.34 -23.60 41.28
C ASP C 111 -38.31 -22.82 42.16
N GLY C 112 -39.19 -22.04 41.53
CA GLY C 112 -40.10 -21.21 42.31
C GLY C 112 -39.43 -20.15 43.16
N LYS C 113 -38.37 -19.52 42.64
CA LYS C 113 -37.68 -18.46 43.34
C LYS C 113 -37.61 -17.23 42.44
N VAL C 114 -37.18 -16.12 43.02
CA VAL C 114 -37.02 -14.86 42.31
C VAL C 114 -35.55 -14.70 41.98
N VAL C 115 -35.22 -14.65 40.69
CA VAL C 115 -33.85 -14.56 40.21
C VAL C 115 -33.66 -13.26 39.47
N ALA C 116 -32.62 -12.52 39.83
CA ALA C 116 -32.27 -11.28 39.15
C ALA C 116 -31.13 -11.56 38.18
N VAL C 117 -31.24 -11.02 36.97
CA VAL C 117 -30.26 -11.22 35.91
C VAL C 117 -30.07 -9.90 35.17
N LYS C 118 -29.06 -9.88 34.30
CA LYS C 118 -28.73 -8.70 33.52
C LYS C 118 -29.39 -8.82 32.14
N SER C 119 -30.07 -7.76 31.73
CA SER C 119 -30.80 -7.77 30.46
C SER C 119 -29.86 -7.90 29.27
N GLY C 120 -30.29 -8.66 28.27
CA GLY C 120 -29.55 -8.81 27.03
C GLY C 120 -28.43 -9.84 27.06
N THR C 121 -28.21 -10.52 28.18
CA THR C 121 -27.14 -11.48 28.30
C THR C 121 -27.69 -12.90 28.19
N GLY C 122 -26.78 -13.86 28.16
CA GLY C 122 -27.18 -15.27 28.09
C GLY C 122 -27.79 -15.80 29.36
N SER C 123 -27.56 -15.14 30.49
CA SER C 123 -28.17 -15.56 31.74
C SER C 123 -29.69 -15.50 31.68
N VAL C 124 -30.24 -14.56 30.91
CA VAL C 124 -31.68 -14.46 30.76
C VAL C 124 -32.26 -15.68 30.05
N ASP C 125 -31.63 -16.08 28.93
CA ASP C 125 -32.12 -17.23 28.18
C ASP C 125 -31.94 -18.54 28.94
N TYR C 126 -30.80 -18.70 29.62
CA TYR C 126 -30.58 -19.93 30.38
C TYR C 126 -31.66 -20.06 31.45
N ALA C 127 -31.95 -18.97 32.17
CA ALA C 127 -33.00 -19.01 33.18
C ALA C 127 -34.35 -19.27 32.54
N LYS C 128 -34.59 -18.69 31.36
CA LYS C 128 -35.85 -18.89 30.67
C LYS C 128 -36.01 -20.33 30.20
N ALA C 129 -34.91 -21.00 29.87
CA ALA C 129 -34.96 -22.34 29.28
C ALA C 129 -34.71 -23.46 30.28
N ASN C 130 -34.22 -23.17 31.49
CA ASN C 130 -33.85 -24.23 32.42
C ASN C 130 -34.41 -24.06 33.83
N ILE C 131 -34.95 -22.90 34.19
CA ILE C 131 -35.39 -22.64 35.56
C ILE C 131 -36.83 -22.17 35.53
N LYS C 132 -37.66 -22.75 36.40
CA LYS C 132 -39.06 -22.36 36.55
C LYS C 132 -39.12 -21.29 37.65
N THR C 133 -38.72 -20.08 37.29
CA THR C 133 -38.63 -19.00 38.27
C THR C 133 -40.01 -18.48 38.63
N LYS C 134 -40.17 -18.14 39.92
CA LYS C 134 -41.34 -17.38 40.34
C LYS C 134 -41.35 -16.00 39.69
N ASP C 135 -40.18 -15.39 39.53
CA ASP C 135 -40.05 -14.12 38.83
C ASP C 135 -38.63 -14.01 38.30
N LEU C 136 -38.49 -13.59 37.04
CA LEU C 136 -37.19 -13.34 36.42
C LEU C 136 -36.98 -11.84 36.33
N ARG C 137 -36.07 -11.32 37.16
CA ARG C 137 -35.80 -9.89 37.27
C ARG C 137 -34.65 -9.48 36.37
N GLN C 138 -34.92 -8.62 35.40
CA GLN C 138 -33.89 -8.13 34.49
C GLN C 138 -33.49 -6.70 34.84
N PHE C 139 -32.19 -6.45 34.79
CA PHE C 139 -31.62 -5.14 35.07
C PHE C 139 -30.59 -4.79 34.01
N PRO C 140 -30.54 -3.54 33.55
CA PRO C 140 -29.56 -3.18 32.51
C PRO C 140 -28.12 -3.35 32.94
N ASN C 141 -27.82 -3.14 34.22
CA ASN C 141 -26.48 -3.31 34.76
C ASN C 141 -26.53 -4.33 35.89
N ILE C 142 -25.45 -5.10 36.03
CA ILE C 142 -25.46 -6.25 36.93
C ILE C 142 -25.43 -5.80 38.38
N ASP C 143 -24.90 -4.60 38.66
CA ASP C 143 -24.91 -4.08 40.03
C ASP C 143 -26.33 -3.91 40.56
N ASN C 144 -27.29 -3.63 39.68
CA ASN C 144 -28.69 -3.58 40.11
C ASN C 144 -29.20 -4.95 40.50
N ALA C 145 -28.70 -6.01 39.85
CA ALA C 145 -29.08 -7.36 40.24
C ALA C 145 -28.45 -7.74 41.57
N TYR C 146 -27.19 -7.34 41.80
CA TYR C 146 -26.57 -7.54 43.10
C TYR C 146 -27.37 -6.84 44.19
N MET C 147 -27.76 -5.59 43.93
CA MET C 147 -28.56 -4.81 44.89
C MET C 147 -29.86 -5.53 45.22
N GLU C 148 -30.55 -6.03 44.19
CA GLU C 148 -31.82 -6.71 44.40
C GLU C 148 -31.68 -7.94 45.27
N LEU C 149 -30.53 -8.61 45.23
CA LEU C 149 -30.26 -9.73 46.11
C LEU C 149 -29.92 -9.26 47.52
N GLY C 150 -29.19 -8.14 47.63
CA GLY C 150 -28.75 -7.68 48.94
C GLY C 150 -29.94 -7.30 49.80
N THR C 151 -30.93 -6.65 49.20
CA THR C 151 -32.16 -6.33 49.93
C THR C 151 -33.15 -7.48 50.00
N ASN C 152 -32.77 -8.65 49.50
CA ASN C 152 -33.54 -9.89 49.64
C ASN C 152 -34.88 -9.73 48.90
N ARG C 153 -34.93 -8.84 47.91
CA ARG C 153 -36.06 -8.81 46.99
C ARG C 153 -35.96 -9.91 45.95
N ALA C 154 -34.75 -10.42 45.72
CA ALA C 154 -34.52 -11.54 44.83
C ALA C 154 -33.77 -12.63 45.58
N ASP C 155 -34.02 -13.87 45.20
CA ASP C 155 -33.44 -15.00 45.90
C ASP C 155 -32.04 -15.36 45.43
N ALA C 156 -31.70 -15.08 44.17
CA ALA C 156 -30.35 -15.39 43.69
C ALA C 156 -30.06 -14.58 42.44
N VAL C 157 -28.76 -14.41 42.17
CA VAL C 157 -28.27 -13.84 40.92
C VAL C 157 -27.57 -14.93 40.12
N LEU C 158 -27.85 -14.97 38.82
CA LEU C 158 -27.22 -15.89 37.89
C LEU C 158 -26.45 -15.07 36.86
N HIS C 159 -25.12 -15.17 36.90
CA HIS C 159 -24.28 -14.41 35.98
C HIS C 159 -22.97 -15.15 35.76
N ASP C 160 -22.10 -14.56 34.95
CA ASP C 160 -20.86 -15.22 34.55
C ASP C 160 -19.97 -15.65 35.71
N THR C 161 -19.38 -16.83 35.57
CA THR C 161 -18.52 -17.37 36.64
C THR C 161 -17.39 -16.41 36.97
N PRO C 162 -16.57 -15.92 36.02
CA PRO C 162 -15.48 -15.00 36.43
C PRO C 162 -15.95 -13.69 37.04
N ASN C 163 -17.19 -13.29 36.77
CA ASN C 163 -17.74 -12.06 37.34
C ASN C 163 -18.25 -12.27 38.76
N ILE C 164 -18.98 -13.37 39.00
CA ILE C 164 -19.52 -13.64 40.33
C ILE C 164 -18.39 -13.86 41.33
N LEU C 165 -17.35 -14.59 40.93
CA LEU C 165 -16.24 -14.84 41.85
C LEU C 165 -15.46 -13.57 42.14
N TYR C 166 -15.19 -12.75 41.11
CA TYR C 166 -14.46 -11.51 41.34
C TYR C 166 -15.27 -10.52 42.17
N PHE C 167 -16.60 -10.57 42.11
CA PHE C 167 -17.44 -9.68 42.95
C PHE C 167 -17.33 -10.07 44.43
N ILE C 168 -17.57 -11.35 44.74
CA ILE C 168 -17.52 -11.83 46.15
C ILE C 168 -16.17 -11.46 46.76
N LYS C 169 -15.13 -11.38 45.95
CA LYS C 169 -13.76 -11.13 46.48
C LYS C 169 -13.48 -9.64 46.57
N THR C 170 -14.16 -8.81 45.77
CA THR C 170 -13.79 -7.38 45.72
C THR C 170 -14.89 -6.47 46.26
N ALA C 171 -16.16 -6.74 45.97
CA ALA C 171 -17.22 -5.82 46.38
C ALA C 171 -18.37 -6.51 47.10
N GLY C 172 -18.22 -7.78 47.47
CA GLY C 172 -19.26 -8.49 48.18
C GLY C 172 -19.22 -8.31 49.69
N ASN C 173 -18.02 -8.19 50.22
CA ASN C 173 -17.79 -8.01 51.67
C ASN C 173 -18.39 -9.14 52.50
N GLY C 174 -18.21 -10.36 52.03
CA GLY C 174 -18.69 -11.53 52.74
C GLY C 174 -20.18 -11.51 52.96
N GLN C 175 -20.92 -10.75 52.15
CA GLN C 175 -22.37 -10.72 52.22
C GLN C 175 -23.01 -11.54 51.11
N PHE C 176 -22.22 -12.02 50.17
CA PHE C 176 -22.67 -12.87 49.08
C PHE C 176 -21.71 -14.04 48.96
N LYS C 177 -22.21 -15.15 48.43
CA LYS C 177 -21.41 -16.36 48.30
C LYS C 177 -21.79 -17.09 47.02
N ALA C 178 -20.83 -17.86 46.51
CA ALA C 178 -21.02 -18.64 45.29
C ALA C 178 -21.47 -20.04 45.67
N VAL C 179 -22.65 -20.44 45.17
CA VAL C 179 -23.18 -21.76 45.44
C VAL C 179 -23.28 -22.56 44.14
N GLY C 180 -22.87 -23.82 44.22
CA GLY C 180 -22.86 -24.69 43.05
C GLY C 180 -21.50 -24.77 42.39
N ASP C 181 -21.53 -25.18 41.12
CA ASP C 181 -20.34 -25.24 40.28
C ASP C 181 -20.64 -24.52 38.97
N SER C 182 -19.60 -24.27 38.20
CA SER C 182 -19.73 -23.54 36.95
C SER C 182 -20.67 -24.25 35.99
N LEU C 183 -21.73 -23.56 35.59
CA LEU C 183 -22.73 -24.06 34.65
C LEU C 183 -22.53 -23.40 33.29
N GLU C 184 -23.24 -23.92 32.29
CA GLU C 184 -23.25 -23.36 30.94
C GLU C 184 -21.82 -23.04 30.46
N ALA C 185 -21.02 -24.10 30.31
CA ALA C 185 -19.66 -23.94 29.81
C ALA C 185 -19.69 -23.19 28.48
N GLN C 186 -18.82 -22.19 28.37
CA GLN C 186 -18.89 -21.28 27.23
C GLN C 186 -17.52 -20.69 26.92
N GLN C 187 -17.45 -19.93 25.84
CA GLN C 187 -16.16 -19.32 25.45
C GLN C 187 -16.37 -17.87 25.02
N TYR C 188 -15.60 -16.97 25.57
CA TYR C 188 -15.64 -15.54 25.22
C TYR C 188 -14.85 -15.32 23.94
N GLY C 189 -15.37 -14.43 23.09
CA GLY C 189 -14.70 -14.12 21.83
C GLY C 189 -14.86 -12.66 21.48
N ILE C 190 -13.90 -12.15 20.73
CA ILE C 190 -13.97 -10.78 20.23
C ILE C 190 -14.95 -10.74 19.06
N ALA C 191 -15.92 -9.82 19.13
CA ALA C 191 -17.01 -9.76 18.18
C ALA C 191 -16.72 -8.73 17.10
N PHE C 192 -17.10 -9.07 15.87
CA PHE C 192 -16.83 -8.17 14.74
C PHE C 192 -18.08 -8.06 13.88
N PRO C 193 -18.32 -6.93 13.21
CA PRO C 193 -19.43 -6.83 12.26
C PRO C 193 -19.22 -7.75 11.08
N LYS C 194 -20.33 -8.14 10.45
CA LYS C 194 -20.27 -8.98 9.26
C LYS C 194 -19.45 -8.31 8.17
N GLY C 195 -18.45 -9.01 7.66
CA GLY C 195 -17.57 -8.48 6.63
C GLY C 195 -16.20 -8.04 7.07
N SER C 196 -15.88 -8.15 8.36
CA SER C 196 -14.56 -7.76 8.86
C SER C 196 -13.67 -8.97 9.16
N ASP C 197 -13.47 -9.82 8.15
CA ASP C 197 -12.72 -11.09 8.33
C ASP C 197 -11.22 -10.86 8.17
N GLU C 198 -10.82 -9.92 7.33
CA GLU C 198 -9.37 -9.61 7.27
C GLU C 198 -8.95 -9.25 8.69
N LEU C 199 -9.58 -8.23 9.28
CA LEU C 199 -9.29 -7.83 10.65
C LEU C 199 -9.49 -9.01 11.60
N ARG C 200 -10.49 -9.84 11.31
CA ARG C 200 -10.72 -11.04 12.11
C ARG C 200 -9.52 -11.97 12.06
N ASP C 201 -8.95 -12.16 10.86
CA ASP C 201 -7.77 -13.01 10.72
C ASP C 201 -6.56 -12.41 11.42
N LYS C 202 -6.41 -11.09 11.36
CA LYS C 202 -5.27 -10.46 12.02
C LYS C 202 -5.36 -10.59 13.55
N VAL C 203 -6.55 -10.35 14.11
CA VAL C 203 -6.70 -10.44 15.56
C VAL C 203 -6.51 -11.86 16.08
N ASN C 204 -6.99 -12.86 15.33
CA ASN C 204 -6.75 -14.25 15.70
C ASN C 204 -5.27 -14.60 15.61
N GLY C 205 -4.56 -13.96 14.67
CA GLY C 205 -3.13 -14.19 14.58
C GLY C 205 -2.43 -13.57 15.77
N ALA C 206 -2.78 -12.32 16.10
CA ALA C 206 -2.22 -11.68 17.28
C ALA C 206 -2.61 -12.42 18.56
N LEU C 207 -3.79 -13.01 18.59
CA LEU C 207 -4.14 -13.76 19.82
C LEU C 207 -3.15 -14.88 20.01
N LYS C 208 -2.93 -15.70 18.97
CA LYS C 208 -2.05 -16.84 19.15
C LYS C 208 -0.65 -16.41 19.57
N THR C 209 -0.15 -15.32 19.00
CA THR C 209 1.13 -14.75 19.46
C THR C 209 1.08 -14.42 20.93
N LEU C 210 0.01 -13.76 21.38
CA LEU C 210 -0.07 -13.36 22.78
C LEU C 210 -0.18 -14.55 23.72
N ARG C 211 -0.78 -15.65 23.26
CA ARG C 211 -0.86 -16.85 24.08
C ARG C 211 0.48 -17.58 24.15
N GLU C 212 1.31 -17.45 23.12
CA GLU C 212 2.55 -18.23 23.05
C GLU C 212 3.74 -17.53 23.67
N ASN C 213 3.83 -16.20 23.56
CA ASN C 213 4.96 -15.48 24.14
C ASN C 213 4.79 -15.21 25.64
N GLY C 214 3.69 -15.67 26.25
CA GLY C 214 3.49 -15.48 27.66
C GLY C 214 2.78 -14.20 28.04
N THR C 215 2.50 -13.32 27.07
CA THR C 215 1.83 -12.06 27.40
C THR C 215 0.43 -12.30 27.91
N TYR C 216 -0.27 -13.29 27.36
CA TYR C 216 -1.61 -13.63 27.88
C TYR C 216 -1.49 -14.05 29.33
N ASN C 217 -0.57 -14.97 29.62
CA ASN C 217 -0.48 -15.50 30.98
C ASN C 217 -0.16 -14.40 31.98
N GLU C 218 0.53 -13.34 31.54
CA GLU C 218 0.74 -12.19 32.41
C GLU C 218 -0.58 -11.48 32.69
N ILE C 219 -1.38 -11.25 31.64
CA ILE C 219 -2.66 -10.57 31.82
C ILE C 219 -3.62 -11.44 32.63
N TYR C 220 -3.60 -12.75 32.41
CA TYR C 220 -4.44 -13.65 33.19
C TYR C 220 -4.07 -13.62 34.67
N LYS C 221 -2.76 -13.72 34.96
CA LYS C 221 -2.32 -13.71 36.35
C LYS C 221 -2.64 -12.39 37.04
N LYS C 222 -2.67 -11.28 36.29
CA LYS C 222 -2.93 -9.98 36.89
C LYS C 222 -4.33 -9.90 37.47
N TRP C 223 -5.30 -10.48 36.78
CA TRP C 223 -6.72 -10.31 37.20
C TRP C 223 -7.28 -11.59 37.82
N PHE C 224 -6.79 -12.77 37.42
CA PHE C 224 -7.40 -14.03 37.89
C PHE C 224 -6.39 -14.86 38.67
N GLY C 225 -5.21 -14.30 38.94
CA GLY C 225 -4.19 -15.01 39.75
C GLY C 225 -4.18 -16.49 39.44
N LYS D 6 -44.32 -16.07 53.10
CA LYS D 6 -44.61 -14.66 52.73
C LYS D 6 -43.42 -13.84 53.21
N LYS D 7 -42.98 -12.88 52.39
CA LYS D 7 -41.80 -12.06 52.75
C LYS D 7 -42.33 -10.66 53.05
N LEU D 8 -42.32 -10.28 54.32
CA LEU D 8 -42.71 -8.92 54.70
C LEU D 8 -41.88 -7.87 53.96
N VAL D 9 -42.54 -6.76 53.63
CA VAL D 9 -41.83 -5.63 52.95
C VAL D 9 -41.58 -4.54 53.99
N VAL D 10 -40.32 -4.19 54.19
CA VAL D 10 -39.86 -3.22 55.18
C VAL D 10 -39.35 -1.99 54.44
N ALA D 11 -40.04 -0.87 54.61
CA ALA D 11 -39.61 0.38 54.01
C ALA D 11 -38.56 1.06 54.87
N THR D 12 -37.57 1.67 54.23
CA THR D 12 -36.50 2.36 54.94
C THR D 12 -36.10 3.58 54.13
N ASP D 13 -35.34 4.46 54.77
CA ASP D 13 -34.87 5.67 54.09
C ASP D 13 -33.69 5.35 53.19
N THR D 14 -33.61 6.04 52.06
CA THR D 14 -32.50 5.84 51.13
C THR D 14 -31.17 6.17 51.79
N ALA D 15 -31.15 7.21 52.63
CA ALA D 15 -29.92 7.64 53.28
C ALA D 15 -30.29 8.37 54.57
N PHE D 16 -29.96 7.76 55.72
CA PHE D 16 -30.16 8.35 57.03
C PHE D 16 -29.05 7.81 57.93
N VAL D 17 -27.84 8.28 57.68
CA VAL D 17 -26.65 7.77 58.36
C VAL D 17 -26.70 8.17 59.83
N PRO D 18 -26.41 7.26 60.78
CA PRO D 18 -26.00 5.87 60.60
C PRO D 18 -27.10 4.85 60.85
N PHE D 19 -28.37 5.20 60.68
CA PHE D 19 -29.44 4.21 60.91
C PHE D 19 -29.65 3.33 59.69
N GLU D 20 -29.53 3.90 58.49
CA GLU D 20 -29.56 3.12 57.26
C GLU D 20 -28.86 3.93 56.17
N PHE D 21 -27.98 3.26 55.42
CA PHE D 21 -27.33 3.86 54.27
C PHE D 21 -26.78 2.74 53.40
N LYS D 22 -26.57 3.06 52.13
CA LYS D 22 -26.06 2.09 51.17
C LYS D 22 -24.55 1.95 51.33
N GLN D 23 -24.09 0.73 51.61
CA GLN D 23 -22.67 0.40 51.68
C GLN D 23 -22.41 -0.72 50.68
N GLY D 24 -21.90 -0.34 49.52
CA GLY D 24 -21.69 -1.31 48.45
C GLY D 24 -23.02 -1.67 47.82
N ASP D 25 -23.27 -2.96 47.64
CA ASP D 25 -24.50 -3.45 47.05
C ASP D 25 -25.55 -3.92 48.05
N ILE D 26 -25.49 -3.44 49.29
CA ILE D 26 -26.44 -3.76 50.35
C ILE D 26 -26.62 -2.54 51.22
N TYR D 27 -27.64 -2.59 52.09
CA TYR D 27 -27.91 -1.54 53.06
C TYR D 27 -27.51 -1.97 54.47
N VAL D 28 -26.95 -1.03 55.23
CA VAL D 28 -26.47 -1.27 56.58
C VAL D 28 -26.81 -0.07 57.46
N GLY D 29 -26.84 -0.31 58.76
CA GLY D 29 -27.10 0.76 59.71
C GLY D 29 -27.71 0.21 60.98
N PHE D 30 -27.99 1.13 61.90
CA PHE D 30 -28.61 0.75 63.18
C PHE D 30 -29.97 0.10 62.95
N ASP D 31 -30.84 0.76 62.19
CA ASP D 31 -32.18 0.22 61.94
C ASP D 31 -32.10 -1.09 61.17
N VAL D 32 -31.14 -1.20 60.26
CA VAL D 32 -30.98 -2.44 59.49
C VAL D 32 -30.55 -3.58 60.40
N ASP D 33 -29.60 -3.33 61.29
CA ASP D 33 -29.17 -4.38 62.21
C ASP D 33 -30.25 -4.71 63.23
N LEU D 34 -30.93 -3.69 63.75
CA LEU D 34 -31.95 -3.92 64.78
C LEU D 34 -33.11 -4.75 64.23
N TRP D 35 -33.55 -4.47 63.00
CA TRP D 35 -34.66 -5.22 62.44
C TRP D 35 -34.26 -6.65 62.12
N ALA D 36 -33.04 -6.84 61.59
CA ALA D 36 -32.55 -8.19 61.33
C ALA D 36 -32.54 -9.01 62.62
N ALA D 37 -32.25 -8.37 63.75
CA ALA D 37 -32.32 -9.07 65.04
C ALA D 37 -33.77 -9.33 65.45
N ILE D 38 -34.67 -8.38 65.21
CA ILE D 38 -36.08 -8.60 65.50
C ILE D 38 -36.63 -9.71 64.61
N ALA D 39 -36.37 -9.62 63.31
CA ALA D 39 -36.87 -10.62 62.37
C ALA D 39 -36.29 -12.00 62.66
N LYS D 40 -35.05 -12.05 63.13
CA LYS D 40 -34.43 -13.32 63.50
C LYS D 40 -35.13 -13.93 64.71
N GLU D 41 -35.39 -13.11 65.72
CA GLU D 41 -36.09 -13.58 66.91
C GLU D 41 -37.47 -14.11 66.58
N LEU D 42 -38.21 -13.40 65.72
CA LEU D 42 -39.57 -13.75 65.36
C LEU D 42 -39.66 -14.74 64.20
N LYS D 43 -38.53 -15.15 63.62
CA LYS D 43 -38.50 -16.08 62.50
C LYS D 43 -39.35 -15.56 61.32
N LEU D 44 -39.07 -14.33 60.92
CA LEU D 44 -39.78 -13.68 59.83
C LEU D 44 -38.84 -13.48 58.64
N ASP D 45 -39.38 -13.67 57.45
CA ASP D 45 -38.67 -13.37 56.21
C ASP D 45 -39.12 -12.00 55.71
N TYR D 46 -38.17 -11.19 55.25
CA TYR D 46 -38.49 -9.83 54.88
C TYR D 46 -37.61 -9.41 53.72
N GLU D 47 -37.94 -8.27 53.12
CA GLU D 47 -37.14 -7.63 52.11
C GLU D 47 -37.14 -6.13 52.35
N LEU D 48 -36.01 -5.48 52.12
CA LEU D 48 -35.90 -4.04 52.30
C LEU D 48 -36.22 -3.32 51.00
N LYS D 49 -36.94 -2.20 51.14
CA LYS D 49 -37.32 -1.35 50.00
C LYS D 49 -37.01 0.09 50.36
N PRO D 50 -35.78 0.54 50.13
CA PRO D 50 -35.43 1.93 50.43
C PRO D 50 -36.16 2.90 49.52
N MET D 51 -36.51 4.06 50.08
CA MET D 51 -37.21 5.10 49.36
C MET D 51 -36.98 6.37 50.16
N ASP D 52 -37.30 7.50 49.54
CA ASP D 52 -37.17 8.77 50.25
C ASP D 52 -38.23 8.87 51.34
N PHE D 53 -37.87 9.58 52.42
CA PHE D 53 -38.72 9.62 53.61
C PHE D 53 -40.14 10.13 53.39
N SER D 54 -40.33 11.06 52.45
CA SER D 54 -41.64 11.65 52.23
C SER D 54 -42.69 10.65 51.76
N GLY D 55 -42.27 9.45 51.34
CA GLY D 55 -43.18 8.42 50.89
C GLY D 55 -43.31 7.23 51.80
N ILE D 56 -42.67 7.24 52.98
CA ILE D 56 -42.73 6.10 53.87
C ILE D 56 -44.08 6.00 54.56
N ILE D 57 -44.52 7.09 55.20
CA ILE D 57 -45.85 7.10 55.82
C ILE D 57 -46.97 6.92 54.79
N PRO D 58 -46.97 7.60 53.64
CA PRO D 58 -47.99 7.27 52.63
C PRO D 58 -47.94 5.83 52.15
N ALA D 59 -46.75 5.22 52.07
CA ALA D 59 -46.68 3.82 51.69
C ALA D 59 -47.34 2.94 52.74
N LEU D 60 -47.22 3.31 54.02
CA LEU D 60 -47.91 2.58 55.07
C LEU D 60 -49.41 2.80 55.00
N GLN D 61 -49.83 4.03 54.69
CA GLN D 61 -51.28 4.33 54.62
C GLN D 61 -51.92 3.54 53.48
N THR D 62 -51.25 3.43 52.34
CA THR D 62 -51.78 2.67 51.22
C THR D 62 -51.57 1.17 51.36
N LYS D 63 -50.91 0.73 52.43
CA LYS D 63 -50.69 -0.69 52.72
C LYS D 63 -49.88 -1.40 51.63
N ASN D 64 -49.03 -0.65 50.93
CA ASN D 64 -48.11 -1.25 49.97
C ASN D 64 -46.87 -1.85 50.64
N VAL D 65 -46.62 -1.52 51.91
CA VAL D 65 -45.50 -2.07 52.65
C VAL D 65 -46.01 -2.50 54.02
N ASP D 66 -45.39 -3.53 54.57
CA ASP D 66 -45.90 -4.14 55.79
C ASP D 66 -45.50 -3.37 57.05
N LEU D 67 -44.33 -2.73 57.02
CA LEU D 67 -43.82 -1.93 58.17
C LEU D 67 -42.64 -1.06 57.71
N ALA D 68 -42.14 -0.20 58.59
CA ALA D 68 -41.02 0.70 58.22
C ALA D 68 -40.09 1.03 59.38
N LEU D 69 -38.78 1.01 59.13
CA LEU D 69 -37.79 1.32 60.19
C LEU D 69 -36.79 2.39 59.72
N ALA D 70 -37.21 3.66 59.73
CA ALA D 70 -36.33 4.76 59.26
C ALA D 70 -36.34 5.95 60.23
N GLY D 71 -35.99 5.70 61.51
CA GLY D 71 -35.93 6.79 62.50
C GLY D 71 -37.21 7.60 62.52
N ILE D 72 -38.36 6.96 62.30
CA ILE D 72 -39.67 7.66 62.29
C ILE D 72 -40.01 8.09 63.72
N THR D 73 -40.06 9.39 63.98
CA THR D 73 -40.34 9.89 65.34
C THR D 73 -41.76 9.50 65.73
N ILE D 74 -41.95 9.04 66.96
CA ILE D 74 -43.31 8.72 67.46
C ILE D 74 -43.98 10.05 67.78
N CYS D 75 -45.01 10.40 67.02
CA CYS D 75 -45.68 11.68 67.15
C CYS D 75 -47.18 11.49 67.22
N ASP D 76 -47.85 12.38 67.97
CA ASP D 76 -49.28 12.24 68.16
C ASP D 76 -50.03 12.52 66.86
N GLU D 77 -49.60 13.55 66.12
CA GLU D 77 -50.21 13.81 64.82
C GLU D 77 -49.96 12.66 63.85
N ARG D 78 -48.77 12.05 63.91
CA ARG D 78 -48.51 10.89 63.07
C ARG D 78 -49.32 9.68 63.52
N LYS D 79 -49.69 9.63 64.80
CA LYS D 79 -50.52 8.54 65.29
C LYS D 79 -51.92 8.57 64.67
N LYS D 80 -52.34 9.71 64.11
CA LYS D 80 -53.60 9.75 63.38
C LYS D 80 -53.56 8.94 62.10
N ALA D 81 -52.38 8.70 61.56
CA ALA D 81 -52.23 8.06 60.25
C ALA D 81 -51.63 6.67 60.30
N ILE D 82 -50.68 6.43 61.21
CA ILE D 82 -50.01 5.14 61.32
C ILE D 82 -49.90 4.76 62.79
N ASP D 83 -49.54 3.51 63.03
CA ASP D 83 -49.32 2.99 64.36
C ASP D 83 -47.82 2.82 64.61
N PHE D 84 -47.41 3.06 65.85
CA PHE D 84 -46.01 2.97 66.24
C PHE D 84 -45.81 1.81 67.19
N SER D 85 -44.59 1.29 67.22
CA SER D 85 -44.22 0.29 68.21
C SER D 85 -43.70 1.01 69.46
N ASP D 86 -43.22 0.23 70.43
CA ASP D 86 -42.60 0.83 71.59
C ASP D 86 -41.29 1.46 71.19
N GLY D 87 -41.05 2.67 71.69
CA GLY D 87 -39.86 3.42 71.33
C GLY D 87 -38.58 2.64 71.55
N TYR D 88 -37.61 2.80 70.65
CA TYR D 88 -36.38 2.03 70.70
C TYR D 88 -35.12 2.90 70.68
N TYR D 89 -35.27 4.22 70.64
CA TYR D 89 -34.09 5.09 70.59
C TYR D 89 -34.49 6.50 70.99
N LYS D 90 -33.79 7.06 71.96
CA LYS D 90 -34.01 8.42 72.42
C LYS D 90 -33.24 9.40 71.54
N SER D 91 -33.96 10.29 70.87
CA SER D 91 -33.31 11.20 69.93
C SER D 91 -33.68 12.66 70.23
N GLY D 92 -33.29 13.55 69.33
CA GLY D 92 -33.60 14.96 69.50
C GLY D 92 -33.13 15.74 68.29
N LEU D 93 -33.20 17.07 68.41
CA LEU D 93 -32.71 17.96 67.39
C LEU D 93 -31.52 18.76 67.91
N LEU D 94 -30.61 19.12 67.01
CA LEU D 94 -29.39 19.79 67.42
C LEU D 94 -28.94 20.75 66.34
N VAL D 95 -28.34 21.86 66.76
CA VAL D 95 -27.86 22.90 65.86
C VAL D 95 -26.38 22.70 65.52
N MET D 96 -26.09 22.71 64.22
CA MET D 96 -24.69 22.56 63.74
C MET D 96 -24.22 23.80 62.97
N VAL D 97 -23.08 24.35 63.35
CA VAL D 97 -22.47 25.50 62.70
C VAL D 97 -21.03 25.16 62.32
N LYS D 98 -20.42 26.04 61.54
CA LYS D 98 -19.03 25.86 61.17
C LYS D 98 -18.12 26.01 62.39
N ALA D 99 -16.92 25.43 62.29
CA ALA D 99 -15.99 25.45 63.42
C ALA D 99 -15.58 26.88 63.78
N ASN D 100 -15.50 27.77 62.79
CA ASN D 100 -15.09 29.16 62.99
C ASN D 100 -16.27 30.08 63.26
N ASN D 101 -17.32 29.60 63.91
CA ASN D 101 -18.54 30.35 64.16
C ASN D 101 -18.71 30.61 65.66
N ASN D 102 -18.86 31.89 66.02
CA ASN D 102 -19.01 32.30 67.41
C ASN D 102 -20.28 33.09 67.70
N ASP D 103 -21.05 33.48 66.68
CA ASP D 103 -22.27 34.25 66.93
C ASP D 103 -23.48 33.37 67.23
N VAL D 104 -23.43 32.09 66.91
CA VAL D 104 -24.49 31.15 67.24
C VAL D 104 -24.00 30.29 68.40
N LYS D 105 -24.72 30.36 69.52
CA LYS D 105 -24.45 29.55 70.69
C LYS D 105 -25.67 28.77 71.13
N SER D 106 -26.83 29.03 70.54
CA SER D 106 -28.07 28.35 70.85
C SER D 106 -29.02 28.60 69.68
N VAL D 107 -30.20 27.96 69.74
CA VAL D 107 -31.17 28.10 68.67
C VAL D 107 -31.68 29.54 68.59
N LYS D 108 -31.71 30.24 69.73
CA LYS D 108 -32.15 31.63 69.75
C LYS D 108 -31.25 32.53 68.91
N ASP D 109 -29.97 32.18 68.78
CA ASP D 109 -29.05 32.96 67.97
C ASP D 109 -29.23 32.71 66.48
N LEU D 110 -30.27 31.98 66.08
CA LEU D 110 -30.54 31.70 64.68
C LEU D 110 -31.71 32.52 64.15
N ASP D 111 -32.09 33.59 64.85
CA ASP D 111 -33.16 34.46 64.39
C ASP D 111 -32.65 35.38 63.28
N GLY D 112 -33.42 35.47 62.21
CA GLY D 112 -33.01 36.22 61.04
C GLY D 112 -31.79 35.65 60.36
N LYS D 113 -31.66 34.33 60.34
CA LYS D 113 -30.55 33.64 59.67
C LYS D 113 -31.11 32.56 58.76
N VAL D 114 -30.21 31.94 57.99
CA VAL D 114 -30.57 30.89 57.04
C VAL D 114 -30.25 29.54 57.70
N VAL D 115 -31.28 28.73 57.87
CA VAL D 115 -31.16 27.41 58.49
C VAL D 115 -31.54 26.36 57.47
N ALA D 116 -30.68 25.36 57.28
CA ALA D 116 -30.92 24.26 56.36
C ALA D 116 -31.41 23.04 57.11
N VAL D 117 -32.43 22.38 56.55
CA VAL D 117 -33.05 21.20 57.14
C VAL D 117 -33.36 20.20 56.04
N LYS D 118 -33.78 19.01 56.45
CA LYS D 118 -34.12 17.94 55.53
C LYS D 118 -35.62 17.95 55.25
N SER D 119 -35.98 17.86 53.97
CA SER D 119 -37.39 17.94 53.59
C SER D 119 -38.16 16.75 54.14
N GLY D 120 -39.40 17.01 54.58
CA GLY D 120 -40.27 15.97 55.06
C GLY D 120 -40.04 15.55 56.49
N THR D 121 -39.10 16.16 57.19
CA THR D 121 -38.75 15.77 58.55
C THR D 121 -39.38 16.70 59.58
N GLY D 122 -39.24 16.32 60.85
CA GLY D 122 -39.76 17.12 61.94
C GLY D 122 -38.98 18.39 62.21
N SER D 123 -37.72 18.45 61.77
CA SER D 123 -36.94 19.67 61.92
C SER D 123 -37.55 20.84 61.18
N VAL D 124 -38.25 20.57 60.08
CA VAL D 124 -38.90 21.63 59.34
C VAL D 124 -40.02 22.24 60.17
N ASP D 125 -40.81 21.40 60.84
CA ASP D 125 -41.90 21.90 61.68
C ASP D 125 -41.34 22.67 62.87
N TYR D 126 -40.32 22.12 63.53
CA TYR D 126 -39.71 22.80 64.67
C TYR D 126 -39.13 24.15 64.27
N ALA D 127 -38.41 24.19 63.15
CA ALA D 127 -37.81 25.44 62.70
C ALA D 127 -38.88 26.46 62.33
N LYS D 128 -39.99 26.00 61.74
CA LYS D 128 -41.06 26.91 61.37
C LYS D 128 -41.74 27.52 62.60
N ALA D 129 -41.79 26.79 63.71
CA ALA D 129 -42.57 27.22 64.87
C ALA D 129 -41.73 27.88 65.95
N ASN D 130 -40.40 27.75 65.92
CA ASN D 130 -39.57 28.27 67.01
C ASN D 130 -38.44 29.19 66.56
N ILE D 131 -38.15 29.29 65.27
CA ILE D 131 -36.99 30.02 64.79
C ILE D 131 -37.44 31.08 63.80
N LYS D 132 -36.93 32.30 63.96
CA LYS D 132 -37.23 33.41 63.05
C LYS D 132 -36.17 33.41 61.94
N THR D 133 -36.33 32.48 61.02
CA THR D 133 -35.37 32.35 59.92
C THR D 133 -35.58 33.43 58.88
N LYS D 134 -34.48 33.98 58.38
CA LYS D 134 -34.55 34.79 57.16
C LYS D 134 -35.00 33.94 55.98
N ASP D 135 -34.53 32.70 55.95
CA ASP D 135 -34.92 31.72 54.94
C ASP D 135 -34.69 30.34 55.53
N LEU D 136 -35.68 29.47 55.39
CA LEU D 136 -35.56 28.08 55.82
C LEU D 136 -35.46 27.23 54.56
N ARG D 137 -34.26 26.74 54.27
CA ARG D 137 -33.98 25.99 53.06
C ARG D 137 -34.07 24.49 53.34
N GLN D 138 -34.96 23.83 52.62
CA GLN D 138 -35.16 22.38 52.84
C GLN D 138 -34.52 21.62 51.69
N PHE D 139 -33.91 20.48 51.99
CA PHE D 139 -33.22 19.68 51.00
C PHE D 139 -33.61 18.22 51.12
N PRO D 140 -33.84 17.53 49.99
CA PRO D 140 -34.16 16.10 50.06
C PRO D 140 -33.05 15.27 50.67
N ASN D 141 -31.79 15.67 50.50
CA ASN D 141 -30.65 14.98 51.07
C ASN D 141 -29.93 15.93 52.02
N ILE D 142 -29.47 15.39 53.14
CA ILE D 142 -28.89 16.24 54.18
C ILE D 142 -27.47 16.66 53.81
N ASP D 143 -26.78 15.87 52.97
CA ASP D 143 -25.45 16.24 52.52
C ASP D 143 -25.47 17.54 51.72
N ASN D 144 -26.57 17.80 51.01
CA ASN D 144 -26.72 19.09 50.34
C ASN D 144 -26.88 20.22 51.35
N ALA D 145 -27.51 19.93 52.50
CA ALA D 145 -27.61 20.94 53.55
C ALA D 145 -26.26 21.18 54.22
N TYR D 146 -25.49 20.11 54.43
CA TYR D 146 -24.14 20.26 54.94
C TYR D 146 -23.29 21.12 54.00
N MET D 147 -23.41 20.91 52.69
CA MET D 147 -22.68 21.73 51.73
C MET D 147 -22.99 23.21 51.89
N GLU D 148 -24.28 23.54 52.02
CA GLU D 148 -24.65 24.95 52.16
C GLU D 148 -24.10 25.54 53.46
N LEU D 149 -23.93 24.71 54.49
CA LEU D 149 -23.33 25.22 55.72
C LEU D 149 -21.83 25.43 55.56
N GLY D 150 -21.13 24.49 54.91
CA GLY D 150 -19.70 24.63 54.77
C GLY D 150 -19.32 25.82 53.91
N THR D 151 -20.08 26.06 52.84
CA THR D 151 -19.89 27.23 51.99
C THR D 151 -20.58 28.48 52.51
N ASN D 152 -21.15 28.42 53.72
CA ASN D 152 -21.66 29.59 54.44
C ASN D 152 -22.84 30.22 53.69
N ARG D 153 -23.53 29.42 52.87
CA ARG D 153 -24.80 29.84 52.31
C ARG D 153 -25.93 29.68 53.33
N ALA D 154 -25.73 28.86 54.34
CA ALA D 154 -26.65 28.72 55.46
C ALA D 154 -25.81 28.89 56.72
N ASP D 155 -26.41 29.43 57.77
CA ASP D 155 -25.67 29.68 59.00
C ASP D 155 -25.68 28.49 59.96
N ALA D 156 -26.67 27.60 59.81
CA ALA D 156 -26.74 26.42 60.65
C ALA D 156 -27.65 25.39 60.01
N VAL D 157 -27.40 24.12 60.34
CA VAL D 157 -28.27 23.02 59.97
C VAL D 157 -28.94 22.49 61.23
N LEU D 158 -30.22 22.19 61.14
CA LEU D 158 -31.00 21.63 62.24
C LEU D 158 -31.41 20.22 61.82
N HIS D 159 -30.82 19.25 62.51
CA HIS D 159 -31.08 17.84 62.15
C HIS D 159 -31.06 16.99 63.41
N ASP D 160 -31.33 15.71 63.27
CA ASP D 160 -31.44 14.81 64.41
C ASP D 160 -30.13 14.73 65.18
N THR D 161 -30.23 14.68 66.51
CA THR D 161 -29.04 14.64 67.36
C THR D 161 -28.12 13.47 67.03
N PRO D 162 -28.58 12.22 66.91
CA PRO D 162 -27.63 11.13 66.60
C PRO D 162 -26.96 11.28 65.26
N ASN D 163 -27.55 12.07 64.38
CA ASN D 163 -26.98 12.26 63.02
C ASN D 163 -25.96 13.40 63.08
N ILE D 164 -26.25 14.46 63.82
CA ILE D 164 -25.32 15.58 63.95
C ILE D 164 -24.02 15.14 64.61
N LEU D 165 -24.11 14.31 65.65
CA LEU D 165 -22.90 13.84 66.32
C LEU D 165 -22.13 12.84 65.47
N TYR D 166 -22.83 11.91 64.82
CA TYR D 166 -22.15 10.90 64.02
C TYR D 166 -21.46 11.50 62.81
N PHE D 167 -22.08 12.51 62.19
CA PHE D 167 -21.44 13.16 61.05
C PHE D 167 -20.16 13.87 61.45
N ILE D 168 -20.18 14.58 62.59
CA ILE D 168 -18.99 15.26 63.08
C ILE D 168 -17.88 14.27 63.38
N LYS D 169 -18.23 13.09 63.91
CA LYS D 169 -17.22 12.14 64.34
C LYS D 169 -16.54 11.45 63.16
N THR D 170 -17.24 11.31 62.04
CA THR D 170 -16.74 10.49 60.94
C THR D 170 -16.33 11.30 59.71
N ALA D 171 -17.16 12.22 59.25
CA ALA D 171 -16.93 12.89 57.97
C ALA D 171 -16.89 14.42 58.10
N GLY D 172 -16.80 14.95 59.32
CA GLY D 172 -16.78 16.38 59.50
C GLY D 172 -15.41 17.02 59.40
N ASN D 173 -14.38 16.27 59.78
CA ASN D 173 -12.99 16.74 59.74
C ASN D 173 -12.83 18.03 60.55
N GLY D 174 -13.44 18.08 61.72
CA GLY D 174 -13.30 19.25 62.58
C GLY D 174 -13.69 20.55 61.92
N GLN D 175 -14.49 20.50 60.86
CA GLN D 175 -14.95 21.69 60.15
C GLN D 175 -16.37 22.09 60.54
N PHE D 176 -17.06 21.25 61.30
CA PHE D 176 -18.39 21.55 61.80
C PHE D 176 -18.43 21.16 63.27
N LYS D 177 -19.29 21.82 64.03
CA LYS D 177 -19.39 21.54 65.46
C LYS D 177 -20.83 21.68 65.90
N ALA D 178 -21.14 20.97 66.98
CA ALA D 178 -22.47 21.02 67.59
C ALA D 178 -22.48 22.04 68.72
N VAL D 179 -23.34 23.05 68.60
CA VAL D 179 -23.50 24.08 69.62
C VAL D 179 -24.88 23.99 70.24
N GLY D 180 -24.94 24.12 71.55
CA GLY D 180 -26.17 23.97 72.30
C GLY D 180 -26.32 22.60 72.92
N ASP D 181 -27.57 22.26 73.22
CA ASP D 181 -27.91 20.95 73.77
C ASP D 181 -29.04 20.34 72.97
N SER D 182 -29.28 19.05 73.21
CA SER D 182 -30.30 18.30 72.48
C SER D 182 -31.69 18.90 72.69
N LEU D 183 -32.34 19.23 71.58
CA LEU D 183 -33.68 19.80 71.58
C LEU D 183 -34.71 18.75 71.20
N GLU D 184 -35.97 19.12 71.39
CA GLU D 184 -37.13 18.32 70.99
C GLU D 184 -36.92 16.84 71.36
N ALA D 185 -36.82 16.60 72.67
CA ALA D 185 -36.65 15.22 73.14
C ALA D 185 -37.68 14.34 72.46
N GLN D 186 -37.20 13.31 71.77
CA GLN D 186 -38.06 12.39 71.02
C GLN D 186 -37.84 10.91 71.18
N GLN D 187 -38.70 10.07 70.61
CA GLN D 187 -38.42 8.63 70.69
C GLN D 187 -38.74 8.06 69.32
N TYR D 188 -37.80 7.34 68.73
CA TYR D 188 -37.94 6.72 67.40
C TYR D 188 -38.73 5.42 67.60
N GLY D 189 -39.60 5.08 66.66
CA GLY D 189 -40.42 3.89 66.74
C GLY D 189 -40.61 3.23 65.39
N ILE D 190 -40.83 1.92 65.42
CA ILE D 190 -41.11 1.15 64.22
C ILE D 190 -42.55 1.41 63.80
N ALA D 191 -42.74 1.78 62.54
CA ALA D 191 -44.05 2.20 62.05
C ALA D 191 -44.76 1.06 61.34
N PHE D 192 -46.06 0.94 61.60
CA PHE D 192 -46.88 -0.11 60.95
C PHE D 192 -48.15 0.54 60.43
N PRO D 193 -48.75 0.03 59.35
CA PRO D 193 -50.06 0.52 58.90
C PRO D 193 -51.14 0.22 59.92
N LYS D 194 -52.19 1.04 59.91
CA LYS D 194 -53.33 0.80 60.78
C LYS D 194 -53.92 -0.58 60.51
N GLY D 195 -54.05 -1.38 61.56
CA GLY D 195 -54.53 -2.74 61.44
C GLY D 195 -53.47 -3.81 61.52
N SER D 196 -52.21 -3.44 61.70
CA SER D 196 -51.13 -4.41 61.83
C SER D 196 -50.77 -4.61 63.30
N ASP D 197 -51.78 -5.02 64.07
CA ASP D 197 -51.64 -5.14 65.50
C ASP D 197 -51.00 -6.46 65.93
N GLU D 198 -51.26 -7.55 65.22
CA GLU D 198 -50.62 -8.82 65.55
C GLU D 198 -49.11 -8.72 65.37
N LEU D 199 -48.68 -8.16 64.23
CA LEU D 199 -47.26 -7.97 64.00
C LEU D 199 -46.66 -6.97 64.99
N ARG D 200 -47.41 -5.92 65.35
CA ARG D 200 -46.91 -4.95 66.32
C ARG D 200 -46.70 -5.61 67.68
N ASP D 201 -47.61 -6.49 68.10
CA ASP D 201 -47.46 -7.15 69.39
C ASP D 201 -46.21 -8.04 69.41
N LYS D 202 -45.93 -8.72 68.29
CA LYS D 202 -44.73 -9.55 68.24
C LYS D 202 -43.45 -8.71 68.26
N VAL D 203 -43.42 -7.60 67.50
CA VAL D 203 -42.21 -6.79 67.41
C VAL D 203 -41.92 -6.13 68.75
N ASN D 204 -42.96 -5.70 69.47
CA ASN D 204 -42.75 -5.15 70.81
C ASN D 204 -42.20 -6.22 71.75
N GLY D 205 -42.63 -7.47 71.58
CA GLY D 205 -42.11 -8.54 72.40
C GLY D 205 -40.66 -8.86 72.09
N ALA D 206 -40.33 -8.97 70.79
CA ALA D 206 -38.95 -9.21 70.39
C ALA D 206 -38.04 -8.06 70.79
N LEU D 207 -38.56 -6.83 70.78
CA LEU D 207 -37.74 -5.68 71.16
C LEU D 207 -37.27 -5.79 72.60
N LYS D 208 -38.17 -6.14 73.52
CA LYS D 208 -37.78 -6.30 74.91
C LYS D 208 -36.86 -7.49 75.11
N THR D 209 -37.11 -8.58 74.39
CA THR D 209 -36.16 -9.70 74.38
C THR D 209 -34.77 -9.24 73.95
N LEU D 210 -34.71 -8.45 72.88
CA LEU D 210 -33.40 -8.00 72.38
C LEU D 210 -32.69 -7.09 73.35
N ARG D 211 -33.43 -6.33 74.16
CA ARG D 211 -32.79 -5.50 75.17
C ARG D 211 -32.22 -6.32 76.31
N GLU D 212 -32.75 -7.52 76.57
CA GLU D 212 -32.31 -8.29 77.72
C GLU D 212 -31.15 -9.23 77.40
N ASN D 213 -31.10 -9.78 76.19
CA ASN D 213 -30.00 -10.66 75.81
C ASN D 213 -28.76 -9.91 75.36
N GLY D 214 -28.78 -8.58 75.37
CA GLY D 214 -27.62 -7.79 75.00
C GLY D 214 -27.47 -7.44 73.54
N THR D 215 -28.38 -7.92 72.67
CA THR D 215 -28.25 -7.63 71.25
C THR D 215 -28.46 -6.14 70.97
N TYR D 216 -29.40 -5.51 71.68
CA TYR D 216 -29.62 -4.08 71.48
C TYR D 216 -28.38 -3.27 71.86
N ASN D 217 -27.76 -3.61 73.00
CA ASN D 217 -26.56 -2.89 73.42
C ASN D 217 -25.38 -3.17 72.48
N GLU D 218 -25.34 -4.38 71.90
CA GLU D 218 -24.28 -4.67 70.93
C GLU D 218 -24.43 -3.80 69.68
N ILE D 219 -25.66 -3.70 69.17
CA ILE D 219 -25.91 -2.88 67.99
C ILE D 219 -25.70 -1.41 68.31
N TYR D 220 -26.08 -0.98 69.52
CA TYR D 220 -25.89 0.42 69.90
C TYR D 220 -24.42 0.86 69.92
N LYS D 221 -23.56 0.12 70.64
CA LYS D 221 -22.15 0.50 70.68
C LYS D 221 -21.45 0.28 69.34
N LYS D 222 -21.99 -0.59 68.49
CA LYS D 222 -21.37 -0.83 67.19
C LYS D 222 -21.40 0.48 66.41
N TRP D 223 -22.50 1.24 66.53
CA TRP D 223 -22.68 2.45 65.76
C TRP D 223 -22.49 3.72 66.57
N PHE D 224 -22.91 3.69 67.83
CA PHE D 224 -22.85 4.92 68.66
C PHE D 224 -21.83 4.73 69.79
N GLY D 225 -21.25 3.53 69.89
CA GLY D 225 -20.24 3.26 70.93
C GLY D 225 -20.75 3.56 72.32
N THR D 226 -19.97 4.34 73.08
CA THR D 226 -20.40 4.75 74.44
C THR D 226 -21.66 5.63 74.33
N ASP E 5 33.86 59.04 -29.41
CA ASP E 5 34.21 59.63 -28.12
C ASP E 5 35.31 58.85 -27.42
N LYS E 6 35.34 57.54 -27.65
CA LYS E 6 36.31 56.62 -27.07
C LYS E 6 36.18 56.49 -25.55
N LYS E 7 35.27 57.26 -24.95
CA LYS E 7 35.06 57.24 -23.51
C LYS E 7 33.74 56.49 -23.22
N LEU E 8 33.84 55.18 -23.06
CA LEU E 8 32.67 54.37 -22.78
C LEU E 8 31.96 54.84 -21.52
N VAL E 9 30.63 54.79 -21.54
CA VAL E 9 29.81 55.13 -20.39
C VAL E 9 29.38 53.85 -19.70
N VAL E 10 29.65 53.76 -18.40
CA VAL E 10 29.36 52.58 -17.60
C VAL E 10 28.27 52.93 -16.60
N ALA E 11 27.11 52.29 -16.75
CA ALA E 11 26.03 52.51 -15.81
C ALA E 11 26.26 51.65 -14.57
N THR E 12 25.96 52.22 -13.42
CA THR E 12 26.19 51.49 -12.17
C THR E 12 25.07 51.83 -11.18
N ASP E 13 24.99 51.04 -10.12
CA ASP E 13 23.94 51.20 -9.12
C ASP E 13 24.31 52.32 -8.13
N THR E 14 23.28 53.04 -7.67
CA THR E 14 23.50 54.09 -6.68
C THR E 14 24.07 53.51 -5.39
N ALA E 15 23.57 52.35 -4.97
CA ALA E 15 24.03 51.74 -3.71
C ALA E 15 23.75 50.25 -3.76
N PHE E 16 24.81 49.45 -3.84
CA PHE E 16 24.71 47.99 -3.83
C PHE E 16 25.98 47.43 -3.19
N VAL E 17 26.08 47.59 -1.88
CA VAL E 17 27.29 47.20 -1.13
C VAL E 17 27.42 45.68 -1.17
N PRO E 18 28.62 45.14 -1.37
CA PRO E 18 29.90 45.83 -1.54
C PRO E 18 30.32 45.92 -3.00
N PHE E 19 29.36 45.86 -3.92
CA PHE E 19 29.72 45.85 -5.36
C PHE E 19 29.80 47.29 -5.86
N GLU E 20 28.93 48.15 -5.37
CA GLU E 20 28.97 49.58 -5.75
C GLU E 20 28.44 50.43 -4.59
N PHE E 21 29.13 51.52 -4.27
CA PHE E 21 28.68 52.45 -3.20
C PHE E 21 29.45 53.77 -3.18
N LYS E 22 28.77 54.85 -2.77
CA LYS E 22 29.39 56.16 -2.64
C LYS E 22 30.24 56.21 -1.37
N GLN E 23 31.53 56.53 -1.52
CA GLN E 23 32.43 56.72 -0.39
C GLN E 23 33.02 58.12 -0.47
N GLY E 24 32.44 59.07 0.27
CA GLY E 24 32.89 60.44 0.25
C GLY E 24 32.50 61.17 -1.02
N ASP E 25 33.45 61.34 -1.95
CA ASP E 25 33.18 62.02 -3.22
C ASP E 25 33.51 61.13 -4.42
N ILE E 26 33.59 59.81 -4.23
CA ILE E 26 33.85 58.86 -5.30
C ILE E 26 33.01 57.62 -5.05
N TYR E 27 32.97 56.75 -6.07
CA TYR E 27 32.32 55.45 -5.95
C TYR E 27 33.36 54.36 -5.86
N VAL E 28 33.10 53.38 -5.00
CA VAL E 28 34.02 52.28 -4.74
C VAL E 28 33.20 51.00 -4.62
N GLY E 29 33.87 49.88 -4.81
CA GLY E 29 33.23 48.58 -4.68
C GLY E 29 33.91 47.55 -5.55
N PHE E 30 33.37 46.33 -5.50
CA PHE E 30 33.90 45.22 -6.28
C PHE E 30 33.84 45.51 -7.77
N ASP E 31 32.67 45.91 -8.28
CA ASP E 31 32.55 46.19 -9.70
C ASP E 31 33.41 47.36 -10.14
N VAL E 32 33.58 48.37 -9.28
CA VAL E 32 34.42 49.51 -9.63
C VAL E 32 35.86 49.08 -9.83
N ASP E 33 36.38 48.25 -8.93
CA ASP E 33 37.75 47.76 -9.08
C ASP E 33 37.85 46.79 -10.26
N LEU E 34 36.85 45.92 -10.42
CA LEU E 34 36.90 44.93 -11.50
C LEU E 34 36.90 45.60 -12.87
N TRP E 35 36.06 46.62 -13.05
CA TRP E 35 36.01 47.31 -14.35
C TRP E 35 37.25 48.14 -14.58
N ALA E 36 37.74 48.84 -13.56
CA ALA E 36 38.95 49.63 -13.69
C ALA E 36 40.14 48.78 -14.12
N ALA E 37 40.20 47.52 -13.66
CA ALA E 37 41.26 46.63 -14.08
C ALA E 37 41.06 46.17 -15.52
N ILE E 38 39.80 45.88 -15.90
CA ILE E 38 39.52 45.51 -17.27
C ILE E 38 39.82 46.67 -18.22
N ALA E 39 39.36 47.87 -17.85
CA ALA E 39 39.58 49.04 -18.69
C ALA E 39 41.06 49.34 -18.87
N LYS E 40 41.87 49.06 -17.85
CA LYS E 40 43.32 49.20 -17.97
C LYS E 40 43.89 48.22 -18.98
N GLU E 41 43.47 46.97 -18.90
CA GLU E 41 43.97 45.95 -19.82
C GLU E 41 43.61 46.27 -21.26
N LEU E 42 42.38 46.72 -21.50
CA LEU E 42 41.87 46.95 -22.84
C LEU E 42 42.19 48.34 -23.37
N LYS E 43 42.86 49.18 -22.55
CA LYS E 43 43.21 50.55 -22.93
C LYS E 43 41.96 51.34 -23.31
N LEU E 44 40.98 51.35 -22.41
CA LEU E 44 39.72 52.02 -22.62
C LEU E 44 39.59 53.22 -21.68
N ASP E 45 38.98 54.29 -22.20
CA ASP E 45 38.61 55.44 -21.38
C ASP E 45 37.14 55.30 -21.04
N TYR E 46 36.80 55.60 -19.79
CA TYR E 46 35.44 55.35 -19.34
C TYR E 46 35.03 56.36 -18.28
N GLU E 47 33.73 56.39 -18.01
CA GLU E 47 33.15 57.16 -16.91
C GLU E 47 32.04 56.33 -16.29
N LEU E 48 31.90 56.42 -14.97
CA LEU E 48 30.82 55.74 -14.26
C LEU E 48 29.71 56.77 -14.11
N LYS E 49 28.47 56.31 -14.32
CA LYS E 49 27.29 57.20 -14.19
C LYS E 49 26.27 56.47 -13.32
N PRO E 50 26.40 56.54 -11.98
CA PRO E 50 25.51 55.81 -11.11
C PRO E 50 24.04 56.17 -11.30
N MET E 51 23.14 55.23 -11.01
CA MET E 51 21.70 55.47 -11.16
C MET E 51 20.97 54.34 -10.45
N ASP E 52 19.67 54.53 -10.29
CA ASP E 52 18.84 53.49 -9.70
C ASP E 52 18.74 52.28 -10.63
N PHE E 53 18.67 51.10 -10.02
CA PHE E 53 18.69 49.85 -10.79
C PHE E 53 17.55 49.77 -11.79
N SER E 54 16.37 50.32 -11.44
CA SER E 54 15.20 50.19 -12.29
C SER E 54 15.35 50.89 -13.63
N GLY E 55 16.35 51.75 -13.77
CA GLY E 55 16.56 52.44 -15.03
C GLY E 55 17.82 52.01 -15.75
N ILE E 56 18.51 51.01 -15.21
CA ILE E 56 19.77 50.56 -15.81
C ILE E 56 19.52 49.73 -17.06
N ILE E 57 18.66 48.71 -16.96
CA ILE E 57 18.32 47.92 -18.14
C ILE E 57 17.65 48.76 -19.22
N PRO E 58 16.66 49.62 -18.90
CA PRO E 58 16.14 50.51 -19.95
C PRO E 58 17.18 51.42 -20.56
N ALA E 59 18.19 51.87 -19.79
CA ALA E 59 19.23 52.71 -20.34
C ALA E 59 20.04 51.96 -21.40
N LEU E 60 20.26 50.66 -21.20
CA LEU E 60 20.94 49.86 -22.21
C LEU E 60 20.00 49.65 -23.39
N GLN E 61 18.70 49.49 -23.15
CA GLN E 61 17.81 49.23 -24.31
C GLN E 61 17.74 50.48 -25.18
N THR E 62 17.69 51.68 -24.57
CA THR E 62 17.70 52.92 -25.34
C THR E 62 19.04 53.38 -25.88
N LYS E 63 20.12 52.63 -25.64
CA LYS E 63 21.47 52.96 -26.14
C LYS E 63 21.96 54.29 -25.56
N ASN E 64 21.50 54.66 -24.37
CA ASN E 64 22.04 55.83 -23.70
C ASN E 64 23.36 55.56 -22.98
N VAL E 65 23.71 54.29 -22.76
CA VAL E 65 24.95 53.92 -22.10
C VAL E 65 25.59 52.76 -22.84
N ASP E 66 26.92 52.69 -22.78
CA ASP E 66 27.67 51.71 -23.57
C ASP E 66 27.74 50.34 -22.89
N LEU E 67 27.68 50.30 -21.56
CA LEU E 67 27.66 49.04 -20.82
C LEU E 67 27.33 49.38 -19.37
N ALA E 68 27.12 48.32 -18.58
CA ALA E 68 26.70 48.54 -17.17
C ALA E 68 27.29 47.49 -16.25
N LEU E 69 27.57 47.86 -15.00
CA LEU E 69 28.10 46.91 -14.01
C LEU E 69 27.38 47.16 -12.68
N ALA E 70 26.30 46.43 -12.43
CA ALA E 70 25.52 46.66 -11.20
C ALA E 70 24.86 45.37 -10.70
N GLY E 71 25.64 44.36 -10.34
CA GLY E 71 25.05 43.14 -9.76
C GLY E 71 23.98 42.59 -10.65
N ILE E 72 24.07 42.88 -11.94
CA ILE E 72 23.01 42.45 -12.90
C ILE E 72 23.06 40.93 -13.03
N THR E 73 22.00 40.25 -12.59
CA THR E 73 21.98 38.77 -12.63
C THR E 73 21.73 38.29 -14.06
N ILE E 74 22.53 37.34 -14.53
CA ILE E 74 22.34 36.76 -15.86
C ILE E 74 21.06 35.95 -15.88
N CYS E 75 20.09 36.37 -16.70
CA CYS E 75 18.78 35.74 -16.78
C CYS E 75 18.41 35.52 -18.23
N ASP E 76 17.66 34.45 -18.49
CA ASP E 76 17.32 34.10 -19.87
C ASP E 76 16.35 35.12 -20.46
N GLU E 77 15.34 35.53 -19.68
CA GLU E 77 14.41 36.55 -20.18
C GLU E 77 15.11 37.88 -20.40
N ARG E 78 16.08 38.22 -19.55
CA ARG E 78 16.80 39.48 -19.77
C ARG E 78 17.67 39.45 -21.02
N LYS E 79 18.13 38.27 -21.44
CA LYS E 79 18.87 38.17 -22.69
C LYS E 79 17.98 38.44 -23.90
N LYS E 80 16.65 38.41 -23.72
CA LYS E 80 15.74 38.83 -24.78
C LYS E 80 15.85 40.33 -25.00
N ALA E 81 16.33 41.08 -24.01
CA ALA E 81 16.39 42.54 -24.08
C ALA E 81 17.82 43.08 -24.16
N ILE E 82 18.77 42.44 -23.48
CA ILE E 82 20.16 42.88 -23.44
C ILE E 82 21.06 41.67 -23.61
N ASP E 83 22.35 41.94 -23.83
CA ASP E 83 23.35 40.90 -23.95
C ASP E 83 24.22 40.86 -22.69
N PHE E 84 24.62 39.66 -22.29
CA PHE E 84 25.44 39.49 -21.10
C PHE E 84 26.82 38.96 -21.49
N SER E 85 27.80 39.26 -20.65
CA SER E 85 29.13 38.67 -20.78
C SER E 85 29.18 37.40 -19.95
N ASP E 86 30.36 36.78 -19.86
CA ASP E 86 30.52 35.64 -18.98
C ASP E 86 30.44 36.08 -17.53
N GLY E 87 30.06 35.14 -16.66
CA GLY E 87 29.87 35.46 -15.27
C GLY E 87 31.16 35.72 -14.53
N TYR E 88 31.12 36.66 -13.59
CA TYR E 88 32.29 37.05 -12.82
C TYR E 88 32.09 36.88 -11.31
N TYR E 89 30.91 36.42 -10.88
CA TYR E 89 30.64 36.23 -9.46
C TYR E 89 29.42 35.33 -9.31
N LYS E 90 29.57 34.24 -8.57
CA LYS E 90 28.48 33.33 -8.27
C LYS E 90 27.74 33.84 -7.03
N SER E 91 26.47 34.20 -7.19
CA SER E 91 25.72 34.84 -6.12
C SER E 91 24.40 34.14 -5.82
N GLY E 92 23.54 34.77 -5.03
CA GLY E 92 22.26 34.20 -4.70
C GLY E 92 21.42 35.18 -3.92
N LEU E 93 20.30 34.67 -3.39
CA LEU E 93 19.38 35.45 -2.57
C LEU E 93 19.38 34.94 -1.14
N LEU E 94 19.12 35.85 -0.20
CA LEU E 94 19.18 35.51 1.22
C LEU E 94 18.14 36.33 1.98
N VAL E 95 17.57 35.71 3.02
CA VAL E 95 16.54 36.32 3.85
C VAL E 95 17.18 36.92 5.10
N MET E 96 16.85 38.19 5.37
CA MET E 96 17.35 38.89 6.54
C MET E 96 16.18 39.31 7.42
N VAL E 97 16.29 39.07 8.72
CA VAL E 97 15.30 39.50 9.68
C VAL E 97 16.02 40.20 10.83
N LYS E 98 15.24 40.79 11.72
CA LYS E 98 15.80 41.43 12.90
C LYS E 98 16.40 40.39 13.84
N ALA E 99 17.33 40.84 14.68
CA ALA E 99 18.06 39.94 15.57
C ALA E 99 17.15 39.24 16.57
N ASN E 100 16.08 39.90 16.99
CA ASN E 100 15.16 39.34 18.00
C ASN E 100 14.03 38.52 17.38
N ASN E 101 14.32 37.80 16.30
CA ASN E 101 13.29 37.04 15.58
C ASN E 101 13.53 35.55 15.79
N ASN E 102 12.49 34.84 16.21
CA ASN E 102 12.62 33.44 16.54
C ASN E 102 11.74 32.52 15.71
N ASP E 103 10.78 33.06 14.96
CA ASP E 103 9.88 32.24 14.15
C ASP E 103 10.36 31.98 12.72
N VAL E 104 11.30 32.77 12.21
CA VAL E 104 11.79 32.62 10.84
C VAL E 104 13.19 32.01 10.85
N LYS E 105 13.31 30.84 10.20
CA LYS E 105 14.59 30.19 9.95
C LYS E 105 14.80 29.84 8.47
N SER E 106 13.78 30.03 7.63
CA SER E 106 13.88 29.74 6.20
C SER E 106 12.77 30.51 5.51
N VAL E 107 12.80 30.48 4.16
CA VAL E 107 11.83 31.25 3.38
C VAL E 107 10.41 30.73 3.51
N LYS E 108 10.24 29.43 3.78
CA LYS E 108 8.87 28.96 3.96
C LYS E 108 8.28 29.62 5.19
N ASP E 109 9.13 30.04 6.13
CA ASP E 109 8.65 30.81 7.27
C ASP E 109 8.33 32.25 6.89
N LEU E 110 8.37 32.57 5.60
CA LEU E 110 7.99 33.88 5.10
C LEU E 110 6.61 33.82 4.43
N ASP E 111 5.90 32.72 4.60
CA ASP E 111 4.55 32.58 4.06
C ASP E 111 3.57 33.28 4.98
N GLY E 112 2.69 34.09 4.40
CA GLY E 112 1.79 34.88 5.22
C GLY E 112 2.58 35.84 6.08
N LYS E 113 3.69 36.33 5.56
CA LYS E 113 4.54 37.28 6.25
C LYS E 113 4.76 38.47 5.34
N VAL E 114 5.42 39.48 5.90
CA VAL E 114 5.75 40.71 5.19
C VAL E 114 7.19 40.70 4.71
N VAL E 115 7.38 40.79 3.41
CA VAL E 115 8.70 40.83 2.82
C VAL E 115 8.88 42.15 2.08
N ALA E 116 9.97 42.85 2.39
CA ALA E 116 10.36 44.08 1.70
C ALA E 116 11.47 43.76 0.70
N VAL E 117 11.36 44.32 -0.50
CA VAL E 117 12.32 44.05 -1.57
C VAL E 117 12.62 45.34 -2.33
N LYS E 118 13.62 45.27 -3.21
CA LYS E 118 14.05 46.40 -4.02
C LYS E 118 13.36 46.33 -5.38
N SER E 119 12.81 47.46 -5.81
CA SER E 119 12.06 47.51 -7.06
C SER E 119 12.97 47.24 -8.25
N GLY E 120 12.44 46.49 -9.22
CA GLY E 120 13.14 46.22 -10.46
C GLY E 120 14.18 45.12 -10.40
N THR E 121 14.37 44.48 -9.26
CA THR E 121 15.39 43.45 -9.10
C THR E 121 14.78 42.06 -9.17
N GLY E 122 15.66 41.05 -9.19
CA GLY E 122 15.22 39.67 -9.22
C GLY E 122 14.63 39.19 -7.92
N SER E 123 14.92 39.88 -6.81
CA SER E 123 14.35 39.50 -5.53
C SER E 123 12.83 39.62 -5.54
N VAL E 124 12.28 40.56 -6.33
CA VAL E 124 10.83 40.71 -6.43
C VAL E 124 10.22 39.50 -7.13
N ASP E 125 10.85 39.03 -8.20
CA ASP E 125 10.31 37.91 -8.96
C ASP E 125 10.30 36.63 -8.13
N TYR E 126 11.38 36.37 -7.39
CA TYR E 126 11.44 35.16 -6.58
C TYR E 126 10.33 35.14 -5.53
N ALA E 127 10.09 36.27 -4.86
CA ALA E 127 9.07 36.31 -3.83
C ALA E 127 7.66 36.05 -4.36
N LYS E 128 7.36 36.56 -5.56
CA LYS E 128 6.03 36.37 -6.13
C LYS E 128 5.78 34.94 -6.59
N ALA E 129 6.83 34.21 -6.94
CA ALA E 129 6.71 32.88 -7.53
C ALA E 129 6.93 31.79 -6.49
N ASN E 130 7.53 32.12 -5.34
CA ASN E 130 7.86 31.12 -4.34
C ASN E 130 7.35 31.44 -2.93
N ILE E 131 6.88 32.65 -2.65
CA ILE E 131 6.50 33.04 -1.31
C ILE E 131 5.07 33.57 -1.32
N LYS E 132 4.26 33.09 -0.36
CA LYS E 132 2.88 33.54 -0.18
C LYS E 132 2.89 34.68 0.84
N THR E 133 3.31 35.86 0.37
CA THR E 133 3.43 37.00 1.25
C THR E 133 2.07 37.58 1.60
N LYS E 134 1.92 37.99 2.86
CA LYS E 134 0.77 38.80 3.24
C LYS E 134 0.82 40.15 2.54
N ASP E 135 2.03 40.70 2.37
CA ASP E 135 2.24 41.93 1.61
C ASP E 135 3.66 41.95 1.10
N LEU E 136 3.84 42.29 -0.19
CA LEU E 136 5.15 42.44 -0.80
C LEU E 136 5.36 43.93 -1.07
N ARG E 137 6.21 44.56 -0.25
CA ARG E 137 6.47 46.00 -0.34
C ARG E 137 7.76 46.22 -1.12
N GLN E 138 7.68 47.00 -2.20
CA GLN E 138 8.83 47.31 -3.02
C GLN E 138 9.32 48.73 -2.73
N PHE E 139 10.64 48.89 -2.76
CA PHE E 139 11.26 50.21 -2.47
C PHE E 139 12.30 50.51 -3.54
N PRO E 140 12.46 51.80 -3.91
CA PRO E 140 13.43 52.17 -4.93
C PRO E 140 14.82 51.60 -4.63
N ASN E 141 15.36 51.91 -3.45
CA ASN E 141 16.70 51.42 -3.07
C ASN E 141 16.56 50.46 -1.87
N ILE E 142 17.64 49.79 -1.46
CA ILE E 142 17.54 48.74 -0.40
C ILE E 142 17.55 49.42 0.98
N ASP E 143 18.11 50.61 1.10
CA ASP E 143 18.23 51.25 2.43
C ASP E 143 16.83 51.64 2.96
N ASN E 144 15.88 51.83 2.06
CA ASN E 144 14.49 52.11 2.50
C ASN E 144 13.77 50.84 2.94
N ALA E 145 14.26 49.69 2.49
CA ALA E 145 13.68 48.40 2.88
C ALA E 145 14.25 48.01 4.24
N TYR E 146 15.55 48.21 4.40
CA TYR E 146 16.18 47.94 5.71
C TYR E 146 15.37 48.68 6.77
N MET E 147 15.15 49.98 6.57
CA MET E 147 14.41 50.74 7.56
C MET E 147 13.05 50.12 7.84
N GLU E 148 12.36 49.68 6.78
CA GLU E 148 11.05 49.05 6.94
C GLU E 148 11.15 47.80 7.80
N LEU E 149 12.29 47.10 7.74
CA LEU E 149 12.54 45.97 8.61
C LEU E 149 12.89 46.42 10.02
N GLY E 150 13.74 47.44 10.16
CA GLY E 150 14.18 47.87 11.48
C GLY E 150 13.06 48.40 12.35
N THR E 151 12.17 49.19 11.76
CA THR E 151 10.99 49.68 12.47
C THR E 151 9.83 48.69 12.43
N ASN E 152 10.08 47.46 12.00
CA ASN E 152 9.15 46.35 12.07
C ASN E 152 7.86 46.60 11.27
N ARG E 153 7.94 47.43 10.25
CA ARG E 153 6.83 47.51 9.30
C ARG E 153 6.87 46.35 8.32
N ALA E 154 8.04 45.72 8.17
CA ALA E 154 8.22 44.52 7.37
C ALA E 154 8.89 43.45 8.22
N ASP E 155 8.56 42.18 7.94
CA ASP E 155 9.11 41.08 8.70
C ASP E 155 10.47 40.62 8.20
N ALA E 156 10.78 40.82 6.92
CA ALA E 156 12.07 40.42 6.40
C ALA E 156 12.37 41.15 5.09
N VAL E 157 13.65 41.23 4.77
CA VAL E 157 14.13 41.69 3.46
C VAL E 157 14.73 40.51 2.73
N LEU E 158 14.40 40.40 1.44
CA LEU E 158 14.94 39.36 0.56
C LEU E 158 15.72 40.06 -0.53
N HIS E 159 17.04 39.89 -0.53
CA HIS E 159 17.90 40.52 -1.52
C HIS E 159 19.15 39.65 -1.69
N ASP E 160 20.05 40.11 -2.57
CA ASP E 160 21.21 39.31 -2.93
C ASP E 160 22.06 38.98 -1.72
N THR E 161 22.56 37.74 -1.70
CA THR E 161 23.36 37.25 -0.57
C THR E 161 24.59 38.10 -0.26
N PRO E 162 25.43 38.48 -1.23
CA PRO E 162 26.62 39.28 -0.87
C PRO E 162 26.29 40.64 -0.31
N ASN E 163 25.10 41.17 -0.60
CA ASN E 163 24.69 42.46 -0.06
C ASN E 163 24.15 42.32 1.35
N ILE E 164 23.30 41.32 1.60
CA ILE E 164 22.73 41.11 2.92
C ILE E 164 23.83 40.80 3.94
N LEU E 165 24.82 39.99 3.54
CA LEU E 165 25.89 39.63 4.45
C LEU E 165 26.79 40.83 4.74
N TYR E 166 27.14 41.61 3.71
CA TYR E 166 27.99 42.77 3.91
C TYR E 166 27.29 43.85 4.73
N PHE E 167 25.97 44.00 4.56
CA PHE E 167 25.21 44.98 5.32
C PHE E 167 25.23 44.65 6.81
N ILE E 168 25.08 43.36 7.16
CA ILE E 168 25.15 42.95 8.55
C ILE E 168 26.52 43.26 9.13
N LYS E 169 27.58 43.10 8.31
CA LYS E 169 28.94 43.29 8.78
C LYS E 169 29.30 44.76 8.98
N THR E 170 28.69 45.66 8.21
CA THR E 170 29.13 47.04 8.15
C THR E 170 28.18 48.03 8.80
N ALA E 171 26.90 47.98 8.48
CA ALA E 171 25.97 49.00 8.95
C ALA E 171 24.77 48.48 9.71
N GLY E 172 24.59 47.16 9.81
CA GLY E 172 23.42 46.64 10.49
C GLY E 172 23.51 46.83 11.99
N ASN E 173 24.74 46.87 12.51
CA ASN E 173 24.99 47.11 13.94
C ASN E 173 24.29 46.07 14.81
N GLY E 174 24.40 44.81 14.40
CA GLY E 174 23.84 43.71 15.16
C GLY E 174 22.36 43.79 15.38
N GLN E 175 21.65 44.54 14.54
CA GLN E 175 20.20 44.64 14.63
C GLN E 175 19.50 43.82 13.56
N PHE E 176 20.24 43.26 12.63
CA PHE E 176 19.69 42.41 11.57
C PHE E 176 20.56 41.17 11.47
N LYS E 177 19.94 40.07 11.02
CA LYS E 177 20.65 38.80 10.97
C LYS E 177 20.21 38.00 9.75
N ALA E 178 21.10 37.11 9.31
CA ALA E 178 20.86 36.25 8.17
C ALA E 178 20.31 34.91 8.63
N VAL E 179 19.11 34.56 8.18
CA VAL E 179 18.50 33.28 8.49
C VAL E 179 18.31 32.47 7.21
N GLY E 180 18.65 31.20 7.29
CA GLY E 180 18.60 30.33 6.14
C GLY E 180 19.94 30.18 5.43
N ASP E 181 19.84 29.74 4.17
CA ASP E 181 21.05 29.61 3.31
C ASP E 181 20.73 30.25 1.96
N SER E 182 21.76 30.63 1.19
CA SER E 182 21.53 31.34 -0.10
C SER E 182 20.47 30.59 -0.91
N LEU E 183 19.43 31.31 -1.37
CA LEU E 183 18.40 30.69 -2.24
C LEU E 183 18.55 31.33 -3.62
N GLU E 184 17.96 30.73 -4.66
CA GLU E 184 18.00 31.34 -6.01
C GLU E 184 19.46 31.68 -6.35
N ALA E 185 20.35 30.69 -6.30
CA ALA E 185 21.77 30.91 -6.64
C ALA E 185 21.86 31.61 -8.02
N GLN E 186 22.83 32.49 -8.22
CA GLN E 186 22.83 33.23 -9.51
C GLN E 186 24.25 33.54 -9.94
N GLN E 187 24.41 34.12 -11.12
CA GLN E 187 25.76 34.56 -11.55
C GLN E 187 25.63 35.95 -12.19
N TYR E 188 26.42 36.89 -11.70
CA TYR E 188 26.38 38.26 -12.23
C TYR E 188 27.21 38.32 -13.51
N GLY E 189 26.84 39.22 -14.41
CA GLY E 189 27.53 39.41 -15.67
C GLY E 189 27.47 40.86 -16.11
N ILE E 190 28.47 41.26 -16.88
CA ILE E 190 28.50 42.62 -17.42
C ILE E 190 27.51 42.70 -18.58
N ALA E 191 26.62 43.68 -18.52
CA ALA E 191 25.52 43.81 -19.47
C ALA E 191 25.89 44.81 -20.57
N PHE E 192 25.50 44.46 -21.79
CA PHE E 192 25.81 45.33 -22.94
C PHE E 192 24.55 45.51 -23.78
N PRO E 193 24.37 46.65 -24.47
CA PRO E 193 23.23 46.81 -25.39
C PRO E 193 23.34 45.86 -26.57
N LYS E 194 22.17 45.55 -27.15
CA LYS E 194 22.12 44.70 -28.33
C LYS E 194 22.93 45.32 -29.45
N GLY E 195 23.84 44.54 -30.03
CA GLY E 195 24.72 45.02 -31.07
C GLY E 195 26.14 45.31 -30.64
N SER E 196 26.48 45.11 -29.36
CA SER E 196 27.82 45.33 -28.86
C SER E 196 28.57 44.01 -28.75
N ASP E 197 28.55 43.24 -29.83
CA ASP E 197 29.15 41.88 -29.80
C ASP E 197 30.66 41.99 -29.80
N GLU E 198 31.20 43.10 -30.27
CA GLU E 198 32.67 43.24 -30.33
C GLU E 198 33.19 43.44 -28.91
N LEU E 199 32.83 44.55 -28.27
CA LEU E 199 33.32 44.87 -26.91
C LEU E 199 33.19 43.61 -26.06
N ARG E 200 32.01 43.00 -26.04
CA ARG E 200 31.88 41.73 -25.30
C ARG E 200 33.13 40.90 -25.62
N ASP E 201 33.38 40.60 -26.90
CA ASP E 201 34.54 39.74 -27.16
C ASP E 201 35.82 40.22 -26.50
N LYS E 202 36.06 41.54 -26.51
CA LYS E 202 37.26 42.08 -25.90
C LYS E 202 37.15 42.00 -24.38
N VAL E 203 35.98 42.36 -23.82
CA VAL E 203 35.81 42.33 -22.38
C VAL E 203 35.89 40.89 -21.85
N ASN E 204 35.25 39.94 -22.55
CA ASN E 204 35.34 38.55 -22.14
C ASN E 204 36.76 37.97 -22.14
N GLY E 205 37.60 38.42 -23.07
CA GLY E 205 38.98 37.98 -23.06
C GLY E 205 39.75 38.53 -21.87
N ALA E 206 39.58 39.83 -21.60
CA ALA E 206 40.21 40.43 -20.43
C ALA E 206 39.70 39.80 -19.14
N LEU E 207 38.44 39.38 -19.10
CA LEU E 207 37.91 38.75 -17.89
C LEU E 207 38.70 37.50 -17.56
N LYS E 208 38.97 36.65 -18.55
CA LYS E 208 39.76 35.45 -18.31
C LYS E 208 41.21 35.78 -17.97
N THR E 209 41.77 36.80 -18.62
CA THR E 209 43.12 37.26 -18.26
C THR E 209 43.18 37.61 -16.78
N LEU E 210 42.24 38.43 -16.31
CA LEU E 210 42.23 38.80 -14.89
C LEU E 210 41.90 37.61 -14.01
N ARG E 211 41.13 36.66 -14.53
CA ARG E 211 40.75 35.50 -13.74
C ARG E 211 41.90 34.55 -13.42
N GLU E 212 42.90 34.47 -14.31
CA GLU E 212 44.03 33.56 -14.14
C GLU E 212 45.30 34.23 -13.62
N ASN E 213 45.52 35.51 -13.90
CA ASN E 213 46.74 36.20 -13.47
C ASN E 213 46.65 36.61 -12.01
N GLY E 214 45.54 36.33 -11.34
CA GLY E 214 45.40 36.65 -9.95
C GLY E 214 44.85 38.03 -9.63
N THR E 215 44.65 38.87 -10.64
CA THR E 215 44.10 40.20 -10.38
C THR E 215 42.66 40.08 -9.88
N TYR E 216 41.90 39.15 -10.43
CA TYR E 216 40.56 38.87 -9.92
C TYR E 216 40.64 38.36 -8.48
N ASN E 217 41.61 37.49 -8.21
CA ASN E 217 41.75 36.95 -6.86
C ASN E 217 42.13 38.02 -5.85
N GLU E 218 42.89 39.03 -6.27
CA GLU E 218 43.21 40.15 -5.37
C GLU E 218 41.98 41.01 -5.11
N ILE E 219 41.20 41.32 -6.16
CA ILE E 219 40.03 42.16 -6.00
C ILE E 219 39.00 41.44 -5.14
N TYR E 220 38.87 40.12 -5.30
CA TYR E 220 37.96 39.36 -4.46
C TYR E 220 38.38 39.41 -2.99
N LYS E 221 39.67 39.19 -2.71
CA LYS E 221 40.13 39.25 -1.33
C LYS E 221 39.94 40.63 -0.72
N LYS E 222 40.01 41.68 -1.53
CA LYS E 222 39.84 43.03 -1.00
C LYS E 222 38.45 43.22 -0.40
N TRP E 223 37.43 42.67 -1.05
CA TRP E 223 36.05 42.91 -0.64
C TRP E 223 35.37 41.72 0.04
N PHE E 224 35.67 40.49 -0.36
CA PHE E 224 35.00 39.32 0.20
C PHE E 224 35.98 38.41 0.93
N GLY E 225 37.13 38.93 1.35
CA GLY E 225 38.18 38.12 1.95
C GLY E 225 38.39 36.79 1.27
N THR E 226 38.19 35.68 2.01
CA THR E 226 38.41 34.34 1.48
C THR E 226 37.29 33.41 1.97
N GLU E 227 36.09 33.60 1.44
CA GLU E 227 34.94 32.75 1.74
C GLU E 227 34.26 32.35 0.44
N PRO E 228 34.87 31.43 -0.33
CA PRO E 228 34.39 31.02 -1.65
C PRO E 228 32.98 30.45 -1.62
N LYS F 6 23.08 21.18 -45.92
CA LYS F 6 24.15 20.79 -44.99
C LYS F 6 23.76 19.53 -44.22
N LYS F 7 22.46 19.37 -44.02
CA LYS F 7 21.88 18.27 -43.25
C LYS F 7 22.06 16.94 -43.98
N LEU F 8 23.09 16.19 -43.62
CA LEU F 8 23.27 14.87 -44.21
C LEU F 8 22.04 14.02 -43.94
N VAL F 9 21.66 13.21 -44.91
CA VAL F 9 20.53 12.29 -44.77
C VAL F 9 21.07 10.91 -44.46
N VAL F 10 20.60 10.33 -43.36
CA VAL F 10 21.03 9.02 -42.90
C VAL F 10 19.85 8.08 -43.01
N ALA F 11 19.94 7.11 -43.91
CA ALA F 11 18.89 6.11 -44.05
C ALA F 11 19.08 5.01 -43.02
N THR F 12 17.97 4.52 -42.48
CA THR F 12 17.99 3.45 -41.50
C THR F 12 16.77 2.58 -41.73
N ASP F 13 16.77 1.41 -41.10
CA ASP F 13 15.64 0.51 -41.22
C ASP F 13 14.53 0.98 -40.27
N THR F 14 13.28 0.78 -40.70
CA THR F 14 12.15 1.14 -39.86
C THR F 14 12.18 0.38 -38.54
N ALA F 15 12.62 -0.87 -38.56
CA ALA F 15 12.65 -1.70 -37.36
C ALA F 15 13.72 -2.77 -37.52
N PHE F 16 14.79 -2.66 -36.71
CA PHE F 16 15.88 -3.62 -36.67
C PHE F 16 16.42 -3.61 -35.24
N VAL F 17 15.61 -4.14 -34.33
CA VAL F 17 15.92 -4.08 -32.89
C VAL F 17 17.12 -4.97 -32.59
N PRO F 18 18.09 -4.51 -31.79
CA PRO F 18 18.15 -3.23 -31.08
C PRO F 18 19.03 -2.20 -31.77
N PHE F 19 19.18 -2.29 -33.09
CA PHE F 19 20.02 -1.32 -33.80
C PHE F 19 19.27 -0.04 -34.10
N GLU F 20 18.00 -0.14 -34.48
CA GLU F 20 17.13 1.02 -34.65
C GLU F 20 15.68 0.56 -34.56
N PHE F 21 14.88 1.32 -33.81
CA PHE F 21 13.45 1.07 -33.74
C PHE F 21 12.75 2.31 -33.21
N LYS F 22 11.45 2.38 -33.49
CA LYS F 22 10.61 3.49 -33.05
C LYS F 22 10.30 3.34 -31.56
N GLN F 23 10.71 4.34 -30.77
CA GLN F 23 10.35 4.39 -29.35
C GLN F 23 9.67 5.74 -29.10
N GLY F 24 8.34 5.74 -29.14
CA GLY F 24 7.57 6.95 -28.99
C GLY F 24 7.62 7.78 -30.27
N ASP F 25 8.08 9.03 -30.16
CA ASP F 25 8.19 9.91 -31.31
C ASP F 25 9.65 10.12 -31.75
N ILE F 26 10.52 9.16 -31.46
CA ILE F 26 11.92 9.22 -31.83
C ILE F 26 12.39 7.81 -32.18
N TYR F 27 13.55 7.73 -32.81
CA TYR F 27 14.21 6.48 -33.12
C TYR F 27 15.42 6.29 -32.21
N VAL F 28 15.60 5.08 -31.72
CA VAL F 28 16.68 4.75 -30.80
C VAL F 28 17.24 3.38 -31.17
N GLY F 29 18.46 3.12 -30.74
CA GLY F 29 19.09 1.83 -30.97
C GLY F 29 20.59 1.97 -31.03
N PHE F 30 21.24 0.83 -31.26
CA PHE F 30 22.70 0.80 -31.36
C PHE F 30 23.19 1.67 -32.52
N ASP F 31 22.61 1.49 -33.70
CA ASP F 31 23.02 2.30 -34.85
C ASP F 31 22.71 3.77 -34.61
N VAL F 32 21.59 4.07 -33.94
CA VAL F 32 21.21 5.45 -33.68
C VAL F 32 22.20 6.12 -32.74
N ASP F 33 22.59 5.43 -31.67
CA ASP F 33 23.55 6.00 -30.73
C ASP F 33 24.94 6.13 -31.34
N LEU F 34 25.37 5.10 -32.09
CA LEU F 34 26.72 5.12 -32.64
C LEU F 34 26.91 6.27 -33.62
N TRP F 35 25.92 6.55 -34.47
CA TRP F 35 26.08 7.62 -35.44
C TRP F 35 26.07 8.99 -34.78
N ALA F 36 25.19 9.18 -33.79
CA ALA F 36 25.19 10.44 -33.07
C ALA F 36 26.55 10.72 -32.44
N ALA F 37 27.24 9.68 -31.99
CA ALA F 37 28.58 9.86 -31.46
C ALA F 37 29.58 10.14 -32.58
N ILE F 38 29.44 9.47 -33.72
CA ILE F 38 30.31 9.75 -34.86
C ILE F 38 30.07 11.16 -35.39
N ALA F 39 28.80 11.51 -35.61
CA ALA F 39 28.48 12.82 -36.16
C ALA F 39 28.87 13.95 -35.21
N LYS F 40 28.77 13.72 -33.90
CA LYS F 40 29.15 14.76 -32.94
C LYS F 40 30.66 15.00 -32.99
N GLU F 41 31.45 13.92 -33.06
CA GLU F 41 32.90 14.05 -33.18
C GLU F 41 33.28 14.78 -34.46
N LEU F 42 32.60 14.47 -35.56
CA LEU F 42 32.90 15.05 -36.87
C LEU F 42 32.21 16.39 -37.12
N LYS F 43 31.43 16.89 -36.18
CA LYS F 43 30.72 18.16 -36.33
C LYS F 43 29.81 18.13 -37.56
N LEU F 44 28.96 17.11 -37.63
CA LEU F 44 28.04 16.95 -38.75
C LEU F 44 26.60 17.12 -38.29
N ASP F 45 25.80 17.80 -39.10
CA ASP F 45 24.37 17.90 -38.90
C ASP F 45 23.68 16.90 -39.82
N TYR F 46 22.68 16.20 -39.29
CA TYR F 46 22.06 15.13 -40.07
C TYR F 46 20.59 15.01 -39.71
N GLU F 47 19.88 14.22 -40.52
CA GLU F 47 18.49 13.86 -40.27
C GLU F 47 18.32 12.39 -40.61
N LEU F 48 17.42 11.74 -39.89
CA LEU F 48 17.20 10.29 -40.09
C LEU F 48 15.99 10.09 -41.01
N LYS F 49 16.12 9.14 -41.92
CA LYS F 49 15.06 8.82 -42.87
C LYS F 49 14.84 7.31 -42.82
N PRO F 50 14.02 6.83 -41.89
CA PRO F 50 13.75 5.39 -41.80
C PRO F 50 12.97 4.91 -43.01
N MET F 51 13.30 3.69 -43.44
CA MET F 51 12.65 3.09 -44.60
C MET F 51 12.90 1.59 -44.55
N ASP F 52 12.19 0.85 -45.41
CA ASP F 52 12.42 -0.58 -45.50
C ASP F 52 13.78 -0.87 -46.10
N PHE F 53 14.39 -1.96 -45.63
CA PHE F 53 15.76 -2.29 -46.00
C PHE F 53 15.93 -2.45 -47.50
N SER F 54 14.91 -2.97 -48.20
CA SER F 54 15.02 -3.20 -49.64
C SER F 54 15.20 -1.93 -50.44
N GLY F 55 14.96 -0.76 -49.85
CA GLY F 55 15.12 0.49 -50.57
C GLY F 55 16.31 1.30 -50.09
N ILE F 56 17.08 0.74 -49.16
CA ILE F 56 18.23 1.44 -48.61
C ILE F 56 19.39 1.43 -49.62
N ILE F 57 19.73 0.24 -50.13
CA ILE F 57 20.76 0.14 -51.16
C ILE F 57 20.39 0.95 -52.41
N PRO F 58 19.16 0.85 -52.95
CA PRO F 58 18.82 1.73 -54.08
C PRO F 58 18.90 3.21 -53.71
N ALA F 59 18.55 3.58 -52.48
CA ALA F 59 18.63 4.98 -52.08
C ALA F 59 20.05 5.50 -52.13
N LEU F 60 21.03 4.64 -51.82
CA LEU F 60 22.42 5.03 -51.95
C LEU F 60 22.83 5.13 -53.41
N GLN F 61 22.35 4.20 -54.24
CA GLN F 61 22.70 4.21 -55.66
C GLN F 61 22.18 5.47 -56.36
N THR F 62 20.94 5.85 -56.07
CA THR F 62 20.34 7.04 -56.66
C THR F 62 20.79 8.32 -55.96
N LYS F 63 21.61 8.20 -54.92
CA LYS F 63 22.16 9.34 -54.19
C LYS F 63 21.04 10.19 -53.55
N ASN F 64 19.90 9.56 -53.25
CA ASN F 64 18.88 10.27 -52.49
C ASN F 64 19.19 10.32 -51.00
N VAL F 65 20.16 9.53 -50.54
CA VAL F 65 20.56 9.53 -49.14
C VAL F 65 22.08 9.57 -49.09
N ASP F 66 22.60 10.21 -48.04
CA ASP F 66 24.04 10.45 -47.95
C ASP F 66 24.81 9.28 -47.37
N LEU F 67 24.17 8.46 -46.56
CA LEU F 67 24.78 7.27 -45.97
C LEU F 67 23.66 6.44 -45.35
N ALA F 68 24.03 5.29 -44.79
CA ALA F 68 23.01 4.36 -44.30
C ALA F 68 23.51 3.61 -43.09
N LEU F 69 22.61 3.41 -42.12
CA LEU F 69 22.88 2.63 -40.92
C LEU F 69 21.69 1.73 -40.65
N ALA F 70 21.79 0.46 -41.07
CA ALA F 70 20.75 -0.51 -40.79
C ALA F 70 21.35 -1.89 -40.62
N GLY F 71 22.52 -1.97 -39.97
CA GLY F 71 23.22 -3.23 -39.86
C GLY F 71 23.56 -3.85 -41.18
N ILE F 72 24.01 -3.05 -42.14
CA ILE F 72 24.26 -3.54 -43.49
C ILE F 72 25.51 -4.42 -43.46
N THR F 73 25.35 -5.67 -43.89
CA THR F 73 26.49 -6.58 -43.94
C THR F 73 27.43 -6.18 -45.06
N ILE F 74 28.72 -6.14 -44.76
CA ILE F 74 29.74 -5.88 -45.78
C ILE F 74 29.85 -7.12 -46.67
N CYS F 75 29.49 -6.97 -47.93
CA CYS F 75 29.45 -8.08 -48.87
C CYS F 75 30.09 -7.66 -50.18
N ASP F 76 30.72 -8.63 -50.85
CA ASP F 76 31.41 -8.32 -52.10
C ASP F 76 30.42 -7.96 -53.20
N GLU F 77 29.28 -8.64 -53.24
CA GLU F 77 28.23 -8.26 -54.20
C GLU F 77 27.74 -6.84 -53.93
N ARG F 78 27.61 -6.47 -52.65
CA ARG F 78 27.19 -5.12 -52.32
C ARG F 78 28.28 -4.10 -52.58
N LYS F 79 29.55 -4.51 -52.52
CA LYS F 79 30.65 -3.59 -52.77
C LYS F 79 30.67 -3.10 -54.21
N LYS F 80 30.04 -3.83 -55.14
CA LYS F 80 29.89 -3.36 -56.51
C LYS F 80 28.95 -2.17 -56.62
N ALA F 81 28.06 -1.98 -55.66
CA ALA F 81 27.01 -0.97 -55.74
C ALA F 81 27.18 0.18 -54.77
N ILE F 82 27.72 -0.08 -53.57
CA ILE F 82 27.89 0.93 -52.54
C ILE F 82 29.27 0.76 -51.92
N ASP F 83 29.66 1.76 -51.14
CA ASP F 83 30.91 1.74 -50.41
C ASP F 83 30.64 1.48 -48.93
N PHE F 84 31.53 0.73 -48.29
CA PHE F 84 31.41 0.42 -46.88
C PHE F 84 32.53 1.08 -46.10
N SER F 85 32.26 1.37 -44.84
CA SER F 85 33.30 1.84 -43.93
C SER F 85 33.94 0.64 -43.25
N ASP F 86 34.83 0.90 -42.31
CA ASP F 86 35.39 -0.18 -41.51
C ASP F 86 34.32 -0.72 -40.58
N GLY F 87 34.32 -2.03 -40.37
CA GLY F 87 33.31 -2.69 -39.57
C GLY F 87 33.11 -2.14 -38.17
N TYR F 88 31.85 -2.13 -37.71
CA TYR F 88 31.52 -1.60 -36.40
C TYR F 88 30.80 -2.61 -35.52
N TYR F 89 30.55 -3.82 -36.00
CA TYR F 89 29.90 -4.85 -35.20
C TYR F 89 30.12 -6.20 -35.85
N LYS F 90 30.64 -7.16 -35.08
CA LYS F 90 30.85 -8.52 -35.56
C LYS F 90 29.56 -9.32 -35.37
N SER F 91 28.96 -9.75 -36.47
CA SER F 91 27.66 -10.41 -36.40
C SER F 91 27.65 -11.76 -37.11
N GLY F 92 26.47 -12.34 -37.26
CA GLY F 92 26.34 -13.62 -37.93
C GLY F 92 24.88 -14.00 -38.04
N LEU F 93 24.64 -15.25 -38.43
CA LEU F 93 23.29 -15.80 -38.51
C LEU F 93 23.11 -16.88 -37.46
N LEU F 94 21.86 -17.03 -36.99
CA LEU F 94 21.56 -17.95 -35.92
C LEU F 94 20.16 -18.52 -36.12
N VAL F 95 19.99 -19.78 -35.74
CA VAL F 95 18.71 -20.49 -35.87
C VAL F 95 17.97 -20.45 -34.55
N MET F 96 16.70 -20.02 -34.61
CA MET F 96 15.83 -19.98 -33.44
C MET F 96 14.63 -20.88 -33.70
N VAL F 97 14.30 -21.71 -32.71
CA VAL F 97 13.14 -22.58 -32.77
C VAL F 97 12.37 -22.42 -31.46
N LYS F 98 11.22 -23.10 -31.37
CA LYS F 98 10.44 -23.08 -30.16
C LYS F 98 11.21 -23.76 -29.03
N ALA F 99 10.89 -23.38 -27.79
CA ALA F 99 11.61 -23.92 -26.65
C ALA F 99 11.38 -25.42 -26.52
N ASN F 100 10.18 -25.90 -26.88
CA ASN F 100 9.83 -27.31 -26.79
C ASN F 100 10.12 -28.06 -28.08
N ASN F 101 11.17 -27.68 -28.80
CA ASN F 101 11.52 -28.28 -30.07
C ASN F 101 12.84 -29.02 -29.94
N ASN F 102 12.87 -30.29 -30.37
CA ASN F 102 14.03 -31.14 -30.22
C ASN F 102 14.50 -31.83 -31.51
N ASP F 103 13.79 -31.61 -32.61
CA ASP F 103 14.19 -32.20 -33.92
C ASP F 103 15.13 -31.22 -34.63
N VAL F 104 15.30 -30.01 -34.06
CA VAL F 104 16.21 -28.99 -34.67
C VAL F 104 17.35 -28.72 -33.69
N LYS F 105 18.55 -29.27 -33.96
CA LYS F 105 19.69 -29.06 -33.09
C LYS F 105 20.79 -28.30 -33.78
N SER F 106 20.70 -28.11 -35.10
CA SER F 106 21.66 -27.38 -35.91
C SER F 106 20.98 -27.08 -37.24
N VAL F 107 21.68 -26.32 -38.09
CA VAL F 107 21.13 -26.01 -39.40
C VAL F 107 20.97 -27.26 -40.25
N LYS F 108 21.81 -28.27 -40.01
CA LYS F 108 21.70 -29.52 -40.75
C LYS F 108 20.34 -30.19 -40.51
N ASP F 109 19.77 -30.03 -39.33
CA ASP F 109 18.46 -30.58 -39.01
C ASP F 109 17.31 -29.76 -39.57
N LEU F 110 17.59 -28.80 -40.46
CA LEU F 110 16.57 -27.96 -41.06
C LEU F 110 16.25 -28.35 -42.50
N ASP F 111 16.57 -29.59 -42.89
CA ASP F 111 16.31 -30.07 -44.24
C ASP F 111 14.84 -30.45 -44.44
N GLY F 112 14.26 -30.00 -45.55
CA GLY F 112 12.87 -30.27 -45.84
C GLY F 112 11.91 -29.68 -44.83
N LYS F 113 12.20 -28.48 -44.34
CA LYS F 113 11.38 -27.82 -43.33
C LYS F 113 11.02 -26.42 -43.80
N VAL F 114 10.20 -25.76 -43.00
CA VAL F 114 9.77 -24.40 -43.28
C VAL F 114 10.64 -23.46 -42.47
N VAL F 115 11.40 -22.62 -43.16
CA VAL F 115 12.31 -21.66 -42.53
C VAL F 115 11.83 -20.27 -42.88
N ALA F 116 11.66 -19.43 -41.86
CA ALA F 116 11.23 -18.05 -42.04
C ALA F 116 12.43 -17.12 -41.96
N VAL F 117 12.49 -16.17 -42.88
CA VAL F 117 13.59 -15.21 -42.96
C VAL F 117 12.98 -13.84 -43.28
N LYS F 118 13.82 -12.82 -43.19
CA LYS F 118 13.39 -11.44 -43.44
C LYS F 118 13.74 -11.08 -44.88
N SER F 119 12.76 -10.50 -45.58
CA SER F 119 12.93 -10.20 -47.01
C SER F 119 14.02 -9.15 -47.22
N GLY F 120 14.80 -9.35 -48.29
CA GLY F 120 15.83 -8.41 -48.67
C GLY F 120 17.13 -8.53 -47.91
N THR F 121 17.24 -9.49 -46.99
CA THR F 121 18.41 -9.64 -46.15
C THR F 121 19.31 -10.77 -46.65
N GLY F 122 20.47 -10.89 -46.01
CA GLY F 122 21.42 -11.94 -46.35
C GLY F 122 21.00 -13.31 -45.90
N SER F 123 20.07 -13.40 -44.95
CA SER F 123 19.57 -14.70 -44.51
C SER F 123 18.91 -15.46 -45.65
N VAL F 124 18.33 -14.73 -46.60
CA VAL F 124 17.71 -15.39 -47.76
C VAL F 124 18.75 -16.12 -48.60
N ASP F 125 19.88 -15.47 -48.86
CA ASP F 125 20.92 -16.10 -49.68
C ASP F 125 21.55 -17.30 -48.98
N TYR F 126 21.84 -17.18 -47.69
CA TYR F 126 22.44 -18.32 -46.95
C TYR F 126 21.48 -19.51 -47.04
N ALA F 127 20.21 -19.28 -46.69
CA ALA F 127 19.27 -20.39 -46.68
C ALA F 127 19.12 -21.02 -48.06
N LYS F 128 19.14 -20.20 -49.12
CA LYS F 128 19.00 -20.72 -50.47
C LYS F 128 20.19 -21.56 -50.90
N ALA F 129 21.38 -21.22 -50.44
CA ALA F 129 22.61 -21.85 -50.91
C ALA F 129 23.15 -22.93 -49.99
N ASN F 130 22.67 -23.01 -48.74
CA ASN F 130 23.23 -23.95 -47.77
C ASN F 130 22.22 -24.86 -47.09
N ILE F 131 20.92 -24.64 -47.25
CA ILE F 131 19.89 -25.38 -46.53
C ILE F 131 18.92 -25.99 -47.54
N LYS F 132 18.57 -27.27 -47.35
CA LYS F 132 17.58 -27.92 -48.21
C LYS F 132 16.17 -27.73 -47.63
N THR F 133 15.66 -26.52 -47.83
CA THR F 133 14.33 -26.17 -47.34
C THR F 133 13.26 -26.73 -48.25
N LYS F 134 12.19 -27.27 -47.64
CA LYS F 134 10.97 -27.57 -48.40
C LYS F 134 10.31 -26.29 -48.90
N ASP F 135 10.33 -25.24 -48.08
CA ASP F 135 9.79 -23.94 -48.45
C ASP F 135 10.49 -22.88 -47.63
N LEU F 136 10.92 -21.80 -48.30
CA LEU F 136 11.55 -20.66 -47.64
C LEU F 136 10.58 -19.48 -47.69
N ARG F 137 10.00 -19.14 -46.54
CA ARG F 137 9.03 -18.06 -46.45
C ARG F 137 9.72 -16.78 -46.04
N GLN F 138 9.62 -15.75 -46.88
CA GLN F 138 10.22 -14.45 -46.63
C GLN F 138 9.15 -13.47 -46.19
N PHE F 139 9.51 -12.62 -45.24
CA PHE F 139 8.57 -11.61 -44.75
C PHE F 139 9.28 -10.27 -44.69
N PRO F 140 8.61 -9.19 -45.14
CA PRO F 140 9.23 -7.87 -45.05
C PRO F 140 9.53 -7.45 -43.62
N ASN F 141 8.75 -7.92 -42.66
CA ASN F 141 8.97 -7.61 -41.25
C ASN F 141 9.26 -8.91 -40.50
N ILE F 142 10.19 -8.84 -39.55
CA ILE F 142 10.68 -10.04 -38.89
C ILE F 142 9.68 -10.55 -37.86
N ASP F 143 8.84 -9.67 -37.31
CA ASP F 143 7.83 -10.09 -36.35
C ASP F 143 6.85 -11.09 -36.96
N ASN F 144 6.59 -11.00 -38.27
CA ASN F 144 5.77 -11.99 -38.92
C ASN F 144 6.46 -13.36 -38.96
N ALA F 145 7.80 -13.37 -39.04
CA ALA F 145 8.52 -14.64 -38.98
C ALA F 145 8.47 -15.24 -37.59
N TYR F 146 8.58 -14.41 -36.56
CA TYR F 146 8.41 -14.88 -35.18
C TYR F 146 7.04 -15.50 -34.97
N MET F 147 5.99 -14.83 -35.48
CA MET F 147 4.62 -15.35 -35.34
C MET F 147 4.48 -16.74 -35.96
N GLU F 148 5.00 -16.92 -37.18
CA GLU F 148 4.86 -18.21 -37.83
C GLU F 148 5.59 -19.32 -37.09
N LEU F 149 6.65 -18.96 -36.35
CA LEU F 149 7.33 -19.97 -35.53
C LEU F 149 6.50 -20.38 -34.33
N GLY F 150 5.89 -19.40 -33.64
CA GLY F 150 5.11 -19.73 -32.46
C GLY F 150 3.86 -20.53 -32.81
N THR F 151 3.19 -20.16 -33.89
CA THR F 151 2.02 -20.88 -34.37
C THR F 151 2.35 -22.10 -35.22
N ASN F 152 3.63 -22.45 -35.32
CA ASN F 152 4.11 -23.69 -35.91
C ASN F 152 3.78 -23.77 -37.40
N ARG F 153 3.57 -22.63 -38.06
CA ARG F 153 3.57 -22.64 -39.53
C ARG F 153 4.98 -22.66 -40.09
N ALA F 154 5.97 -22.28 -39.29
CA ALA F 154 7.37 -22.38 -39.66
C ALA F 154 8.11 -23.19 -38.61
N ASP F 155 9.12 -23.94 -39.06
CA ASP F 155 9.87 -24.80 -38.16
C ASP F 155 11.03 -24.09 -37.48
N ALA F 156 11.58 -23.04 -38.09
CA ALA F 156 12.67 -22.29 -37.51
C ALA F 156 12.76 -20.93 -38.16
N VAL F 157 13.35 -19.99 -37.43
CA VAL F 157 13.69 -18.67 -37.96
C VAL F 157 15.21 -18.56 -38.06
N LEU F 158 15.67 -18.02 -39.18
CA LEU F 158 17.09 -17.76 -39.43
C LEU F 158 17.26 -16.26 -39.60
N HIS F 159 17.93 -15.63 -38.65
CA HIS F 159 18.14 -14.19 -38.69
C HIS F 159 19.42 -13.85 -37.94
N ASP F 160 19.77 -12.57 -37.94
CA ASP F 160 21.04 -12.12 -37.38
C ASP F 160 21.26 -12.50 -35.92
N THR F 161 22.49 -12.89 -35.58
CA THR F 161 22.76 -13.33 -34.19
C THR F 161 22.33 -12.24 -33.21
N PRO F 162 22.80 -10.99 -33.35
CA PRO F 162 22.50 -9.96 -32.37
C PRO F 162 21.01 -9.72 -32.14
N ASN F 163 20.19 -9.96 -33.16
CA ASN F 163 18.75 -9.64 -33.06
C ASN F 163 18.00 -10.81 -32.42
N ILE F 164 18.25 -12.03 -32.90
CA ILE F 164 17.60 -13.21 -32.31
C ILE F 164 17.88 -13.28 -30.82
N LEU F 165 19.12 -12.98 -30.42
CA LEU F 165 19.48 -13.04 -29.01
C LEU F 165 18.76 -11.94 -28.22
N TYR F 166 18.69 -10.73 -28.76
CA TYR F 166 18.02 -9.64 -28.07
C TYR F 166 16.51 -9.90 -27.98
N PHE F 167 15.94 -10.52 -29.02
CA PHE F 167 14.52 -10.85 -28.99
C PHE F 167 14.21 -11.88 -27.91
N ILE F 168 15.06 -12.91 -27.78
CA ILE F 168 14.84 -13.92 -26.75
C ILE F 168 14.97 -13.30 -25.36
N LYS F 169 15.91 -12.36 -25.19
CA LYS F 169 16.18 -11.81 -23.88
C LYS F 169 15.10 -10.83 -23.43
N THR F 170 14.43 -10.17 -24.37
CA THR F 170 13.52 -9.08 -24.05
C THR F 170 12.06 -9.42 -24.28
N ALA F 171 11.71 -10.04 -25.40
CA ALA F 171 10.32 -10.24 -25.77
C ALA F 171 9.95 -11.70 -25.99
N GLY F 172 10.80 -12.64 -25.61
CA GLY F 172 10.48 -14.04 -25.81
C GLY F 172 9.75 -14.78 -24.70
N ASN F 173 10.04 -14.46 -23.43
CA ASN F 173 9.42 -15.12 -22.28
C ASN F 173 9.50 -16.64 -22.37
N GLY F 174 10.70 -17.13 -22.66
CA GLY F 174 10.94 -18.56 -22.69
C GLY F 174 10.11 -19.36 -23.66
N GLN F 175 9.60 -18.72 -24.72
CA GLN F 175 8.85 -19.42 -25.76
C GLN F 175 9.70 -19.71 -26.99
N PHE F 176 10.90 -19.14 -27.06
CA PHE F 176 11.83 -19.38 -28.15
C PHE F 176 13.21 -19.60 -27.56
N LYS F 177 14.04 -20.32 -28.32
CA LYS F 177 15.37 -20.66 -27.85
C LYS F 177 16.34 -20.63 -29.03
N ALA F 178 17.61 -20.37 -28.73
CA ALA F 178 18.67 -20.33 -29.72
C ALA F 178 19.35 -21.68 -29.79
N VAL F 179 19.28 -22.32 -30.96
CA VAL F 179 19.94 -23.60 -31.19
C VAL F 179 21.04 -23.46 -32.23
N GLY F 180 22.21 -24.01 -31.93
CA GLY F 180 23.34 -23.94 -32.87
C GLY F 180 24.37 -22.92 -32.46
N ASP F 181 25.25 -22.54 -33.38
CA ASP F 181 26.27 -21.49 -33.10
C ASP F 181 26.06 -20.37 -34.12
N SER F 182 26.78 -19.25 -33.99
CA SER F 182 26.65 -18.19 -35.02
C SER F 182 27.24 -18.70 -36.32
N LEU F 183 26.58 -18.42 -37.45
CA LEU F 183 27.04 -18.93 -38.76
C LEU F 183 27.13 -17.77 -39.75
N GLU F 184 27.79 -17.97 -40.89
CA GLU F 184 27.98 -16.87 -41.87
C GLU F 184 28.52 -15.65 -41.11
N ALA F 185 29.70 -15.78 -40.50
CA ALA F 185 30.32 -14.64 -39.78
C ALA F 185 30.19 -13.37 -40.63
N GLN F 186 29.86 -12.24 -40.01
CA GLN F 186 29.64 -11.00 -40.79
C GLN F 186 30.26 -9.84 -40.03
N GLN F 187 30.27 -8.67 -40.65
CA GLN F 187 30.73 -7.46 -39.94
C GLN F 187 29.92 -6.32 -40.53
N TYR F 188 29.07 -5.73 -39.70
CA TYR F 188 28.23 -4.61 -40.17
C TYR F 188 29.15 -3.43 -40.48
N GLY F 189 28.79 -2.66 -41.49
CA GLY F 189 29.55 -1.51 -41.92
C GLY F 189 28.63 -0.38 -42.32
N ILE F 190 29.12 0.84 -42.17
CA ILE F 190 28.36 2.02 -42.57
C ILE F 190 28.43 2.11 -44.08
N ALA F 191 27.26 2.23 -44.72
CA ALA F 191 27.18 2.19 -46.17
C ALA F 191 27.16 3.60 -46.72
N PHE F 192 27.93 3.81 -47.80
CA PHE F 192 28.02 5.15 -48.41
C PHE F 192 27.85 5.01 -49.92
N PRO F 193 27.28 6.01 -50.62
CA PRO F 193 27.22 5.98 -52.08
C PRO F 193 28.61 6.02 -52.69
N LYS F 194 28.72 5.46 -53.89
CA LYS F 194 29.99 5.49 -54.62
C LYS F 194 30.42 6.93 -54.87
N GLY F 195 31.64 7.26 -54.47
CA GLY F 195 32.16 8.61 -54.63
C GLY F 195 32.20 9.44 -53.36
N SER F 196 31.79 8.89 -52.22
CA SER F 196 31.83 9.61 -50.95
C SER F 196 33.06 9.20 -50.16
N ASP F 197 34.23 9.44 -50.75
CA ASP F 197 35.47 8.94 -50.19
C ASP F 197 35.98 9.81 -49.04
N GLU F 198 35.80 11.13 -49.12
CA GLU F 198 36.21 11.98 -48.00
C GLU F 198 35.38 11.67 -46.76
N LEU F 199 34.06 11.53 -46.93
CA LEU F 199 33.20 11.19 -45.81
C LEU F 199 33.48 9.79 -45.29
N ARG F 200 33.73 8.83 -46.19
CA ARG F 200 34.00 7.47 -45.76
C ARG F 200 35.33 7.39 -45.01
N ASP F 201 36.37 8.05 -45.52
CA ASP F 201 37.66 8.04 -44.83
C ASP F 201 37.58 8.79 -43.51
N LYS F 202 36.88 9.92 -43.47
CA LYS F 202 36.76 10.68 -42.24
C LYS F 202 35.93 9.94 -41.19
N VAL F 203 34.84 9.29 -41.62
CA VAL F 203 34.00 8.56 -40.68
C VAL F 203 34.78 7.39 -40.07
N ASN F 204 35.64 6.76 -40.86
CA ASN F 204 36.51 5.71 -40.33
C ASN F 204 37.43 6.25 -39.25
N GLY F 205 37.86 7.51 -39.35
CA GLY F 205 38.69 8.09 -38.31
C GLY F 205 37.92 8.29 -37.02
N ALA F 206 36.70 8.81 -37.11
CA ALA F 206 35.86 8.96 -35.92
C ALA F 206 35.56 7.62 -35.27
N LEU F 207 35.46 6.56 -36.08
CA LEU F 207 35.20 5.23 -35.52
C LEU F 207 36.33 4.79 -34.58
N LYS F 208 37.58 5.01 -34.99
CA LYS F 208 38.70 4.60 -34.14
C LYS F 208 38.76 5.44 -32.86
N THR F 209 38.51 6.74 -32.95
CA THR F 209 38.42 7.58 -31.76
C THR F 209 37.38 7.06 -30.77
N LEU F 210 36.19 6.72 -31.28
CA LEU F 210 35.12 6.30 -30.39
C LEU F 210 35.46 4.96 -29.74
N ARG F 211 36.27 4.15 -30.41
CA ARG F 211 36.62 2.81 -29.86
C ARG F 211 37.76 2.96 -28.85
N GLU F 212 38.37 4.14 -28.77
CA GLU F 212 39.52 4.36 -27.87
C GLU F 212 39.11 5.26 -26.70
N ASN F 213 38.26 6.26 -26.94
CA ASN F 213 37.79 7.04 -25.81
C ASN F 213 36.75 6.32 -24.96
N GLY F 214 36.38 5.09 -25.30
CA GLY F 214 35.44 4.32 -24.51
C GLY F 214 33.98 4.48 -24.86
N THR F 215 33.66 5.37 -25.80
CA THR F 215 32.25 5.60 -26.16
C THR F 215 31.62 4.38 -26.81
N TYR F 216 32.38 3.65 -27.64
CA TYR F 216 31.84 2.46 -28.29
C TYR F 216 31.37 1.39 -27.32
N ASN F 217 32.20 1.06 -26.33
CA ASN F 217 31.80 0.04 -25.36
C ASN F 217 30.68 0.55 -24.45
N GLU F 218 30.58 1.87 -24.29
CA GLU F 218 29.48 2.44 -23.53
C GLU F 218 28.18 2.14 -24.28
N ILE F 219 28.16 2.44 -25.57
CA ILE F 219 26.96 2.19 -26.38
C ILE F 219 26.70 0.70 -26.57
N TYR F 220 27.76 -0.10 -26.71
CA TYR F 220 27.59 -1.54 -26.86
C TYR F 220 26.96 -2.16 -25.61
N LYS F 221 27.51 -1.85 -24.43
CA LYS F 221 26.97 -2.41 -23.20
C LYS F 221 25.55 -1.94 -22.94
N LYS F 222 25.20 -0.74 -23.42
CA LYS F 222 23.85 -0.22 -23.20
C LYS F 222 22.81 -1.12 -23.84
N TRP F 223 23.13 -1.72 -24.98
CA TRP F 223 22.09 -2.51 -25.69
C TRP F 223 22.37 -4.00 -25.62
N PHE F 224 23.64 -4.41 -25.67
CA PHE F 224 23.94 -5.86 -25.73
C PHE F 224 24.40 -6.37 -24.36
N GLY F 225 24.52 -5.48 -23.39
CA GLY F 225 24.83 -5.90 -22.01
C GLY F 225 26.27 -6.28 -21.73
N THR F 226 26.76 -7.31 -22.41
CA THR F 226 28.16 -7.78 -22.17
C THR F 226 29.14 -6.87 -22.89
N GLU F 227 30.43 -7.18 -22.80
CA GLU F 227 31.47 -6.38 -23.51
C GLU F 227 31.96 -7.04 -24.80
N PRO F 228 32.30 -6.26 -25.85
CA PRO F 228 32.73 -6.83 -27.13
C PRO F 228 34.14 -7.45 -27.04
N LYS G 6 -47.51 -14.19 10.85
CA LYS G 6 -47.57 -13.43 12.08
C LYS G 6 -48.04 -11.98 11.84
N LYS G 7 -47.12 -11.04 12.07
CA LYS G 7 -47.44 -9.62 12.09
C LYS G 7 -46.19 -8.84 11.65
N LEU G 8 -46.09 -8.58 10.35
CA LEU G 8 -44.96 -7.82 9.84
C LEU G 8 -44.91 -6.47 10.55
N VAL G 9 -43.70 -6.02 10.88
CA VAL G 9 -43.49 -4.73 11.52
C VAL G 9 -43.02 -3.77 10.44
N VAL G 10 -43.75 -2.67 10.28
CA VAL G 10 -43.48 -1.65 9.28
C VAL G 10 -43.13 -0.35 10.00
N ALA G 11 -41.90 0.12 9.81
CA ALA G 11 -41.46 1.37 10.42
C ALA G 11 -41.88 2.59 9.60
N THR G 12 -42.25 3.66 10.30
CA THR G 12 -42.65 4.91 9.69
C THR G 12 -42.03 6.08 10.43
N ASP G 13 -42.06 7.24 9.81
CA ASP G 13 -41.51 8.44 10.43
C ASP G 13 -42.57 8.99 11.38
N THR G 14 -42.10 9.57 12.49
CA THR G 14 -43.02 10.17 13.45
C THR G 14 -43.83 11.29 12.81
N ALA G 15 -43.19 12.09 11.95
CA ALA G 15 -43.86 13.21 11.30
C ALA G 15 -43.12 13.52 10.01
N PHE G 16 -43.77 13.24 8.87
CA PHE G 16 -43.24 13.53 7.55
C PHE G 16 -44.44 13.80 6.64
N VAL G 17 -45.08 14.94 6.86
CA VAL G 17 -46.34 15.28 6.16
C VAL G 17 -46.04 15.53 4.69
N PRO G 18 -46.87 15.03 3.77
CA PRO G 18 -48.09 14.26 4.00
C PRO G 18 -47.90 12.76 3.78
N PHE G 19 -46.69 12.23 3.98
CA PHE G 19 -46.47 10.80 3.75
C PHE G 19 -46.89 9.97 4.96
N GLU G 20 -46.60 10.44 6.17
CA GLU G 20 -47.08 9.79 7.39
C GLU G 20 -47.08 10.81 8.51
N PHE G 21 -48.17 10.86 9.27
CA PHE G 21 -48.24 11.71 10.45
C PHE G 21 -49.40 11.23 11.33
N LYS G 22 -49.33 11.61 12.61
CA LYS G 22 -50.37 11.26 13.56
C LYS G 22 -51.56 12.20 13.39
N GLN G 23 -52.74 11.63 13.12
CA GLN G 23 -53.98 12.39 13.06
C GLN G 23 -54.95 11.72 14.04
N GLY G 24 -55.08 12.31 15.22
CA GLY G 24 -55.89 11.69 16.27
C GLY G 24 -55.13 10.55 16.90
N ASP G 25 -55.79 9.41 17.06
CA ASP G 25 -55.17 8.24 17.68
C ASP G 25 -54.66 7.25 16.65
N ILE G 26 -54.45 7.68 15.41
CA ILE G 26 -53.93 6.83 14.33
C ILE G 26 -52.94 7.62 13.48
N TYR G 27 -52.23 6.89 12.63
CA TYR G 27 -51.32 7.47 11.66
C TYR G 27 -51.93 7.41 10.26
N VAL G 28 -51.73 8.48 9.50
CA VAL G 28 -52.30 8.61 8.16
C VAL G 28 -51.26 9.27 7.26
N GLY G 29 -51.43 9.09 5.96
CA GLY G 29 -50.53 9.72 5.00
C GLY G 29 -50.45 8.91 3.72
N PHE G 30 -49.63 9.42 2.80
CA PHE G 30 -49.42 8.74 1.52
C PHE G 30 -48.85 7.34 1.73
N ASP G 31 -47.75 7.26 2.49
CA ASP G 31 -47.13 5.96 2.74
C ASP G 31 -48.05 5.03 3.54
N VAL G 32 -48.82 5.60 4.46
CA VAL G 32 -49.73 4.78 5.27
C VAL G 32 -50.81 4.16 4.40
N ASP G 33 -51.40 4.96 3.50
CA ASP G 33 -52.41 4.42 2.59
C ASP G 33 -51.80 3.47 1.58
N LEU G 34 -50.62 3.83 1.04
CA LEU G 34 -50.00 3.00 0.01
C LEU G 34 -49.63 1.62 0.54
N TRP G 35 -49.09 1.55 1.77
CA TRP G 35 -48.72 0.25 2.31
C TRP G 35 -49.95 -0.58 2.64
N ALA G 36 -50.99 0.06 3.20
CA ALA G 36 -52.23 -0.66 3.46
C ALA G 36 -52.80 -1.25 2.18
N ALA G 37 -52.64 -0.55 1.06
CA ALA G 37 -53.07 -1.09 -0.23
C ALA G 37 -52.15 -2.21 -0.68
N ILE G 38 -50.84 -2.05 -0.46
CA ILE G 38 -49.89 -3.12 -0.79
C ILE G 38 -50.17 -4.34 0.07
N ALA G 39 -50.34 -4.14 1.38
CA ALA G 39 -50.58 -5.25 2.29
C ALA G 39 -51.87 -5.99 1.97
N LYS G 40 -52.88 -5.29 1.44
CA LYS G 40 -54.13 -5.95 1.08
C LYS G 40 -53.94 -6.94 -0.07
N GLU G 41 -53.20 -6.54 -1.11
CA GLU G 41 -52.94 -7.43 -2.22
C GLU G 41 -52.16 -8.66 -1.78
N LEU G 42 -51.16 -8.48 -0.92
CA LEU G 42 -50.31 -9.57 -0.48
C LEU G 42 -50.87 -10.34 0.70
N LYS G 43 -52.03 -9.90 1.24
CA LYS G 43 -52.66 -10.56 2.38
C LYS G 43 -51.70 -10.65 3.57
N LEU G 44 -51.15 -9.49 3.95
CA LEU G 44 -50.19 -9.40 5.04
C LEU G 44 -50.80 -8.67 6.22
N ASP G 45 -50.51 -9.14 7.42
CA ASP G 45 -50.86 -8.45 8.65
C ASP G 45 -49.64 -7.68 9.14
N TYR G 46 -49.86 -6.46 9.59
CA TYR G 46 -48.76 -5.59 9.95
C TYR G 46 -49.16 -4.68 11.11
N GLU G 47 -48.14 -4.03 11.68
CA GLU G 47 -48.33 -3.01 12.70
C GLU G 47 -47.34 -1.88 12.43
N LEU G 48 -47.77 -0.65 12.71
CA LEU G 48 -46.94 0.52 12.49
C LEU G 48 -46.08 0.82 13.72
N LYS G 49 -44.85 1.25 13.46
CA LYS G 49 -43.88 1.61 14.50
C LYS G 49 -43.28 2.96 14.13
N PRO G 50 -43.95 4.05 14.50
CA PRO G 50 -43.39 5.39 14.23
C PRO G 50 -42.14 5.64 15.04
N MET G 51 -41.18 6.32 14.42
CA MET G 51 -39.93 6.67 15.07
C MET G 51 -39.28 7.80 14.29
N ASP G 52 -38.26 8.40 14.88
CA ASP G 52 -37.49 9.42 14.17
C ASP G 52 -36.68 8.77 13.07
N PHE G 53 -36.50 9.52 11.97
CA PHE G 53 -35.85 8.97 10.78
C PHE G 53 -34.45 8.46 11.07
N SER G 54 -33.73 9.08 12.00
CA SER G 54 -32.35 8.69 12.28
C SER G 54 -32.22 7.26 12.79
N GLY G 55 -33.32 6.64 13.21
CA GLY G 55 -33.30 5.27 13.68
C GLY G 55 -33.98 4.27 12.79
N ILE G 56 -34.44 4.67 11.60
CA ILE G 56 -35.14 3.75 10.71
C ILE G 56 -34.16 2.80 10.04
N ILE G 57 -33.10 3.32 9.43
CA ILE G 57 -32.07 2.47 8.83
C ILE G 57 -31.40 1.59 9.88
N PRO G 58 -30.99 2.10 11.04
CA PRO G 58 -30.45 1.20 12.08
C PRO G 58 -31.44 0.13 12.51
N ALA G 59 -32.74 0.45 12.54
CA ALA G 59 -33.73 -0.55 12.89
C ALA G 59 -33.77 -1.69 11.88
N LEU G 60 -33.54 -1.38 10.60
CA LEU G 60 -33.47 -2.42 9.58
C LEU G 60 -32.20 -3.27 9.72
N GLN G 61 -31.07 -2.63 10.01
CA GLN G 61 -29.82 -3.38 10.15
C GLN G 61 -29.89 -4.36 11.33
N THR G 62 -30.45 -3.91 12.46
CA THR G 62 -30.59 -4.77 13.63
C THR G 62 -31.79 -5.72 13.53
N LYS G 63 -32.56 -5.63 12.45
CA LYS G 63 -33.72 -6.51 12.22
C LYS G 63 -34.79 -6.36 13.30
N ASN G 64 -34.87 -5.19 13.92
CA ASN G 64 -35.98 -4.93 14.82
C ASN G 64 -37.26 -4.59 14.08
N VAL G 65 -37.16 -4.27 12.78
CA VAL G 65 -38.31 -3.97 11.96
C VAL G 65 -38.16 -4.70 10.63
N ASP G 66 -39.29 -5.08 10.04
CA ASP G 66 -39.27 -5.89 8.83
C ASP G 66 -39.14 -5.06 7.55
N LEU G 67 -39.61 -3.81 7.57
CA LEU G 67 -39.49 -2.92 6.43
C LEU G 67 -39.86 -1.51 6.91
N ALA G 68 -39.76 -0.54 6.00
CA ALA G 68 -39.95 0.85 6.38
C ALA G 68 -40.52 1.66 5.23
N LEU G 69 -41.40 2.62 5.56
CA LEU G 69 -41.94 3.58 4.60
C LEU G 69 -41.89 4.96 5.24
N ALA G 70 -40.87 5.75 4.88
CA ALA G 70 -40.76 7.13 5.40
C ALA G 70 -40.07 8.02 4.36
N GLY G 71 -40.69 8.19 3.19
CA GLY G 71 -40.05 8.98 2.11
C GLY G 71 -38.57 8.69 2.03
N ILE G 72 -38.19 7.40 2.11
CA ILE G 72 -36.74 7.02 2.13
C ILE G 72 -36.18 7.11 0.71
N THR G 73 -35.17 7.97 0.50
CA THR G 73 -34.54 8.10 -0.81
C THR G 73 -33.68 6.89 -1.14
N ILE G 74 -33.82 6.39 -2.36
CA ILE G 74 -32.94 5.32 -2.85
C ILE G 74 -31.58 5.92 -3.14
N CYS G 75 -30.57 5.47 -2.40
CA CYS G 75 -29.22 6.01 -2.50
C CYS G 75 -28.22 4.87 -2.55
N ASP G 76 -27.11 5.09 -3.24
CA ASP G 76 -26.12 4.03 -3.43
C ASP G 76 -25.40 3.67 -2.12
N GLU G 77 -25.00 4.68 -1.33
CA GLU G 77 -24.43 4.40 -0.03
C GLU G 77 -25.39 3.70 0.93
N ARG G 78 -26.66 4.07 0.88
CA ARG G 78 -27.64 3.41 1.73
C ARG G 78 -27.96 2.01 1.19
N LYS G 79 -27.66 1.77 -0.08
CA LYS G 79 -27.82 0.44 -0.67
C LYS G 79 -26.77 -0.50 -0.07
N LYS G 80 -25.68 0.06 0.48
CA LYS G 80 -24.69 -0.77 1.16
C LYS G 80 -25.23 -1.38 2.45
N ALA G 81 -26.27 -0.79 3.03
CA ALA G 81 -26.79 -1.22 4.32
C ALA G 81 -28.16 -1.86 4.26
N ILE G 82 -29.04 -1.41 3.35
CA ILE G 82 -30.40 -1.89 3.27
C ILE G 82 -30.77 -2.14 1.81
N ASP G 83 -31.91 -2.80 1.61
CA ASP G 83 -32.45 -3.08 0.29
C ASP G 83 -33.65 -2.17 0.02
N PHE G 84 -33.78 -1.77 -1.25
CA PHE G 84 -34.84 -0.88 -1.71
C PHE G 84 -35.80 -1.59 -2.65
N SER G 85 -37.02 -1.05 -2.74
CA SER G 85 -38.00 -1.60 -3.71
C SER G 85 -38.20 -0.56 -4.82
N ASP G 86 -38.80 -0.96 -5.95
CA ASP G 86 -38.92 0.01 -7.08
C ASP G 86 -39.52 1.30 -6.54
N GLY G 87 -39.01 2.45 -6.98
CA GLY G 87 -39.48 3.74 -6.44
C GLY G 87 -40.98 3.87 -6.48
N TYR G 88 -41.59 4.34 -5.39
CA TYR G 88 -43.06 4.51 -5.33
C TYR G 88 -43.40 6.00 -5.44
N TYR G 89 -42.39 6.86 -5.60
CA TYR G 89 -42.63 8.32 -5.64
C TYR G 89 -41.42 9.06 -6.24
N LYS G 90 -41.66 9.90 -7.25
CA LYS G 90 -40.57 10.69 -7.81
C LYS G 90 -40.50 12.02 -7.08
N SER G 91 -39.38 12.26 -6.40
CA SER G 91 -39.26 13.45 -5.55
C SER G 91 -38.03 14.28 -5.87
N GLY G 92 -37.74 15.26 -5.02
CA GLY G 92 -36.58 16.10 -5.19
C GLY G 92 -36.46 17.05 -4.03
N LEU G 93 -35.55 18.01 -4.18
CA LEU G 93 -35.35 19.06 -3.18
C LEU G 93 -35.79 20.40 -3.74
N LEU G 94 -36.25 21.28 -2.85
CA LEU G 94 -36.78 22.56 -3.27
C LEU G 94 -36.47 23.58 -2.17
N VAL G 95 -36.19 24.81 -2.60
CA VAL G 95 -35.83 25.89 -1.68
C VAL G 95 -37.07 26.72 -1.39
N MET G 96 -37.32 26.94 -0.10
CA MET G 96 -38.44 27.75 0.34
C MET G 96 -37.92 28.95 1.14
N VAL G 97 -38.45 30.13 0.81
CA VAL G 97 -38.12 31.36 1.52
C VAL G 97 -39.43 32.06 1.88
N LYS G 98 -39.32 33.15 2.64
CA LYS G 98 -40.49 33.92 2.99
C LYS G 98 -41.07 34.61 1.75
N ALA G 99 -42.36 34.93 1.84
CA ALA G 99 -43.06 35.56 0.73
C ALA G 99 -42.47 36.92 0.39
N ASN G 100 -41.95 37.64 1.39
CA ASN G 100 -41.39 38.97 1.17
C ASN G 100 -39.91 38.96 0.83
N ASN G 101 -39.43 37.91 0.18
CA ASN G 101 -38.02 37.78 -0.16
C ASN G 101 -37.88 37.76 -1.69
N ASN G 102 -37.07 38.68 -2.22
CA ASN G 102 -36.86 38.80 -3.66
C ASN G 102 -35.40 38.69 -4.09
N ASP G 103 -34.45 38.67 -3.16
CA ASP G 103 -33.06 38.53 -3.57
C ASP G 103 -32.69 37.06 -3.78
N VAL G 104 -33.51 36.15 -3.26
CA VAL G 104 -33.35 34.72 -3.50
C VAL G 104 -34.43 34.29 -4.48
N LYS G 105 -33.99 33.80 -5.64
CA LYS G 105 -34.86 33.22 -6.64
C LYS G 105 -34.42 31.83 -7.04
N SER G 106 -33.27 31.37 -6.56
CA SER G 106 -32.77 30.05 -6.86
C SER G 106 -31.71 29.70 -5.83
N VAL G 107 -31.24 28.46 -5.90
CA VAL G 107 -30.23 27.96 -4.98
C VAL G 107 -28.92 28.71 -5.18
N LYS G 108 -28.72 29.27 -6.37
CA LYS G 108 -27.54 30.07 -6.68
C LYS G 108 -27.43 31.28 -5.77
N ASP G 109 -28.56 31.83 -5.35
CA ASP G 109 -28.65 32.99 -4.46
C ASP G 109 -28.44 32.65 -2.99
N LEU G 110 -27.96 31.45 -2.68
CA LEU G 110 -27.72 30.99 -1.32
C LEU G 110 -26.25 31.07 -0.95
N ASP G 111 -25.50 31.97 -1.58
CA ASP G 111 -24.07 32.09 -1.28
C ASP G 111 -23.88 32.76 0.07
N GLY G 112 -23.15 32.11 0.95
CA GLY G 112 -22.91 32.69 2.27
C GLY G 112 -24.14 32.98 3.10
N LYS G 113 -25.14 32.11 3.07
CA LYS G 113 -26.38 32.37 3.79
C LYS G 113 -26.72 31.22 4.74
N VAL G 114 -27.77 31.43 5.53
CA VAL G 114 -28.22 30.48 6.55
C VAL G 114 -29.35 29.66 5.97
N VAL G 115 -29.14 28.35 5.87
CA VAL G 115 -30.11 27.41 5.33
C VAL G 115 -30.48 26.42 6.44
N ALA G 116 -31.77 26.24 6.66
CA ALA G 116 -32.26 25.29 7.65
C ALA G 116 -32.70 24.00 6.96
N VAL G 117 -32.30 22.87 7.54
CA VAL G 117 -32.60 21.55 6.99
C VAL G 117 -32.95 20.62 8.15
N LYS G 118 -33.40 19.42 7.80
CA LYS G 118 -33.78 18.41 8.79
C LYS G 118 -32.60 17.48 9.06
N SER G 119 -32.33 17.24 10.34
CA SER G 119 -31.19 16.42 10.73
C SER G 119 -31.36 14.98 10.26
N GLY G 120 -30.26 14.38 9.82
CA GLY G 120 -30.25 12.98 9.44
C GLY G 120 -30.80 12.66 8.05
N THR G 121 -31.23 13.66 7.30
CA THR G 121 -31.84 13.44 5.99
C THR G 121 -30.85 13.74 4.88
N GLY G 122 -31.27 13.45 3.65
CA GLY G 122 -30.44 13.71 2.49
C GLY G 122 -30.26 15.17 2.15
N SER G 123 -31.15 16.02 2.65
CA SER G 123 -31.03 17.46 2.38
C SER G 123 -29.74 18.04 2.94
N VAL G 124 -29.24 17.50 4.06
CA VAL G 124 -28.01 18.01 4.64
C VAL G 124 -26.82 17.68 3.74
N ASP G 125 -26.77 16.47 3.18
CA ASP G 125 -25.65 16.08 2.32
C ASP G 125 -25.60 16.95 1.06
N TYR G 126 -26.76 17.17 0.44
CA TYR G 126 -26.79 18.02 -0.75
C TYR G 126 -26.32 19.43 -0.41
N ALA G 127 -26.80 19.98 0.71
CA ALA G 127 -26.39 21.32 1.12
C ALA G 127 -24.90 21.37 1.46
N LYS G 128 -24.37 20.31 2.08
CA LYS G 128 -22.97 20.28 2.44
C LYS G 128 -22.06 20.25 1.22
N ALA G 129 -22.50 19.62 0.13
CA ALA G 129 -21.64 19.39 -1.02
C ALA G 129 -21.86 20.38 -2.17
N ASN G 130 -22.96 21.15 -2.16
CA ASN G 130 -23.28 22.00 -3.29
C ASN G 130 -23.53 23.47 -2.95
N ILE G 131 -23.69 23.85 -1.68
CA ILE G 131 -23.97 25.21 -1.30
C ILE G 131 -22.95 25.69 -0.28
N LYS G 132 -22.42 26.88 -0.50
CA LYS G 132 -21.42 27.49 0.38
C LYS G 132 -22.13 28.35 1.43
N THR G 133 -22.72 27.66 2.40
CA THR G 133 -23.48 28.32 3.47
C THR G 133 -22.57 28.93 4.51
N LYS G 134 -22.98 30.10 5.01
CA LYS G 134 -22.37 30.64 6.22
C LYS G 134 -22.64 29.74 7.41
N ASP G 135 -23.84 29.15 7.48
CA ASP G 135 -24.19 28.22 8.54
C ASP G 135 -25.29 27.31 8.04
N LEU G 136 -25.12 26.01 8.29
CA LEU G 136 -26.13 24.99 7.97
C LEU G 136 -26.75 24.51 9.28
N ARG G 137 -28.00 24.88 9.51
CA ARG G 137 -28.71 24.58 10.74
C ARG G 137 -29.54 23.32 10.53
N GLN G 138 -29.27 22.29 11.34
CA GLN G 138 -29.99 21.03 11.26
C GLN G 138 -30.98 20.93 12.41
N PHE G 139 -32.16 20.39 12.13
CA PHE G 139 -33.18 20.27 13.16
C PHE G 139 -33.80 18.88 13.15
N PRO G 140 -34.04 18.30 14.33
CA PRO G 140 -34.69 16.97 14.37
C PRO G 140 -36.10 17.00 13.80
N ASN G 141 -36.80 18.12 13.94
CA ASN G 141 -38.14 18.29 13.37
C ASN G 141 -38.12 19.47 12.42
N ILE G 142 -38.86 19.33 11.32
CA ILE G 142 -38.78 20.33 10.26
C ILE G 142 -39.54 21.59 10.64
N ASP G 143 -40.53 21.48 11.52
CA ASP G 143 -41.28 22.65 11.97
C ASP G 143 -40.37 23.65 12.67
N ASN G 144 -39.30 23.17 13.32
CA ASN G 144 -38.33 24.10 13.90
C ASN G 144 -37.57 24.85 12.82
N ALA G 145 -37.34 24.22 11.67
CA ALA G 145 -36.70 24.91 10.56
C ALA G 145 -37.63 25.94 9.93
N TYR G 146 -38.91 25.59 9.80
CA TYR G 146 -39.81 26.53 9.10
C TYR G 146 -39.91 27.82 9.92
N MET G 147 -39.93 27.70 11.24
CA MET G 147 -40.11 28.89 12.12
C MET G 147 -38.92 29.83 12.01
N GLU G 148 -37.70 29.29 12.00
CA GLU G 148 -36.49 30.15 11.97
C GLU G 148 -36.52 30.96 10.68
N LEU G 149 -37.29 30.53 9.69
CA LEU G 149 -37.43 31.33 8.43
C LEU G 149 -38.33 32.51 8.73
N GLY G 150 -39.49 32.24 9.32
CA GLY G 150 -40.42 33.32 9.68
C GLY G 150 -39.75 34.26 10.66
N THR G 151 -38.99 33.72 11.61
CA THR G 151 -38.26 34.61 12.49
C THR G 151 -36.96 35.15 11.88
N ASN G 152 -36.69 34.83 10.62
CA ASN G 152 -35.64 35.44 9.81
C ASN G 152 -34.25 35.21 10.39
N ARG G 153 -34.06 34.21 11.23
CA ARG G 153 -32.73 33.78 11.59
C ARG G 153 -32.13 32.88 10.52
N ALA G 154 -32.97 32.30 9.66
CA ALA G 154 -32.52 31.50 8.53
C ALA G 154 -33.09 32.10 7.24
N ASP G 155 -32.29 32.01 6.18
CA ASP G 155 -32.65 32.63 4.91
C ASP G 155 -33.48 31.72 4.02
N ALA G 156 -33.35 30.40 4.17
CA ALA G 156 -34.10 29.48 3.34
C ALA G 156 -34.15 28.11 4.00
N VAL G 157 -35.15 27.33 3.62
CA VAL G 157 -35.26 25.93 4.00
C VAL G 157 -35.05 25.07 2.76
N LEU G 158 -34.28 23.99 2.93
CA LEU G 158 -34.04 23.01 1.89
C LEU G 158 -34.65 21.70 2.37
N HIS G 159 -35.72 21.26 1.72
CA HIS G 159 -36.43 20.05 2.12
C HIS G 159 -37.07 19.43 0.89
N ASP G 160 -37.68 18.27 1.09
CA ASP G 160 -38.23 17.51 -0.04
C ASP G 160 -39.31 18.31 -0.75
N THR G 161 -39.32 18.21 -2.08
CA THR G 161 -40.28 18.96 -2.89
C THR G 161 -41.74 18.67 -2.52
N PRO G 162 -42.17 17.40 -2.34
CA PRO G 162 -43.56 17.11 -2.07
C PRO G 162 -43.98 17.64 -0.70
N ASN G 163 -43.02 17.88 0.18
CA ASN G 163 -43.32 18.28 1.57
C ASN G 163 -43.48 19.80 1.69
N ILE G 164 -42.58 20.56 1.07
CA ILE G 164 -42.68 22.03 1.09
C ILE G 164 -43.85 22.50 0.24
N LEU G 165 -44.14 21.80 -0.86
CA LEU G 165 -45.26 22.19 -1.70
C LEU G 165 -46.55 21.94 -0.93
N TYR G 166 -46.64 20.80 -0.23
CA TYR G 166 -47.81 20.51 0.59
C TYR G 166 -47.89 21.47 1.76
N PHE G 167 -46.74 21.85 2.33
CA PHE G 167 -46.73 22.80 3.44
C PHE G 167 -47.22 24.18 3.01
N ILE G 168 -46.78 24.65 1.84
CA ILE G 168 -47.23 25.95 1.34
C ILE G 168 -48.74 25.92 1.10
N LYS G 169 -49.25 24.79 0.60
CA LYS G 169 -50.66 24.71 0.23
C LYS G 169 -51.58 24.62 1.45
N THR G 170 -51.09 24.08 2.56
CA THR G 170 -51.94 23.76 3.70
C THR G 170 -51.73 24.65 4.91
N ALA G 171 -50.47 24.86 5.33
CA ALA G 171 -50.20 25.51 6.61
C ALA G 171 -49.29 26.74 6.49
N GLY G 172 -49.10 27.26 5.28
CA GLY G 172 -48.22 28.39 5.09
C GLY G 172 -48.83 29.75 5.31
N ASN G 173 -50.13 29.90 5.01
CA ASN G 173 -50.85 31.16 5.15
C ASN G 173 -50.17 32.28 4.36
N GLY G 174 -49.75 31.98 3.14
CA GLY G 174 -49.14 32.98 2.28
C GLY G 174 -47.90 33.62 2.85
N GLN G 175 -47.22 32.95 3.79
CA GLN G 175 -46.02 33.49 4.40
C GLN G 175 -44.73 32.89 3.85
N PHE G 176 -44.82 31.83 3.03
CA PHE G 176 -43.65 31.19 2.46
C PHE G 176 -43.89 30.91 0.98
N LYS G 177 -42.79 30.82 0.22
CA LYS G 177 -42.87 30.56 -1.21
C LYS G 177 -41.71 29.68 -1.62
N ALA G 178 -41.92 28.93 -2.72
CA ALA G 178 -40.91 28.06 -3.29
C ALA G 178 -40.22 28.78 -4.45
N VAL G 179 -38.90 28.90 -4.37
CA VAL G 179 -38.09 29.53 -5.42
C VAL G 179 -37.15 28.49 -5.99
N GLY G 180 -37.01 28.50 -7.32
CA GLY G 180 -36.18 27.52 -8.00
C GLY G 180 -36.99 26.39 -8.61
N ASP G 181 -36.28 25.29 -8.88
CA ASP G 181 -36.93 24.09 -9.45
C ASP G 181 -36.54 22.88 -8.58
N SER G 182 -37.28 21.79 -8.67
CA SER G 182 -36.89 20.58 -7.91
C SER G 182 -35.47 20.20 -8.29
N LEU G 183 -34.62 20.00 -7.29
CA LEU G 183 -33.18 19.69 -7.55
C LEU G 183 -32.88 18.31 -6.95
N GLU G 184 -31.66 17.81 -7.16
CA GLU G 184 -31.30 16.46 -6.68
C GLU G 184 -32.50 15.54 -6.89
N ALA G 185 -32.90 15.34 -8.16
CA ALA G 185 -34.02 14.43 -8.47
C ALA G 185 -33.83 13.14 -7.68
N GLN G 186 -34.88 12.57 -7.11
CA GLN G 186 -34.71 11.37 -6.25
C GLN G 186 -35.85 10.39 -6.50
N GLN G 187 -35.88 9.32 -5.72
CA GLN G 187 -37.00 8.35 -5.85
C GLN G 187 -37.16 7.74 -4.46
N TYR G 188 -38.39 7.79 -3.94
CA TYR G 188 -38.69 7.18 -2.66
C TYR G 188 -38.90 5.69 -2.87
N GLY G 189 -38.43 4.88 -1.92
CA GLY G 189 -38.56 3.45 -2.03
C GLY G 189 -38.80 2.83 -0.67
N ILE G 190 -39.48 1.68 -0.69
CA ILE G 190 -39.71 0.92 0.52
C ILE G 190 -38.41 0.22 0.90
N ALA G 191 -37.96 0.42 2.13
CA ALA G 191 -36.66 -0.06 2.56
C ALA G 191 -36.80 -1.39 3.28
N PHE G 192 -35.86 -2.29 2.99
CA PHE G 192 -35.90 -3.63 3.60
C PHE G 192 -34.51 -3.97 4.12
N PRO G 193 -34.37 -4.75 5.20
CA PRO G 193 -33.05 -5.21 5.63
C PRO G 193 -32.44 -6.17 4.62
N LYS G 194 -31.11 -6.23 4.61
CA LYS G 194 -30.42 -7.16 3.74
C LYS G 194 -30.87 -8.59 4.03
N GLY G 195 -31.28 -9.30 2.97
CA GLY G 195 -31.79 -10.64 3.10
C GLY G 195 -33.29 -10.78 3.01
N SER G 196 -34.01 -9.67 2.84
CA SER G 196 -35.47 -9.70 2.67
C SER G 196 -35.82 -9.56 1.18
N ASP G 197 -35.31 -10.50 0.39
CA ASP G 197 -35.49 -10.40 -1.06
C ASP G 197 -36.84 -10.93 -1.50
N GLU G 198 -37.36 -11.97 -0.83
CA GLU G 198 -38.69 -12.48 -1.15
C GLU G 198 -39.77 -11.45 -0.85
N LEU G 199 -39.70 -10.84 0.33
CA LEU G 199 -40.66 -9.79 0.67
C LEU G 199 -40.49 -8.62 -0.30
N ARG G 200 -39.24 -8.32 -0.67
CA ARG G 200 -38.98 -7.25 -1.63
C ARG G 200 -39.62 -7.56 -2.97
N ASP G 201 -39.46 -8.79 -3.46
CA ASP G 201 -40.05 -9.15 -4.75
C ASP G 201 -41.58 -9.13 -4.73
N LYS G 202 -42.16 -9.63 -3.65
CA LYS G 202 -43.64 -9.68 -3.56
C LYS G 202 -44.17 -8.24 -3.57
N VAL G 203 -43.49 -7.36 -2.85
CA VAL G 203 -43.93 -5.95 -2.77
C VAL G 203 -43.76 -5.33 -4.16
N ASN G 204 -42.55 -5.40 -4.73
CA ASN G 204 -42.29 -4.77 -6.05
C ASN G 204 -43.37 -5.25 -7.01
N GLY G 205 -43.94 -6.43 -6.74
CA GLY G 205 -45.07 -6.91 -7.55
C GLY G 205 -46.31 -6.11 -7.20
N ALA G 206 -46.79 -6.22 -5.96
CA ALA G 206 -48.00 -5.50 -5.59
C ALA G 206 -47.94 -4.04 -6.03
N LEU G 207 -46.75 -3.44 -6.05
CA LEU G 207 -46.62 -2.06 -6.48
C LEU G 207 -47.06 -1.90 -7.94
N LYS G 208 -46.62 -2.79 -8.82
CA LYS G 208 -47.00 -2.69 -10.22
C LYS G 208 -48.50 -2.93 -10.41
N THR G 209 -49.08 -3.89 -9.69
CA THR G 209 -50.53 -4.05 -9.70
C THR G 209 -51.23 -2.77 -9.29
N LEU G 210 -50.74 -2.12 -8.22
CA LEU G 210 -51.38 -0.90 -7.75
C LEU G 210 -51.22 0.24 -8.75
N ARG G 211 -50.16 0.21 -9.56
CA ARG G 211 -50.01 1.22 -10.61
C ARG G 211 -51.02 1.05 -11.72
N GLU G 212 -51.47 -0.18 -11.95
CA GLU G 212 -52.35 -0.50 -13.06
C GLU G 212 -53.84 -0.49 -12.72
N ASN G 213 -54.22 -0.90 -11.50
CA ASN G 213 -55.62 -0.93 -11.10
C ASN G 213 -56.16 0.42 -10.66
N GLY G 214 -55.37 1.48 -10.68
CA GLY G 214 -55.83 2.80 -10.33
C GLY G 214 -55.75 3.16 -8.86
N THR G 215 -55.36 2.21 -8.01
CA THR G 215 -55.27 2.51 -6.58
C THR G 215 -54.14 3.50 -6.28
N TYR G 216 -53.02 3.40 -6.99
CA TYR G 216 -51.93 4.34 -6.80
C TYR G 216 -52.37 5.76 -7.16
N ASN G 217 -53.07 5.92 -8.29
CA ASN G 217 -53.53 7.25 -8.69
C ASN G 217 -54.57 7.80 -7.73
N GLU G 218 -55.36 6.92 -7.11
CA GLU G 218 -56.33 7.38 -6.13
C GLU G 218 -55.64 7.96 -4.90
N ILE G 219 -54.64 7.24 -4.37
CA ILE G 219 -53.93 7.71 -3.19
C ILE G 219 -53.10 8.95 -3.52
N TYR G 220 -52.52 9.01 -4.73
CA TYR G 220 -51.73 10.17 -5.11
C TYR G 220 -52.59 11.43 -5.16
N LYS G 221 -53.72 11.37 -5.88
CA LYS G 221 -54.59 12.54 -5.96
C LYS G 221 -55.19 12.90 -4.61
N LYS G 222 -55.38 11.91 -3.73
CA LYS G 222 -55.97 12.19 -2.42
C LYS G 222 -55.11 13.17 -1.63
N TRP G 223 -53.79 13.10 -1.78
CA TRP G 223 -52.93 13.96 -0.93
C TRP G 223 -52.20 14.97 -1.82
N PHE G 224 -51.95 14.63 -3.09
CA PHE G 224 -51.25 15.52 -4.03
C PHE G 224 -52.07 15.94 -5.28
N GLY G 225 -53.22 15.29 -5.48
CA GLY G 225 -54.03 15.58 -6.69
C GLY G 225 -53.17 15.57 -7.94
N THR G 226 -53.25 16.62 -8.76
CA THR G 226 -52.39 16.72 -9.97
C THR G 226 -51.04 17.31 -9.55
N GLU G 227 -49.93 16.65 -9.93
CA GLU G 227 -48.57 17.08 -9.50
C GLU G 227 -48.84 17.98 -8.27
N LYS H 7 60.34 -26.24 -13.06
CA LYS H 7 59.10 -25.48 -13.17
C LYS H 7 59.15 -24.19 -12.36
N LEU H 8 59.66 -23.14 -13.00
CA LEU H 8 59.78 -21.84 -12.37
C LEU H 8 58.43 -21.31 -11.87
N VAL H 9 58.48 -20.61 -10.75
CA VAL H 9 57.29 -19.95 -10.19
C VAL H 9 57.33 -18.48 -10.59
N VAL H 10 56.25 -18.02 -11.21
CA VAL H 10 56.12 -16.66 -11.68
C VAL H 10 55.01 -15.97 -10.90
N ALA H 11 55.37 -14.98 -10.10
CA ALA H 11 54.39 -14.21 -9.36
C ALA H 11 53.76 -13.15 -10.25
N THR H 12 52.44 -12.99 -10.13
CA THR H 12 51.72 -12.03 -10.94
C THR H 12 50.63 -11.37 -10.10
N ASP H 13 50.13 -10.24 -10.58
CA ASP H 13 49.07 -9.53 -9.86
C ASP H 13 47.73 -10.16 -10.21
N THR H 14 46.84 -10.17 -9.22
CA THR H 14 45.49 -10.70 -9.42
C THR H 14 44.72 -9.90 -10.47
N ALA H 15 44.93 -8.58 -10.51
CA ALA H 15 44.22 -7.73 -11.46
C ALA H 15 45.04 -6.50 -11.76
N PHE H 16 45.58 -6.41 -12.98
CA PHE H 16 46.34 -5.27 -13.48
C PHE H 16 46.11 -5.24 -14.99
N VAL H 17 44.87 -4.91 -15.37
CA VAL H 17 44.45 -4.96 -16.78
C VAL H 17 45.17 -3.88 -17.57
N PRO H 18 45.64 -4.15 -18.79
CA PRO H 18 45.51 -5.40 -19.55
C PRO H 18 46.78 -6.24 -19.50
N PHE H 19 47.58 -6.11 -18.44
CA PHE H 19 48.82 -6.86 -18.37
C PHE H 19 48.58 -8.28 -17.88
N GLU H 20 47.65 -8.46 -16.94
CA GLU H 20 47.24 -9.80 -16.51
C GLU H 20 45.86 -9.72 -15.90
N PHE H 21 45.01 -10.68 -16.25
CA PHE H 21 43.72 -10.79 -15.59
C PHE H 21 43.11 -12.17 -15.85
N LYS H 22 42.19 -12.53 -14.97
CA LYS H 22 41.46 -13.80 -15.03
C LYS H 22 40.41 -13.74 -16.12
N GLN H 23 40.50 -14.64 -17.09
CA GLN H 23 39.47 -14.79 -18.12
C GLN H 23 39.02 -16.24 -18.08
N GLY H 24 37.94 -16.47 -17.34
CA GLY H 24 37.38 -17.79 -17.10
C GLY H 24 38.24 -18.65 -16.20
N ASP H 25 38.87 -19.67 -16.76
CA ASP H 25 39.76 -20.57 -16.03
C ASP H 25 41.23 -20.35 -16.35
N ILE H 26 41.60 -19.21 -16.92
CA ILE H 26 42.99 -18.89 -17.24
C ILE H 26 43.24 -17.41 -16.98
N TYR H 27 44.52 -17.04 -16.97
CA TYR H 27 44.96 -15.65 -16.89
C TYR H 27 45.52 -15.25 -18.26
N VAL H 28 45.22 -14.02 -18.68
CA VAL H 28 45.66 -13.52 -19.97
C VAL H 28 46.08 -12.06 -19.81
N GLY H 29 46.88 -11.59 -20.74
CA GLY H 29 47.30 -10.19 -20.73
C GLY H 29 48.66 -10.01 -21.39
N PHE H 30 49.09 -8.75 -21.40
CA PHE H 30 50.39 -8.39 -21.97
C PHE H 30 51.53 -9.11 -21.26
N ASP H 31 51.58 -9.02 -19.93
CA ASP H 31 52.64 -9.66 -19.18
C ASP H 31 52.59 -11.17 -19.32
N VAL H 32 51.38 -11.74 -19.39
CA VAL H 32 51.24 -13.18 -19.54
C VAL H 32 51.75 -13.62 -20.92
N ASP H 33 51.37 -12.89 -21.97
CA ASP H 33 51.83 -13.23 -23.31
C ASP H 33 53.32 -12.98 -23.47
N LEU H 34 53.82 -11.86 -22.92
CA LEU H 34 55.24 -11.55 -23.07
C LEU H 34 56.10 -12.60 -22.38
N TRP H 35 55.70 -13.05 -21.19
CA TRP H 35 56.49 -14.07 -20.51
C TRP H 35 56.36 -15.42 -21.20
N ALA H 36 55.16 -15.77 -21.67
CA ALA H 36 54.99 -17.01 -22.40
C ALA H 36 55.90 -17.07 -23.62
N ALA H 37 56.12 -15.92 -24.27
CA ALA H 37 57.04 -15.89 -25.40
C ALA H 37 58.49 -16.02 -24.94
N ILE H 38 58.85 -15.37 -23.83
CA ILE H 38 60.20 -15.51 -23.30
C ILE H 38 60.47 -16.95 -22.88
N ALA H 39 59.51 -17.55 -22.15
CA ALA H 39 59.70 -18.92 -21.68
C ALA H 39 59.81 -19.91 -22.83
N LYS H 40 59.09 -19.66 -23.93
CA LYS H 40 59.20 -20.54 -25.09
C LYS H 40 60.57 -20.42 -25.75
N GLU H 41 61.06 -19.18 -25.92
CA GLU H 41 62.38 -18.97 -26.51
C GLU H 41 63.46 -19.64 -25.68
N LEU H 42 63.38 -19.52 -24.37
CA LEU H 42 64.38 -20.08 -23.46
C LEU H 42 64.09 -21.52 -23.09
N LYS H 43 62.97 -22.08 -23.56
CA LYS H 43 62.58 -23.46 -23.27
C LYS H 43 62.48 -23.71 -21.77
N LEU H 44 61.70 -22.87 -21.10
CA LEU H 44 61.51 -22.95 -19.66
C LEU H 44 60.08 -23.36 -19.36
N ASP H 45 59.91 -24.21 -18.33
CA ASP H 45 58.61 -24.57 -17.82
C ASP H 45 58.30 -23.73 -16.59
N TYR H 46 57.06 -23.25 -16.51
CA TYR H 46 56.71 -22.30 -15.46
C TYR H 46 55.26 -22.48 -15.05
N GLU H 47 54.89 -21.82 -13.95
CA GLU H 47 53.52 -21.75 -13.48
C GLU H 47 53.25 -20.33 -13.01
N LEU H 48 52.03 -19.87 -13.22
CA LEU H 48 51.63 -18.55 -12.75
C LEU H 48 51.03 -18.66 -11.35
N LYS H 49 51.37 -17.71 -10.50
CA LYS H 49 50.87 -17.66 -9.12
C LYS H 49 50.38 -16.24 -8.87
N PRO H 50 49.13 -15.95 -9.23
CA PRO H 50 48.59 -14.61 -8.99
C PRO H 50 48.47 -14.33 -7.50
N MET H 51 48.67 -13.07 -7.14
CA MET H 51 48.61 -12.65 -5.74
C MET H 51 48.53 -11.14 -5.72
N ASP H 52 48.24 -10.59 -4.54
CA ASP H 52 48.22 -9.14 -4.38
C ASP H 52 49.60 -8.52 -4.54
N PHE H 53 49.63 -7.30 -5.10
CA PHE H 53 50.89 -6.68 -5.47
C PHE H 53 51.84 -6.51 -4.28
N SER H 54 51.29 -6.21 -3.10
CA SER H 54 52.12 -5.96 -1.93
C SER H 54 52.93 -7.16 -1.49
N GLY H 55 52.62 -8.36 -1.99
CA GLY H 55 53.34 -9.56 -1.63
C GLY H 55 54.24 -10.09 -2.72
N ILE H 56 54.39 -9.38 -3.84
CA ILE H 56 55.25 -9.84 -4.92
C ILE H 56 56.71 -9.65 -4.58
N ILE H 57 57.09 -8.42 -4.19
CA ILE H 57 58.47 -8.17 -3.78
C ILE H 57 58.86 -8.97 -2.54
N PRO H 58 58.05 -9.05 -1.48
CA PRO H 58 58.42 -9.93 -0.36
C PRO H 58 58.55 -11.39 -0.76
N ALA H 59 57.75 -11.85 -1.74
CA ALA H 59 57.88 -13.23 -2.20
C ALA H 59 59.23 -13.48 -2.84
N LEU H 60 59.77 -12.49 -3.54
CA LEU H 60 61.10 -12.64 -4.13
C LEU H 60 62.19 -12.60 -3.06
N GLN H 61 62.06 -11.72 -2.08
CA GLN H 61 63.06 -11.65 -1.02
C GLN H 61 63.11 -12.95 -0.23
N THR H 62 61.94 -13.52 0.08
CA THR H 62 61.87 -14.78 0.78
C THR H 62 62.16 -15.96 -0.14
N LYS H 63 62.37 -15.69 -1.44
CA LYS H 63 62.74 -16.71 -2.42
C LYS H 63 61.69 -17.80 -2.55
N ASN H 64 60.43 -17.44 -2.25
CA ASN H 64 59.29 -18.33 -2.48
C ASN H 64 58.85 -18.35 -3.92
N VAL H 65 59.31 -17.40 -4.73
CA VAL H 65 58.96 -17.30 -6.14
C VAL H 65 60.23 -17.05 -6.93
N ASP H 66 60.28 -17.58 -8.16
CA ASP H 66 61.51 -17.54 -8.95
C ASP H 66 61.65 -16.24 -9.74
N LEU H 67 60.54 -15.61 -10.11
CA LEU H 67 60.54 -14.32 -10.80
C LEU H 67 59.11 -13.79 -10.81
N ALA H 68 58.93 -12.58 -11.33
CA ALA H 68 57.63 -11.93 -11.25
C ALA H 68 57.42 -10.98 -12.42
N LEU H 69 56.19 -10.94 -12.93
CA LEU H 69 55.78 -9.98 -13.97
C LEU H 69 54.43 -9.41 -13.59
N ALA H 70 54.42 -8.20 -13.02
CA ALA H 70 53.14 -7.52 -12.68
C ALA H 70 53.29 -6.00 -12.83
N GLY H 71 53.59 -5.54 -14.05
CA GLY H 71 53.80 -4.10 -14.28
C GLY H 71 54.64 -3.48 -13.19
N ILE H 72 55.70 -4.18 -12.76
CA ILE H 72 56.56 -3.69 -11.65
C ILE H 72 57.43 -2.55 -12.18
N THR H 73 57.31 -1.36 -11.58
CA THR H 73 58.10 -0.22 -12.01
C THR H 73 59.56 -0.38 -11.59
N ILE H 74 60.47 -0.08 -12.52
CA ILE H 74 61.89 -0.06 -12.19
C ILE H 74 62.18 1.14 -11.31
N CYS H 75 62.58 0.89 -10.07
CA CYS H 75 62.79 1.93 -9.08
C CYS H 75 64.11 1.71 -8.36
N ASP H 76 64.75 2.81 -7.95
CA ASP H 76 66.05 2.71 -7.30
C ASP H 76 65.90 2.09 -5.92
N GLU H 77 64.85 2.46 -5.18
CA GLU H 77 64.61 1.83 -3.88
C GLU H 77 64.34 0.34 -4.03
N ARG H 78 63.63 -0.04 -5.09
CA ARG H 78 63.36 -1.46 -5.31
C ARG H 78 64.62 -2.20 -5.73
N LYS H 79 65.57 -1.52 -6.38
CA LYS H 79 66.83 -2.15 -6.73
C LYS H 79 67.64 -2.49 -5.50
N LYS H 80 67.38 -1.82 -4.38
CA LYS H 80 68.01 -2.14 -3.11
C LYS H 80 67.54 -3.50 -2.58
N ALA H 81 66.37 -3.97 -3.02
CA ALA H 81 65.76 -5.19 -2.51
C ALA H 81 65.71 -6.32 -3.54
N ILE H 82 65.50 -6.00 -4.82
CA ILE H 82 65.37 -7.00 -5.87
C ILE H 82 66.16 -6.55 -7.10
N ASP H 83 66.34 -7.47 -8.04
CA ASP H 83 67.00 -7.20 -9.30
C ASP H 83 65.98 -7.12 -10.42
N PHE H 84 66.22 -6.23 -11.38
CA PHE H 84 65.33 -6.02 -12.51
C PHE H 84 65.99 -6.44 -13.81
N SER H 85 65.15 -6.76 -14.79
CA SER H 85 65.61 -6.95 -16.15
C SER H 85 65.57 -5.60 -16.87
N ASP H 86 65.86 -5.60 -18.17
CA ASP H 86 65.71 -4.37 -18.93
C ASP H 86 64.24 -4.03 -19.08
N GLY H 87 63.97 -2.74 -19.26
CA GLY H 87 62.59 -2.30 -19.35
C GLY H 87 61.89 -2.87 -20.57
N TYR H 88 60.61 -3.21 -20.41
CA TYR H 88 59.84 -3.81 -21.47
C TYR H 88 58.59 -3.02 -21.82
N TYR H 89 58.33 -1.92 -21.13
CA TYR H 89 57.16 -1.08 -21.40
C TYR H 89 57.39 0.27 -20.76
N LYS H 90 57.30 1.34 -21.54
CA LYS H 90 57.42 2.69 -21.00
C LYS H 90 56.05 3.14 -20.53
N SER H 91 55.93 3.42 -19.24
CA SER H 91 54.64 3.75 -18.65
C SER H 91 54.71 5.06 -17.89
N GLY H 92 53.66 5.36 -17.14
CA GLY H 92 53.62 6.58 -16.35
C GLY H 92 52.39 6.61 -15.49
N LEU H 93 52.14 7.76 -14.89
CA LEU H 93 50.96 7.97 -14.07
C LEU H 93 50.03 8.96 -14.74
N LEU H 94 48.73 8.79 -14.49
CA LEU H 94 47.71 9.60 -15.14
C LEU H 94 46.56 9.79 -14.17
N VAL H 95 45.94 10.97 -14.23
CA VAL H 95 44.83 11.32 -13.35
C VAL H 95 43.53 11.05 -14.07
N MET H 96 42.62 10.35 -13.42
CA MET H 96 41.31 10.04 -13.95
C MET H 96 40.30 10.69 -13.00
N VAL H 97 39.30 11.35 -13.57
CA VAL H 97 38.24 11.96 -12.79
C VAL H 97 36.91 11.49 -13.36
N LYS H 98 35.84 11.84 -12.69
CA LYS H 98 34.52 11.45 -13.16
C LYS H 98 34.21 12.22 -14.45
N ALA H 99 33.35 11.64 -15.28
CA ALA H 99 33.06 12.22 -16.59
C ALA H 99 32.41 13.59 -16.48
N ASN H 100 31.60 13.83 -15.45
CA ASN H 100 30.91 15.10 -15.29
C ASN H 100 31.69 16.11 -14.44
N ASN H 101 33.02 16.07 -14.51
CA ASN H 101 33.89 16.94 -13.72
C ASN H 101 34.61 17.92 -14.63
N ASN H 102 34.46 19.22 -14.34
CA ASN H 102 35.02 20.27 -15.17
C ASN H 102 35.99 21.19 -14.43
N ASP H 103 36.08 21.11 -13.11
CA ASP H 103 36.97 21.97 -12.34
C ASP H 103 38.39 21.40 -12.21
N VAL H 104 38.59 20.13 -12.54
CA VAL H 104 39.91 19.50 -12.51
C VAL H 104 40.43 19.38 -13.95
N LYS H 105 41.59 20.00 -14.21
CA LYS H 105 42.24 19.89 -15.51
C LYS H 105 43.69 19.42 -15.48
N SER H 106 44.30 19.29 -14.31
CA SER H 106 45.69 18.82 -14.24
C SER H 106 45.96 18.31 -12.84
N VAL H 107 47.14 17.71 -12.69
CA VAL H 107 47.51 17.09 -11.42
C VAL H 107 47.67 18.14 -10.33
N LYS H 108 48.08 19.36 -10.69
CA LYS H 108 48.17 20.45 -9.73
C LYS H 108 46.80 20.82 -9.18
N ASP H 109 45.74 20.60 -9.96
CA ASP H 109 44.39 20.90 -9.52
C ASP H 109 43.85 19.89 -8.52
N LEU H 110 44.69 18.97 -8.02
CA LEU H 110 44.29 17.98 -7.03
C LEU H 110 44.81 18.32 -5.64
N ASP H 111 45.23 19.56 -5.41
CA ASP H 111 45.72 19.96 -4.10
C ASP H 111 44.54 20.21 -3.16
N GLY H 112 44.63 19.66 -1.95
CA GLY H 112 43.54 19.75 -1.00
C GLY H 112 42.29 19.03 -1.45
N LYS H 113 42.45 17.89 -2.13
CA LYS H 113 41.34 17.08 -2.59
C LYS H 113 41.58 15.64 -2.16
N VAL H 114 40.58 14.79 -2.40
CA VAL H 114 40.64 13.37 -2.03
C VAL H 114 41.04 12.57 -3.25
N VAL H 115 42.18 11.89 -3.16
CA VAL H 115 42.73 11.09 -4.25
C VAL H 115 42.78 9.64 -3.79
N ALA H 116 42.23 8.75 -4.61
CA ALA H 116 42.24 7.32 -4.33
C ALA H 116 43.37 6.65 -5.12
N VAL H 117 44.11 5.77 -4.45
CA VAL H 117 45.25 5.07 -5.05
C VAL H 117 45.26 3.64 -4.56
N LYS H 118 46.13 2.83 -5.16
CA LYS H 118 46.28 1.42 -4.82
C LYS H 118 47.43 1.25 -3.83
N SER H 119 47.18 0.49 -2.76
CA SER H 119 48.16 0.33 -1.71
C SER H 119 49.38 -0.44 -2.23
N GLY H 120 50.56 -0.01 -1.77
CA GLY H 120 51.80 -0.70 -2.09
C GLY H 120 52.38 -0.36 -3.45
N THR H 121 51.74 0.52 -4.21
CA THR H 121 52.18 0.86 -5.56
C THR H 121 52.90 2.21 -5.56
N GLY H 122 53.46 2.55 -6.73
CA GLY H 122 54.16 3.81 -6.87
C GLY H 122 53.27 5.03 -6.88
N SER H 123 51.97 4.85 -7.15
CA SER H 123 51.06 5.98 -7.11
C SER H 123 50.97 6.58 -5.72
N VAL H 124 51.11 5.74 -4.68
CA VAL H 124 51.08 6.24 -3.31
C VAL H 124 52.29 7.12 -3.01
N ASP H 125 53.46 6.71 -3.49
CA ASP H 125 54.67 7.48 -3.15
C ASP H 125 54.69 8.81 -3.90
N TYR H 126 54.21 8.84 -5.15
CA TYR H 126 54.12 10.09 -5.89
C TYR H 126 53.16 11.07 -5.23
N ALA H 127 51.98 10.58 -4.82
CA ALA H 127 50.99 11.45 -4.20
C ALA H 127 51.49 12.03 -2.88
N LYS H 128 52.21 11.23 -2.08
CA LYS H 128 52.72 11.73 -0.81
C LYS H 128 53.77 12.81 -1.01
N ALA H 129 54.55 12.74 -2.09
CA ALA H 129 55.68 13.63 -2.30
C ALA H 129 55.38 14.79 -3.23
N ASN H 130 54.28 14.74 -3.99
CA ASN H 130 54.00 15.76 -4.99
C ASN H 130 52.63 16.42 -4.88
N ILE H 131 51.69 15.86 -4.11
CA ILE H 131 50.33 16.37 -4.04
C ILE H 131 49.95 16.65 -2.60
N LYS H 132 49.35 17.82 -2.37
CA LYS H 132 48.87 18.21 -1.04
C LYS H 132 47.42 17.76 -0.91
N THR H 133 47.25 16.45 -0.71
CA THR H 133 45.91 15.89 -0.60
C THR H 133 45.30 16.21 0.75
N LYS H 134 44.00 16.53 0.74
CA LYS H 134 43.26 16.56 2.00
C LYS H 134 43.18 15.18 2.61
N ASP H 135 43.04 14.16 1.77
CA ASP H 135 43.03 12.76 2.19
C ASP H 135 43.48 11.91 1.01
N LEU H 136 44.37 10.97 1.28
CA LEU H 136 44.84 10.00 0.29
C LEU H 136 44.23 8.65 0.64
N ARG H 137 43.29 8.20 -0.18
CA ARG H 137 42.56 6.96 0.09
C ARG H 137 43.27 5.80 -0.59
N GLN H 138 43.73 4.84 0.19
CA GLN H 138 44.41 3.67 -0.35
C GLN H 138 43.50 2.45 -0.29
N PHE H 139 43.55 1.64 -1.34
CA PHE H 139 42.75 0.43 -1.47
C PHE H 139 43.64 -0.70 -1.97
N PRO H 140 43.46 -1.92 -1.45
CA PRO H 140 44.32 -3.04 -1.92
C PRO H 140 44.16 -3.33 -3.40
N ASN H 141 42.95 -3.15 -3.95
CA ASN H 141 42.69 -3.33 -5.37
C ASN H 141 42.14 -2.03 -5.94
N ILE H 142 42.51 -1.74 -7.18
CA ILE H 142 42.21 -0.44 -7.76
C ILE H 142 40.72 -0.30 -8.09
N ASP H 143 40.02 -1.43 -8.27
CA ASP H 143 38.59 -1.38 -8.53
C ASP H 143 37.83 -0.72 -7.39
N ASN H 144 38.32 -0.85 -6.15
CA ASN H 144 37.71 -0.13 -5.04
C ASN H 144 37.95 1.37 -5.17
N ALA H 145 39.09 1.77 -5.73
CA ALA H 145 39.34 3.19 -5.96
C ALA H 145 38.45 3.72 -7.07
N TYR H 146 38.22 2.92 -8.12
CA TYR H 146 37.27 3.31 -9.16
C TYR H 146 35.89 3.56 -8.57
N MET H 147 35.44 2.68 -7.68
CA MET H 147 34.13 2.87 -7.04
C MET H 147 34.05 4.20 -6.30
N GLU H 148 35.07 4.50 -5.49
CA GLU H 148 35.03 5.72 -4.71
C GLU H 148 35.05 6.96 -5.60
N LEU H 149 35.66 6.86 -6.78
CA LEU H 149 35.62 7.97 -7.72
C LEU H 149 34.22 8.14 -8.31
N GLY H 150 33.57 7.02 -8.68
CA GLY H 150 32.25 7.10 -9.25
C GLY H 150 31.24 7.62 -8.25
N THR H 151 31.37 7.18 -7.00
CA THR H 151 30.51 7.67 -5.92
C THR H 151 30.93 9.02 -5.34
N ASN H 152 31.94 9.66 -5.93
CA ASN H 152 32.32 11.04 -5.63
C ASN H 152 32.80 11.15 -4.19
N ARG H 153 33.24 10.04 -3.60
CA ARG H 153 33.94 10.08 -2.32
C ARG H 153 35.39 10.49 -2.48
N ALA H 154 35.94 10.36 -3.69
CA ALA H 154 37.27 10.85 -4.03
C ALA H 154 37.14 11.71 -5.27
N ASP H 155 38.02 12.71 -5.38
CA ASP H 155 37.92 13.62 -6.51
C ASP H 155 38.64 13.09 -7.74
N ALA H 156 39.65 12.23 -7.55
CA ALA H 156 40.38 11.67 -8.68
C ALA H 156 41.12 10.42 -8.25
N VAL H 157 41.40 9.56 -9.22
CA VAL H 157 42.28 8.41 -9.06
C VAL H 157 43.55 8.65 -9.85
N LEU H 158 44.69 8.34 -9.24
CA LEU H 158 46.00 8.44 -9.85
C LEU H 158 46.59 7.04 -9.96
N HIS H 159 46.74 6.54 -11.18
CA HIS H 159 47.24 5.20 -11.40
C HIS H 159 47.96 5.17 -12.74
N ASP H 160 48.52 3.99 -13.06
CA ASP H 160 49.34 3.84 -14.25
C ASP H 160 48.57 4.17 -15.52
N THR H 161 49.24 4.83 -16.46
CA THR H 161 48.61 5.25 -17.70
C THR H 161 47.98 4.11 -18.49
N PRO H 162 48.65 2.97 -18.74
CA PRO H 162 47.99 1.91 -19.52
C PRO H 162 46.77 1.32 -18.85
N ASN H 163 46.66 1.43 -17.52
CA ASN H 163 45.50 0.90 -16.81
C ASN H 163 44.32 1.86 -16.88
N ILE H 164 44.57 3.16 -16.67
CA ILE H 164 43.51 4.15 -16.72
C ILE H 164 42.91 4.21 -18.13
N LEU H 165 43.77 4.13 -19.15
CA LEU H 165 43.27 4.19 -20.53
C LEU H 165 42.49 2.93 -20.88
N TYR H 166 42.99 1.76 -20.49
CA TYR H 166 42.28 0.52 -20.79
C TYR H 166 40.98 0.43 -20.00
N PHE H 167 40.98 0.92 -18.76
CA PHE H 167 39.74 0.91 -17.97
C PHE H 167 38.69 1.81 -18.60
N ILE H 168 39.09 3.00 -19.06
CA ILE H 168 38.16 3.90 -19.74
C ILE H 168 37.65 3.23 -21.01
N LYS H 169 38.51 2.48 -21.69
CA LYS H 169 38.15 1.87 -22.96
C LYS H 169 37.24 0.65 -22.80
N THR H 170 37.33 -0.07 -21.69
CA THR H 170 36.63 -1.35 -21.55
C THR H 170 35.50 -1.34 -20.54
N ALA H 171 35.74 -0.88 -19.31
CA ALA H 171 34.77 -1.05 -18.22
C ALA H 171 34.36 0.26 -17.56
N GLY H 172 34.69 1.40 -18.16
CA GLY H 172 34.34 2.68 -17.57
C GLY H 172 32.94 3.10 -17.96
N ASN H 173 32.51 2.68 -19.16
CA ASN H 173 31.19 2.99 -19.69
C ASN H 173 30.95 4.48 -19.74
N GLY H 174 31.95 5.23 -20.21
CA GLY H 174 31.83 6.66 -20.38
C GLY H 174 31.49 7.42 -19.11
N GLN H 175 31.75 6.84 -17.94
CA GLN H 175 31.51 7.51 -16.67
C GLN H 175 32.77 8.06 -16.04
N PHE H 176 33.94 7.75 -16.62
CA PHE H 176 35.22 8.24 -16.15
C PHE H 176 36.01 8.75 -17.35
N LYS H 177 36.94 9.68 -17.09
CA LYS H 177 37.72 10.28 -18.17
C LYS H 177 39.15 10.51 -17.71
N ALA H 178 40.05 10.56 -18.69
CA ALA H 178 41.46 10.81 -18.45
C ALA H 178 41.72 12.30 -18.67
N VAL H 179 42.22 12.97 -17.63
CA VAL H 179 42.56 14.38 -17.70
C VAL H 179 44.04 14.56 -17.41
N GLY H 180 44.70 15.42 -18.18
CA GLY H 180 46.11 15.66 -18.03
C GLY H 180 46.94 14.89 -19.03
N ASP H 181 48.24 14.77 -18.71
CA ASP H 181 49.19 14.04 -19.57
C ASP H 181 49.96 13.05 -18.69
N SER H 182 50.50 11.98 -19.26
CA SER H 182 51.17 10.94 -18.43
C SER H 182 52.22 11.64 -17.57
N LEU H 183 52.36 11.22 -16.31
CA LEU H 183 53.33 11.86 -15.38
C LEU H 183 54.27 10.81 -14.80
N GLU H 184 55.35 11.25 -14.16
CA GLU H 184 56.31 10.30 -13.53
C GLU H 184 56.59 9.18 -14.54
N ALA H 185 57.14 9.52 -15.71
CA ALA H 185 57.48 8.50 -16.73
C ALA H 185 58.27 7.36 -16.06
N GLN H 186 58.06 6.13 -16.50
CA GLN H 186 58.72 4.99 -15.83
C GLN H 186 58.99 3.89 -16.83
N GLN H 187 59.43 2.74 -16.32
CA GLN H 187 59.64 1.57 -17.20
C GLN H 187 59.33 0.33 -16.37
N TYR H 188 58.53 -0.58 -16.91
CA TYR H 188 58.25 -1.82 -16.22
C TYR H 188 59.37 -2.82 -16.48
N GLY H 189 59.68 -3.63 -15.47
CA GLY H 189 60.73 -4.62 -15.59
C GLY H 189 60.37 -5.89 -14.85
N ILE H 190 60.91 -7.00 -15.35
CA ILE H 190 60.72 -8.30 -14.71
C ILE H 190 61.61 -8.39 -13.49
N ALA H 191 61.03 -8.73 -12.34
CA ALA H 191 61.73 -8.73 -11.07
C ALA H 191 62.22 -10.13 -10.72
N PHE H 192 63.45 -10.20 -10.22
CA PHE H 192 64.05 -11.50 -9.83
C PHE H 192 64.63 -11.34 -8.43
N PRO H 193 64.72 -12.42 -7.63
CA PRO H 193 65.38 -12.36 -6.32
C PRO H 193 66.87 -12.08 -6.48
N LYS H 194 67.44 -11.43 -5.46
CA LYS H 194 68.88 -11.19 -5.46
C LYS H 194 69.64 -12.51 -5.52
N GLY H 195 70.55 -12.61 -6.48
CA GLY H 195 71.32 -13.81 -6.71
C GLY H 195 70.84 -14.64 -7.87
N SER H 196 69.78 -14.22 -8.56
CA SER H 196 69.29 -14.93 -9.73
C SER H 196 69.76 -14.21 -11.01
N ASP H 197 71.07 -14.03 -11.10
CA ASP H 197 71.67 -13.33 -12.23
C ASP H 197 71.80 -14.28 -13.41
N GLU H 198 71.94 -15.56 -13.13
CA GLU H 198 72.02 -16.57 -14.18
C GLU H 198 70.76 -16.54 -15.04
N LEU H 199 69.59 -16.56 -14.39
CA LEU H 199 68.32 -16.44 -15.08
C LEU H 199 68.06 -15.02 -15.59
N ARG H 200 68.44 -14.01 -14.80
CA ARG H 200 68.15 -12.62 -15.17
C ARG H 200 68.83 -12.23 -16.47
N ASP H 201 70.12 -12.56 -16.63
CA ASP H 201 70.80 -12.26 -17.88
C ASP H 201 70.20 -13.08 -19.02
N LYS H 202 69.79 -14.31 -18.73
CA LYS H 202 69.18 -15.17 -19.73
C LYS H 202 67.82 -14.63 -20.15
N VAL H 203 67.00 -14.23 -19.18
CA VAL H 203 65.67 -13.70 -19.48
C VAL H 203 65.79 -12.36 -20.20
N ASN H 204 66.73 -11.52 -19.76
CA ASN H 204 66.97 -10.24 -20.42
C ASN H 204 67.44 -10.38 -21.86
N GLY H 205 68.20 -11.44 -22.16
CA GLY H 205 68.62 -11.68 -23.53
C GLY H 205 67.47 -12.03 -24.46
N ALA H 206 66.57 -12.92 -24.00
CA ALA H 206 65.42 -13.30 -24.80
C ALA H 206 64.52 -12.11 -25.11
N LEU H 207 64.52 -11.09 -24.24
CA LEU H 207 63.69 -9.91 -24.47
C LEU H 207 64.05 -9.22 -25.77
N LYS H 208 65.34 -9.05 -26.06
CA LYS H 208 65.76 -8.37 -27.29
C LYS H 208 65.39 -9.20 -28.52
N THR H 209 65.51 -10.51 -28.44
CA THR H 209 65.04 -11.38 -29.53
C THR H 209 63.58 -11.10 -29.85
N LEU H 210 62.74 -10.98 -28.83
CA LEU H 210 61.32 -10.75 -29.06
C LEU H 210 61.05 -9.37 -29.66
N ARG H 211 61.89 -8.37 -29.34
CA ARG H 211 61.73 -7.06 -29.96
C ARG H 211 62.21 -7.03 -31.41
N GLU H 212 63.19 -7.86 -31.78
CA GLU H 212 63.73 -7.74 -33.12
C GLU H 212 62.98 -8.60 -34.12
N ASN H 213 62.47 -9.76 -33.70
CA ASN H 213 61.70 -10.58 -34.62
C ASN H 213 60.27 -10.10 -34.76
N GLY H 214 59.91 -9.02 -34.07
CA GLY H 214 58.58 -8.43 -34.17
C GLY H 214 57.57 -9.00 -33.19
N THR H 215 57.93 -9.99 -32.38
CA THR H 215 56.99 -10.60 -31.45
C THR H 215 56.54 -9.62 -30.39
N TYR H 216 57.44 -8.75 -29.90
CA TYR H 216 57.04 -7.75 -28.93
C TYR H 216 56.02 -6.79 -29.51
N ASN H 217 56.22 -6.37 -30.76
CA ASN H 217 55.30 -5.40 -31.42
C ASN H 217 53.98 -6.08 -31.76
N GLU H 218 53.98 -7.40 -31.99
CA GLU H 218 52.74 -8.13 -32.21
C GLU H 218 51.92 -8.25 -30.93
N ILE H 219 52.57 -8.62 -29.81
CA ILE H 219 51.84 -8.70 -28.56
C ILE H 219 51.39 -7.31 -28.12
N TYR H 220 52.20 -6.30 -28.40
CA TYR H 220 51.82 -4.91 -28.09
C TYR H 220 50.58 -4.50 -28.87
N LYS H 221 50.57 -4.78 -30.17
CA LYS H 221 49.42 -4.39 -30.99
C LYS H 221 48.14 -5.11 -30.53
N LYS H 222 48.28 -6.32 -29.97
CA LYS H 222 47.12 -7.06 -29.52
C LYS H 222 46.38 -6.33 -28.41
N TRP H 223 47.12 -5.70 -27.49
CA TRP H 223 46.50 -5.09 -26.31
C TRP H 223 46.45 -3.58 -26.35
N PHE H 224 47.45 -2.91 -26.95
CA PHE H 224 47.49 -1.45 -26.96
C PHE H 224 47.41 -0.87 -28.38
N GLY H 225 46.94 -1.66 -29.33
CA GLY H 225 46.85 -1.25 -30.73
C GLY H 225 47.96 -0.38 -31.26
N THR H 226 47.59 0.78 -31.80
CA THR H 226 48.55 1.71 -32.41
C THR H 226 49.08 2.70 -31.38
N GLU H 227 49.75 2.14 -30.37
CA GLU H 227 50.29 2.93 -29.25
C GLU H 227 49.21 3.77 -28.58
N LYS I 7 -23.86 39.60 53.37
CA LYS I 7 -22.65 38.78 53.01
C LYS I 7 -22.47 38.77 51.51
N LEU I 8 -21.22 38.71 51.06
CA LEU I 8 -20.93 38.76 49.60
C LEU I 8 -20.99 37.38 48.98
N VAL I 9 -21.43 37.30 47.73
CA VAL I 9 -21.50 36.05 46.99
C VAL I 9 -20.24 35.90 46.14
N VAL I 10 -19.53 34.79 46.34
CA VAL I 10 -18.28 34.50 45.66
C VAL I 10 -18.49 33.27 44.78
N ALA I 11 -18.42 33.45 43.47
CA ALA I 11 -18.55 32.35 42.54
C ALA I 11 -17.22 31.63 42.36
N THR I 12 -17.27 30.31 42.23
CA THR I 12 -16.09 29.47 42.07
C THR I 12 -16.42 28.33 41.10
N ASP I 13 -15.37 27.65 40.65
CA ASP I 13 -15.53 26.53 39.74
C ASP I 13 -15.94 25.27 40.50
N THR I 14 -16.75 24.44 39.83
CA THR I 14 -17.18 23.18 40.43
C THR I 14 -16.00 22.27 40.74
N ALA I 15 -14.99 22.24 39.86
CA ALA I 15 -13.83 21.38 40.06
C ALA I 15 -12.66 21.99 39.29
N PHE I 16 -11.65 22.48 40.01
CA PHE I 16 -10.45 23.07 39.41
C PHE I 16 -9.28 22.84 40.37
N VAL I 17 -8.86 21.58 40.49
CA VAL I 17 -7.84 21.16 41.48
C VAL I 17 -6.48 21.71 41.07
N PRO I 18 -5.72 22.35 41.97
CA PRO I 18 -5.94 22.59 43.39
C PRO I 18 -6.41 24.00 43.75
N PHE I 19 -7.09 24.73 42.85
CA PHE I 19 -7.54 26.06 43.23
C PHE I 19 -8.84 26.02 44.01
N GLU I 20 -9.76 25.16 43.64
CA GLU I 20 -10.97 24.92 44.41
C GLU I 20 -11.53 23.56 44.01
N PHE I 21 -11.92 22.77 45.00
CA PHE I 21 -12.59 21.50 44.71
C PHE I 21 -13.31 21.00 45.94
N LYS I 22 -14.26 20.10 45.71
CA LYS I 22 -15.05 19.49 46.76
C LYS I 22 -14.23 18.44 47.51
N GLN I 23 -14.07 18.64 48.81
CA GLN I 23 -13.43 17.67 49.69
C GLN I 23 -14.43 17.35 50.80
N GLY I 24 -15.16 16.26 50.65
CA GLY I 24 -16.19 15.90 51.60
C GLY I 24 -17.43 16.78 51.51
N ASP I 25 -17.56 17.72 52.45
CA ASP I 25 -18.71 18.63 52.46
C ASP I 25 -18.29 20.10 52.48
N ILE I 26 -17.06 20.40 52.07
CA ILE I 26 -16.56 21.77 52.02
C ILE I 26 -15.72 21.92 50.75
N TYR I 27 -15.41 23.17 50.43
CA TYR I 27 -14.52 23.49 49.31
C TYR I 27 -13.18 23.94 49.85
N VAL I 28 -12.11 23.48 49.20
CA VAL I 28 -10.75 23.80 49.60
C VAL I 28 -9.94 24.02 48.34
N GLY I 29 -8.83 24.73 48.46
CA GLY I 29 -7.95 24.96 47.34
C GLY I 29 -7.21 26.28 47.51
N PHE I 30 -6.40 26.58 46.50
CA PHE I 30 -5.63 27.82 46.49
C PHE I 30 -6.54 29.04 46.53
N ASP I 31 -7.54 29.09 45.64
CA ASP I 31 -8.46 30.23 45.62
C ASP I 31 -9.27 30.32 46.92
N VAL I 32 -9.65 29.17 47.49
CA VAL I 32 -10.44 29.18 48.71
C VAL I 32 -9.64 29.73 49.88
N ASP I 33 -8.39 29.29 50.02
CA ASP I 33 -7.56 29.80 51.10
C ASP I 33 -7.19 31.27 50.89
N LEU I 34 -6.86 31.64 49.65
CA LEU I 34 -6.45 33.01 49.38
C LEU I 34 -7.59 33.99 49.66
N TRP I 35 -8.81 33.65 49.25
CA TRP I 35 -9.93 34.55 49.46
C TRP I 35 -10.32 34.64 50.93
N ALA I 36 -10.30 33.51 51.64
CA ALA I 36 -10.59 33.53 53.08
C ALA I 36 -9.61 34.43 53.82
N ALA I 37 -8.35 34.46 53.38
CA ALA I 37 -7.38 35.36 53.98
C ALA I 37 -7.63 36.80 53.58
N ILE I 38 -8.00 37.05 52.32
CA ILE I 38 -8.31 38.40 51.88
C ILE I 38 -9.52 38.95 52.62
N ALA I 39 -10.59 38.16 52.69
CA ALA I 39 -11.82 38.62 53.33
C ALA I 39 -11.62 38.88 54.82
N LYS I 40 -10.75 38.10 55.48
CA LYS I 40 -10.50 38.33 56.89
C LYS I 40 -9.76 39.65 57.12
N GLU I 41 -8.74 39.93 56.31
CA GLU I 41 -8.01 41.19 56.45
C GLU I 41 -8.93 42.38 56.23
N LEU I 42 -9.82 42.29 55.25
CA LEU I 42 -10.76 43.37 54.94
C LEU I 42 -12.03 43.28 55.77
N LYS I 43 -12.15 42.27 56.64
CA LYS I 43 -13.31 42.09 57.51
C LYS I 43 -14.60 41.96 56.70
N LEU I 44 -14.60 41.03 55.75
CA LEU I 44 -15.73 40.81 54.87
C LEU I 44 -16.37 39.45 55.15
N ASP I 45 -17.70 39.41 55.10
CA ASP I 45 -18.46 38.18 55.19
C ASP I 45 -18.88 37.75 53.79
N TYR I 46 -18.78 36.46 53.51
CA TYR I 46 -19.00 35.96 52.16
C TYR I 46 -19.58 34.56 52.21
N GLU I 47 -19.99 34.08 51.02
CA GLU I 47 -20.42 32.71 50.82
C GLU I 47 -19.84 32.21 49.50
N LEU I 48 -19.47 30.95 49.45
CA LEU I 48 -19.00 30.35 48.22
C LEU I 48 -20.18 29.74 47.47
N LYS I 49 -20.21 29.95 46.16
CA LYS I 49 -21.29 29.42 45.31
C LYS I 49 -20.69 28.77 44.08
N PRO I 50 -20.31 27.50 44.18
CA PRO I 50 -19.73 26.81 43.03
C PRO I 50 -20.73 26.64 41.89
N MET I 51 -20.21 26.71 40.66
CA MET I 51 -21.03 26.57 39.46
C MET I 51 -20.10 26.20 38.33
N ASP I 52 -20.69 25.83 37.19
CA ASP I 52 -19.89 25.52 36.02
C ASP I 52 -19.22 26.79 35.51
N PHE I 53 -17.98 26.63 35.02
CA PHE I 53 -17.18 27.79 34.64
C PHE I 53 -17.84 28.60 33.53
N SER I 54 -18.57 27.93 32.63
CA SER I 54 -19.18 28.61 31.49
C SER I 54 -20.22 29.64 31.89
N GLY I 55 -20.68 29.63 33.14
CA GLY I 55 -21.65 30.58 33.62
C GLY I 55 -21.14 31.60 34.61
N ILE I 56 -19.83 31.63 34.88
CA ILE I 56 -19.30 32.57 35.86
C ILE I 56 -19.27 33.97 35.27
N ILE I 57 -18.75 34.12 34.05
CA ILE I 57 -18.74 35.43 33.40
C ILE I 57 -20.16 35.97 33.23
N PRO I 58 -21.14 35.21 32.73
CA PRO I 58 -22.52 35.73 32.74
C PRO I 58 -23.06 36.05 34.12
N ALA I 59 -22.67 35.29 35.15
CA ALA I 59 -23.16 35.56 36.49
C ALA I 59 -22.67 36.92 37.00
N LEU I 60 -21.45 37.30 36.64
CA LEU I 60 -20.95 38.62 37.02
C LEU I 60 -21.66 39.73 36.26
N GLN I 61 -21.90 39.51 34.97
CA GLN I 61 -22.56 40.54 34.16
C GLN I 61 -23.98 40.81 34.67
N THR I 62 -24.72 39.75 34.98
CA THR I 62 -26.08 39.88 35.49
C THR I 62 -26.13 40.24 36.97
N LYS I 63 -24.97 40.37 37.63
CA LYS I 63 -24.85 40.74 39.04
C LYS I 63 -25.51 39.71 39.96
N ASN I 64 -25.54 38.44 39.54
CA ASN I 64 -26.02 37.40 40.45
C ASN I 64 -24.96 37.01 41.47
N VAL I 65 -23.71 37.39 41.26
CA VAL I 65 -22.62 37.12 42.19
C VAL I 65 -21.79 38.40 42.32
N ASP I 66 -21.21 38.59 43.51
CA ASP I 66 -20.50 39.83 43.80
C ASP I 66 -19.06 39.82 43.29
N LEU I 67 -18.46 38.64 43.19
CA LEU I 67 -17.10 38.47 42.66
C LEU I 67 -16.88 36.99 42.45
N ALA I 68 -15.72 36.66 41.88
CA ALA I 68 -15.42 35.25 41.55
C ALA I 68 -13.94 34.98 41.76
N LEU I 69 -13.61 33.74 42.14
CA LEU I 69 -12.20 33.33 42.30
C LEU I 69 -12.14 31.87 41.81
N ALA I 70 -12.01 31.68 40.49
CA ALA I 70 -12.03 30.31 39.94
C ALA I 70 -10.92 30.19 38.90
N GLY I 71 -9.69 30.52 39.28
CA GLY I 71 -8.58 30.51 38.31
C GLY I 71 -8.98 31.13 36.99
N ILE I 72 -9.62 32.31 37.03
CA ILE I 72 -10.09 32.98 35.78
C ILE I 72 -8.94 33.81 35.22
N THR I 73 -8.50 33.53 33.99
CA THR I 73 -7.35 34.26 33.46
C THR I 73 -7.69 35.73 33.21
N ILE I 74 -6.74 36.60 33.52
CA ILE I 74 -6.90 38.01 33.19
C ILE I 74 -6.74 38.11 31.67
N CYS I 75 -7.81 38.50 30.99
CA CYS I 75 -7.84 38.51 29.53
C CYS I 75 -8.36 39.85 29.03
N ASP I 76 -7.94 40.23 27.82
CA ASP I 76 -8.34 41.57 27.31
C ASP I 76 -9.83 41.58 26.92
N GLU I 77 -10.25 40.70 26.01
CA GLU I 77 -11.66 40.69 25.54
C GLU I 77 -12.57 40.54 26.74
N ARG I 78 -12.17 39.73 27.71
CA ARG I 78 -12.97 39.57 28.94
C ARG I 78 -13.11 40.94 29.58
N LYS I 79 -12.02 41.71 29.64
CA LYS I 79 -12.12 42.98 30.34
C LYS I 79 -13.18 43.90 29.73
N LYS I 80 -13.62 43.62 28.51
CA LYS I 80 -14.74 44.38 27.95
C LYS I 80 -16.02 44.12 28.72
N ALA I 81 -16.10 43.01 29.46
CA ALA I 81 -17.32 42.61 30.15
C ALA I 81 -17.23 42.69 31.66
N ILE I 82 -16.06 42.41 32.26
CA ILE I 82 -15.89 42.41 33.70
C ILE I 82 -14.57 43.08 34.05
N ASP I 83 -14.38 43.35 35.34
CA ASP I 83 -13.17 43.93 35.86
C ASP I 83 -12.34 42.88 36.59
N PHE I 84 -11.02 43.00 36.48
CA PHE I 84 -10.09 42.07 37.10
C PHE I 84 -9.30 42.77 38.20
N SER I 85 -8.82 41.97 39.15
CA SER I 85 -7.90 42.47 40.16
C SER I 85 -6.47 42.34 39.67
N ASP I 86 -5.52 42.67 40.52
CA ASP I 86 -4.12 42.45 40.18
C ASP I 86 -3.85 40.95 40.16
N GLY I 87 -3.04 40.51 39.20
CA GLY I 87 -2.75 39.10 39.06
C GLY I 87 -2.24 38.49 40.35
N TYR I 88 -2.67 37.27 40.65
CA TYR I 88 -2.29 36.62 41.90
C TYR I 88 -1.57 35.31 41.66
N TYR I 89 -1.42 34.90 40.42
CA TYR I 89 -0.75 33.65 40.08
C TYR I 89 -0.39 33.69 38.61
N LYS I 90 0.89 33.47 38.30
CA LYS I 90 1.33 33.41 36.89
C LYS I 90 1.18 31.97 36.40
N SER I 91 0.24 31.71 35.49
CA SER I 91 0.00 30.36 34.95
C SER I 91 0.10 30.28 33.44
N GLY I 92 -0.14 29.10 32.87
CA GLY I 92 -0.07 28.93 31.41
C GLY I 92 -0.73 27.63 31.02
N LEU I 93 -0.91 27.41 29.73
CA LEU I 93 -1.54 26.15 29.24
C LEU I 93 -0.47 25.06 29.09
N LEU I 94 -0.89 23.79 29.03
CA LEU I 94 0.06 22.65 28.93
C LEU I 94 -0.64 21.49 28.23
N VAL I 95 0.10 20.64 27.51
CA VAL I 95 -0.49 19.54 26.76
C VAL I 95 -0.24 18.25 27.53
N MET I 96 -1.31 17.47 27.74
CA MET I 96 -1.23 16.20 28.45
C MET I 96 -1.68 15.07 27.54
N VAL I 97 -0.90 13.99 27.53
CA VAL I 97 -1.20 12.79 26.75
C VAL I 97 -1.03 11.55 27.62
N LYS I 98 -1.33 10.41 27.03
CA LYS I 98 -1.15 9.11 27.66
C LYS I 98 0.33 8.83 27.90
N ALA I 99 0.60 7.97 28.89
CA ALA I 99 1.98 7.70 29.27
C ALA I 99 2.77 7.03 28.15
N ASN I 100 2.13 6.15 27.38
CA ASN I 100 2.83 5.45 26.30
C ASN I 100 2.71 6.15 24.96
N ASN I 101 2.71 7.47 24.92
CA ASN I 101 2.48 8.22 23.69
C ASN I 101 3.79 8.84 23.25
N ASN I 102 4.18 8.54 22.01
CA ASN I 102 5.45 8.99 21.46
C ASN I 102 5.31 9.82 20.19
N ASP I 103 4.13 9.88 19.57
CA ASP I 103 3.99 10.69 18.36
C ASP I 103 3.67 12.14 18.68
N VAL I 104 3.20 12.41 19.89
CA VAL I 104 2.97 13.77 20.38
C VAL I 104 4.09 14.06 21.38
N LYS I 105 4.91 15.05 21.04
CA LYS I 105 5.99 15.51 21.90
C LYS I 105 5.95 17.01 22.13
N SER I 106 5.11 17.74 21.40
CA SER I 106 5.02 19.19 21.55
C SER I 106 3.72 19.65 20.92
N VAL I 107 3.45 20.94 21.11
CA VAL I 107 2.22 21.55 20.61
C VAL I 107 2.20 21.57 19.08
N LYS I 108 3.37 21.54 18.46
CA LYS I 108 3.37 21.62 16.98
C LYS I 108 2.87 20.28 16.45
N ASP I 109 2.56 19.35 17.35
CA ASP I 109 2.18 17.99 16.91
C ASP I 109 0.67 17.83 16.95
N LEU I 110 0.01 18.47 17.90
CA LEU I 110 -1.46 18.28 18.04
C LEU I 110 -2.08 18.48 16.67
N ASP I 111 -1.44 19.29 15.82
CA ASP I 111 -2.04 19.57 14.49
C ASP I 111 -2.46 18.27 13.80
N GLY I 112 -3.66 18.23 13.23
CA GLY I 112 -4.17 16.99 12.61
C GLY I 112 -4.69 15.95 13.58
N LYS I 113 -4.84 16.30 14.85
CA LYS I 113 -5.24 15.29 15.87
C LYS I 113 -6.52 15.74 16.59
N VAL I 114 -6.91 15.00 17.64
CA VAL I 114 -8.13 15.29 18.40
C VAL I 114 -7.73 15.82 19.76
N VAL I 115 -8.12 17.05 20.06
CA VAL I 115 -7.79 17.71 21.32
C VAL I 115 -9.07 18.01 22.08
N ALA I 116 -9.13 17.60 23.34
CA ALA I 116 -10.26 17.86 24.22
C ALA I 116 -9.93 19.02 25.15
N VAL I 117 -10.88 19.92 25.34
CA VAL I 117 -10.70 21.10 26.17
C VAL I 117 -11.97 21.34 26.99
N LYS I 118 -11.88 22.28 27.93
CA LYS I 118 -12.99 22.63 28.81
C LYS I 118 -13.76 23.82 28.25
N SER I 119 -15.09 23.70 28.25
CA SER I 119 -15.93 24.74 27.66
C SER I 119 -15.82 26.04 28.44
N GLY I 120 -15.84 27.15 27.71
CA GLY I 120 -15.84 28.48 28.31
C GLY I 120 -14.48 28.98 28.76
N THR I 121 -13.42 28.21 28.56
CA THR I 121 -12.09 28.56 29.02
C THR I 121 -11.24 29.11 27.87
N GLY I 122 -10.05 29.60 28.23
CA GLY I 122 -9.14 30.10 27.23
C GLY I 122 -8.51 29.03 26.37
N SER I 123 -8.52 27.78 26.85
CA SER I 123 -7.99 26.67 26.06
C SER I 123 -8.77 26.49 24.77
N VAL I 124 -10.07 26.80 24.78
CA VAL I 124 -10.87 26.71 23.56
C VAL I 124 -10.41 27.74 22.55
N ASP I 125 -10.10 28.93 23.03
CA ASP I 125 -9.72 30.00 22.07
C ASP I 125 -8.34 29.64 21.53
N TYR I 126 -7.41 29.33 22.43
CA TYR I 126 -6.04 29.06 22.01
C TYR I 126 -5.99 27.95 20.97
N ALA I 127 -6.72 26.85 21.20
CA ALA I 127 -6.69 25.75 20.26
C ALA I 127 -7.28 26.16 18.91
N LYS I 128 -8.32 26.99 18.93
CA LYS I 128 -8.92 27.45 17.68
C LYS I 128 -7.99 28.38 16.92
N ALA I 129 -7.18 29.17 17.63
CA ALA I 129 -6.39 30.22 16.99
C ALA I 129 -4.93 29.85 16.76
N ASN I 130 -4.43 28.78 17.36
CA ASN I 130 -3.00 28.46 17.24
C ASN I 130 -2.71 27.03 16.78
N ILE I 131 -3.67 26.11 16.84
CA ILE I 131 -3.46 24.72 16.48
C ILE I 131 -4.51 24.29 15.47
N LYS I 132 -4.08 23.60 14.42
CA LYS I 132 -4.97 23.10 13.38
C LYS I 132 -5.43 21.71 13.78
N THR I 133 -6.37 21.68 14.73
CA THR I 133 -6.86 20.42 15.25
C THR I 133 -7.79 19.75 14.25
N LYS I 134 -7.68 18.43 14.14
CA LYS I 134 -8.68 17.67 13.41
C LYS I 134 -10.04 17.78 14.07
N ASP I 135 -10.08 17.81 15.40
CA ASP I 135 -11.34 17.98 16.12
C ASP I 135 -11.07 18.58 17.50
N LEU I 136 -11.84 19.60 17.87
CA LEU I 136 -11.76 20.23 19.19
C LEU I 136 -13.01 19.86 19.97
N ARG I 137 -12.86 19.00 20.97
CA ARG I 137 -13.96 18.46 21.75
C ARG I 137 -14.08 19.23 23.07
N GLN I 138 -15.25 19.83 23.30
CA GLN I 138 -15.50 20.59 24.51
C GLN I 138 -16.36 19.80 25.49
N PHE I 139 -16.04 19.93 26.79
CA PHE I 139 -16.69 19.26 27.89
C PHE I 139 -16.96 20.26 29.02
N PRO I 140 -18.10 20.16 29.71
CA PRO I 140 -18.41 21.13 30.76
C PRO I 140 -17.40 21.14 31.91
N ASN I 141 -16.89 19.98 32.30
CA ASN I 141 -15.87 19.86 33.33
C ASN I 141 -14.68 19.05 32.81
N ILE I 142 -13.51 19.34 33.37
CA ILE I 142 -12.28 18.82 32.79
C ILE I 142 -12.15 17.30 33.01
N ASP I 143 -12.79 16.76 34.04
CA ASP I 143 -12.75 15.31 34.25
C ASP I 143 -13.37 14.57 33.07
N ASN I 144 -14.32 15.19 32.38
CA ASN I 144 -14.85 14.60 31.16
C ASN I 144 -13.80 14.59 30.06
N ALA I 145 -12.91 15.58 30.03
CA ALA I 145 -11.83 15.59 29.06
C ALA I 145 -10.76 14.56 29.40
N TYR I 146 -10.45 14.37 30.68
CA TYR I 146 -9.51 13.33 31.08
C TYR I 146 -9.94 11.94 30.60
N MET I 147 -11.22 11.60 30.78
CA MET I 147 -11.73 10.33 30.30
C MET I 147 -11.58 10.22 28.78
N GLU I 148 -11.81 11.32 28.06
CA GLU I 148 -11.69 11.31 26.62
C GLU I 148 -10.24 11.00 26.23
N LEU I 149 -9.28 11.43 27.06
CA LEU I 149 -7.88 11.08 26.84
C LEU I 149 -7.58 9.64 27.25
N GLY I 150 -8.10 9.22 28.40
CA GLY I 150 -7.80 7.89 28.89
C GLY I 150 -8.31 6.79 27.96
N THR I 151 -9.51 6.97 27.42
CA THR I 151 -10.06 6.03 26.45
C THR I 151 -9.61 6.32 25.02
N ASN I 152 -8.69 7.27 24.84
CA ASN I 152 -7.99 7.49 23.57
C ASN I 152 -8.94 7.88 22.44
N ARG I 153 -10.12 8.45 22.78
CA ARG I 153 -10.92 9.09 21.74
C ARG I 153 -10.33 10.43 21.32
N ALA I 154 -9.51 11.04 22.19
CA ALA I 154 -8.79 12.25 21.87
C ALA I 154 -7.32 12.02 22.15
N ASP I 155 -6.47 12.68 21.38
CA ASP I 155 -5.04 12.46 21.48
C ASP I 155 -4.39 13.28 22.58
N ALA I 156 -4.98 14.42 22.96
CA ALA I 156 -4.41 15.23 24.01
C ALA I 156 -5.49 16.14 24.58
N VAL I 157 -5.30 16.56 25.82
CA VAL I 157 -6.09 17.60 26.46
C VAL I 157 -5.18 18.79 26.71
N LEU I 158 -5.70 19.98 26.44
CA LEU I 158 -4.99 21.24 26.66
C LEU I 158 -5.73 22.06 27.70
N HIS I 159 -5.10 22.21 28.86
CA HIS I 159 -5.70 23.06 29.91
C HIS I 159 -4.61 23.76 30.70
N ASP I 160 -5.00 24.43 31.78
CA ASP I 160 -4.05 25.22 32.56
C ASP I 160 -2.94 24.34 33.14
N THR I 161 -1.72 24.89 33.13
CA THR I 161 -0.55 24.17 33.62
C THR I 161 -0.67 23.68 35.05
N PRO I 162 -1.09 24.48 36.03
CA PRO I 162 -1.13 23.97 37.41
C PRO I 162 -2.16 22.86 37.51
N ASN I 163 -3.13 22.83 36.61
CA ASN I 163 -4.17 21.78 36.66
C ASN I 163 -3.51 20.48 36.21
N ILE I 164 -3.04 20.45 34.97
CA ILE I 164 -2.41 19.23 34.40
C ILE I 164 -1.40 18.69 35.40
N LEU I 165 -0.45 19.52 35.82
CA LEU I 165 0.61 19.04 36.74
C LEU I 165 0.01 18.40 37.98
N TYR I 166 -0.89 19.11 38.65
CA TYR I 166 -1.48 18.58 39.88
C TYR I 166 -2.27 17.30 39.63
N PHE I 167 -2.97 17.21 38.49
CA PHE I 167 -3.74 16.01 38.19
C PHE I 167 -2.84 14.79 38.00
N ILE I 168 -1.74 14.96 37.27
CA ILE I 168 -0.81 13.85 37.05
C ILE I 168 -0.22 13.45 38.39
N LYS I 169 0.04 14.43 39.26
CA LYS I 169 0.69 14.16 40.53
C LYS I 169 -0.22 13.43 41.52
N THR I 170 -1.53 13.70 41.47
CA THR I 170 -2.46 13.19 42.47
C THR I 170 -3.41 12.10 42.01
N ALA I 171 -4.04 12.26 40.85
CA ALA I 171 -5.10 11.36 40.43
C ALA I 171 -4.81 10.72 39.07
N GLY I 172 -3.60 10.82 38.56
CA GLY I 172 -3.26 10.26 37.27
C GLY I 172 -2.83 8.81 37.34
N ASN I 173 -2.20 8.43 38.45
CA ASN I 173 -1.72 7.06 38.67
C ASN I 173 -0.82 6.59 37.53
N GLY I 174 0.11 7.48 37.15
CA GLY I 174 1.08 7.15 36.11
C GLY I 174 0.50 6.73 34.78
N GLN I 175 -0.74 7.09 34.50
CA GLN I 175 -1.39 6.78 33.23
C GLN I 175 -1.43 7.97 32.28
N PHE I 176 -1.05 9.15 32.75
CA PHE I 176 -1.00 10.35 31.93
C PHE I 176 0.33 11.05 32.16
N LYS I 177 0.77 11.80 31.17
CA LYS I 177 2.06 12.48 31.24
C LYS I 177 1.98 13.82 30.56
N ALA I 178 2.81 14.75 31.02
CA ALA I 178 2.89 16.08 30.43
C ALA I 178 4.07 16.13 29.48
N VAL I 179 3.79 16.41 28.21
CA VAL I 179 4.83 16.58 27.21
C VAL I 179 4.75 18.01 26.69
N GLY I 180 5.92 18.63 26.55
CA GLY I 180 6.03 20.03 26.19
C GLY I 180 6.27 20.89 27.41
N ASP I 181 6.06 22.19 27.24
CA ASP I 181 6.20 23.15 28.33
C ASP I 181 5.02 24.12 28.36
N SER I 182 4.97 24.89 29.44
CA SER I 182 3.91 25.89 29.66
C SER I 182 3.90 26.94 28.56
N LEU I 183 2.74 27.10 27.91
CA LEU I 183 2.60 28.13 26.84
C LEU I 183 1.55 29.14 27.30
N GLU I 184 1.34 30.20 26.51
CA GLU I 184 0.32 31.23 26.83
C GLU I 184 0.52 31.71 28.27
N ALA I 185 1.74 32.15 28.62
CA ALA I 185 1.98 32.71 29.96
C ALA I 185 0.82 33.65 30.31
N GLN I 186 0.30 33.58 31.53
CA GLN I 186 -0.88 34.37 31.85
C GLN I 186 -0.83 34.46 33.38
N GLN I 187 -1.78 35.20 33.93
CA GLN I 187 -1.89 35.32 35.40
C GLN I 187 -3.36 35.44 35.76
N TYR I 188 -3.80 34.72 36.78
CA TYR I 188 -5.17 34.73 37.23
C TYR I 188 -5.49 35.97 38.06
N GLY I 189 -6.75 36.39 38.02
CA GLY I 189 -7.17 37.56 38.76
C GLY I 189 -8.56 37.38 39.31
N ILE I 190 -8.83 38.08 40.42
CA ILE I 190 -10.16 38.06 41.02
C ILE I 190 -11.06 38.94 40.19
N ALA I 191 -12.19 38.38 39.75
CA ALA I 191 -13.10 39.04 38.82
C ALA I 191 -14.25 39.71 39.56
N PHE I 192 -14.61 40.91 39.11
CA PHE I 192 -15.72 41.63 39.69
C PHE I 192 -16.63 42.13 38.57
N PRO I 193 -17.91 42.34 38.86
CA PRO I 193 -18.79 42.99 37.89
C PRO I 193 -18.43 44.45 37.72
N LYS I 194 -18.74 44.98 36.52
CA LYS I 194 -18.50 46.38 36.24
C LYS I 194 -19.28 47.26 37.22
N GLY I 195 -18.59 48.21 37.84
CA GLY I 195 -19.16 49.07 38.84
C GLY I 195 -18.81 48.73 40.28
N SER I 196 -18.01 47.69 40.49
CA SER I 196 -17.56 47.30 41.82
C SER I 196 -16.13 47.80 42.07
N ASP I 197 -15.99 49.13 42.02
CA ASP I 197 -14.65 49.73 42.06
C ASP I 197 -14.08 49.80 43.47
N GLU I 198 -14.91 50.07 44.47
CA GLU I 198 -14.43 50.08 45.84
C GLU I 198 -13.97 48.69 46.27
N LEU I 199 -14.77 47.66 46.00
CA LEU I 199 -14.40 46.31 46.39
C LEU I 199 -13.15 45.85 45.65
N ARG I 200 -13.01 46.24 44.38
CA ARG I 200 -11.82 45.87 43.62
C ARG I 200 -10.57 46.50 44.22
N ASP I 201 -10.63 47.80 44.52
CA ASP I 201 -9.47 48.49 45.09
C ASP I 201 -9.17 48.01 46.51
N LYS I 202 -10.22 47.75 47.31
CA LYS I 202 -9.98 47.27 48.67
C LYS I 202 -9.32 45.90 48.66
N VAL I 203 -9.82 44.99 47.81
CA VAL I 203 -9.28 43.65 47.75
C VAL I 203 -7.85 43.67 47.21
N ASN I 204 -7.56 44.56 46.26
CA ASN I 204 -6.21 44.71 45.74
C ASN I 204 -5.23 45.11 46.84
N GLY I 205 -5.67 45.90 47.81
CA GLY I 205 -4.79 46.26 48.91
C GLY I 205 -4.43 45.07 49.77
N ALA I 206 -5.42 44.24 50.11
CA ALA I 206 -5.17 43.02 50.87
C ALA I 206 -4.24 42.07 50.12
N LEU I 207 -4.29 42.08 48.79
CA LEU I 207 -3.41 41.20 48.02
C LEU I 207 -1.94 41.52 48.29
N LYS I 208 -1.59 42.81 48.27
CA LYS I 208 -0.21 43.18 48.54
C LYS I 208 0.09 42.97 50.02
N THR I 209 -0.88 43.27 50.89
CA THR I 209 -0.74 42.98 52.31
C THR I 209 -0.34 41.52 52.51
N LEU I 210 -1.10 40.60 51.92
CA LEU I 210 -0.78 39.19 52.03
C LEU I 210 0.49 38.80 51.30
N ARG I 211 0.89 39.57 50.28
CA ARG I 211 2.11 39.28 49.54
C ARG I 211 3.35 39.56 50.36
N GLU I 212 3.29 40.53 51.28
CA GLU I 212 4.43 40.95 52.08
C GLU I 212 4.51 40.31 53.46
N ASN I 213 3.37 40.04 54.11
CA ASN I 213 3.38 39.44 55.45
C ASN I 213 3.58 37.94 55.43
N GLY I 214 3.73 37.33 54.25
CA GLY I 214 4.02 35.92 54.13
C GLY I 214 2.81 35.02 54.06
N THR I 215 1.59 35.55 54.21
CA THR I 215 0.41 34.69 54.14
C THR I 215 0.25 34.12 52.73
N TYR I 216 0.54 34.93 51.71
CA TYR I 216 0.54 34.42 50.35
C TYR I 216 1.62 33.36 50.18
N ASN I 217 2.80 33.59 50.76
CA ASN I 217 3.88 32.63 50.66
C ASN I 217 3.54 31.32 51.36
N GLU I 218 2.77 31.40 52.46
CA GLU I 218 2.33 30.19 53.14
C GLU I 218 1.32 29.41 52.30
N ILE I 219 0.34 30.12 51.72
CA ILE I 219 -0.68 29.44 50.91
C ILE I 219 -0.04 28.86 49.65
N TYR I 220 0.91 29.59 49.06
CA TYR I 220 1.62 29.05 47.90
C TYR I 220 2.41 27.80 48.28
N LYS I 221 3.10 27.87 49.42
CA LYS I 221 3.87 26.73 49.91
C LYS I 221 2.99 25.53 50.19
N LYS I 222 1.74 25.76 50.63
CA LYS I 222 0.84 24.66 50.93
C LYS I 222 0.44 23.90 49.68
N TRP I 223 0.20 24.60 48.57
CA TRP I 223 -0.33 23.98 47.36
C TRP I 223 0.69 23.81 46.24
N PHE I 224 1.64 24.73 46.11
CA PHE I 224 2.59 24.70 45.01
C PHE I 224 4.03 24.51 45.48
N GLY I 225 4.23 24.10 46.74
CA GLY I 225 5.55 23.91 47.30
C GLY I 225 6.61 24.89 46.85
N THR I 226 7.81 24.38 46.57
CA THR I 226 8.87 25.16 45.97
C THR I 226 8.65 25.20 44.46
N GLU I 227 8.43 26.40 43.92
CA GLU I 227 8.14 26.58 42.49
C GLU I 227 8.26 28.06 42.16
N PRO I 228 8.70 28.42 40.95
CA PRO I 228 8.80 29.84 40.59
C PRO I 228 7.46 30.54 40.69
N LYS I 229 7.41 31.61 41.48
CA LYS I 229 6.18 32.35 41.72
C LYS I 229 6.11 33.59 40.84
N LYS J 6 -30.22 -28.81 18.62
CA LYS J 6 -28.81 -28.47 18.33
C LYS J 6 -28.01 -29.76 18.14
N LYS J 7 -28.36 -30.55 17.12
CA LYS J 7 -27.68 -31.85 16.87
C LYS J 7 -27.50 -32.03 15.36
N LEU J 8 -26.26 -31.97 14.88
CA LEU J 8 -26.04 -32.08 13.44
C LEU J 8 -26.30 -33.49 12.91
N VAL J 9 -26.79 -33.56 11.68
CA VAL J 9 -27.00 -34.82 10.96
C VAL J 9 -25.81 -35.05 10.05
N VAL J 10 -25.16 -36.20 10.22
CA VAL J 10 -23.98 -36.56 9.45
C VAL J 10 -24.35 -37.76 8.59
N ALA J 11 -24.34 -37.57 7.27
CA ALA J 11 -24.66 -38.66 6.36
C ALA J 11 -23.42 -39.52 6.15
N THR J 12 -23.62 -40.83 6.05
CA THR J 12 -22.50 -41.75 5.94
C THR J 12 -22.94 -42.90 5.04
N ASP J 13 -21.97 -43.67 4.53
CA ASP J 13 -22.26 -44.80 3.68
C ASP J 13 -22.65 -46.02 4.51
N THR J 14 -23.53 -46.86 3.93
CA THR J 14 -23.96 -48.07 4.61
C THR J 14 -22.78 -49.01 4.86
N ALA J 15 -21.87 -49.12 3.89
CA ALA J 15 -20.73 -50.02 4.02
C ALA J 15 -19.61 -49.53 3.11
N PHE J 16 -18.51 -49.06 3.72
CA PHE J 16 -17.31 -48.62 2.95
C PHE J 16 -16.06 -48.85 3.81
N VAL J 17 -15.65 -50.10 3.99
CA VAL J 17 -14.48 -50.45 4.85
C VAL J 17 -13.22 -49.93 4.17
N PRO J 18 -12.23 -49.39 4.92
CA PRO J 18 -12.31 -49.29 6.37
C PRO J 18 -12.63 -47.88 6.87
N PHE J 19 -13.50 -47.15 6.16
CA PHE J 19 -13.81 -45.74 6.52
C PHE J 19 -15.08 -45.68 7.36
N GLU J 20 -16.06 -46.53 7.08
CA GLU J 20 -17.25 -46.66 7.93
C GLU J 20 -17.90 -48.00 7.65
N PHE J 21 -18.27 -48.71 8.72
CA PHE J 21 -19.03 -49.95 8.57
C PHE J 21 -19.65 -50.31 9.91
N LYS J 22 -20.65 -51.19 9.86
CA LYS J 22 -21.31 -51.65 11.07
C LYS J 22 -20.42 -52.62 11.81
N GLN J 23 -20.13 -52.31 13.07
CA GLN J 23 -19.39 -53.22 13.95
C GLN J 23 -20.30 -53.51 15.15
N GLY J 24 -20.99 -54.64 15.08
CA GLY J 24 -21.96 -55.00 16.09
C GLY J 24 -23.23 -54.19 15.95
N ASP J 25 -23.39 -53.16 16.80
CA ASP J 25 -24.55 -52.29 16.76
C ASP J 25 -24.17 -50.82 16.65
N ILE J 26 -22.98 -50.51 16.16
CA ILE J 26 -22.48 -49.17 15.98
C ILE J 26 -21.73 -49.11 14.66
N TYR J 27 -21.41 -47.89 14.24
CA TYR J 27 -20.59 -47.69 13.05
C TYR J 27 -19.18 -47.26 13.46
N VAL J 28 -18.19 -47.82 12.76
CA VAL J 28 -16.78 -47.54 13.05
C VAL J 28 -16.04 -47.42 11.73
N GLY J 29 -14.88 -46.80 11.78
CA GLY J 29 -14.04 -46.66 10.61
C GLY J 29 -13.18 -45.42 10.75
N PHE J 30 -12.36 -45.19 9.73
CA PHE J 30 -11.50 -44.02 9.72
C PHE J 30 -12.33 -42.73 9.70
N ASP J 31 -13.34 -42.68 8.83
CA ASP J 31 -14.18 -41.48 8.76
C ASP J 31 -14.94 -41.30 10.07
N VAL J 32 -15.37 -42.41 10.69
CA VAL J 32 -16.10 -42.32 11.95
C VAL J 32 -15.20 -41.80 13.05
N ASP J 33 -13.97 -42.33 13.14
CA ASP J 33 -13.05 -41.87 14.17
C ASP J 33 -12.57 -40.45 13.91
N LEU J 34 -12.27 -40.11 12.66
CA LEU J 34 -11.77 -38.77 12.35
C LEU J 34 -12.80 -37.70 12.69
N TRP J 35 -14.07 -37.96 12.37
CA TRP J 35 -15.11 -36.97 12.65
C TRP J 35 -15.35 -36.81 14.15
N ALA J 36 -15.31 -37.93 14.89
CA ALA J 36 -15.46 -37.84 16.35
C ALA J 36 -14.42 -36.93 16.97
N ALA J 37 -13.19 -36.94 16.41
CA ALA J 37 -12.16 -36.03 16.90
C ALA J 37 -12.43 -34.60 16.46
N ILE J 38 -12.91 -34.42 15.22
CA ILE J 38 -13.25 -33.08 14.74
C ILE J 38 -14.40 -32.51 15.56
N ALA J 39 -15.46 -33.29 15.75
CA ALA J 39 -16.61 -32.82 16.50
C ALA J 39 -16.25 -32.54 17.95
N LYS J 40 -15.30 -33.28 18.51
CA LYS J 40 -14.85 -33.04 19.87
C LYS J 40 -14.14 -31.69 19.99
N GLU J 41 -13.25 -31.39 19.06
CA GLU J 41 -12.54 -30.11 19.09
C GLU J 41 -13.49 -28.94 18.97
N LEU J 42 -14.49 -29.06 18.09
CA LEU J 42 -15.41 -27.97 17.82
C LEU J 42 -16.61 -27.94 18.76
N LYS J 43 -16.72 -28.89 19.69
CA LYS J 43 -17.84 -28.95 20.63
C LYS J 43 -19.18 -29.01 19.91
N LEU J 44 -19.30 -29.96 19.00
CA LEU J 44 -20.52 -30.16 18.23
C LEU J 44 -21.16 -31.48 18.63
N ASP J 45 -22.49 -31.47 18.73
CA ASP J 45 -23.26 -32.70 18.93
C ASP J 45 -23.79 -33.14 17.57
N TYR J 46 -23.72 -34.44 17.31
CA TYR J 46 -24.03 -34.94 15.98
C TYR J 46 -24.64 -36.32 16.07
N GLU J 47 -25.13 -36.78 14.93
CA GLU J 47 -25.71 -38.09 14.76
C GLU J 47 -25.25 -38.66 13.41
N LEU J 48 -24.98 -39.96 13.38
CA LEU J 48 -24.60 -40.62 12.14
C LEU J 48 -25.84 -41.18 11.48
N LYS J 49 -25.94 -41.03 10.16
CA LYS J 49 -27.09 -41.50 9.40
C LYS J 49 -26.63 -42.25 8.16
N PRO J 50 -26.36 -43.54 8.28
CA PRO J 50 -25.90 -44.31 7.11
C PRO J 50 -26.99 -44.43 6.04
N MET J 51 -26.55 -44.40 4.78
CA MET J 51 -27.43 -44.51 3.63
C MET J 51 -26.57 -44.91 2.43
N ASP J 52 -27.23 -45.26 1.33
CA ASP J 52 -26.50 -45.57 0.11
C ASP J 52 -25.84 -44.31 -0.43
N PHE J 53 -24.66 -44.50 -1.02
CA PHE J 53 -23.86 -43.36 -1.48
C PHE J 53 -24.62 -42.53 -2.51
N SER J 54 -25.46 -43.17 -3.32
CA SER J 54 -26.19 -42.46 -4.37
C SER J 54 -27.17 -41.44 -3.83
N GLY J 55 -27.49 -41.48 -2.54
CA GLY J 55 -28.41 -40.54 -1.96
C GLY J 55 -27.76 -39.55 -1.01
N ILE J 56 -26.43 -39.63 -0.89
CA ILE J 56 -25.72 -38.74 0.03
C ILE J 56 -25.65 -37.34 -0.55
N ILE J 57 -25.19 -37.22 -1.80
CA ILE J 57 -25.15 -35.92 -2.46
C ILE J 57 -26.55 -35.31 -2.59
N PRO J 58 -27.58 -36.04 -3.02
CA PRO J 58 -28.93 -35.45 -3.00
C PRO J 58 -29.40 -35.05 -1.62
N ALA J 59 -29.02 -35.78 -0.57
CA ALA J 59 -29.41 -35.40 0.78
C ALA J 59 -28.79 -34.07 1.17
N LEU J 60 -27.57 -33.81 0.72
CA LEU J 60 -26.95 -32.50 0.94
C LEU J 60 -27.63 -31.44 0.08
N GLN J 61 -27.96 -31.80 -1.16
CA GLN J 61 -28.65 -30.88 -2.05
C GLN J 61 -30.02 -30.44 -1.53
N THR J 62 -30.81 -31.39 -1.03
CA THR J 62 -32.12 -31.11 -0.47
C THR J 62 -32.04 -30.64 0.99
N LYS J 63 -30.83 -30.48 1.53
CA LYS J 63 -30.62 -30.00 2.89
C LYS J 63 -31.27 -30.87 3.97
N ASN J 64 -31.39 -32.17 3.69
CA ASN J 64 -31.89 -33.11 4.68
C ASN J 64 -30.81 -33.54 5.68
N VAL J 65 -29.55 -33.30 5.37
CA VAL J 65 -28.44 -33.66 6.25
C VAL J 65 -27.48 -32.48 6.33
N ASP J 66 -26.82 -32.35 7.47
CA ASP J 66 -25.99 -31.16 7.72
C ASP J 66 -24.58 -31.29 7.12
N LEU J 67 -24.07 -32.52 7.00
CA LEU J 67 -22.77 -32.77 6.38
C LEU J 67 -22.65 -34.29 6.19
N ALA J 68 -21.53 -34.67 5.57
CA ALA J 68 -21.37 -36.09 5.24
C ALA J 68 -19.89 -36.49 5.22
N LEU J 69 -19.60 -37.67 5.73
CA LEU J 69 -18.22 -38.22 5.69
C LEU J 69 -18.36 -39.65 5.17
N ALA J 70 -18.01 -39.89 3.91
CA ALA J 70 -18.22 -41.24 3.33
C ALA J 70 -17.33 -41.46 2.12
N GLY J 71 -16.02 -41.24 2.27
CA GLY J 71 -15.06 -41.44 1.16
C GLY J 71 -15.46 -40.64 -0.05
N ILE J 72 -16.01 -39.45 0.17
CA ILE J 72 -16.50 -38.65 -0.97
C ILE J 72 -15.31 -37.95 -1.61
N THR J 73 -15.10 -38.18 -2.89
CA THR J 73 -13.93 -37.62 -3.58
C THR J 73 -14.17 -36.16 -3.95
N ILE J 74 -13.25 -35.28 -3.58
CA ILE J 74 -13.32 -33.88 -3.96
C ILE J 74 -13.19 -33.79 -5.48
N CYS J 75 -14.26 -33.38 -6.15
CA CYS J 75 -14.28 -33.29 -7.60
C CYS J 75 -14.95 -31.98 -8.00
N ASP J 76 -14.48 -31.39 -9.09
CA ASP J 76 -15.03 -30.11 -9.54
C ASP J 76 -16.45 -30.27 -10.06
N GLU J 77 -16.73 -31.35 -10.77
CA GLU J 77 -18.08 -31.60 -11.24
C GLU J 77 -19.04 -31.77 -10.06
N ARG J 78 -18.57 -32.42 -8.99
CA ARG J 78 -19.40 -32.52 -7.78
C ARG J 78 -19.49 -31.18 -7.05
N LYS J 79 -18.49 -30.31 -7.22
CA LYS J 79 -18.51 -29.00 -6.59
C LYS J 79 -19.63 -28.11 -7.12
N LYS J 80 -20.20 -28.43 -8.29
CA LYS J 80 -21.35 -27.70 -8.77
C LYS J 80 -22.57 -27.90 -7.88
N ALA J 81 -22.61 -29.00 -7.12
CA ALA J 81 -23.76 -29.35 -6.29
C ALA J 81 -23.51 -29.24 -4.80
N ILE J 82 -22.29 -29.52 -4.33
CA ILE J 82 -21.98 -29.50 -2.90
C ILE J 82 -20.65 -28.80 -2.69
N ASP J 83 -20.36 -28.49 -1.42
CA ASP J 83 -19.11 -27.88 -1.00
C ASP J 83 -18.24 -28.89 -0.26
N PHE J 84 -16.93 -28.77 -0.44
CA PHE J 84 -15.97 -29.68 0.18
C PHE J 84 -15.12 -28.95 1.20
N SER J 85 -14.63 -29.70 2.19
CA SER J 85 -13.66 -29.21 3.16
C SER J 85 -12.26 -29.47 2.63
N ASP J 86 -11.24 -29.19 3.46
CA ASP J 86 -9.88 -29.52 3.09
C ASP J 86 -9.69 -31.03 3.07
N GLY J 87 -8.90 -31.50 2.12
CA GLY J 87 -8.71 -32.93 1.97
C GLY J 87 -8.05 -33.54 3.20
N TYR J 88 -8.50 -34.76 3.55
CA TYR J 88 -8.00 -35.44 4.73
C TYR J 88 -7.42 -36.82 4.43
N TYR J 89 -7.43 -37.24 3.17
CA TYR J 89 -6.91 -38.57 2.83
C TYR J 89 -6.62 -38.63 1.34
N LYS J 90 -5.38 -38.98 1.00
CA LYS J 90 -4.96 -39.15 -0.39
C LYS J 90 -5.27 -40.58 -0.83
N SER J 91 -6.15 -40.73 -1.81
CA SER J 91 -6.57 -42.07 -2.21
C SER J 91 -6.45 -42.28 -3.72
N GLY J 92 -6.98 -43.39 -4.20
CA GLY J 92 -6.93 -43.70 -5.62
C GLY J 92 -7.71 -44.96 -5.91
N LEU J 93 -7.55 -45.45 -7.15
CA LEU J 93 -8.17 -46.69 -7.59
C LEU J 93 -7.12 -47.75 -7.87
N LEU J 94 -7.54 -49.00 -7.65
CA LEU J 94 -6.64 -50.13 -7.87
C LEU J 94 -7.42 -51.26 -8.52
N VAL J 95 -6.76 -52.09 -9.32
CA VAL J 95 -7.36 -53.23 -10.01
C VAL J 95 -7.09 -54.49 -9.21
N MET J 96 -8.14 -55.25 -8.93
CA MET J 96 -8.03 -56.50 -8.20
C MET J 96 -8.52 -57.63 -9.08
N VAL J 97 -7.76 -58.71 -9.14
CA VAL J 97 -8.12 -59.91 -9.88
C VAL J 97 -7.92 -61.11 -8.97
N LYS J 98 -8.32 -62.28 -9.45
CA LYS J 98 -8.09 -63.50 -8.69
C LYS J 98 -6.60 -63.79 -8.59
N ALA J 99 -6.24 -64.55 -7.56
CA ALA J 99 -4.82 -64.85 -7.32
C ALA J 99 -4.23 -65.66 -8.47
N ASN J 100 -5.04 -66.53 -9.10
CA ASN J 100 -4.58 -67.39 -10.19
C ASN J 100 -4.79 -66.77 -11.56
N ASN J 101 -4.67 -65.46 -11.67
CA ASN J 101 -4.92 -64.74 -12.92
C ASN J 101 -3.61 -64.18 -13.44
N ASN J 102 -3.28 -64.50 -14.69
CA ASN J 102 -2.03 -64.10 -15.30
C ASN J 102 -2.19 -63.25 -16.55
N ASP J 103 -3.41 -63.10 -17.07
CA ASP J 103 -3.64 -62.30 -18.27
C ASP J 103 -3.90 -60.82 -17.99
N VAL J 104 -4.25 -60.47 -16.77
CA VAL J 104 -4.48 -59.08 -16.39
C VAL J 104 -3.31 -58.60 -15.53
N LYS J 105 -2.63 -57.56 -16.01
CA LYS J 105 -1.54 -56.96 -15.25
C LYS J 105 -1.69 -55.45 -15.07
N SER J 106 -2.63 -54.80 -15.76
CA SER J 106 -2.88 -53.38 -15.63
C SER J 106 -4.22 -53.09 -16.29
N VAL J 107 -4.68 -51.84 -16.17
CA VAL J 107 -5.94 -51.47 -16.80
C VAL J 107 -5.83 -51.54 -18.32
N LYS J 108 -4.60 -51.43 -18.81
CA LYS J 108 -4.37 -51.51 -20.27
C LYS J 108 -4.73 -52.93 -20.67
N ASP J 109 -4.73 -53.83 -19.69
CA ASP J 109 -5.06 -55.25 -19.95
C ASP J 109 -6.50 -55.50 -19.48
N LEU J 110 -7.40 -54.57 -19.78
CA LEU J 110 -8.81 -54.71 -19.32
C LEU J 110 -9.77 -54.40 -20.48
N ASP J 111 -9.23 -54.05 -21.65
CA ASP J 111 -10.10 -53.70 -22.77
C ASP J 111 -10.91 -54.92 -23.20
N GLY J 112 -12.21 -54.72 -23.40
CA GLY J 112 -13.07 -55.85 -23.76
C GLY J 112 -13.16 -56.91 -22.70
N LYS J 113 -13.21 -56.51 -21.43
CA LYS J 113 -13.34 -57.44 -20.33
C LYS J 113 -14.54 -57.03 -19.47
N VAL J 114 -14.87 -57.87 -18.50
CA VAL J 114 -15.96 -57.59 -17.58
C VAL J 114 -15.36 -57.03 -16.30
N VAL J 115 -15.68 -55.78 -15.99
CA VAL J 115 -15.15 -55.09 -14.83
C VAL J 115 -16.31 -54.75 -13.91
N ALA J 116 -16.18 -55.13 -12.64
CA ALA J 116 -17.18 -54.85 -11.63
C ALA J 116 -16.80 -53.65 -10.81
N VAL J 117 -17.76 -52.76 -10.56
CA VAL J 117 -17.57 -51.54 -9.79
C VAL J 117 -18.79 -51.33 -8.91
N LYS J 118 -18.68 -50.33 -8.03
CA LYS J 118 -19.77 -50.00 -7.11
C LYS J 118 -20.63 -48.90 -7.72
N SER J 119 -21.94 -49.08 -7.67
CA SER J 119 -22.86 -48.14 -8.28
C SER J 119 -22.78 -46.78 -7.60
N GLY J 120 -22.85 -45.71 -8.39
CA GLY J 120 -22.89 -44.36 -7.87
C GLY J 120 -21.55 -43.78 -7.46
N THR J 121 -20.46 -44.51 -7.64
CA THR J 121 -19.14 -44.05 -7.21
C THR J 121 -18.35 -43.48 -8.38
N GLY J 122 -17.18 -42.92 -8.05
CA GLY J 122 -16.31 -42.36 -9.06
C GLY J 122 -15.62 -43.38 -9.93
N SER J 123 -15.59 -44.63 -9.49
CA SER J 123 -14.93 -45.70 -10.29
C SER J 123 -15.61 -45.81 -11.64
N VAL J 124 -16.93 -45.69 -11.68
CA VAL J 124 -17.70 -45.85 -12.94
C VAL J 124 -17.26 -44.81 -13.97
N ASP J 125 -17.39 -43.53 -13.65
CA ASP J 125 -17.07 -42.47 -14.63
C ASP J 125 -15.64 -42.65 -15.15
N TYR J 126 -14.75 -43.22 -14.33
CA TYR J 126 -13.37 -43.51 -14.77
C TYR J 126 -13.44 -44.64 -15.78
N ALA J 127 -14.08 -45.72 -15.35
CA ALA J 127 -14.21 -46.88 -16.23
C ALA J 127 -14.91 -46.54 -17.53
N LYS J 128 -15.91 -45.65 -17.50
CA LYS J 128 -16.64 -45.31 -18.71
C LYS J 128 -15.76 -44.57 -19.72
N ALA J 129 -14.84 -43.73 -19.25
CA ALA J 129 -14.07 -42.85 -20.11
C ALA J 129 -12.67 -43.35 -20.43
N ASN J 130 -12.18 -44.35 -19.70
CA ASN J 130 -10.79 -44.78 -19.86
C ASN J 130 -10.62 -46.25 -20.16
N ILE J 131 -11.65 -47.09 -20.00
CA ILE J 131 -11.54 -48.53 -20.21
C ILE J 131 -12.62 -48.94 -21.20
N LYS J 132 -12.22 -49.71 -22.21
CA LYS J 132 -13.17 -50.22 -23.21
C LYS J 132 -13.62 -51.60 -22.77
N THR J 133 -14.52 -51.62 -21.78
CA THR J 133 -14.98 -52.87 -21.18
C THR J 133 -15.97 -53.58 -22.09
N LYS J 134 -15.89 -54.91 -22.10
CA LYS J 134 -16.95 -55.71 -22.69
C LYS J 134 -18.26 -55.48 -21.96
N ASP J 135 -18.20 -55.33 -20.65
CA ASP J 135 -19.36 -55.00 -19.83
C ASP J 135 -18.87 -54.34 -18.55
N LEU J 136 -19.48 -53.23 -18.18
CA LEU J 136 -19.17 -52.56 -16.92
C LEU J 136 -20.34 -52.80 -15.99
N ARG J 137 -20.13 -53.67 -15.01
CA ARG J 137 -21.19 -54.11 -14.10
C ARG J 137 -21.15 -53.31 -12.82
N GLN J 138 -22.28 -52.68 -12.52
CA GLN J 138 -22.37 -51.84 -11.31
C GLN J 138 -23.13 -52.63 -10.26
N PHE J 139 -22.74 -52.47 -8.99
CA PHE J 139 -23.38 -53.17 -7.91
C PHE J 139 -23.66 -52.24 -6.74
N PRO J 140 -24.85 -52.32 -6.14
CA PRO J 140 -25.12 -51.50 -4.95
C PRO J 140 -24.24 -51.94 -3.80
N ASN J 141 -23.92 -53.24 -3.73
CA ASN J 141 -23.01 -53.77 -2.73
C ASN J 141 -21.74 -54.33 -3.34
N ILE J 142 -20.60 -54.03 -2.71
CA ILE J 142 -19.31 -54.34 -3.33
C ILE J 142 -19.04 -55.83 -3.14
N ASP J 143 -19.57 -56.44 -2.09
CA ASP J 143 -19.37 -57.86 -1.85
C ASP J 143 -19.91 -58.72 -2.98
N ASN J 144 -20.98 -58.27 -3.65
CA ASN J 144 -21.45 -58.98 -4.83
C ASN J 144 -20.47 -58.86 -5.98
N ALA J 145 -19.76 -57.74 -6.08
CA ALA J 145 -18.74 -57.59 -7.12
C ALA J 145 -17.53 -58.47 -6.83
N TYR J 146 -17.13 -58.55 -5.56
CA TYR J 146 -16.07 -59.50 -5.18
C TYR J 146 -16.50 -60.92 -5.51
N MET J 147 -17.76 -61.25 -5.22
CA MET J 147 -18.29 -62.57 -5.54
C MET J 147 -18.18 -62.87 -7.03
N GLU J 148 -18.59 -61.91 -7.87
CA GLU J 148 -18.53 -62.13 -9.31
C GLU J 148 -17.09 -62.26 -9.80
N LEU J 149 -16.14 -61.64 -9.11
CA LEU J 149 -14.73 -61.81 -9.49
C LEU J 149 -14.22 -63.20 -9.15
N GLY J 150 -14.57 -63.70 -7.96
CA GLY J 150 -14.08 -65.00 -7.55
C GLY J 150 -14.59 -66.12 -8.43
N THR J 151 -15.85 -66.06 -8.83
CA THR J 151 -16.45 -67.04 -9.73
C THR J 151 -16.19 -66.72 -11.21
N ASN J 152 -15.32 -65.76 -11.50
CA ASN J 152 -14.86 -65.46 -12.86
C ASN J 152 -15.93 -65.05 -13.86
N ARG J 153 -17.04 -64.49 -13.39
CA ARG J 153 -17.97 -63.79 -14.28
C ARG J 153 -17.58 -62.32 -14.51
N ALA J 154 -16.61 -61.84 -13.74
CA ALA J 154 -15.98 -60.56 -13.92
C ALA J 154 -14.48 -60.79 -13.91
N ASP J 155 -13.78 -60.07 -14.78
CA ASP J 155 -12.34 -60.26 -14.90
C ASP J 155 -11.54 -59.41 -13.92
N ALA J 156 -12.09 -58.28 -13.45
CA ALA J 156 -11.40 -57.45 -12.50
C ALA J 156 -12.40 -56.54 -11.79
N VAL J 157 -12.02 -56.10 -10.60
CA VAL J 157 -12.75 -55.09 -9.85
C VAL J 157 -11.92 -53.81 -9.80
N LEU J 158 -12.57 -52.68 -10.00
CA LEU J 158 -11.94 -51.37 -9.92
C LEU J 158 -12.59 -50.63 -8.76
N HIS J 159 -11.83 -50.40 -7.70
CA HIS J 159 -12.34 -49.77 -6.50
C HIS J 159 -11.23 -49.00 -5.82
N ASP J 160 -11.59 -48.28 -4.76
CA ASP J 160 -10.64 -47.42 -4.06
C ASP J 160 -9.50 -48.23 -3.48
N THR J 161 -8.29 -47.67 -3.55
CA THR J 161 -7.10 -48.37 -3.06
C THR J 161 -7.18 -48.79 -1.60
N PRO J 162 -7.59 -47.94 -0.64
CA PRO J 162 -7.62 -48.40 0.76
C PRO J 162 -8.61 -49.52 1.00
N ASN J 163 -9.58 -49.67 0.10
CA ASN J 163 -10.61 -50.70 0.31
C ASN J 163 -10.14 -52.03 -0.26
N ILE J 164 -9.50 -52.03 -1.44
CA ILE J 164 -8.97 -53.25 -2.02
C ILE J 164 -7.85 -53.81 -1.15
N LEU J 165 -6.99 -52.94 -0.63
CA LEU J 165 -5.89 -53.39 0.22
C LEU J 165 -6.41 -53.93 1.55
N TYR J 166 -7.38 -53.24 2.15
CA TYR J 166 -7.94 -53.69 3.43
C TYR J 166 -8.71 -55.00 3.25
N PHE J 167 -9.40 -55.16 2.13
CA PHE J 167 -10.13 -56.39 1.87
C PHE J 167 -9.19 -57.59 1.75
N ILE J 168 -8.10 -57.42 1.01
CA ILE J 168 -7.12 -58.50 0.86
C ILE J 168 -6.48 -58.83 2.20
N LYS J 169 -6.24 -57.81 3.03
CA LYS J 169 -5.50 -58.02 4.28
C LYS J 169 -6.35 -58.70 5.34
N THR J 170 -7.67 -58.50 5.32
CA THR J 170 -8.53 -58.95 6.42
C THR J 170 -9.43 -60.11 6.05
N ALA J 171 -10.17 -60.02 4.94
CA ALA J 171 -11.22 -60.98 4.63
C ALA J 171 -11.05 -61.64 3.27
N GLY J 172 -9.88 -61.50 2.63
CA GLY J 172 -9.67 -62.06 1.31
C GLY J 172 -9.20 -63.50 1.32
N ASN J 173 -8.43 -63.88 2.34
CA ASN J 173 -7.90 -65.24 2.48
C ASN J 173 -7.10 -65.66 1.25
N GLY J 174 -6.24 -64.76 0.76
CA GLY J 174 -5.36 -65.08 -0.35
C GLY J 174 -6.05 -65.49 -1.63
N GLN J 175 -7.31 -65.10 -1.83
CA GLN J 175 -8.03 -65.45 -3.05
C GLN J 175 -8.07 -64.31 -4.06
N PHE J 176 -7.64 -63.12 -3.66
CA PHE J 176 -7.59 -61.97 -4.56
C PHE J 176 -6.25 -61.26 -4.36
N LYS J 177 -5.83 -60.54 -5.41
CA LYS J 177 -4.55 -59.85 -5.38
C LYS J 177 -4.67 -58.54 -6.14
N ALA J 178 -3.82 -57.59 -5.76
CA ALA J 178 -3.79 -56.27 -6.39
C ALA J 178 -2.69 -56.25 -7.44
N VAL J 179 -3.07 -55.97 -8.68
CA VAL J 179 -2.13 -55.85 -9.80
C VAL J 179 -2.21 -54.43 -10.34
N GLY J 180 -1.04 -53.86 -10.62
CA GLY J 180 -0.97 -52.48 -11.07
C GLY J 180 -0.58 -51.54 -9.97
N ASP J 181 -0.89 -50.25 -10.20
CA ASP J 181 -0.63 -49.20 -9.23
C ASP J 181 -1.89 -48.38 -9.02
N SER J 182 -1.86 -47.55 -7.98
CA SER J 182 -2.99 -46.69 -7.66
C SER J 182 -3.27 -45.73 -8.82
N LEU J 183 -4.49 -45.78 -9.36
CA LEU J 183 -4.85 -44.93 -10.52
C LEU J 183 -5.87 -43.87 -10.07
N GLU J 184 -6.19 -42.92 -10.95
CA GLU J 184 -7.16 -41.85 -10.62
C GLU J 184 -6.81 -41.23 -9.27
N ALA J 185 -5.64 -40.60 -9.18
CA ALA J 185 -5.23 -39.95 -7.91
C ALA J 185 -6.35 -39.04 -7.45
N GLN J 186 -6.70 -39.08 -6.16
CA GLN J 186 -7.84 -38.27 -5.67
C GLN J 186 -7.61 -37.81 -4.24
N GLN J 187 -8.49 -36.95 -3.74
CA GLN J 187 -8.44 -36.47 -2.34
C GLN J 187 -9.84 -36.54 -1.72
N TYR J 188 -9.95 -37.23 -0.59
CA TYR J 188 -11.22 -37.33 0.11
C TYR J 188 -11.45 -36.06 0.93
N GLY J 189 -12.70 -35.62 0.97
CA GLY J 189 -13.04 -34.41 1.70
C GLY J 189 -14.42 -34.55 2.34
N ILE J 190 -14.60 -33.82 3.44
CA ILE J 190 -15.89 -33.77 4.11
C ILE J 190 -16.82 -32.87 3.31
N ALA J 191 -18.01 -33.39 3.00
CA ALA J 191 -18.95 -32.70 2.13
C ALA J 191 -19.99 -31.93 2.94
N PHE J 192 -20.30 -30.73 2.49
CA PHE J 192 -21.28 -29.86 3.12
C PHE J 192 -22.26 -29.35 2.07
N PRO J 193 -23.48 -29.00 2.49
CA PRO J 193 -24.42 -28.37 1.56
C PRO J 193 -24.02 -26.96 1.18
N LYS J 194 -24.48 -26.54 0.01
CA LYS J 194 -24.23 -25.18 -0.46
C LYS J 194 -24.85 -24.17 0.53
N GLY J 195 -24.03 -23.22 0.98
CA GLY J 195 -24.47 -22.25 1.94
C GLY J 195 -24.03 -22.49 3.38
N SER J 196 -23.32 -23.58 3.65
CA SER J 196 -22.84 -23.89 4.99
C SER J 196 -21.36 -23.49 5.12
N ASP J 197 -21.11 -22.19 4.93
CA ASP J 197 -19.74 -21.70 4.84
C ASP J 197 -19.10 -21.51 6.21
N GLU J 198 -19.87 -21.09 7.21
CA GLU J 198 -19.31 -20.90 8.55
C GLU J 198 -18.83 -22.23 9.14
N LEU J 199 -19.66 -23.27 9.05
CA LEU J 199 -19.25 -24.59 9.54
C LEU J 199 -18.08 -25.14 8.73
N ARG J 200 -18.07 -24.86 7.43
CA ARG J 200 -17.00 -25.33 6.56
C ARG J 200 -15.64 -24.77 6.97
N ASP J 201 -15.57 -23.46 7.29
CA ASP J 201 -14.28 -22.88 7.68
C ASP J 201 -13.79 -23.44 9.01
N LYS J 202 -14.69 -23.61 9.98
CA LYS J 202 -14.27 -24.10 11.29
C LYS J 202 -13.80 -25.54 11.23
N VAL J 203 -14.52 -26.39 10.49
CA VAL J 203 -14.15 -27.80 10.40
C VAL J 203 -12.78 -27.92 9.76
N ASN J 204 -12.48 -27.06 8.77
CA ASN J 204 -11.15 -27.01 8.19
C ASN J 204 -10.12 -26.61 9.25
N GLY J 205 -10.50 -25.75 10.20
CA GLY J 205 -9.60 -25.40 11.26
C GLY J 205 -9.33 -26.54 12.21
N ALA J 206 -10.39 -27.25 12.63
CA ALA J 206 -10.20 -28.42 13.48
C ALA J 206 -9.40 -29.50 12.78
N LEU J 207 -9.55 -29.61 11.46
CA LEU J 207 -8.76 -30.58 10.70
C LEU J 207 -7.27 -30.29 10.81
N LYS J 208 -6.89 -29.01 10.69
CA LYS J 208 -5.48 -28.65 10.77
C LYS J 208 -4.92 -28.89 12.16
N THR J 209 -5.69 -28.59 13.21
CA THR J 209 -5.28 -28.92 14.57
C THR J 209 -4.99 -30.41 14.72
N LEU J 210 -5.89 -31.25 14.21
CA LEU J 210 -5.70 -32.69 14.35
C LEU J 210 -4.51 -33.22 13.58
N ARG J 211 -4.15 -32.58 12.47
CA ARG J 211 -2.99 -33.01 11.70
C ARG J 211 -1.67 -32.60 12.36
N GLU J 212 -1.70 -31.53 13.18
CA GLU J 212 -0.46 -31.02 13.75
C GLU J 212 -0.19 -31.61 15.13
N ASN J 213 -1.22 -31.90 15.92
CA ASN J 213 -0.99 -32.48 17.24
C ASN J 213 -0.78 -34.00 17.19
N GLY J 214 -0.84 -34.61 16.02
CA GLY J 214 -0.62 -36.04 15.91
C GLY J 214 -1.86 -36.89 16.05
N THR J 215 -3.02 -36.30 16.36
CA THR J 215 -4.25 -37.08 16.53
C THR J 215 -4.65 -37.76 15.22
N TYR J 216 -4.44 -37.07 14.10
CA TYR J 216 -4.72 -37.70 12.81
C TYR J 216 -3.87 -38.95 12.63
N ASN J 217 -2.60 -38.88 13.03
CA ASN J 217 -1.72 -40.04 12.92
C ASN J 217 -2.18 -41.17 13.82
N GLU J 218 -2.83 -40.85 14.95
CA GLU J 218 -3.36 -41.90 15.81
C GLU J 218 -4.48 -42.66 15.12
N ILE J 219 -5.43 -41.94 14.52
CA ILE J 219 -6.54 -42.57 13.83
C ILE J 219 -6.06 -43.26 12.55
N TYR J 220 -5.11 -42.64 11.84
CA TYR J 220 -4.58 -43.26 10.63
C TYR J 220 -3.84 -44.55 10.95
N LYS J 221 -2.95 -44.50 11.94
CA LYS J 221 -2.20 -45.70 12.32
C LYS J 221 -3.13 -46.78 12.86
N LYS J 222 -4.26 -46.37 13.44
CA LYS J 222 -5.24 -47.33 13.95
C LYS J 222 -5.80 -48.21 12.84
N TRP J 223 -6.07 -47.64 11.67
CA TRP J 223 -6.71 -48.34 10.57
C TRP J 223 -5.78 -48.70 9.43
N PHE J 224 -4.75 -47.88 9.17
CA PHE J 224 -3.86 -48.07 8.04
C PHE J 224 -2.44 -48.38 8.47
N GLY J 225 -2.26 -48.86 9.70
CA GLY J 225 -0.95 -49.12 10.26
C GLY J 225 0.09 -48.06 9.92
N THR J 226 1.21 -48.48 9.34
CA THR J 226 2.28 -47.57 8.95
C THR J 226 2.30 -47.48 7.42
N GLU J 227 1.93 -46.31 6.90
CA GLU J 227 1.94 -46.08 5.46
C GLU J 227 2.54 -44.71 5.14
N LYS K 6 5.46 -32.77 5.24
CA LYS K 6 4.93 -33.45 4.06
C LYS K 6 5.55 -32.90 2.78
N LYS K 7 6.85 -32.62 2.84
CA LYS K 7 7.57 -31.96 1.75
C LYS K 7 9.02 -32.45 1.85
N LEU K 8 9.32 -33.53 1.13
CA LEU K 8 10.63 -34.17 1.19
C LEU K 8 11.76 -33.20 0.84
N VAL K 9 12.89 -33.39 1.52
CA VAL K 9 14.11 -32.62 1.27
C VAL K 9 15.05 -33.47 0.43
N VAL K 10 15.48 -32.92 -0.71
CA VAL K 10 16.37 -33.60 -1.64
C VAL K 10 17.68 -32.81 -1.71
N ALA K 11 18.77 -33.45 -1.29
CA ALA K 11 20.08 -32.81 -1.28
C ALA K 11 20.72 -32.83 -2.66
N THR K 12 21.43 -31.75 -2.99
CA THR K 12 22.05 -31.60 -4.29
C THR K 12 23.40 -30.92 -4.11
N ASP K 13 24.27 -31.04 -5.12
CA ASP K 13 25.58 -30.39 -5.09
C ASP K 13 25.45 -28.94 -5.51
N THR K 14 26.31 -28.10 -4.94
CA THR K 14 26.30 -26.68 -5.29
C THR K 14 26.58 -26.45 -6.78
N ALA K 15 27.49 -27.23 -7.35
CA ALA K 15 27.84 -27.09 -8.76
C ALA K 15 28.42 -28.41 -9.24
N PHE K 16 27.67 -29.11 -10.09
CA PHE K 16 28.11 -30.36 -10.70
C PHE K 16 27.46 -30.38 -12.09
N VAL K 17 27.90 -29.43 -12.92
CA VAL K 17 27.30 -29.20 -14.24
C VAL K 17 27.69 -30.34 -15.18
N PRO K 18 26.76 -30.92 -15.95
CA PRO K 18 25.36 -30.58 -16.16
C PRO K 18 24.32 -31.41 -15.39
N PHE K 19 24.66 -32.04 -14.25
CA PHE K 19 23.64 -32.75 -13.51
C PHE K 19 22.84 -31.79 -12.62
N GLU K 20 23.51 -30.80 -12.04
CA GLU K 20 22.84 -29.73 -11.31
C GLU K 20 23.76 -28.52 -11.25
N PHE K 21 23.19 -27.34 -11.51
CA PHE K 21 23.94 -26.10 -11.35
C PHE K 21 22.95 -24.94 -11.29
N LYS K 22 23.46 -23.79 -10.85
CA LYS K 22 22.59 -22.61 -10.70
C LYS K 22 22.46 -21.86 -12.03
N GLN K 23 21.34 -22.01 -12.71
CA GLN K 23 21.08 -21.21 -13.95
C GLN K 23 19.97 -20.25 -13.58
N GLY K 24 20.33 -19.03 -13.17
CA GLY K 24 19.30 -18.08 -12.70
C GLY K 24 19.22 -18.13 -11.19
N ASP K 25 18.06 -17.79 -10.64
CA ASP K 25 17.90 -17.94 -9.17
C ASP K 25 17.38 -19.34 -8.87
N ILE K 26 17.30 -20.20 -9.91
CA ILE K 26 16.82 -21.60 -9.77
C ILE K 26 17.96 -22.54 -10.14
N TYR K 27 17.85 -23.81 -9.77
CA TYR K 27 18.86 -24.83 -10.16
C TYR K 27 18.32 -25.70 -11.29
N VAL K 28 19.20 -26.19 -12.16
CA VAL K 28 18.81 -27.00 -13.31
C VAL K 28 19.93 -27.99 -13.58
N GLY K 29 19.58 -29.05 -14.30
CA GLY K 29 20.57 -30.06 -14.66
C GLY K 29 19.88 -31.39 -14.89
N PHE K 30 20.70 -32.39 -15.23
CA PHE K 30 20.19 -33.73 -15.49
C PHE K 30 19.49 -34.30 -14.25
N ASP K 31 20.16 -34.24 -13.09
CA ASP K 31 19.54 -34.75 -11.86
C ASP K 31 18.30 -33.95 -11.51
N VAL K 32 18.33 -32.64 -11.77
CA VAL K 32 17.17 -31.80 -11.44
C VAL K 32 15.97 -32.18 -12.31
N ASP K 33 16.19 -32.39 -13.61
CA ASP K 33 15.10 -32.80 -14.48
C ASP K 33 14.66 -34.22 -14.19
N LEU K 34 15.61 -35.13 -13.94
CA LEU K 34 15.26 -36.53 -13.69
C LEU K 34 14.40 -36.68 -12.45
N TRP K 35 14.74 -35.96 -11.38
CA TRP K 35 13.96 -36.08 -10.14
C TRP K 35 12.59 -35.45 -10.31
N ALA K 36 12.51 -34.32 -11.02
CA ALA K 36 11.22 -33.70 -11.30
C ALA K 36 10.31 -34.67 -12.04
N ALA K 37 10.87 -35.49 -12.92
CA ALA K 37 10.09 -36.52 -13.59
C ALA K 37 9.70 -37.64 -12.64
N ILE K 38 10.62 -38.05 -11.76
CA ILE K 38 10.33 -39.08 -10.77
C ILE K 38 9.25 -38.61 -9.80
N ALA K 39 9.42 -37.41 -9.25
CA ALA K 39 8.47 -36.91 -8.25
C ALA K 39 7.08 -36.71 -8.84
N LYS K 40 6.99 -36.31 -10.12
CA LYS K 40 5.68 -36.12 -10.72
C LYS K 40 4.95 -37.44 -10.91
N GLU K 41 5.66 -38.48 -11.36
CA GLU K 41 5.04 -39.79 -11.51
C GLU K 41 4.51 -40.29 -10.17
N LEU K 42 5.26 -40.09 -9.11
CA LEU K 42 4.88 -40.54 -7.77
C LEU K 42 4.05 -39.52 -7.00
N LYS K 43 3.78 -38.33 -7.55
CA LYS K 43 2.99 -37.30 -6.88
C LYS K 43 3.61 -36.93 -5.52
N LEU K 44 4.89 -36.59 -5.52
CA LEU K 44 5.62 -36.22 -4.31
C LEU K 44 6.00 -34.75 -4.36
N ASP K 45 5.92 -34.08 -3.20
CA ASP K 45 6.39 -32.71 -3.04
C ASP K 45 7.77 -32.71 -2.44
N TYR K 46 8.65 -31.84 -2.95
CA TYR K 46 10.05 -31.85 -2.56
C TYR K 46 10.61 -30.44 -2.57
N GLU K 47 11.81 -30.30 -1.99
CA GLU K 47 12.57 -29.06 -2.01
C GLU K 47 14.05 -29.39 -2.21
N LEU K 48 14.75 -28.55 -2.97
CA LEU K 48 16.17 -28.72 -3.23
C LEU K 48 17.02 -27.99 -2.21
N LYS K 49 18.12 -28.62 -1.79
CA LYS K 49 19.08 -28.03 -0.86
C LYS K 49 20.51 -28.24 -1.36
N PRO K 50 21.01 -27.33 -2.20
CA PRO K 50 22.39 -27.47 -2.68
C PRO K 50 23.39 -27.29 -1.55
N MET K 51 24.47 -28.07 -1.61
CA MET K 51 25.53 -28.01 -0.62
C MET K 51 26.78 -28.65 -1.22
N ASP K 52 27.90 -28.48 -0.54
CA ASP K 52 29.13 -29.12 -0.97
C ASP K 52 29.04 -30.63 -0.82
N PHE K 53 29.68 -31.35 -1.75
CA PHE K 53 29.55 -32.80 -1.80
C PHE K 53 30.02 -33.47 -0.50
N SER K 54 31.04 -32.90 0.15
CA SER K 54 31.63 -33.53 1.33
C SER K 54 30.66 -33.64 2.49
N GLY K 55 29.55 -32.91 2.46
CA GLY K 55 28.55 -32.97 3.51
C GLY K 55 27.26 -33.61 3.10
N ILE K 56 27.15 -34.15 1.89
CA ILE K 56 25.89 -34.74 1.44
C ILE K 56 25.68 -36.10 2.08
N ILE K 57 26.69 -36.97 2.03
CA ILE K 57 26.57 -38.28 2.69
C ILE K 57 26.39 -38.13 4.19
N PRO K 58 27.13 -37.29 4.92
CA PRO K 58 26.83 -37.09 6.34
C PRO K 58 25.42 -36.56 6.59
N ALA K 59 24.89 -35.73 5.69
CA ALA K 59 23.53 -35.23 5.87
C ALA K 59 22.51 -36.35 5.80
N LEU K 60 22.76 -37.37 4.98
CA LEU K 60 21.87 -38.52 4.92
C LEU K 60 21.98 -39.36 6.20
N GLN K 61 23.20 -39.52 6.72
CA GLN K 61 23.40 -40.29 7.93
C GLN K 61 22.66 -39.67 9.12
N THR K 62 22.74 -38.35 9.27
CA THR K 62 22.05 -37.67 10.35
C THR K 62 20.57 -37.44 10.05
N LYS K 63 20.09 -37.86 8.87
CA LYS K 63 18.69 -37.73 8.48
C LYS K 63 18.24 -36.27 8.42
N ASN K 64 19.17 -35.37 8.13
CA ASN K 64 18.80 -33.98 7.91
C ASN K 64 18.18 -33.76 6.54
N VAL K 65 18.33 -34.72 5.63
CA VAL K 65 17.77 -34.65 4.29
C VAL K 65 17.16 -36.01 3.97
N ASP K 66 16.09 -36.00 3.15
CA ASP K 66 15.33 -37.21 2.91
C ASP K 66 15.95 -38.09 1.82
N LEU K 67 16.70 -37.50 0.90
CA LEU K 67 17.41 -38.25 -0.14
C LEU K 67 18.35 -37.28 -0.83
N ALA K 68 19.12 -37.79 -1.79
CA ALA K 68 20.16 -36.97 -2.42
C ALA K 68 20.36 -37.37 -3.87
N LEU K 69 20.56 -36.36 -4.72
CA LEU K 69 20.92 -36.54 -6.13
C LEU K 69 22.03 -35.55 -6.47
N ALA K 70 23.28 -36.03 -6.48
CA ALA K 70 24.42 -35.17 -6.86
C ALA K 70 25.45 -36.02 -7.62
N GLY K 71 25.03 -36.67 -8.72
CA GLY K 71 25.94 -37.57 -9.45
C GLY K 71 26.62 -38.54 -8.51
N ILE K 72 25.89 -39.01 -7.48
CA ILE K 72 26.49 -39.89 -6.43
C ILE K 72 26.82 -41.26 -7.04
N THR K 73 28.06 -41.73 -6.88
CA THR K 73 28.46 -43.05 -7.38
C THR K 73 27.98 -44.16 -6.45
N ILE K 74 27.40 -45.21 -7.04
CA ILE K 74 27.01 -46.38 -6.21
C ILE K 74 28.29 -47.13 -5.88
N CYS K 75 28.62 -47.21 -4.60
CA CYS K 75 29.87 -47.80 -4.13
C CYS K 75 29.60 -48.78 -3.00
N ASP K 76 30.41 -49.83 -2.95
CA ASP K 76 30.23 -50.86 -1.94
C ASP K 76 30.62 -50.36 -0.56
N GLU K 77 31.72 -49.60 -0.47
CA GLU K 77 32.11 -49.00 0.80
C GLU K 77 31.10 -48.05 1.43
N ARG K 78 30.37 -47.33 0.57
CA ARG K 78 29.42 -46.30 1.06
C ARG K 78 28.14 -46.93 1.55
N LYS K 79 27.76 -48.08 0.99
CA LYS K 79 26.45 -48.67 1.35
C LYS K 79 26.37 -48.87 2.87
N LYS K 80 27.51 -49.15 3.50
CA LYS K 80 27.55 -49.31 4.97
C LYS K 80 26.92 -48.08 5.61
N ALA K 81 26.74 -47.01 4.83
CA ALA K 81 26.24 -45.80 5.46
C ALA K 81 24.91 -45.32 4.89
N ILE K 82 24.67 -45.49 3.60
CA ILE K 82 23.44 -45.02 2.95
C ILE K 82 22.93 -46.12 2.02
N ASP K 83 21.69 -45.94 1.57
CA ASP K 83 21.06 -46.86 0.62
C ASP K 83 20.96 -46.21 -0.74
N PHE K 84 21.09 -47.03 -1.78
CA PHE K 84 21.07 -46.61 -3.18
C PHE K 84 19.87 -47.13 -3.93
N SER K 85 19.58 -46.44 -5.03
CA SER K 85 18.50 -46.89 -5.92
C SER K 85 19.11 -47.58 -7.12
N ASP K 86 18.30 -48.23 -7.94
CA ASP K 86 18.84 -48.81 -9.19
C ASP K 86 19.59 -47.68 -9.89
N GLY K 87 20.66 -48.00 -10.59
CA GLY K 87 21.46 -46.93 -11.21
C GLY K 87 20.62 -46.11 -12.17
N TYR K 88 21.16 -44.97 -12.61
CA TYR K 88 20.44 -44.13 -13.60
C TYR K 88 21.44 -43.54 -14.59
N TYR K 89 22.74 -43.78 -14.37
CA TYR K 89 23.72 -43.27 -15.33
C TYR K 89 25.04 -43.98 -15.14
N LYS K 90 25.57 -44.58 -16.20
CA LYS K 90 26.87 -45.24 -16.18
C LYS K 90 27.94 -44.20 -16.49
N SER K 91 28.84 -43.96 -15.54
CA SER K 91 29.83 -42.91 -15.67
C SER K 91 31.25 -43.41 -15.43
N GLY K 92 32.18 -42.49 -15.30
CA GLY K 92 33.57 -42.86 -15.06
C GLY K 92 34.41 -41.63 -14.81
N LEU K 93 35.72 -41.83 -14.81
CA LEU K 93 36.69 -40.76 -14.63
C LEU K 93 37.46 -40.54 -15.93
N LEU K 94 37.94 -39.31 -16.11
CA LEU K 94 38.60 -38.90 -17.33
C LEU K 94 39.67 -37.89 -16.98
N VAL K 95 40.77 -37.92 -17.73
CA VAL K 95 41.91 -37.03 -17.49
C VAL K 95 41.82 -35.83 -18.42
N MET K 96 41.95 -34.63 -17.84
CA MET K 96 41.92 -33.40 -18.60
C MET K 96 43.24 -32.67 -18.39
N VAL K 97 43.83 -32.19 -19.49
CA VAL K 97 45.05 -31.42 -19.45
C VAL K 97 44.85 -30.15 -20.29
N LYS K 98 45.86 -29.29 -20.25
CA LYS K 98 45.84 -28.08 -21.04
C LYS K 98 45.90 -28.41 -22.54
N ALA K 99 45.38 -27.49 -23.35
CA ALA K 99 45.33 -27.73 -24.79
C ALA K 99 46.72 -27.87 -25.39
N ASN K 100 47.70 -27.17 -24.82
CA ASN K 100 49.07 -27.17 -25.32
C ASN K 100 49.95 -28.24 -24.66
N ASN K 101 49.37 -29.37 -24.27
CA ASN K 101 50.11 -30.43 -23.58
C ASN K 101 50.17 -31.66 -24.46
N ASN K 102 51.38 -32.17 -24.67
CA ASN K 102 51.63 -33.31 -25.53
C ASN K 102 52.26 -34.50 -24.81
N ASP K 103 52.64 -34.34 -23.54
CA ASP K 103 53.25 -35.42 -22.74
C ASP K 103 52.21 -36.32 -22.09
N VAL K 104 50.99 -35.83 -21.89
CA VAL K 104 49.96 -36.61 -21.22
C VAL K 104 48.94 -37.12 -22.24
N LYS K 105 48.85 -38.44 -22.35
CA LYS K 105 47.84 -39.10 -23.15
C LYS K 105 47.07 -40.17 -22.38
N SER K 106 47.47 -40.49 -21.16
CA SER K 106 46.76 -41.47 -20.35
C SER K 106 47.16 -41.29 -18.89
N VAL K 107 46.46 -41.99 -18.01
CA VAL K 107 46.73 -41.90 -16.57
C VAL K 107 48.10 -42.45 -16.22
N LYS K 108 48.62 -43.39 -17.02
CA LYS K 108 49.95 -43.93 -16.76
C LYS K 108 51.00 -42.84 -16.85
N ASP K 109 50.76 -41.81 -17.66
CA ASP K 109 51.66 -40.68 -17.77
C ASP K 109 51.49 -39.67 -16.63
N LEU K 110 50.69 -39.96 -15.61
CA LEU K 110 50.51 -39.03 -14.50
C LEU K 110 51.29 -39.44 -13.25
N ASP K 111 52.25 -40.35 -13.39
CA ASP K 111 53.10 -40.70 -12.27
C ASP K 111 54.17 -39.64 -12.11
N GLY K 112 54.38 -39.20 -10.87
CA GLY K 112 55.29 -38.09 -10.61
C GLY K 112 54.85 -36.77 -11.21
N LYS K 113 53.54 -36.51 -11.20
CA LYS K 113 52.98 -35.25 -11.65
C LYS K 113 52.04 -34.70 -10.58
N VAL K 114 51.56 -33.49 -10.83
CA VAL K 114 50.63 -32.80 -9.94
C VAL K 114 49.23 -32.99 -10.51
N VAL K 115 48.36 -33.65 -9.75
CA VAL K 115 47.00 -33.94 -10.17
C VAL K 115 46.05 -33.23 -9.22
N ALA K 116 45.11 -32.47 -9.78
CA ALA K 116 44.10 -31.77 -8.99
C ALA K 116 42.81 -32.55 -9.03
N VAL K 117 42.17 -32.69 -7.86
CA VAL K 117 40.92 -33.44 -7.72
C VAL K 117 40.00 -32.68 -6.77
N LYS K 118 38.76 -33.14 -6.70
CA LYS K 118 37.74 -32.53 -5.86
C LYS K 118 37.66 -33.26 -4.53
N SER K 119 37.65 -32.50 -3.43
CA SER K 119 37.63 -33.09 -2.10
C SER K 119 36.34 -33.86 -1.87
N GLY K 120 36.45 -34.99 -1.18
CA GLY K 120 35.29 -35.78 -0.82
C GLY K 120 34.73 -36.68 -1.90
N THR K 121 35.34 -36.73 -3.08
CA THR K 121 34.83 -37.51 -4.19
C THR K 121 35.59 -38.83 -4.31
N GLY K 122 35.11 -39.68 -5.22
CA GLY K 122 35.77 -40.95 -5.45
C GLY K 122 37.07 -40.83 -6.23
N SER K 123 37.26 -39.73 -6.95
CA SER K 123 38.51 -39.50 -7.67
C SER K 123 39.69 -39.41 -6.72
N VAL K 124 39.47 -38.92 -5.50
CA VAL K 124 40.56 -38.86 -4.54
C VAL K 124 41.08 -40.24 -4.18
N ASP K 125 40.17 -41.20 -4.00
CA ASP K 125 40.58 -42.56 -3.67
C ASP K 125 41.26 -43.26 -4.84
N TYR K 126 40.73 -43.06 -6.05
CA TYR K 126 41.31 -43.69 -7.24
C TYR K 126 42.75 -43.20 -7.41
N ALA K 127 42.96 -41.89 -7.25
CA ALA K 127 44.31 -41.34 -7.40
C ALA K 127 45.24 -41.89 -6.32
N LYS K 128 44.71 -42.10 -5.10
CA LYS K 128 45.54 -42.62 -4.02
C LYS K 128 45.99 -44.06 -4.28
N ALA K 129 45.15 -44.86 -4.92
CA ALA K 129 45.42 -46.29 -5.08
C ALA K 129 45.94 -46.67 -6.47
N ASN K 130 45.84 -45.79 -7.45
CA ASN K 130 46.19 -46.14 -8.82
C ASN K 130 47.21 -45.22 -9.48
N ILE K 131 47.52 -44.07 -8.91
CA ILE K 131 48.41 -43.11 -9.54
C ILE K 131 49.53 -42.78 -8.56
N LYS K 132 50.77 -42.82 -9.03
CA LYS K 132 51.92 -42.47 -8.20
C LYS K 132 52.21 -40.97 -8.42
N THR K 133 51.35 -40.16 -7.81
CA THR K 133 51.42 -38.72 -7.99
C THR K 133 52.59 -38.12 -7.20
N LYS K 134 53.26 -37.13 -7.80
CA LYS K 134 54.18 -36.30 -7.04
C LYS K 134 53.46 -35.52 -5.96
N ASP K 135 52.25 -35.04 -6.27
CA ASP K 135 51.42 -34.34 -5.29
C ASP K 135 49.97 -34.45 -5.72
N LEU K 136 49.09 -34.78 -4.79
CA LEU K 136 47.65 -34.84 -5.03
C LEU K 136 47.00 -33.67 -4.31
N ARG K 137 46.57 -32.67 -5.07
CA ARG K 137 45.99 -31.45 -4.53
C ARG K 137 44.46 -31.55 -4.57
N GLN K 138 43.84 -31.40 -3.41
CA GLN K 138 42.39 -31.49 -3.28
C GLN K 138 41.78 -30.10 -3.21
N PHE K 139 40.64 -29.91 -3.86
CA PHE K 139 39.97 -28.62 -3.87
C PHE K 139 38.47 -28.79 -3.62
N PRO K 140 37.90 -27.91 -2.79
CA PRO K 140 36.44 -27.98 -2.54
C PRO K 140 35.64 -27.70 -3.80
N ASN K 141 36.17 -26.87 -4.71
CA ASN K 141 35.50 -26.53 -5.95
C ASN K 141 36.31 -27.01 -7.14
N ILE K 142 35.62 -27.52 -8.16
CA ILE K 142 36.31 -28.09 -9.30
C ILE K 142 36.85 -26.95 -10.17
N ASP K 143 36.18 -25.79 -10.14
CA ASP K 143 36.67 -24.63 -10.89
C ASP K 143 38.02 -24.16 -10.38
N ASN K 144 38.27 -24.31 -9.07
CA ASN K 144 39.61 -24.02 -8.55
C ASN K 144 40.63 -25.02 -9.06
N ALA K 145 40.21 -26.28 -9.27
CA ALA K 145 41.10 -27.26 -9.87
C ALA K 145 41.34 -26.95 -11.34
N TYR K 146 40.29 -26.49 -12.04
CA TYR K 146 40.47 -26.02 -13.41
C TYR K 146 41.51 -24.91 -13.54
N MET K 147 41.44 -23.91 -12.65
CA MET K 147 42.42 -22.83 -12.66
C MET K 147 43.85 -23.32 -12.43
N GLU K 148 44.03 -24.24 -11.51
CA GLU K 148 45.38 -24.75 -11.25
C GLU K 148 45.89 -25.44 -12.50
N LEU K 149 44.99 -26.03 -13.29
CA LEU K 149 45.43 -26.64 -14.55
C LEU K 149 45.75 -25.57 -15.58
N GLY K 150 44.88 -24.55 -15.71
CA GLY K 150 45.11 -23.52 -16.71
C GLY K 150 46.36 -22.72 -16.43
N THR K 151 46.59 -22.39 -15.16
CA THR K 151 47.80 -21.68 -14.74
C THR K 151 49.00 -22.60 -14.52
N ASN K 152 48.88 -23.88 -14.88
CA ASN K 152 49.99 -24.83 -14.89
C ASN K 152 50.51 -25.07 -13.48
N ARG K 153 49.65 -24.96 -12.48
CA ARG K 153 50.10 -25.33 -11.11
C ARG K 153 49.87 -26.84 -10.98
N ALA K 154 48.95 -27.39 -11.77
CA ALA K 154 48.73 -28.83 -11.81
C ALA K 154 48.89 -29.31 -13.24
N ASP K 155 49.35 -30.55 -13.40
CA ASP K 155 49.59 -31.10 -14.72
C ASP K 155 48.33 -31.69 -15.34
N ALA K 156 47.38 -32.13 -14.51
CA ALA K 156 46.12 -32.68 -15.02
C ALA K 156 45.07 -32.65 -13.92
N VAL K 157 43.81 -32.65 -14.34
CA VAL K 157 42.67 -32.83 -13.46
C VAL K 157 42.03 -34.17 -13.77
N LEU K 158 41.66 -34.90 -12.72
CA LEU K 158 40.99 -36.19 -12.82
C LEU K 158 39.60 -36.02 -12.22
N HIS K 159 38.57 -36.11 -13.04
CA HIS K 159 37.21 -35.92 -12.58
C HIS K 159 36.26 -36.74 -13.46
N ASP K 160 34.97 -36.69 -13.11
CA ASP K 160 33.98 -37.51 -13.78
C ASP K 160 33.92 -37.20 -15.27
N THR K 161 33.73 -38.24 -16.07
CA THR K 161 33.70 -38.09 -17.53
C THR K 161 32.64 -37.10 -18.01
N PRO K 162 31.39 -37.13 -17.55
CA PRO K 162 30.41 -36.18 -18.09
C PRO K 162 30.74 -34.73 -17.78
N ASN K 163 31.55 -34.49 -16.77
CA ASN K 163 31.87 -33.08 -16.39
C ASN K 163 33.02 -32.60 -17.26
N ILE K 164 34.08 -33.41 -17.39
CA ILE K 164 35.24 -33.02 -18.17
C ILE K 164 34.84 -32.77 -19.62
N LEU K 165 33.93 -33.60 -20.14
CA LEU K 165 33.45 -33.38 -21.50
C LEU K 165 32.57 -32.15 -21.57
N TYR K 166 31.66 -31.99 -20.60
CA TYR K 166 30.75 -30.84 -20.63
C TYR K 166 31.49 -29.53 -20.33
N PHE K 167 32.47 -29.56 -19.42
CA PHE K 167 33.23 -28.35 -19.13
C PHE K 167 34.05 -27.91 -20.33
N ILE K 168 34.73 -28.85 -20.98
CA ILE K 168 35.53 -28.51 -22.15
C ILE K 168 34.65 -27.99 -23.27
N LYS K 169 33.48 -28.59 -23.45
CA LYS K 169 32.63 -28.25 -24.59
C LYS K 169 31.91 -26.92 -24.38
N THR K 170 31.68 -26.53 -23.13
CA THR K 170 30.86 -25.36 -22.81
C THR K 170 31.69 -24.19 -22.26
N ALA K 171 32.57 -24.44 -21.29
CA ALA K 171 33.26 -23.38 -20.58
C ALA K 171 34.78 -23.48 -20.66
N GLY K 172 35.30 -24.31 -21.56
CA GLY K 172 36.73 -24.48 -21.68
C GLY K 172 37.40 -23.48 -22.59
N ASN K 173 36.66 -22.99 -23.60
CA ASN K 173 37.18 -22.02 -24.56
C ASN K 173 38.43 -22.54 -25.25
N GLY K 174 38.42 -23.81 -25.64
CA GLY K 174 39.54 -24.41 -26.33
C GLY K 174 40.85 -24.36 -25.58
N GLN K 175 40.80 -24.21 -24.25
CA GLN K 175 42.00 -24.15 -23.44
C GLN K 175 42.29 -25.45 -22.71
N PHE K 176 41.36 -26.40 -22.72
CA PHE K 176 41.53 -27.69 -22.08
C PHE K 176 41.07 -28.79 -23.02
N LYS K 177 41.63 -29.98 -22.83
CA LYS K 177 41.33 -31.10 -23.71
C LYS K 177 41.31 -32.40 -22.90
N ALA K 178 40.52 -33.35 -23.38
CA ALA K 178 40.39 -34.66 -22.75
C ALA K 178 41.32 -35.65 -23.43
N VAL K 179 42.23 -36.22 -22.65
CA VAL K 179 43.17 -37.24 -23.12
C VAL K 179 42.90 -38.55 -22.40
N GLY K 180 42.91 -39.64 -23.15
CA GLY K 180 42.60 -40.96 -22.64
C GLY K 180 41.18 -41.39 -22.92
N ASP K 181 40.73 -42.37 -22.15
CA ASP K 181 39.37 -42.87 -22.24
C ASP K 181 38.76 -42.92 -20.83
N SER K 182 37.44 -43.13 -20.78
CA SER K 182 36.75 -43.17 -19.50
C SER K 182 37.28 -44.32 -18.64
N LEU K 183 37.81 -43.97 -17.48
CA LEU K 183 38.33 -44.91 -16.50
C LEU K 183 37.37 -45.05 -15.33
N GLU K 184 37.65 -46.04 -14.48
CA GLU K 184 36.84 -46.31 -13.29
C GLU K 184 35.34 -46.31 -13.62
N ALA K 185 34.96 -47.28 -14.44
CA ALA K 185 33.55 -47.44 -14.81
C ALA K 185 32.69 -47.55 -13.56
N GLN K 186 31.59 -46.81 -13.56
CA GLN K 186 30.76 -46.71 -12.36
C GLN K 186 29.30 -46.45 -12.72
N GLN K 187 28.45 -46.46 -11.69
CA GLN K 187 27.02 -46.18 -11.91
C GLN K 187 26.54 -45.16 -10.88
N TYR K 188 25.88 -44.10 -11.35
CA TYR K 188 25.29 -43.10 -10.47
C TYR K 188 23.95 -43.62 -9.97
N GLY K 189 23.67 -43.34 -8.70
CA GLY K 189 22.43 -43.80 -8.09
C GLY K 189 21.87 -42.77 -7.13
N ILE K 190 20.55 -42.83 -6.96
CA ILE K 190 19.86 -41.96 -6.01
C ILE K 190 20.10 -42.48 -4.61
N ALA K 191 20.55 -41.59 -3.72
CA ALA K 191 20.95 -41.96 -2.38
C ALA K 191 19.81 -41.70 -1.40
N PHE K 192 19.62 -42.65 -0.48
CA PHE K 192 18.60 -42.55 0.56
C PHE K 192 19.22 -42.83 1.92
N PRO K 193 18.64 -42.30 2.99
CA PRO K 193 19.08 -42.69 4.33
C PRO K 193 18.68 -44.12 4.64
N LYS K 194 19.47 -44.76 5.50
CA LYS K 194 19.17 -46.12 5.92
C LYS K 194 17.80 -46.17 6.61
N GLY K 195 16.95 -47.08 6.13
CA GLY K 195 15.60 -47.20 6.64
C GLY K 195 14.51 -46.63 5.76
N SER K 196 14.87 -46.09 4.59
CA SER K 196 13.90 -45.53 3.64
C SER K 196 13.62 -46.53 2.52
N ASP K 197 13.10 -47.69 2.90
CA ASP K 197 12.96 -48.79 1.96
C ASP K 197 11.77 -48.70 1.00
N GLU K 198 10.63 -48.21 1.47
CA GLU K 198 9.47 -48.07 0.58
C GLU K 198 9.66 -46.99 -0.48
N LEU K 199 10.30 -45.87 -0.10
CA LEU K 199 10.55 -44.80 -1.06
C LEU K 199 11.50 -45.33 -2.13
N ARG K 200 12.49 -46.11 -1.72
CA ARG K 200 13.42 -46.68 -2.69
C ARG K 200 12.72 -47.61 -3.67
N ASP K 201 11.82 -48.47 -3.16
CA ASP K 201 11.09 -49.37 -4.04
C ASP K 201 10.17 -48.58 -4.97
N LYS K 202 9.55 -47.52 -4.44
CA LYS K 202 8.69 -46.68 -5.27
C LYS K 202 9.52 -45.89 -6.27
N VAL K 203 10.64 -45.31 -5.82
CA VAL K 203 11.48 -44.52 -6.71
C VAL K 203 12.09 -45.41 -7.79
N ASN K 204 12.49 -46.64 -7.42
CA ASN K 204 12.95 -47.59 -8.42
C ASN K 204 11.85 -47.92 -9.41
N GLY K 205 10.60 -47.97 -8.94
CA GLY K 205 9.49 -48.21 -9.85
C GLY K 205 9.27 -47.04 -10.78
N ALA K 206 9.26 -45.82 -10.24
CA ALA K 206 9.16 -44.64 -11.11
C ALA K 206 10.35 -44.55 -12.03
N LEU K 207 11.52 -44.99 -11.58
CA LEU K 207 12.71 -45.03 -12.42
C LEU K 207 12.49 -45.98 -13.60
N LYS K 208 11.89 -47.14 -13.34
CA LYS K 208 11.65 -48.13 -14.39
C LYS K 208 10.68 -47.61 -15.45
N THR K 209 9.61 -46.94 -15.03
CA THR K 209 8.73 -46.28 -15.99
C THR K 209 9.47 -45.25 -16.84
N LEU K 210 10.33 -44.44 -16.23
CA LEU K 210 10.97 -43.37 -16.99
C LEU K 210 11.87 -43.90 -18.09
N ARG K 211 12.49 -45.08 -17.91
CA ARG K 211 13.31 -45.62 -18.99
C ARG K 211 12.44 -46.14 -20.13
N GLU K 212 11.23 -46.59 -19.82
CA GLU K 212 10.34 -47.22 -20.78
C GLU K 212 9.35 -46.26 -21.43
N ASN K 213 8.88 -45.24 -20.72
CA ASN K 213 7.96 -44.28 -21.31
C ASN K 213 8.64 -43.22 -22.16
N GLY K 214 9.97 -43.26 -22.24
CA GLY K 214 10.72 -42.35 -23.08
C GLY K 214 11.12 -41.04 -22.43
N THR K 215 10.66 -40.75 -21.21
CA THR K 215 11.01 -39.48 -20.58
C THR K 215 12.50 -39.42 -20.25
N TYR K 216 13.08 -40.55 -19.82
CA TYR K 216 14.51 -40.59 -19.56
C TYR K 216 15.31 -40.31 -20.82
N ASN K 217 14.91 -40.91 -21.94
CA ASN K 217 15.62 -40.71 -23.20
C ASN K 217 15.51 -39.28 -23.69
N GLU K 218 14.37 -38.64 -23.43
CA GLU K 218 14.19 -37.24 -23.81
C GLU K 218 15.07 -36.33 -22.94
N ILE K 219 15.10 -36.56 -21.64
CA ILE K 219 15.94 -35.76 -20.74
C ILE K 219 17.42 -36.02 -21.05
N TYR K 220 17.76 -37.27 -21.38
CA TYR K 220 19.14 -37.56 -21.79
C TYR K 220 19.48 -36.78 -23.04
N LYS K 221 18.56 -36.76 -24.00
CA LYS K 221 18.74 -35.98 -25.23
C LYS K 221 18.88 -34.50 -24.93
N LYS K 222 18.21 -34.02 -23.88
CA LYS K 222 18.25 -32.61 -23.51
C LYS K 222 19.65 -32.17 -23.08
N TRP K 223 20.36 -33.02 -22.33
CA TRP K 223 21.63 -32.66 -21.73
C TRP K 223 22.86 -33.29 -22.39
N PHE K 224 22.73 -34.48 -22.96
CA PHE K 224 23.88 -35.19 -23.51
C PHE K 224 23.81 -35.38 -25.02
N GLY K 225 22.62 -35.59 -25.58
CA GLY K 225 22.48 -35.77 -27.01
C GLY K 225 22.63 -37.20 -27.49
N THR K 226 23.83 -37.53 -27.98
CA THR K 226 24.09 -38.85 -28.56
C THR K 226 25.13 -39.66 -27.79
N GLU K 227 25.83 -39.07 -26.83
CA GLU K 227 26.94 -39.73 -26.14
C GLU K 227 26.54 -41.12 -25.65
N PRO K 228 27.19 -42.20 -26.15
CA PRO K 228 26.78 -43.54 -25.78
C PRO K 228 26.90 -43.77 -24.28
N LYS K 229 26.13 -44.70 -23.73
CA LYS K 229 26.17 -44.98 -22.27
C LYS K 229 27.62 -45.18 -21.83
N LYS L 7 1.43 -29.97 -39.16
CA LYS L 7 0.71 -30.80 -40.12
C LYS L 7 -0.73 -30.31 -40.24
N LEU L 8 -1.55 -30.62 -39.24
CA LEU L 8 -2.93 -30.15 -39.24
C LEU L 8 -2.98 -28.63 -39.23
N VAL L 9 -3.91 -28.07 -39.99
CA VAL L 9 -4.18 -26.64 -39.99
C VAL L 9 -5.43 -26.40 -39.15
N VAL L 10 -5.31 -25.61 -38.09
CA VAL L 10 -6.41 -25.32 -37.18
C VAL L 10 -6.73 -23.83 -37.29
N ALA L 11 -7.95 -23.52 -37.70
CA ALA L 11 -8.37 -22.13 -37.84
C ALA L 11 -8.79 -21.55 -36.50
N THR L 12 -8.42 -20.28 -36.29
CA THR L 12 -8.74 -19.57 -35.07
C THR L 12 -9.00 -18.12 -35.42
N ASP L 13 -9.63 -17.39 -34.50
CA ASP L 13 -9.87 -15.97 -34.70
C ASP L 13 -8.63 -15.17 -34.35
N THR L 14 -8.45 -14.06 -35.05
CA THR L 14 -7.31 -13.19 -34.80
C THR L 14 -7.29 -12.70 -33.35
N ALA L 15 -8.46 -12.40 -32.79
CA ALA L 15 -8.53 -11.91 -31.42
C ALA L 15 -9.91 -12.21 -30.87
N PHE L 16 -9.99 -13.12 -29.88
CA PHE L 16 -11.24 -13.44 -29.22
C PHE L 16 -10.93 -13.86 -27.78
N VAL L 17 -10.51 -12.89 -26.99
CA VAL L 17 -10.04 -13.12 -25.61
C VAL L 17 -11.24 -13.53 -24.74
N PRO L 18 -11.10 -14.50 -23.83
CA PRO L 18 -9.90 -15.24 -23.43
C PRO L 18 -9.81 -16.61 -24.06
N PHE L 19 -10.46 -16.80 -25.19
CA PHE L 19 -10.44 -18.07 -25.89
C PHE L 19 -9.21 -18.18 -26.78
N GLU L 20 -8.86 -17.07 -27.43
CA GLU L 20 -7.66 -16.93 -28.24
C GLU L 20 -7.33 -15.46 -28.36
N PHE L 21 -6.07 -15.10 -28.14
CA PHE L 21 -5.63 -13.73 -28.34
C PHE L 21 -4.11 -13.71 -28.46
N LYS L 22 -3.60 -12.67 -29.10
CA LYS L 22 -2.16 -12.50 -29.27
C LYS L 22 -1.55 -11.97 -27.99
N GLN L 23 -0.63 -12.73 -27.40
CA GLN L 23 0.16 -12.31 -26.24
C GLN L 23 1.62 -12.46 -26.63
N GLY L 24 2.25 -11.36 -27.02
CA GLY L 24 3.61 -11.40 -27.52
C GLY L 24 3.60 -11.95 -28.93
N ASP L 25 4.55 -12.82 -29.27
CA ASP L 25 4.63 -13.39 -30.60
C ASP L 25 4.00 -14.79 -30.65
N ILE L 26 3.13 -15.12 -29.69
CA ILE L 26 2.43 -16.40 -29.66
C ILE L 26 0.96 -16.16 -29.35
N TYR L 27 0.16 -17.22 -29.55
CA TYR L 27 -1.26 -17.17 -29.27
C TYR L 27 -1.55 -17.97 -27.99
N VAL L 28 -2.43 -17.41 -27.16
CA VAL L 28 -2.83 -18.02 -25.89
C VAL L 28 -4.33 -17.83 -25.72
N GLY L 29 -4.91 -18.65 -24.88
CA GLY L 29 -6.33 -18.54 -24.57
C GLY L 29 -6.90 -19.89 -24.18
N PHE L 30 -8.20 -19.89 -23.89
CA PHE L 30 -8.89 -21.11 -23.52
C PHE L 30 -8.84 -22.13 -24.66
N ASP L 31 -9.21 -21.70 -25.87
CA ASP L 31 -9.21 -22.62 -27.01
C ASP L 31 -7.80 -23.10 -27.33
N VAL L 32 -6.80 -22.22 -27.18
CA VAL L 32 -5.42 -22.59 -27.49
C VAL L 32 -4.94 -23.68 -26.54
N ASP L 33 -5.19 -23.52 -25.25
CA ASP L 33 -4.78 -24.51 -24.27
C ASP L 33 -5.60 -25.79 -24.40
N LEU L 34 -6.92 -25.66 -24.60
CA LEU L 34 -7.78 -26.83 -24.69
C LEU L 34 -7.40 -27.71 -25.88
N TRP L 35 -7.09 -27.08 -27.02
CA TRP L 35 -6.72 -27.87 -28.19
C TRP L 35 -5.35 -28.51 -28.00
N ALA L 36 -4.42 -27.80 -27.38
CA ALA L 36 -3.13 -28.38 -27.06
C ALA L 36 -3.28 -29.61 -26.17
N ALA L 37 -4.28 -29.60 -25.28
CA ALA L 37 -4.55 -30.77 -24.46
C ALA L 37 -5.18 -31.88 -25.28
N ILE L 38 -6.10 -31.52 -26.20
CA ILE L 38 -6.69 -32.52 -27.09
C ILE L 38 -5.62 -33.10 -28.01
N ALA L 39 -4.83 -32.23 -28.62
CA ALA L 39 -3.81 -32.69 -29.57
C ALA L 39 -2.77 -33.58 -28.89
N LYS L 40 -2.46 -33.33 -27.62
CA LYS L 40 -1.52 -34.17 -26.91
C LYS L 40 -2.10 -35.56 -26.68
N GLU L 41 -3.36 -35.65 -26.27
CA GLU L 41 -4.01 -36.94 -26.06
C GLU L 41 -4.08 -37.75 -27.35
N LEU L 42 -4.41 -37.10 -28.47
CA LEU L 42 -4.57 -37.79 -29.74
C LEU L 42 -3.26 -37.95 -30.50
N LYS L 43 -2.16 -37.45 -29.95
CA LYS L 43 -0.83 -37.57 -30.56
C LYS L 43 -0.82 -36.98 -31.98
N LEU L 44 -1.33 -35.75 -32.07
CA LEU L 44 -1.44 -35.10 -33.40
C LEU L 44 -0.64 -33.79 -33.45
N ASP L 45 0.09 -33.56 -34.54
CA ASP L 45 0.82 -32.32 -34.79
C ASP L 45 -0.08 -31.35 -35.55
N TYR L 46 -0.01 -30.07 -35.16
CA TYR L 46 -0.91 -29.08 -35.70
C TYR L 46 -0.20 -27.74 -35.80
N GLU L 47 -0.85 -26.80 -36.49
CA GLU L 47 -0.39 -25.43 -36.57
C GLU L 47 -1.59 -24.50 -36.45
N LEU L 48 -1.39 -23.37 -35.79
CA LEU L 48 -2.45 -22.37 -35.61
C LEU L 48 -2.47 -21.41 -36.78
N LYS L 49 -3.68 -21.07 -37.24
CA LYS L 49 -3.88 -20.16 -38.37
C LYS L 49 -4.92 -19.13 -37.99
N PRO L 50 -4.52 -18.03 -37.34
CA PRO L 50 -5.49 -16.99 -36.99
C PRO L 50 -6.02 -16.28 -38.22
N MET L 51 -7.31 -15.93 -38.18
CA MET L 51 -7.97 -15.26 -39.27
C MET L 51 -9.25 -14.63 -38.75
N ASP L 52 -9.86 -13.77 -39.57
CA ASP L 52 -11.14 -13.18 -39.19
C ASP L 52 -12.25 -14.21 -39.20
N PHE L 53 -13.19 -14.06 -38.26
CA PHE L 53 -14.25 -15.04 -38.09
C PHE L 53 -15.09 -15.20 -39.35
N SER L 54 -15.28 -14.13 -40.11
CA SER L 54 -16.15 -14.16 -41.28
C SER L 54 -15.67 -15.13 -42.35
N GLY L 55 -14.42 -15.60 -42.27
CA GLY L 55 -13.91 -16.53 -43.25
C GLY L 55 -13.65 -17.92 -42.69
N ILE L 56 -14.01 -18.16 -41.44
CA ILE L 56 -13.73 -19.45 -40.82
C ILE L 56 -14.70 -20.51 -41.34
N ILE L 57 -15.99 -20.21 -41.34
CA ILE L 57 -16.97 -21.16 -41.89
C ILE L 57 -16.73 -21.43 -43.36
N PRO L 58 -16.49 -20.44 -44.23
CA PRO L 58 -16.12 -20.77 -45.61
C PRO L 58 -14.82 -21.54 -45.74
N ALA L 59 -13.84 -21.31 -44.86
CA ALA L 59 -12.58 -22.02 -44.94
C ALA L 59 -12.76 -23.52 -44.73
N LEU L 60 -13.69 -23.90 -43.84
CA LEU L 60 -13.99 -25.30 -43.66
C LEU L 60 -14.74 -25.86 -44.86
N GLN L 61 -15.65 -25.07 -45.43
CA GLN L 61 -16.42 -25.52 -46.59
C GLN L 61 -15.52 -25.82 -47.78
N THR L 62 -14.55 -24.95 -48.05
CA THR L 62 -13.62 -25.16 -49.15
C THR L 62 -12.50 -26.14 -48.81
N LYS L 63 -12.47 -26.65 -47.58
CA LYS L 63 -11.47 -27.63 -47.13
C LYS L 63 -10.05 -27.06 -47.20
N ASN L 64 -9.91 -25.73 -47.07
CA ASN L 64 -8.60 -25.12 -46.95
C ASN L 64 -8.03 -25.23 -45.54
N VAL L 65 -8.86 -25.57 -44.56
CA VAL L 65 -8.43 -25.74 -43.19
C VAL L 65 -9.06 -27.02 -42.65
N ASP L 66 -8.35 -27.70 -41.75
CA ASP L 66 -8.76 -29.02 -41.29
C ASP L 66 -9.80 -28.96 -40.18
N LEU L 67 -9.78 -27.90 -39.37
CA LEU L 67 -10.73 -27.71 -38.28
C LEU L 67 -10.54 -26.30 -37.75
N ALA L 68 -11.37 -25.96 -36.75
CA ALA L 68 -11.34 -24.59 -36.21
C ALA L 68 -11.71 -24.59 -34.73
N LEU L 69 -11.15 -23.65 -33.97
CA LEU L 69 -11.52 -23.51 -32.54
C LEU L 69 -11.52 -22.02 -32.22
N ALA L 70 -12.67 -21.37 -32.34
CA ALA L 70 -12.74 -19.91 -32.14
C ALA L 70 -14.10 -19.49 -31.59
N GLY L 71 -14.42 -19.93 -30.38
CA GLY L 71 -15.73 -19.60 -29.78
C GLY L 71 -16.82 -19.94 -30.76
N ILE L 72 -16.57 -20.94 -31.60
CA ILE L 72 -17.57 -21.29 -32.64
C ILE L 72 -18.81 -21.78 -31.91
N THR L 73 -19.96 -21.21 -32.25
CA THR L 73 -21.20 -21.57 -31.55
C THR L 73 -21.83 -22.74 -32.28
N ILE L 74 -22.37 -23.72 -31.54
CA ILE L 74 -23.08 -24.85 -32.20
C ILE L 74 -24.46 -24.36 -32.67
N CYS L 75 -24.66 -24.24 -33.97
CA CYS L 75 -25.90 -23.70 -34.49
C CYS L 75 -26.52 -24.68 -35.49
N ASP L 76 -27.87 -24.68 -35.54
CA ASP L 76 -28.57 -25.60 -36.43
C ASP L 76 -28.38 -25.19 -37.90
N GLU L 77 -28.43 -23.88 -38.19
CA GLU L 77 -28.17 -23.43 -39.54
C GLU L 77 -26.72 -23.73 -39.94
N ARG L 78 -25.79 -23.60 -38.99
CA ARG L 78 -24.40 -23.91 -39.27
C ARG L 78 -24.19 -25.41 -39.45
N LYS L 79 -25.04 -26.23 -38.83
CA LYS L 79 -24.94 -27.66 -39.02
C LYS L 79 -25.22 -28.07 -40.45
N LYS L 80 -25.91 -27.22 -41.21
CA LYS L 80 -26.09 -27.44 -42.65
C LYS L 80 -24.79 -27.26 -43.43
N ALA L 81 -23.83 -26.52 -42.89
CA ALA L 81 -22.61 -26.19 -43.63
C ALA L 81 -21.35 -26.85 -43.08
N ILE L 82 -21.22 -27.00 -41.76
CA ILE L 82 -20.05 -27.62 -41.15
C ILE L 82 -20.51 -28.55 -40.04
N ASP L 83 -19.58 -29.39 -39.57
CA ASP L 83 -19.85 -30.31 -38.47
C ASP L 83 -19.22 -29.83 -37.17
N PHE L 84 -19.91 -30.10 -36.06
CA PHE L 84 -19.48 -29.66 -34.74
C PHE L 84 -19.08 -30.85 -33.88
N SER L 85 -18.22 -30.58 -32.91
CA SER L 85 -17.89 -31.58 -31.89
C SER L 85 -18.86 -31.44 -30.72
N ASP L 86 -18.62 -32.20 -29.66
CA ASP L 86 -19.41 -32.03 -28.44
C ASP L 86 -19.05 -30.71 -27.78
N GLY L 87 -20.03 -30.12 -27.10
CA GLY L 87 -19.81 -28.81 -26.50
C GLY L 87 -18.74 -28.85 -25.43
N TYR L 88 -17.96 -27.76 -25.37
CA TYR L 88 -16.83 -27.70 -24.40
C TYR L 88 -16.89 -26.48 -23.50
N TYR L 89 -17.86 -25.59 -23.72
CA TYR L 89 -18.03 -24.43 -22.81
C TYR L 89 -19.46 -23.93 -22.91
N LYS L 90 -20.07 -23.62 -21.76
CA LYS L 90 -21.46 -23.09 -21.75
C LYS L 90 -21.42 -21.58 -21.92
N SER L 91 -22.02 -21.07 -22.99
CA SER L 91 -21.89 -19.62 -23.25
C SER L 91 -23.25 -18.99 -23.51
N GLY L 92 -23.23 -17.70 -23.83
CA GLY L 92 -24.47 -16.97 -24.08
C GLY L 92 -24.16 -15.59 -24.61
N LEU L 93 -25.20 -14.77 -24.69
CA LEU L 93 -25.07 -13.37 -25.08
C LEU L 93 -25.38 -12.47 -23.89
N LEU L 94 -24.70 -11.33 -23.83
CA LEU L 94 -24.86 -10.40 -22.70
C LEU L 94 -24.86 -8.97 -23.18
N VAL L 95 -25.64 -8.11 -22.55
CA VAL L 95 -25.73 -6.69 -22.89
C VAL L 95 -24.82 -5.92 -21.95
N MET L 96 -23.94 -5.09 -22.54
CA MET L 96 -23.03 -4.26 -21.77
C MET L 96 -23.30 -2.80 -22.10
N VAL L 97 -23.38 -1.96 -21.07
CA VAL L 97 -23.57 -0.53 -21.24
C VAL L 97 -22.53 0.20 -20.40
N LYS L 98 -22.52 1.52 -20.52
CA LYS L 98 -21.61 2.33 -19.72
C LYS L 98 -21.97 2.23 -18.25
N ALA L 99 -20.97 2.48 -17.40
CA ALA L 99 -21.19 2.35 -15.95
C ALA L 99 -22.22 3.35 -15.45
N ASN L 100 -22.27 4.55 -16.03
CA ASN L 100 -23.19 5.59 -15.60
C ASN L 100 -24.50 5.60 -16.37
N ASN L 101 -24.97 4.45 -16.85
CA ASN L 101 -26.19 4.39 -17.66
C ASN L 101 -27.25 3.63 -16.87
N ASN L 102 -28.40 4.27 -16.69
CA ASN L 102 -29.49 3.72 -15.90
C ASN L 102 -30.80 3.58 -16.66
N ASP L 103 -30.89 4.08 -17.90
CA ASP L 103 -32.14 3.99 -18.65
C ASP L 103 -32.32 2.64 -19.33
N VAL L 104 -31.25 1.90 -19.53
CA VAL L 104 -31.30 0.53 -20.06
C VAL L 104 -31.00 -0.40 -18.90
N LYS L 105 -31.93 -1.32 -18.63
CA LYS L 105 -31.75 -2.27 -17.54
C LYS L 105 -31.79 -3.71 -17.98
N SER L 106 -32.15 -3.98 -19.24
CA SER L 106 -32.20 -5.31 -19.80
C SER L 106 -32.27 -5.15 -21.31
N VAL L 107 -32.25 -6.28 -22.02
CA VAL L 107 -32.33 -6.26 -23.47
C VAL L 107 -33.68 -5.69 -23.92
N LYS L 108 -34.67 -5.71 -23.03
CA LYS L 108 -36.00 -5.19 -23.33
C LYS L 108 -35.94 -3.70 -23.67
N ASP L 109 -35.04 -2.95 -23.03
CA ASP L 109 -34.87 -1.52 -23.23
C ASP L 109 -34.04 -1.14 -24.46
N LEU L 110 -33.73 -2.08 -25.35
CA LEU L 110 -32.90 -1.76 -26.51
C LEU L 110 -33.69 -1.60 -27.81
N ASP L 111 -35.00 -1.40 -27.72
CA ASP L 111 -35.80 -1.17 -28.91
C ASP L 111 -35.65 0.26 -29.38
N GLY L 112 -35.40 0.44 -30.68
CA GLY L 112 -35.15 1.77 -31.21
C GLY L 112 -33.90 2.40 -30.65
N LYS L 113 -32.85 1.60 -30.44
CA LYS L 113 -31.59 2.08 -29.90
C LYS L 113 -30.46 1.67 -30.83
N VAL L 114 -29.26 2.16 -30.52
CA VAL L 114 -28.06 1.84 -31.30
C VAL L 114 -27.30 0.76 -30.55
N VAL L 115 -27.16 -0.42 -31.18
CA VAL L 115 -26.49 -1.56 -30.59
C VAL L 115 -25.27 -1.90 -31.44
N ALA L 116 -24.12 -2.04 -30.79
CA ALA L 116 -22.89 -2.42 -31.45
C ALA L 116 -22.61 -3.91 -31.23
N VAL L 117 -22.20 -4.59 -32.29
CA VAL L 117 -21.92 -6.03 -32.26
C VAL L 117 -20.67 -6.30 -33.10
N LYS L 118 -20.21 -7.55 -33.03
CA LYS L 118 -19.04 -7.97 -33.79
C LYS L 118 -19.49 -8.58 -35.12
N SER L 119 -18.85 -8.16 -36.21
CA SER L 119 -19.25 -8.62 -37.53
C SER L 119 -19.03 -10.11 -37.69
N GLY L 120 -19.97 -10.77 -38.38
CA GLY L 120 -19.83 -12.17 -38.72
C GLY L 120 -20.16 -13.15 -37.62
N THR L 121 -20.56 -12.67 -36.44
CA THR L 121 -20.81 -13.53 -35.29
C THR L 121 -22.32 -13.74 -35.13
N GLY L 122 -22.68 -14.59 -34.15
CA GLY L 122 -24.06 -14.86 -33.88
C GLY L 122 -24.82 -13.70 -33.26
N SER L 123 -24.12 -12.73 -32.69
CA SER L 123 -24.79 -11.59 -32.08
C SER L 123 -25.62 -10.78 -33.08
N VAL L 124 -25.17 -10.69 -34.34
CA VAL L 124 -25.97 -9.97 -35.33
C VAL L 124 -27.26 -10.73 -35.63
N ASP L 125 -27.17 -12.06 -35.76
CA ASP L 125 -28.35 -12.85 -36.07
C ASP L 125 -29.38 -12.75 -34.94
N TYR L 126 -28.93 -12.84 -33.69
CA TYR L 126 -29.83 -12.68 -32.56
C TYR L 126 -30.43 -11.28 -32.54
N ALA L 127 -29.60 -10.26 -32.75
CA ALA L 127 -30.09 -8.88 -32.74
C ALA L 127 -31.05 -8.61 -33.88
N LYS L 128 -30.79 -9.20 -35.06
CA LYS L 128 -31.69 -8.98 -36.19
C LYS L 128 -33.05 -9.61 -35.97
N ALA L 129 -33.12 -10.72 -35.24
CA ALA L 129 -34.36 -11.47 -35.09
C ALA L 129 -35.08 -11.19 -33.78
N ASN L 130 -34.43 -10.56 -32.81
CA ASN L 130 -35.04 -10.35 -31.50
C ASN L 130 -35.03 -8.90 -31.03
N ILE L 131 -34.28 -8.00 -31.66
CA ILE L 131 -34.18 -6.61 -31.21
C ILE L 131 -34.53 -5.70 -32.37
N LYS L 132 -35.42 -4.74 -32.12
CA LYS L 132 -35.81 -3.75 -33.12
C LYS L 132 -34.93 -2.51 -32.94
N THR L 133 -33.70 -2.62 -33.40
CA THR L 133 -32.72 -1.54 -33.22
C THR L 133 -32.99 -0.40 -34.18
N LYS L 134 -32.79 0.82 -33.70
CA LYS L 134 -32.73 1.96 -34.60
C LYS L 134 -31.56 1.83 -35.56
N ASP L 135 -30.45 1.27 -35.07
CA ASP L 135 -29.29 1.01 -35.91
C ASP L 135 -28.50 -0.14 -35.28
N LEU L 136 -28.14 -1.11 -36.10
CA LEU L 136 -27.27 -2.22 -35.67
C LEU L 136 -25.92 -2.00 -36.34
N ARG L 137 -24.94 -1.56 -35.56
CA ARG L 137 -23.63 -1.22 -36.08
C ARG L 137 -22.69 -2.39 -35.92
N GLN L 138 -22.11 -2.82 -37.05
CA GLN L 138 -21.22 -4.00 -37.02
C GLN L 138 -19.78 -3.54 -37.12
N PHE L 139 -18.90 -4.18 -36.36
CA PHE L 139 -17.49 -3.83 -36.34
C PHE L 139 -16.63 -5.07 -36.49
N PRO L 140 -15.58 -5.02 -37.32
CA PRO L 140 -14.68 -6.17 -37.45
C PRO L 140 -13.96 -6.50 -36.15
N ASN L 141 -13.65 -5.50 -35.34
CA ASN L 141 -13.01 -5.70 -34.06
C ASN L 141 -13.89 -5.13 -32.95
N ILE L 142 -13.93 -5.82 -31.81
CA ILE L 142 -14.86 -5.46 -30.76
C ILE L 142 -14.40 -4.23 -29.98
N ASP L 143 -13.10 -3.94 -29.97
CA ASP L 143 -12.61 -2.75 -29.28
C ASP L 143 -13.18 -1.47 -29.88
N ASN L 144 -13.44 -1.46 -31.19
CA ASN L 144 -14.12 -0.31 -31.78
C ASN L 144 -15.58 -0.24 -31.33
N ALA L 145 -16.21 -1.38 -31.10
CA ALA L 145 -17.57 -1.36 -30.56
C ALA L 145 -17.58 -0.89 -29.12
N TYR L 146 -16.60 -1.34 -28.32
CA TYR L 146 -16.43 -0.80 -26.99
C TYR L 146 -16.18 0.70 -27.05
N MET L 147 -15.35 1.13 -27.99
CA MET L 147 -15.06 2.55 -28.18
C MET L 147 -16.33 3.35 -28.42
N GLU L 148 -17.18 2.88 -29.33
CA GLU L 148 -18.43 3.58 -29.62
C GLU L 148 -19.35 3.57 -28.41
N LEU L 149 -19.24 2.56 -27.54
CA LEU L 149 -20.04 2.54 -26.33
C LEU L 149 -19.58 3.59 -25.33
N GLY L 150 -18.27 3.74 -25.15
CA GLY L 150 -17.76 4.68 -24.16
C GLY L 150 -18.11 6.13 -24.48
N THR L 151 -18.00 6.51 -25.75
CA THR L 151 -18.37 7.85 -26.21
C THR L 151 -19.85 7.95 -26.57
N ASN L 152 -20.66 6.94 -26.24
CA ASN L 152 -22.11 7.00 -26.35
C ASN L 152 -22.59 7.20 -27.78
N ARG L 153 -21.79 6.72 -28.75
CA ARG L 153 -22.30 6.58 -30.12
C ARG L 153 -23.19 5.35 -30.24
N ALA L 154 -23.07 4.40 -29.33
CA ALA L 154 -23.96 3.25 -29.25
C ALA L 154 -24.52 3.16 -27.85
N ASP L 155 -25.77 2.66 -27.76
CA ASP L 155 -26.44 2.60 -26.47
C ASP L 155 -26.06 1.34 -25.70
N ALA L 156 -25.69 0.27 -26.40
CA ALA L 156 -25.29 -0.96 -25.75
C ALA L 156 -24.49 -1.81 -26.73
N VAL L 157 -23.67 -2.70 -26.17
CA VAL L 157 -22.99 -3.74 -26.92
C VAL L 157 -23.58 -5.09 -26.57
N LEU L 158 -23.82 -5.90 -27.59
CA LEU L 158 -24.32 -7.26 -27.43
C LEU L 158 -23.23 -8.19 -27.93
N HIS L 159 -22.64 -8.96 -27.02
CA HIS L 159 -21.55 -9.86 -27.36
C HIS L 159 -21.59 -11.04 -26.42
N ASP L 160 -20.71 -12.01 -26.66
CA ASP L 160 -20.72 -13.24 -25.89
C ASP L 160 -20.48 -12.96 -24.41
N THR L 161 -21.21 -13.67 -23.55
CA THR L 161 -21.09 -13.48 -22.11
C THR L 161 -19.68 -13.67 -21.58
N PRO L 162 -18.94 -14.73 -21.93
CA PRO L 162 -17.59 -14.89 -21.37
C PRO L 162 -16.62 -13.79 -21.79
N ASN L 163 -16.88 -13.13 -22.92
CA ASN L 163 -16.00 -12.06 -23.38
C ASN L 163 -16.30 -10.75 -22.68
N ILE L 164 -17.59 -10.39 -22.56
CA ILE L 164 -17.97 -9.17 -21.88
C ILE L 164 -17.56 -9.22 -20.41
N LEU L 165 -17.72 -10.38 -19.78
CA LEU L 165 -17.34 -10.51 -18.37
C LEU L 165 -15.83 -10.41 -18.19
N TYR L 166 -15.07 -11.06 -19.07
CA TYR L 166 -13.62 -10.99 -18.98
C TYR L 166 -13.10 -9.58 -19.31
N PHE L 167 -13.77 -8.89 -20.24
CA PHE L 167 -13.36 -7.53 -20.57
C PHE L 167 -13.55 -6.59 -19.39
N ILE L 168 -14.69 -6.70 -18.70
CA ILE L 168 -14.94 -5.86 -17.53
C ILE L 168 -13.92 -6.15 -16.43
N LYS L 169 -13.53 -7.42 -16.28
CA LYS L 169 -12.66 -7.81 -15.18
C LYS L 169 -11.21 -7.37 -15.45
N THR L 170 -10.81 -7.30 -16.71
CA THR L 170 -9.40 -7.08 -17.07
C THR L 170 -9.14 -5.72 -17.69
N ALA L 171 -9.94 -5.31 -18.67
CA ALA L 171 -9.63 -4.13 -19.48
C ALA L 171 -10.73 -3.07 -19.48
N GLY L 172 -11.70 -3.16 -18.58
CA GLY L 172 -12.77 -2.19 -18.56
C GLY L 172 -12.51 -0.95 -17.74
N ASN L 173 -11.74 -1.09 -16.65
CA ASN L 173 -11.40 0.02 -15.76
C ASN L 173 -12.65 0.72 -15.22
N GLY L 174 -13.65 -0.09 -14.84
CA GLY L 174 -14.86 0.46 -14.23
C GLY L 174 -15.64 1.45 -15.07
N GLN L 175 -15.53 1.37 -16.38
CA GLN L 175 -16.22 2.35 -17.27
C GLN L 175 -17.40 1.66 -17.95
N PHE L 176 -17.47 0.33 -17.86
CA PHE L 176 -18.53 -0.42 -18.47
C PHE L 176 -19.10 -1.41 -17.45
N LYS L 177 -20.35 -1.78 -17.63
CA LYS L 177 -21.03 -2.67 -16.68
C LYS L 177 -21.98 -3.60 -17.41
N ALA L 178 -22.22 -4.77 -16.81
CA ALA L 178 -23.10 -5.78 -17.36
C ALA L 178 -24.48 -5.68 -16.71
N VAL L 179 -25.50 -5.46 -17.53
CA VAL L 179 -26.89 -5.43 -17.09
C VAL L 179 -27.65 -6.50 -17.87
N GLY L 180 -28.54 -7.20 -17.19
CA GLY L 180 -29.31 -8.28 -17.77
C GLY L 180 -28.77 -9.64 -17.39
N ASP L 181 -29.18 -10.64 -18.17
CA ASP L 181 -28.74 -12.02 -18.00
C ASP L 181 -28.23 -12.57 -19.31
N SER L 182 -27.56 -13.72 -19.23
CA SER L 182 -27.03 -14.39 -20.41
C SER L 182 -28.18 -14.77 -21.35
N LEU L 183 -28.11 -14.33 -22.60
CA LEU L 183 -29.13 -14.66 -23.58
C LEU L 183 -28.62 -15.70 -24.56
N GLU L 184 -29.55 -16.23 -25.36
CA GLU L 184 -29.19 -17.23 -26.38
C GLU L 184 -28.18 -18.21 -25.77
N ALA L 185 -28.56 -18.83 -24.66
CA ALA L 185 -27.68 -19.84 -24.04
C ALA L 185 -27.33 -20.89 -25.08
N GLN L 186 -26.07 -21.32 -25.06
CA GLN L 186 -25.60 -22.34 -26.02
C GLN L 186 -24.25 -22.84 -25.55
N GLN L 187 -23.70 -23.82 -26.26
CA GLN L 187 -22.37 -24.35 -25.91
C GLN L 187 -21.44 -24.18 -27.10
N TYR L 188 -20.16 -23.92 -26.84
CA TYR L 188 -19.17 -23.82 -27.89
C TYR L 188 -18.67 -25.19 -28.27
N GLY L 189 -18.38 -25.38 -29.55
CA GLY L 189 -17.95 -26.67 -30.05
C GLY L 189 -16.88 -26.51 -31.12
N ILE L 190 -16.05 -27.54 -31.23
CA ILE L 190 -15.01 -27.58 -32.24
C ILE L 190 -15.63 -27.91 -33.59
N ALA L 191 -15.33 -27.09 -34.59
CA ALA L 191 -15.93 -27.21 -35.91
C ALA L 191 -15.01 -27.98 -36.86
N PHE L 192 -15.61 -28.86 -37.65
CA PHE L 192 -14.85 -29.69 -38.61
C PHE L 192 -15.57 -29.62 -39.95
N PRO L 193 -14.87 -29.66 -41.10
CA PRO L 193 -15.54 -29.69 -42.40
C PRO L 193 -16.42 -30.92 -42.52
N LYS L 194 -17.44 -30.77 -43.35
CA LYS L 194 -18.34 -31.87 -43.64
C LYS L 194 -17.61 -33.07 -44.21
N GLY L 195 -17.76 -34.21 -43.56
CA GLY L 195 -17.07 -35.41 -43.95
C GLY L 195 -15.87 -35.76 -43.09
N SER L 196 -15.52 -34.92 -42.11
CA SER L 196 -14.44 -35.24 -41.19
C SER L 196 -14.98 -35.75 -39.86
N ASP L 197 -15.81 -36.80 -39.92
CA ASP L 197 -16.47 -37.31 -38.73
C ASP L 197 -15.58 -38.28 -37.95
N GLU L 198 -14.67 -38.96 -38.63
CA GLU L 198 -13.74 -39.84 -37.91
C GLU L 198 -12.95 -39.01 -36.90
N LEU L 199 -12.42 -37.88 -37.33
CA LEU L 199 -11.72 -36.97 -36.42
C LEU L 199 -12.67 -36.38 -35.38
N ARG L 200 -13.91 -36.08 -35.79
CA ARG L 200 -14.87 -35.48 -34.85
C ARG L 200 -15.13 -36.41 -33.67
N ASP L 201 -15.36 -37.69 -33.96
CA ASP L 201 -15.60 -38.68 -32.91
C ASP L 201 -14.36 -38.91 -32.07
N LYS L 202 -13.19 -38.89 -32.70
CA LYS L 202 -11.93 -39.09 -31.98
C LYS L 202 -11.66 -37.93 -31.03
N VAL L 203 -11.89 -36.70 -31.49
CA VAL L 203 -11.67 -35.53 -30.65
C VAL L 203 -12.63 -35.55 -29.47
N ASN L 204 -13.87 -36.02 -29.71
CA ASN L 204 -14.84 -36.17 -28.63
C ASN L 204 -14.35 -37.15 -27.57
N GLY L 205 -13.60 -38.18 -27.97
CA GLY L 205 -13.07 -39.10 -26.99
C GLY L 205 -12.02 -38.45 -26.10
N ALA L 206 -11.10 -37.70 -26.71
CA ALA L 206 -10.13 -36.95 -25.93
C ALA L 206 -10.82 -35.89 -25.08
N LEU L 207 -11.93 -35.33 -25.57
CA LEU L 207 -12.66 -34.34 -24.79
C LEU L 207 -13.20 -34.94 -23.50
N LYS L 208 -13.79 -36.14 -23.58
CA LYS L 208 -14.32 -36.78 -22.38
C LYS L 208 -13.20 -37.16 -21.42
N THR L 209 -12.07 -37.61 -21.95
CA THR L 209 -10.89 -37.83 -21.12
C THR L 209 -10.51 -36.56 -20.37
N LEU L 210 -10.53 -35.42 -21.05
CA LEU L 210 -10.11 -34.17 -20.43
C LEU L 210 -11.03 -33.75 -19.29
N ARG L 211 -12.31 -34.07 -19.40
CA ARG L 211 -13.20 -33.76 -18.27
C ARG L 211 -12.84 -34.75 -17.16
N GLU L 212 -12.13 -35.82 -17.50
CA GLU L 212 -11.83 -36.87 -16.49
C GLU L 212 -10.50 -36.57 -15.80
N ASN L 213 -9.44 -36.46 -16.58
CA ASN L 213 -8.11 -36.22 -15.99
C ASN L 213 -8.14 -34.96 -15.14
N GLY L 214 -9.20 -34.15 -15.24
CA GLY L 214 -9.14 -32.90 -14.51
C GLY L 214 -8.53 -31.75 -15.29
N THR L 215 -7.96 -32.00 -16.47
CA THR L 215 -7.30 -30.93 -17.22
C THR L 215 -8.29 -29.86 -17.69
N TYR L 216 -9.49 -30.27 -18.09
CA TYR L 216 -10.49 -29.29 -18.50
C TYR L 216 -10.82 -28.33 -17.37
N ASN L 217 -11.03 -28.87 -16.16
CA ASN L 217 -11.28 -28.00 -15.03
C ASN L 217 -10.04 -27.19 -14.67
N GLU L 218 -8.86 -27.73 -14.92
CA GLU L 218 -7.62 -26.96 -14.72
C GLU L 218 -7.54 -25.79 -15.69
N ILE L 219 -7.81 -26.04 -16.97
CA ILE L 219 -7.76 -24.98 -17.96
C ILE L 219 -8.90 -23.98 -17.73
N TYR L 220 -10.07 -24.47 -17.31
CA TYR L 220 -11.17 -23.56 -17.00
C TYR L 220 -10.79 -22.66 -15.84
N LYS L 221 -10.27 -23.24 -14.76
CA LYS L 221 -9.83 -22.44 -13.63
C LYS L 221 -8.71 -21.47 -13.97
N LYS L 222 -7.87 -21.85 -14.93
CA LYS L 222 -6.76 -20.99 -15.35
C LYS L 222 -7.23 -19.69 -15.98
N TRP L 223 -8.32 -19.73 -16.73
CA TRP L 223 -8.81 -18.56 -17.47
C TRP L 223 -10.09 -17.98 -16.89
N PHE L 224 -10.95 -18.82 -16.29
CA PHE L 224 -12.26 -18.40 -15.81
C PHE L 224 -12.37 -18.51 -14.30
N GLY L 225 -11.24 -18.55 -13.59
CA GLY L 225 -11.19 -18.74 -12.15
C GLY L 225 -12.21 -19.73 -11.62
N THR L 226 -13.03 -19.29 -10.67
CA THR L 226 -14.05 -20.15 -10.06
C THR L 226 -15.00 -20.72 -11.10
#